data_9N16
#
_entry.id   9N16
#
_cell.length_a   1.00
_cell.length_b   1.00
_cell.length_c   1.00
_cell.angle_alpha   90.00
_cell.angle_beta   90.00
_cell.angle_gamma   90.00
#
_symmetry.space_group_name_H-M   'P 1'
#
loop_
_entity.id
_entity.type
_entity.pdbx_description
1 polymer 'Spike glycoprotein'
2 branched alpha-D-mannopyranose-(1-3)-[alpha-D-mannopyranose-(1-6)]beta-D-mannopyranose-(1-4)-2-acetamido-2-deoxy-beta-D-glucopyranose-(1-4)-2-acetamido-2-deoxy-beta-D-glucopyranose
3 branched 2-acetamido-2-deoxy-beta-D-glucopyranose-(1-4)-2-acetamido-2-deoxy-beta-D-glucopyranose
4 branched beta-D-mannopyranose-(1-4)-2-acetamido-2-deoxy-beta-D-glucopyranose-(1-4)-2-acetamido-2-deoxy-beta-D-glucopyranose
5 non-polymer 2-acetamido-2-deoxy-beta-D-glucopyranose
#
_entity_poly.entity_id   1
_entity_poly.type   'polypeptide(L)'
_entity_poly.pdbx_seq_one_letter_code
;VIGDFNCTNFAINDLNTTVISEYVVDVSYGLGTYYILDRVYLNTTILFTGYFPKSGANFRDLSLKGTTYLSTLWYQKPFL
SDFNNGIFSRVKNTKLYVNKTLYSEFSTIVIGSVFINNSYTIVVQPHNGVLEITACQYTMCEYPHTICKSKGSSRNESWH
FDKSEPLCLFKKNFTYNVSTDWLYFHFYQERGTFYAYYADSGMPTTFLFSLYLGTLLSHYYVLPLTCNAISSNTDNETLQ
YWVTPLSKRQYLLKFDNRGVITNAVDCSSSFFSEIQCKTKSLLPNTGVYDLSGFTVKPVATVHRRIPDLPDCDIDKWLNN
FNVPSPLNWERKIFSNCNFNLSTLLRLVHTDSFSCNNFDESKIYGSCFKSIVLDKFAIPNSRRSDLQLGSSGFLQSSNYK
IDTTSSSCQLYYSLPAINVTINNYNPSSWNRRYGFNNFNLSSHSVVYSRYCFSVNNTFCPCAKPSFASSCKSHKPPSASC
PIGTNYRSCESTTVLDHTDWCRCSCLPDPITAYDPRSCSQKKSLVGVGEHCAGFGVDEEKCGVLDGSYNVSCLCSTDAFL
GWSYDTCVSNNRCNIFSNFILNGINSGTTCSNDLLQPNTEVFTDVCVDYDLYGITGQGIFKEVSAVYYNSWQNLLYDSNG
NIIGFKDFVTNKTYNIFPCYAGRVSAAFHQNASSLALLYRNLKCSYVLNNISLTTQPYFDSYLGCVFNADNLTDYSVSSC
ALRMGSGFCVDYNSPSSSSSRRKRRSISASYRFVTFEPFNVSFVNDSIESVGGLYEIKIPTNFTIVGQEEFIQTNSPKVT
IDCSLFVCSNYAACHDLLSEYGTFCDNINSILDEVNGLLDTTQLHVADTLMQGVTLSSNLNTNLHFDVDNINFKSLVGCL
GPHCGSSSRSFFEDLLFDKVKLSDVGFVEAYNNCTGGSEIRDLLCVQSFNGIKVLPPILSESQISGYTTAATVAAMFPPW
SAAAGIPFSLNVQYRINGLGVTMDVLNKNQKLIATAFNNALLSIQNGFSAPNSALAKIQSVVNSNAQALNSLLQQLFNKF
GAISSSLQEILSRLDPPEAQVQIDRLINGRLTALNAYVSQQLSDISLVKFGAALAMEKVNECVKSQSPRINFCGNGNHIL
SLVQNAPYGLLFMHFSYKPISFKTVLVSPGLCISGDVGIAPKQGYFIKHNDHWMFTGSSYYYPEPISDKNVVFMNTCSVN
FTKAPLVYLNHSVPKLSDFESELSHWFKNQTSIAPNLTLNLHTINATFLDLYYEMNLIQESIKSLNNSYINLKDIGTYEM
YVKSGGYIPEAPRDGQAYVRKDGEWVLLSTFLNSGRAHHHHHHGAGGLNDIFEAQKIEWHEDTAAA
;
_entity_poly.pdbx_strand_id   C,B,A
#
loop_
_chem_comp.id
_chem_comp.type
_chem_comp.name
_chem_comp.formula
BMA D-saccharide, beta linking beta-D-mannopyranose 'C6 H12 O6'
MAN D-saccharide, alpha linking alpha-D-mannopyranose 'C6 H12 O6'
NAG D-saccharide, beta linking 2-acetamido-2-deoxy-beta-D-glucopyranose 'C8 H15 N O6'
#
# COMPACT_ATOMS: atom_id res chain seq x y z
N VAL A 1 -35.90 10.01 -49.18
CA VAL A 1 -34.95 10.55 -50.19
C VAL A 1 -33.60 10.82 -49.55
N ILE A 2 -32.51 10.73 -50.33
CA ILE A 2 -31.26 11.44 -50.01
C ILE A 2 -31.45 12.89 -50.48
N GLY A 3 -30.70 13.87 -49.99
CA GLY A 3 -30.75 15.22 -50.60
C GLY A 3 -32.15 15.86 -50.62
N ASP A 4 -32.40 16.76 -51.57
CA ASP A 4 -33.75 17.23 -51.91
C ASP A 4 -33.84 17.93 -53.29
N PHE A 5 -32.93 17.66 -54.22
CA PHE A 5 -32.98 18.26 -55.55
C PHE A 5 -33.56 17.30 -56.59
N ASN A 6 -34.54 17.76 -57.37
CA ASN A 6 -35.19 16.98 -58.43
C ASN A 6 -34.30 16.85 -59.68
N CYS A 7 -33.33 15.95 -59.63
CA CYS A 7 -32.42 15.71 -60.76
C CYS A 7 -33.12 15.05 -61.97
N THR A 8 -34.08 14.15 -61.74
CA THR A 8 -34.84 13.47 -62.81
C THR A 8 -36.13 12.82 -62.27
N ASN A 9 -37.05 12.49 -63.18
CA ASN A 9 -38.25 11.69 -62.91
C ASN A 9 -38.33 10.42 -63.78
N PHE A 10 -37.32 10.17 -64.64
CA PHE A 10 -37.33 9.02 -65.56
C PHE A 10 -37.26 7.68 -64.82
N ALA A 11 -38.16 6.75 -65.18
CA ALA A 11 -38.19 5.37 -64.70
C ALA A 11 -38.02 5.25 -63.17
N ILE A 12 -39.02 5.73 -62.42
CA ILE A 12 -39.07 5.63 -60.95
C ILE A 12 -40.31 4.84 -60.54
N ASN A 13 -40.19 3.94 -59.55
CA ASN A 13 -41.34 3.21 -59.01
C ASN A 13 -41.13 2.86 -57.52
N ASP A 14 -42.15 2.28 -56.88
CA ASP A 14 -42.13 1.92 -55.45
C ASP A 14 -41.94 0.41 -55.20
N LEU A 15 -41.37 -0.33 -56.16
CA LEU A 15 -41.30 -1.79 -56.08
C LEU A 15 -40.31 -2.26 -54.99
N ASN A 16 -40.74 -3.17 -54.12
CA ASN A 16 -39.88 -3.80 -53.12
C ASN A 16 -39.05 -4.95 -53.74
N THR A 17 -37.94 -4.62 -54.41
CA THR A 17 -37.07 -5.61 -55.09
C THR A 17 -36.07 -6.32 -54.17
N THR A 18 -36.03 -5.98 -52.87
CA THR A 18 -34.82 -6.18 -52.05
C THR A 18 -35.06 -6.87 -50.71
N VAL A 19 -34.08 -7.66 -50.28
CA VAL A 19 -33.79 -7.92 -48.86
C VAL A 19 -32.31 -7.70 -48.60
N ILE A 20 -31.96 -7.14 -47.44
CA ILE A 20 -30.56 -6.95 -47.05
C ILE A 20 -29.94 -8.31 -46.73
N SER A 21 -28.90 -8.71 -47.47
CA SER A 21 -28.16 -9.94 -47.16
C SER A 21 -27.24 -9.73 -45.96
N GLU A 22 -27.02 -10.77 -45.14
CA GLU A 22 -26.18 -10.71 -43.94
C GLU A 22 -25.10 -11.80 -43.92
N TYR A 23 -23.96 -11.48 -43.29
CA TYR A 23 -22.77 -12.30 -43.20
C TYR A 23 -22.06 -12.02 -41.88
N VAL A 24 -21.30 -12.95 -41.30
CA VAL A 24 -20.83 -12.82 -39.91
C VAL A 24 -19.38 -12.34 -39.85
N VAL A 25 -19.11 -11.32 -39.03
CA VAL A 25 -17.77 -10.78 -38.80
C VAL A 25 -16.90 -11.81 -38.08
N ASP A 26 -15.75 -12.12 -38.67
CA ASP A 26 -14.74 -13.01 -38.08
C ASP A 26 -13.36 -12.36 -38.22
N VAL A 27 -12.81 -11.88 -37.11
CA VAL A 27 -11.54 -11.16 -37.08
C VAL A 27 -10.33 -12.03 -36.90
N SER A 28 -10.52 -13.34 -36.83
CA SER A 28 -9.45 -14.24 -36.44
C SER A 28 -8.24 -14.22 -37.38
N TYR A 29 -8.37 -13.71 -38.60
CA TYR A 29 -7.29 -13.51 -39.57
C TYR A 29 -6.93 -12.04 -39.84
N GLY A 30 -7.22 -11.13 -38.92
CA GLY A 30 -6.84 -9.72 -39.01
C GLY A 30 -7.84 -8.82 -39.72
N LEU A 31 -8.89 -9.38 -40.34
CA LEU A 31 -9.98 -8.59 -40.91
C LEU A 31 -10.55 -7.63 -39.85
N GLY A 32 -10.81 -6.39 -40.25
CA GLY A 32 -11.31 -5.36 -39.33
C GLY A 32 -10.25 -4.66 -38.49
N THR A 33 -8.98 -5.03 -38.60
CA THR A 33 -7.88 -4.36 -37.89
C THR A 33 -7.13 -3.37 -38.79
N TYR A 34 -6.28 -2.53 -38.20
CA TYR A 34 -5.46 -1.56 -38.92
C TYR A 34 -4.08 -1.42 -38.28
N TYR A 35 -3.08 -1.02 -39.06
CA TYR A 35 -1.74 -0.77 -38.54
C TYR A 35 -1.70 0.49 -37.66
N ILE A 36 -1.00 0.40 -36.54
CA ILE A 36 -1.02 1.43 -35.50
C ILE A 36 -0.06 2.57 -35.86
N LEU A 37 -0.59 3.72 -36.26
CA LEU A 37 0.18 4.95 -36.51
C LEU A 37 1.38 4.69 -37.43
N ASP A 38 2.59 5.10 -37.01
CA ASP A 38 3.87 4.86 -37.67
C ASP A 38 4.68 3.73 -37.02
N ARG A 39 4.09 2.98 -36.08
CA ARG A 39 4.77 1.93 -35.34
C ARG A 39 4.90 0.66 -36.16
N VAL A 40 5.95 -0.10 -35.88
CA VAL A 40 6.13 -1.50 -36.27
C VAL A 40 6.18 -2.33 -35.00
N TYR A 41 5.49 -3.46 -34.98
CA TYR A 41 5.64 -4.51 -33.98
C TYR A 41 6.11 -5.77 -34.70
N LEU A 42 6.95 -6.60 -34.09
CA LEU A 42 7.49 -7.82 -34.72
C LEU A 42 7.32 -9.02 -33.81
N ASN A 43 6.93 -10.15 -34.40
CA ASN A 43 6.84 -11.46 -33.76
C ASN A 43 6.29 -11.43 -32.32
N THR A 44 5.13 -10.81 -32.13
CA THR A 44 4.59 -10.53 -30.78
C THR A 44 3.08 -10.35 -30.79
N THR A 45 2.47 -10.45 -29.61
CA THR A 45 1.05 -10.19 -29.38
C THR A 45 0.85 -8.94 -28.53
N ILE A 46 -0.01 -8.03 -29.00
CA ILE A 46 -0.29 -6.74 -28.37
C ILE A 46 -1.75 -6.69 -27.95
N LEU A 47 -2.07 -6.21 -26.75
CA LEU A 47 -3.42 -5.73 -26.46
C LEU A 47 -3.50 -4.26 -26.86
N PHE A 48 -4.45 -3.93 -27.73
CA PHE A 48 -4.63 -2.58 -28.25
C PHE A 48 -6.10 -2.19 -28.23
N THR A 49 -6.41 -0.93 -27.93
CA THR A 49 -7.79 -0.43 -27.97
C THR A 49 -7.95 0.53 -29.13
N GLY A 50 -8.93 0.29 -29.99
CA GLY A 50 -9.12 1.06 -31.23
C GLY A 50 -10.56 0.98 -31.74
N TYR A 51 -10.83 1.63 -32.86
CA TYR A 51 -12.12 1.52 -33.52
C TYR A 51 -12.17 0.24 -34.34
N PHE A 52 -12.76 -0.82 -33.80
CA PHE A 52 -12.82 -2.12 -34.45
C PHE A 52 -14.26 -2.61 -34.60
N PRO A 53 -14.56 -3.50 -35.57
CA PRO A 53 -15.84 -4.17 -35.62
C PRO A 53 -16.09 -4.99 -34.35
N LYS A 54 -17.33 -5.36 -34.04
CA LYS A 54 -17.60 -6.36 -33.02
C LYS A 54 -17.52 -7.76 -33.64
N SER A 55 -16.61 -8.62 -33.20
CA SER A 55 -16.55 -9.99 -33.72
C SER A 55 -17.84 -10.73 -33.43
N GLY A 56 -18.36 -11.50 -34.38
CA GLY A 56 -19.65 -12.18 -34.25
C GLY A 56 -20.88 -11.30 -34.48
N ALA A 57 -20.75 -9.99 -34.74
CA ALA A 57 -21.81 -9.19 -35.34
C ALA A 57 -21.92 -9.46 -36.84
N ASN A 58 -22.89 -8.83 -37.51
CA ASN A 58 -23.14 -9.04 -38.93
C ASN A 58 -22.63 -7.87 -39.78
N PHE A 59 -22.08 -8.19 -40.95
CA PHE A 59 -22.05 -7.29 -42.09
C PHE A 59 -23.43 -7.25 -42.76
N ARG A 60 -23.77 -6.12 -43.37
CA ARG A 60 -24.92 -5.94 -44.26
C ARG A 60 -24.45 -5.66 -45.68
N ASP A 61 -24.92 -6.40 -46.66
CA ASP A 61 -24.55 -6.13 -48.06
C ASP A 61 -25.39 -5.00 -48.64
N LEU A 62 -24.93 -3.76 -48.54
CA LEU A 62 -25.72 -2.58 -48.91
C LEU A 62 -25.62 -2.21 -50.39
N SER A 63 -24.85 -2.93 -51.19
CA SER A 63 -24.79 -2.65 -52.63
C SER A 63 -26.16 -2.89 -53.27
N LEU A 64 -26.51 -2.07 -54.27
CA LEU A 64 -27.72 -2.25 -55.08
C LEU A 64 -27.35 -2.11 -56.55
N LYS A 65 -27.79 -3.07 -57.37
CA LYS A 65 -27.61 -3.04 -58.82
C LYS A 65 -28.96 -2.84 -59.50
N GLY A 66 -29.08 -1.83 -60.33
CA GLY A 66 -30.25 -1.60 -61.17
C GLY A 66 -29.93 -1.73 -62.66
N THR A 67 -30.96 -1.66 -63.50
CA THR A 67 -30.81 -1.69 -64.97
C THR A 67 -31.42 -0.48 -65.64
N THR A 68 -32.61 -0.05 -65.21
CA THR A 68 -33.30 1.13 -65.74
C THR A 68 -34.10 1.83 -64.65
N TYR A 69 -35.00 1.13 -63.99
CA TYR A 69 -35.85 1.72 -62.96
C TYR A 69 -35.16 1.80 -61.60
N LEU A 70 -35.39 2.89 -60.87
CA LEU A 70 -34.94 3.07 -59.49
C LEU A 70 -36.13 2.94 -58.54
N SER A 71 -36.01 2.10 -57.51
CA SER A 71 -37.06 1.99 -56.49
C SER A 71 -36.93 3.08 -55.43
N THR A 72 -38.00 3.79 -55.12
CA THR A 72 -37.99 4.80 -54.05
C THR A 72 -37.73 4.21 -52.67
N LEU A 73 -37.88 2.90 -52.49
CA LEU A 73 -37.54 2.24 -51.22
C LEU A 73 -36.02 2.12 -51.03
N TRP A 74 -35.23 2.17 -52.09
CA TRP A 74 -33.76 2.10 -51.99
C TRP A 74 -33.16 3.32 -51.28
N TYR A 75 -33.91 4.41 -51.10
CA TYR A 75 -33.44 5.68 -50.55
C TYR A 75 -34.10 6.01 -49.21
N GLN A 76 -34.32 4.98 -48.40
CA GLN A 76 -34.93 5.04 -47.08
C GLN A 76 -34.23 4.05 -46.14
N LYS A 77 -34.53 4.06 -44.85
CA LYS A 77 -34.13 2.95 -43.97
C LYS A 77 -34.71 1.64 -44.51
N PRO A 78 -33.98 0.51 -44.45
CA PRO A 78 -32.72 0.32 -43.74
C PRO A 78 -31.47 0.65 -44.58
N PHE A 79 -31.58 1.07 -45.83
CA PHE A 79 -30.41 1.36 -46.66
C PHE A 79 -29.69 2.62 -46.17
N LEU A 80 -30.39 3.75 -46.11
CA LEU A 80 -29.91 4.94 -45.42
C LEU A 80 -29.66 4.58 -43.94
N SER A 81 -28.42 4.68 -43.46
CA SER A 81 -28.02 4.09 -42.18
C SER A 81 -27.27 5.07 -41.28
N ASP A 82 -27.37 4.90 -39.97
CA ASP A 82 -26.73 5.80 -39.01
C ASP A 82 -25.23 5.54 -38.92
N PHE A 83 -24.40 6.60 -38.95
CA PHE A 83 -22.95 6.48 -38.95
C PHE A 83 -22.36 6.24 -37.56
N ASN A 84 -22.93 6.85 -36.52
CA ASN A 84 -22.45 6.74 -35.13
C ASN A 84 -20.94 6.98 -35.02
N ASN A 85 -20.15 6.09 -34.41
CA ASN A 85 -18.71 6.25 -34.34
C ASN A 85 -18.02 6.03 -35.68
N GLY A 86 -18.50 5.08 -36.48
CA GLY A 86 -17.91 4.74 -37.76
C GLY A 86 -18.38 3.41 -38.31
N ILE A 87 -17.82 3.01 -39.44
CA ILE A 87 -18.14 1.78 -40.16
C ILE A 87 -16.88 1.12 -40.69
N PHE A 88 -16.90 -0.20 -40.75
CA PHE A 88 -15.92 -1.00 -41.47
C PHE A 88 -16.59 -1.57 -42.71
N SER A 89 -15.92 -1.45 -43.86
CA SER A 89 -16.44 -1.93 -45.14
C SER A 89 -15.57 -3.03 -45.70
N ARG A 90 -16.17 -4.10 -46.19
CA ARG A 90 -15.53 -5.10 -47.06
C ARG A 90 -16.19 -5.00 -48.43
N VAL A 91 -15.42 -4.67 -49.46
CA VAL A 91 -15.94 -4.31 -50.77
C VAL A 91 -15.41 -5.26 -51.84
N LYS A 92 -16.28 -5.89 -52.61
CA LYS A 92 -15.86 -6.72 -53.74
C LYS A 92 -15.49 -5.82 -54.91
N ASN A 93 -14.30 -6.00 -55.46
CA ASN A 93 -13.90 -5.35 -56.70
C ASN A 93 -14.50 -6.12 -57.89
N THR A 94 -15.56 -5.60 -58.50
CA THR A 94 -16.22 -6.28 -59.63
C THR A 94 -15.40 -6.08 -60.90
N LYS A 95 -14.57 -7.07 -61.23
CA LYS A 95 -13.66 -7.05 -62.39
C LYS A 95 -14.38 -7.48 -63.66
N LEU A 96 -14.96 -6.53 -64.39
CA LEU A 96 -15.55 -6.77 -65.71
C LEU A 96 -14.48 -6.85 -66.79
N TYR A 97 -14.86 -7.30 -67.99
CA TYR A 97 -14.01 -7.25 -69.17
C TYR A 97 -14.77 -6.68 -70.37
N VAL A 98 -14.11 -5.81 -71.13
CA VAL A 98 -14.58 -5.30 -72.43
C VAL A 98 -13.42 -5.39 -73.41
N ASN A 99 -13.64 -5.97 -74.58
CA ASN A 99 -12.59 -6.19 -75.58
C ASN A 99 -11.34 -6.88 -74.98
N LYS A 100 -11.58 -7.84 -74.08
CA LYS A 100 -10.56 -8.56 -73.28
C LYS A 100 -9.67 -7.66 -72.39
N THR A 101 -10.09 -6.43 -72.13
CA THR A 101 -9.44 -5.48 -71.22
C THR A 101 -10.20 -5.43 -69.91
N LEU A 102 -9.49 -5.52 -68.77
CA LEU A 102 -10.08 -5.49 -67.44
C LEU A 102 -10.62 -4.09 -67.10
N TYR A 103 -11.82 -4.04 -66.50
CA TYR A 103 -12.39 -2.86 -65.88
C TYR A 103 -12.82 -3.15 -64.44
N SER A 104 -12.47 -2.27 -63.52
CA SER A 104 -12.80 -2.37 -62.11
C SER A 104 -13.94 -1.43 -61.77
N GLU A 105 -15.02 -1.97 -61.22
CA GLU A 105 -16.19 -1.21 -60.76
C GLU A 105 -16.52 -1.66 -59.33
N PHE A 106 -16.99 -0.76 -58.46
CA PHE A 106 -17.66 -1.10 -57.21
C PHE A 106 -18.51 0.09 -56.74
N SER A 107 -19.41 -0.12 -55.79
CA SER A 107 -20.37 0.90 -55.37
C SER A 107 -19.72 2.14 -54.76
N THR A 108 -20.17 3.32 -55.15
CA THR A 108 -19.84 4.59 -54.46
C THR A 108 -20.49 4.65 -53.10
N ILE A 109 -19.82 5.22 -52.09
CA ILE A 109 -20.40 5.47 -50.77
C ILE A 109 -20.38 6.97 -50.48
N VAL A 110 -21.39 7.46 -49.78
CA VAL A 110 -21.49 8.85 -49.34
C VAL A 110 -21.73 8.89 -47.84
N ILE A 111 -21.15 9.87 -47.15
CA ILE A 111 -21.24 10.03 -45.70
C ILE A 111 -21.55 11.49 -45.40
N GLY A 112 -22.48 11.79 -44.50
CA GLY A 112 -22.91 13.16 -44.25
C GLY A 112 -23.91 13.29 -43.11
N SER A 113 -24.85 14.21 -43.25
CA SER A 113 -25.97 14.36 -42.31
C SER A 113 -27.26 14.76 -43.03
N VAL A 114 -27.38 16.02 -43.48
CA VAL A 114 -28.57 16.53 -44.17
C VAL A 114 -28.49 16.44 -45.70
N PHE A 115 -27.31 16.18 -46.28
CA PHE A 115 -27.11 16.00 -47.72
C PHE A 115 -27.56 17.19 -48.60
N ILE A 116 -27.43 18.41 -48.11
CA ILE A 116 -27.78 19.66 -48.82
C ILE A 116 -26.58 20.59 -48.86
N ASN A 117 -26.54 21.52 -49.83
CA ASN A 117 -25.43 22.46 -50.01
C ASN A 117 -25.18 23.44 -48.82
N ASN A 118 -25.97 23.40 -47.75
CA ASN A 118 -25.63 24.00 -46.46
C ASN A 118 -24.70 23.14 -45.58
N SER A 119 -24.25 21.96 -46.03
CA SER A 119 -23.40 21.06 -45.27
C SER A 119 -22.45 20.25 -46.16
N TYR A 120 -21.29 19.86 -45.65
CA TYR A 120 -20.36 18.99 -46.37
C TYR A 120 -20.82 17.54 -46.40
N THR A 121 -20.71 16.88 -47.55
CA THR A 121 -20.91 15.44 -47.73
C THR A 121 -19.61 14.83 -48.22
N ILE A 122 -19.07 13.83 -47.52
CA ILE A 122 -17.94 13.05 -48.01
C ILE A 122 -18.43 12.07 -49.07
N VAL A 123 -17.71 11.91 -50.17
CA VAL A 123 -18.02 10.95 -51.23
C VAL A 123 -16.75 10.19 -51.59
N VAL A 124 -16.83 8.87 -51.68
CA VAL A 124 -15.73 8.00 -52.12
C VAL A 124 -16.21 7.20 -53.33
N GLN A 125 -15.60 7.43 -54.49
CA GLN A 125 -16.04 6.87 -55.77
C GLN A 125 -14.86 6.28 -56.55
N PRO A 126 -14.96 5.06 -57.08
CA PRO A 126 -13.95 4.50 -57.95
C PRO A 126 -14.12 4.97 -59.41
N HIS A 127 -12.99 5.05 -60.10
CA HIS A 127 -12.81 5.40 -61.50
C HIS A 127 -11.76 4.45 -62.10
N ASN A 128 -12.07 3.15 -62.13
CA ASN A 128 -11.24 2.10 -62.73
C ASN A 128 -9.73 2.17 -62.36
N GLY A 129 -9.43 2.09 -61.06
CA GLY A 129 -8.07 2.14 -60.52
C GLY A 129 -7.72 3.44 -59.81
N VAL A 130 -8.48 4.51 -60.06
CA VAL A 130 -8.41 5.74 -59.27
C VAL A 130 -9.58 5.77 -58.30
N LEU A 131 -9.30 5.94 -57.02
CA LEU A 131 -10.28 6.19 -55.98
C LEU A 131 -10.34 7.69 -55.74
N GLU A 132 -11.37 8.35 -56.26
CA GLU A 132 -11.60 9.77 -56.01
C GLU A 132 -12.31 9.94 -54.67
N ILE A 133 -11.74 10.72 -53.77
CA ILE A 133 -12.35 11.05 -52.48
C ILE A 133 -12.51 12.57 -52.36
N THR A 134 -13.72 13.04 -52.07
CA THR A 134 -14.03 14.47 -51.93
C THR A 134 -14.94 14.72 -50.74
N ALA A 135 -15.03 15.97 -50.28
CA ALA A 135 -15.84 16.32 -49.12
C ALA A 135 -16.49 17.70 -49.29
N CYS A 136 -17.57 17.78 -50.07
CA CYS A 136 -18.05 19.04 -50.62
C CYS A 136 -19.52 19.34 -50.34
N GLN A 137 -19.89 20.61 -50.46
CA GLN A 137 -21.27 21.07 -50.29
C GLN A 137 -22.14 20.73 -51.50
N TYR A 138 -22.18 19.47 -51.91
CA TYR A 138 -22.93 19.01 -53.07
C TYR A 138 -24.44 19.24 -52.92
N THR A 139 -25.12 19.59 -54.01
CA THR A 139 -26.58 19.45 -54.11
C THR A 139 -26.93 18.00 -54.43
N MET A 140 -26.99 17.15 -53.42
CA MET A 140 -27.31 15.74 -53.62
C MET A 140 -28.70 15.57 -54.23
N CYS A 141 -28.82 14.71 -55.24
CA CYS A 141 -30.10 14.38 -55.85
C CYS A 141 -31.05 13.70 -54.85
N GLU A 142 -32.35 13.73 -55.10
CA GLU A 142 -33.31 12.96 -54.31
C GLU A 142 -33.07 11.45 -54.35
N TYR A 143 -32.68 10.96 -55.54
CA TYR A 143 -32.44 9.55 -55.84
C TYR A 143 -31.08 9.38 -56.55
N PRO A 144 -29.96 9.50 -55.81
CA PRO A 144 -28.63 9.46 -56.39
C PRO A 144 -28.27 8.07 -56.89
N HIS A 145 -27.47 7.96 -57.94
CA HIS A 145 -26.98 6.68 -58.44
C HIS A 145 -25.74 6.87 -59.31
N THR A 146 -25.02 5.79 -59.59
CA THR A 146 -23.84 5.79 -60.47
C THR A 146 -24.03 4.80 -61.61
N ILE A 147 -23.17 4.83 -62.62
CA ILE A 147 -23.34 4.00 -63.82
C ILE A 147 -22.07 3.20 -64.14
N CYS A 148 -22.22 2.05 -64.78
CA CYS A 148 -21.10 1.37 -65.43
C CYS A 148 -20.50 2.26 -66.53
N LYS A 149 -19.31 2.84 -66.30
CA LYS A 149 -18.58 3.59 -67.34
C LYS A 149 -18.11 2.66 -68.45
N SER A 150 -17.77 1.42 -68.11
CA SER A 150 -17.30 0.39 -69.06
C SER A 150 -18.42 -0.14 -69.95
N LYS A 151 -19.36 -0.91 -69.39
CA LYS A 151 -20.45 -1.60 -70.10
C LYS A 151 -21.64 -0.69 -70.48
N GLY A 152 -21.66 0.55 -70.01
CA GLY A 152 -22.75 1.49 -70.22
C GLY A 152 -24.00 1.18 -69.37
N SER A 153 -24.97 2.09 -69.44
CA SER A 153 -26.23 2.03 -68.70
C SER A 153 -27.36 2.71 -69.47
N SER A 154 -28.62 2.36 -69.19
CA SER A 154 -29.78 2.93 -69.86
C SER A 154 -30.13 4.37 -69.41
N ARG A 155 -29.37 4.94 -68.47
CA ARG A 155 -29.58 6.28 -67.92
C ARG A 155 -28.25 6.98 -67.61
N ASN A 156 -28.23 8.32 -67.64
CA ASN A 156 -27.02 9.09 -67.32
C ASN A 156 -26.70 9.03 -65.82
N GLU A 157 -25.44 9.24 -65.47
CA GLU A 157 -25.02 9.32 -64.08
C GLU A 157 -25.49 10.61 -63.41
N SER A 158 -26.09 10.50 -62.22
CA SER A 158 -26.52 11.65 -61.45
C SER A 158 -26.64 11.34 -59.97
N TRP A 159 -25.80 11.99 -59.17
CA TRP A 159 -25.90 11.95 -57.71
C TRP A 159 -25.79 13.33 -57.08
N HIS A 160 -25.33 14.34 -57.82
CA HIS A 160 -25.40 15.74 -57.42
C HIS A 160 -25.69 16.62 -58.64
N PHE A 161 -26.32 17.78 -58.45
CA PHE A 161 -26.74 18.63 -59.57
C PHE A 161 -25.74 19.73 -59.95
N ASP A 162 -24.83 20.13 -59.05
CA ASP A 162 -24.04 21.36 -59.15
C ASP A 162 -23.38 21.62 -60.52
N LYS A 163 -23.78 22.71 -61.19
CA LYS A 163 -23.18 23.15 -62.46
C LYS A 163 -21.93 24.02 -62.25
N SER A 164 -21.98 24.95 -61.31
CA SER A 164 -20.79 25.59 -60.76
C SER A 164 -20.05 24.64 -59.81
N GLU A 165 -18.75 24.80 -59.64
CA GLU A 165 -17.98 23.97 -58.71
C GLU A 165 -18.33 24.35 -57.25
N PRO A 166 -18.77 23.41 -56.40
CA PRO A 166 -19.13 23.72 -55.01
C PRO A 166 -17.90 23.97 -54.14
N LEU A 167 -18.05 24.83 -53.13
CA LEU A 167 -17.01 25.11 -52.14
C LEU A 167 -16.67 23.87 -51.31
N CYS A 168 -15.41 23.48 -51.16
CA CYS A 168 -15.08 22.34 -50.29
C CYS A 168 -13.69 22.15 -49.70
N LEU A 169 -13.68 21.34 -48.63
CA LEU A 169 -12.60 21.16 -47.67
C LEU A 169 -11.51 20.19 -48.14
N PHE A 170 -11.87 19.16 -48.90
CA PHE A 170 -10.95 18.09 -49.30
C PHE A 170 -11.28 17.56 -50.69
N LYS A 171 -10.25 17.26 -51.47
CA LYS A 171 -10.31 16.61 -52.78
C LYS A 171 -8.96 15.98 -53.07
N LYS A 172 -8.90 14.65 -53.14
CA LYS A 172 -7.68 13.90 -53.51
C LYS A 172 -8.04 12.63 -54.26
N ASN A 173 -7.07 12.13 -55.02
CA ASN A 173 -7.14 10.83 -55.67
C ASN A 173 -6.13 9.88 -55.03
N PHE A 174 -6.52 8.63 -54.88
CA PHE A 174 -5.67 7.54 -54.44
C PHE A 174 -5.72 6.42 -55.48
N THR A 175 -4.65 5.65 -55.66
CA THR A 175 -4.61 4.57 -56.64
C THR A 175 -4.71 3.23 -55.93
N TYR A 176 -5.55 2.33 -56.42
CA TYR A 176 -5.71 0.98 -55.88
C TYR A 176 -5.43 -0.07 -56.95
N ASN A 177 -4.89 -1.23 -56.56
CA ASN A 177 -4.59 -2.33 -57.47
C ASN A 177 -5.87 -2.97 -58.03
N VAL A 178 -6.22 -2.64 -59.28
CA VAL A 178 -7.41 -3.19 -59.97
C VAL A 178 -7.46 -4.70 -60.05
N SER A 179 -6.33 -5.41 -59.94
CA SER A 179 -6.32 -6.87 -60.02
C SER A 179 -6.88 -7.54 -58.76
N THR A 180 -6.87 -6.87 -57.62
CA THR A 180 -7.25 -7.44 -56.32
C THR A 180 -8.75 -7.67 -56.19
N ASP A 181 -9.17 -8.68 -55.42
CA ASP A 181 -10.59 -9.05 -55.34
C ASP A 181 -11.38 -8.28 -54.28
N TRP A 182 -10.72 -7.83 -53.21
CA TRP A 182 -11.37 -7.18 -52.08
C TRP A 182 -10.65 -5.92 -51.64
N LEU A 183 -11.40 -4.85 -51.37
CA LEU A 183 -10.91 -3.66 -50.71
C LEU A 183 -11.55 -3.54 -49.34
N TYR A 184 -10.78 -3.11 -48.35
CA TYR A 184 -11.24 -2.91 -46.98
C TYR A 184 -11.15 -1.44 -46.61
N PHE A 185 -12.13 -0.91 -45.88
CA PHE A 185 -12.11 0.48 -45.42
C PHE A 185 -12.50 0.60 -43.96
N HIS A 186 -11.80 1.44 -43.19
CA HIS A 186 -12.32 1.98 -41.93
C HIS A 186 -12.69 3.43 -42.16
N PHE A 187 -13.93 3.81 -41.87
CA PHE A 187 -14.33 5.21 -41.81
C PHE A 187 -14.83 5.50 -40.40
N TYR A 188 -14.23 6.42 -39.66
CA TYR A 188 -14.72 6.77 -38.32
C TYR A 188 -14.53 8.25 -38.00
N GLN A 189 -15.22 8.74 -36.98
CA GLN A 189 -15.10 10.12 -36.54
C GLN A 189 -14.77 10.21 -35.06
N GLU A 190 -13.92 11.16 -34.70
CA GLU A 190 -13.55 11.44 -33.31
C GLU A 190 -13.30 12.94 -33.15
N ARG A 191 -13.81 13.57 -32.10
CA ARG A 191 -13.64 15.02 -31.80
C ARG A 191 -13.77 15.90 -33.05
N GLY A 192 -14.88 15.77 -33.77
CA GLY A 192 -15.18 16.58 -34.96
C GLY A 192 -14.28 16.34 -36.18
N THR A 193 -13.46 15.30 -36.17
CA THR A 193 -12.52 14.96 -37.24
C THR A 193 -12.88 13.60 -37.83
N PHE A 194 -12.97 13.51 -39.15
CA PHE A 194 -13.16 12.27 -39.90
C PHE A 194 -11.81 11.59 -40.14
N TYR A 195 -11.78 10.26 -40.13
CA TYR A 195 -10.60 9.44 -40.37
C TYR A 195 -10.93 8.32 -41.36
N ALA A 196 -10.04 8.07 -42.31
CA ALA A 196 -10.19 7.00 -43.28
C ALA A 196 -8.95 6.11 -43.31
N TYR A 197 -9.14 4.80 -43.28
CA TYR A 197 -8.13 3.80 -43.52
C TYR A 197 -8.58 2.92 -44.67
N TYR A 198 -7.66 2.42 -45.47
CA TYR A 198 -8.01 1.47 -46.52
C TYR A 198 -6.97 0.36 -46.65
N ALA A 199 -7.32 -0.72 -47.32
CA ALA A 199 -6.35 -1.65 -47.88
C ALA A 199 -6.90 -2.24 -49.16
N ASP A 200 -6.08 -2.33 -50.19
CA ASP A 200 -6.41 -3.06 -51.42
C ASP A 200 -5.76 -4.45 -51.47
N SER A 201 -4.77 -4.72 -50.62
CA SER A 201 -4.07 -6.00 -50.54
C SER A 201 -3.85 -6.39 -49.09
N GLY A 202 -4.10 -7.65 -48.75
CA GLY A 202 -4.23 -8.08 -47.36
C GLY A 202 -5.49 -7.56 -46.68
N MET A 203 -5.75 -8.01 -45.45
CA MET A 203 -6.91 -7.58 -44.65
C MET A 203 -6.68 -6.33 -43.80
N PRO A 204 -5.57 -6.19 -43.05
CA PRO A 204 -5.36 -5.04 -42.19
C PRO A 204 -5.25 -3.74 -42.99
N THR A 205 -6.00 -2.72 -42.63
CA THR A 205 -5.97 -1.44 -43.35
C THR A 205 -4.86 -0.52 -42.87
N THR A 206 -4.56 0.50 -43.64
CA THR A 206 -3.58 1.55 -43.34
C THR A 206 -4.19 2.93 -43.57
N PHE A 207 -3.71 3.93 -42.85
CA PHE A 207 -4.27 5.28 -42.85
C PHE A 207 -4.19 5.95 -44.22
N LEU A 208 -5.31 6.46 -44.75
CA LEU A 208 -5.32 7.32 -45.93
C LEU A 208 -5.20 8.79 -45.55
N PHE A 209 -6.19 9.32 -44.84
CA PHE A 209 -6.28 10.75 -44.51
C PHE A 209 -7.17 11.00 -43.29
N SER A 210 -7.00 12.17 -42.70
CA SER A 210 -7.91 12.72 -41.71
C SER A 210 -8.40 14.08 -42.17
N LEU A 211 -9.60 14.47 -41.78
CA LEU A 211 -10.25 15.68 -42.27
C LEU A 211 -11.07 16.30 -41.14
N TYR A 212 -10.69 17.49 -40.69
CA TYR A 212 -11.49 18.20 -39.70
C TYR A 212 -12.78 18.73 -40.35
N LEU A 213 -13.93 18.40 -39.77
CA LEU A 213 -15.24 18.86 -40.24
C LEU A 213 -15.87 19.88 -39.30
N GLY A 214 -15.65 19.73 -37.99
CA GLY A 214 -16.25 20.61 -36.98
C GLY A 214 -17.75 20.43 -36.79
N THR A 215 -18.33 19.39 -37.38
CA THR A 215 -19.73 18.99 -37.26
C THR A 215 -19.78 17.48 -37.18
N LEU A 216 -20.71 16.94 -36.39
CA LEU A 216 -20.90 15.50 -36.26
C LEU A 216 -21.53 14.92 -37.55
N LEU A 217 -20.91 13.90 -38.15
CA LEU A 217 -21.55 13.10 -39.20
C LEU A 217 -22.61 12.20 -38.58
N SER A 218 -23.72 11.96 -39.27
CA SER A 218 -24.84 11.19 -38.72
C SER A 218 -25.31 10.06 -39.61
N HIS A 219 -25.11 10.13 -40.92
CA HIS A 219 -25.67 9.14 -41.84
C HIS A 219 -24.68 8.77 -42.93
N TYR A 220 -24.81 7.56 -43.46
CA TYR A 220 -24.11 7.13 -44.65
C TYR A 220 -25.05 6.35 -45.56
N TYR A 221 -24.69 6.28 -46.83
CA TYR A 221 -25.49 5.60 -47.83
C TYR A 221 -24.61 5.07 -48.95
N VAL A 222 -24.96 3.93 -49.53
CA VAL A 222 -24.21 3.30 -50.64
C VAL A 222 -25.03 3.51 -51.90
N LEU A 223 -24.47 4.16 -52.91
CA LEU A 223 -25.22 4.54 -54.10
C LEU A 223 -25.54 3.31 -54.94
N PRO A 224 -26.81 3.13 -55.36
CA PRO A 224 -27.15 2.16 -56.39
C PRO A 224 -26.35 2.40 -57.65
N LEU A 225 -25.89 1.34 -58.29
CA LEU A 225 -25.17 1.38 -59.55
C LEU A 225 -26.06 0.81 -60.65
N THR A 226 -26.22 1.52 -61.76
CA THR A 226 -27.02 1.06 -62.90
C THR A 226 -26.13 0.57 -64.03
N CYS A 227 -26.43 -0.61 -64.57
CA CYS A 227 -25.56 -1.25 -65.54
C CYS A 227 -26.31 -2.15 -66.52
N ASN A 228 -25.86 -2.23 -67.77
CA ASN A 228 -26.35 -3.23 -68.73
C ASN A 228 -25.85 -4.64 -68.41
N ALA A 229 -24.63 -4.76 -67.89
CA ALA A 229 -24.01 -6.00 -67.43
C ALA A 229 -24.31 -6.27 -65.93
N ILE A 230 -23.54 -7.14 -65.29
CA ILE A 230 -23.63 -7.46 -63.85
C ILE A 230 -24.99 -8.10 -63.51
N SER A 231 -25.37 -9.11 -64.27
CA SER A 231 -26.54 -9.96 -64.01
C SER A 231 -26.41 -11.31 -64.70
N SER A 232 -26.95 -12.36 -64.09
CA SER A 232 -26.73 -13.77 -64.49
C SER A 232 -27.12 -14.12 -65.93
N ASN A 233 -27.95 -13.30 -66.57
CA ASN A 233 -28.35 -13.41 -67.97
C ASN A 233 -27.32 -12.85 -68.98
N THR A 234 -26.36 -12.02 -68.55
CA THR A 234 -25.30 -11.47 -69.41
C THR A 234 -23.89 -11.81 -68.94
N ASP A 235 -23.66 -11.88 -67.63
CA ASP A 235 -22.36 -12.18 -67.03
C ASP A 235 -22.54 -12.51 -65.55
N ASN A 236 -21.99 -13.64 -65.10
CA ASN A 236 -22.02 -14.03 -63.69
C ASN A 236 -21.03 -13.20 -62.87
N GLU A 237 -21.39 -11.95 -62.63
CA GLU A 237 -20.75 -11.04 -61.70
C GLU A 237 -21.79 -10.24 -60.90
N THR A 238 -21.38 -9.76 -59.73
CA THR A 238 -22.24 -9.03 -58.77
C THR A 238 -21.47 -7.90 -58.11
N LEU A 239 -22.19 -6.95 -57.52
CA LEU A 239 -21.62 -5.90 -56.68
C LEU A 239 -21.82 -6.32 -55.23
N GLN A 240 -20.79 -6.26 -54.39
CA GLN A 240 -20.95 -6.49 -52.95
C GLN A 240 -20.27 -5.40 -52.16
N TYR A 241 -20.97 -4.85 -51.17
CA TYR A 241 -20.47 -3.78 -50.32
C TYR A 241 -20.93 -4.05 -48.90
N TRP A 242 -20.21 -4.91 -48.20
CA TRP A 242 -20.51 -5.34 -46.84
C TRP A 242 -20.13 -4.27 -45.84
N VAL A 243 -21.05 -3.83 -44.98
CA VAL A 243 -20.77 -2.78 -43.98
C VAL A 243 -21.12 -3.26 -42.57
N THR A 244 -20.29 -2.94 -41.58
CA THR A 244 -20.56 -3.24 -40.16
C THR A 244 -20.16 -2.07 -39.26
N PRO A 245 -20.87 -1.77 -38.16
CA PRO A 245 -20.51 -0.68 -37.27
C PRO A 245 -19.15 -0.85 -36.60
N LEU A 246 -18.39 0.24 -36.47
CA LEU A 246 -17.22 0.32 -35.59
C LEU A 246 -17.62 0.76 -34.18
N SER A 247 -16.80 0.40 -33.20
CA SER A 247 -16.88 0.93 -31.84
C SER A 247 -15.52 0.81 -31.15
N LYS A 248 -15.31 1.51 -30.04
CA LYS A 248 -14.05 1.45 -29.30
C LYS A 248 -13.96 0.13 -28.54
N ARG A 249 -13.08 -0.79 -28.95
CA ARG A 249 -12.97 -2.15 -28.40
C ARG A 249 -11.51 -2.50 -28.14
N GLN A 250 -11.25 -3.43 -27.22
CA GLN A 250 -9.91 -3.94 -26.99
C GLN A 250 -9.72 -5.23 -27.78
N TYR A 251 -8.66 -5.28 -28.58
CA TYR A 251 -8.29 -6.43 -29.40
C TYR A 251 -6.94 -6.96 -28.95
N LEU A 252 -6.77 -8.28 -28.95
CA LEU A 252 -5.44 -8.87 -29.08
C LEU A 252 -5.06 -8.82 -30.56
N LEU A 253 -3.87 -8.38 -30.90
CA LEU A 253 -3.32 -8.39 -32.25
C LEU A 253 -2.05 -9.22 -32.26
N LYS A 254 -1.84 -10.11 -33.23
CA LYS A 254 -0.56 -10.81 -33.41
C LYS A 254 0.15 -10.33 -34.66
N PHE A 255 1.39 -9.91 -34.51
CA PHE A 255 2.26 -9.50 -35.60
C PHE A 255 3.30 -10.58 -35.87
N ASP A 256 3.51 -10.95 -37.12
CA ASP A 256 4.53 -11.93 -37.49
C ASP A 256 5.96 -11.35 -37.51
N ASN A 257 6.95 -12.14 -37.91
CA ASN A 257 8.36 -11.73 -37.98
C ASN A 257 8.67 -10.67 -39.05
N ARG A 258 7.70 -10.22 -39.84
CA ARG A 258 7.83 -9.11 -40.82
C ARG A 258 6.84 -7.98 -40.55
N GLY A 259 6.15 -8.00 -39.42
CA GLY A 259 5.29 -6.91 -38.96
C GLY A 259 3.90 -6.87 -39.58
N VAL A 260 3.45 -7.94 -40.23
CA VAL A 260 2.07 -8.06 -40.72
C VAL A 260 1.17 -8.55 -39.60
N ILE A 261 -0.04 -7.98 -39.45
CA ILE A 261 -1.04 -8.52 -38.50
C ILE A 261 -1.60 -9.80 -39.11
N THR A 262 -1.27 -10.97 -38.54
CA THR A 262 -1.77 -12.24 -39.06
C THR A 262 -3.08 -12.69 -38.44
N ASN A 263 -3.33 -12.32 -37.18
CA ASN A 263 -4.50 -12.75 -36.43
C ASN A 263 -4.94 -11.69 -35.45
N ALA A 264 -6.20 -11.72 -35.06
CA ALA A 264 -6.74 -10.84 -34.05
C ALA A 264 -7.80 -11.53 -33.21
N VAL A 265 -8.05 -11.02 -32.01
CA VAL A 265 -9.09 -11.53 -31.10
C VAL A 265 -9.83 -10.37 -30.48
N ASP A 266 -11.15 -10.33 -30.63
CA ASP A 266 -11.98 -9.34 -29.96
C ASP A 266 -12.24 -9.79 -28.51
N CYS A 267 -11.59 -9.18 -27.53
CA CYS A 267 -11.48 -9.78 -26.20
C CYS A 267 -12.81 -10.04 -25.51
N SER A 268 -13.80 -9.17 -25.66
CA SER A 268 -15.10 -9.33 -25.00
C SER A 268 -16.14 -10.08 -25.85
N SER A 269 -15.79 -10.52 -27.06
CA SER A 269 -16.76 -11.16 -27.97
C SER A 269 -17.24 -12.54 -27.55
N SER A 270 -16.45 -13.32 -26.81
CA SER A 270 -16.81 -14.69 -26.41
C SER A 270 -15.94 -15.20 -25.25
N PHE A 271 -16.36 -16.27 -24.58
CA PHE A 271 -15.55 -16.86 -23.51
C PHE A 271 -14.18 -17.30 -23.99
N PHE A 272 -14.07 -17.95 -25.16
CA PHE A 272 -12.75 -18.37 -25.63
C PHE A 272 -11.89 -17.16 -26.01
N SER A 273 -12.48 -16.12 -26.56
CA SER A 273 -11.76 -14.86 -26.80
C SER A 273 -11.21 -14.27 -25.51
N GLU A 274 -11.95 -14.38 -24.41
CA GLU A 274 -11.48 -13.91 -23.11
C GLU A 274 -10.27 -14.70 -22.61
N ILE A 275 -10.26 -16.03 -22.77
CA ILE A 275 -9.10 -16.85 -22.41
C ILE A 275 -7.89 -16.49 -23.27
N GLN A 276 -8.09 -16.30 -24.57
CA GLN A 276 -7.01 -15.88 -25.47
C GLN A 276 -6.43 -14.53 -25.03
N CYS A 277 -7.25 -13.52 -24.75
CA CYS A 277 -6.72 -12.24 -24.28
C CYS A 277 -6.08 -12.33 -22.90
N LYS A 278 -6.63 -13.08 -21.96
CA LYS A 278 -6.04 -13.28 -20.63
C LYS A 278 -4.64 -13.86 -20.72
N THR A 279 -4.45 -14.87 -21.56
CA THR A 279 -3.15 -15.53 -21.77
C THR A 279 -2.26 -14.86 -22.81
N LYS A 280 -2.76 -13.81 -23.49
CA LYS A 280 -2.10 -13.11 -24.60
C LYS A 280 -1.57 -14.06 -25.69
N SER A 281 -2.33 -15.12 -25.99
CA SER A 281 -1.93 -16.15 -26.95
C SER A 281 -3.12 -16.64 -27.78
N LEU A 282 -2.88 -17.04 -29.03
CA LEU A 282 -3.95 -17.53 -29.90
C LEU A 282 -4.41 -18.94 -29.55
N LEU A 283 -3.51 -19.76 -28.99
CA LEU A 283 -3.83 -21.12 -28.53
C LEU A 283 -3.41 -21.27 -27.07
N PRO A 284 -4.30 -20.97 -26.11
CA PRO A 284 -4.03 -21.10 -24.68
C PRO A 284 -3.59 -22.52 -24.30
N ASN A 285 -2.88 -22.68 -23.20
CA ASN A 285 -2.52 -24.02 -22.71
C ASN A 285 -3.75 -24.79 -22.20
N THR A 286 -3.72 -26.11 -22.24
CA THR A 286 -4.77 -26.95 -21.64
C THR A 286 -4.90 -26.62 -20.16
N GLY A 287 -6.11 -26.39 -19.67
CA GLY A 287 -6.34 -25.98 -18.30
C GLY A 287 -7.77 -25.57 -18.01
N VAL A 288 -8.07 -25.33 -16.74
CA VAL A 288 -9.37 -24.81 -16.30
C VAL A 288 -9.18 -23.34 -15.94
N TYR A 289 -9.95 -22.48 -16.60
CA TYR A 289 -9.87 -21.04 -16.47
C TYR A 289 -11.13 -20.53 -15.78
N ASP A 290 -10.98 -19.85 -14.65
CA ASP A 290 -12.09 -19.14 -14.03
C ASP A 290 -12.23 -17.78 -14.68
N LEU A 291 -13.23 -17.62 -15.55
CA LEU A 291 -13.44 -16.38 -16.29
C LEU A 291 -13.88 -15.23 -15.39
N SER A 292 -13.84 -14.01 -15.92
CA SER A 292 -14.27 -12.82 -15.19
C SER A 292 -15.75 -12.90 -14.83
N GLY A 293 -16.10 -12.39 -13.66
CA GLY A 293 -17.46 -12.47 -13.15
C GLY A 293 -18.46 -11.68 -14.00
N PHE A 294 -19.58 -12.31 -14.34
CA PHE A 294 -20.72 -11.64 -14.93
C PHE A 294 -21.73 -11.22 -13.86
N THR A 295 -22.73 -10.42 -14.23
CA THR A 295 -23.90 -10.11 -13.41
C THR A 295 -25.14 -10.20 -14.30
N VAL A 296 -26.24 -10.75 -13.81
CA VAL A 296 -27.47 -10.84 -14.62
C VAL A 296 -27.95 -9.43 -15.01
N LYS A 297 -28.35 -9.23 -16.25
CA LYS A 297 -28.81 -7.92 -16.71
C LYS A 297 -30.19 -7.60 -16.11
N PRO A 298 -30.46 -6.36 -15.72
CA PRO A 298 -31.77 -5.98 -15.23
C PRO A 298 -32.78 -6.02 -16.37
N VAL A 299 -33.92 -6.68 -16.17
CA VAL A 299 -34.93 -6.88 -17.22
C VAL A 299 -35.95 -5.74 -17.30
N ALA A 300 -36.01 -4.90 -16.27
CA ALA A 300 -36.97 -3.81 -16.14
C ALA A 300 -36.40 -2.68 -15.26
N THR A 301 -37.06 -1.53 -15.25
CA THR A 301 -36.72 -0.40 -14.38
C THR A 301 -37.85 -0.06 -13.42
N VAL A 302 -37.57 0.01 -12.14
CA VAL A 302 -38.52 0.48 -11.12
C VAL A 302 -38.22 1.92 -10.79
N HIS A 303 -39.13 2.84 -11.08
CA HIS A 303 -39.01 4.25 -10.74
C HIS A 303 -40.16 4.66 -9.84
N ARG A 304 -39.87 5.18 -8.65
CA ARG A 304 -40.89 5.62 -7.69
C ARG A 304 -40.61 7.05 -7.25
N ARG A 305 -41.65 7.88 -7.24
CA ARG A 305 -41.70 9.28 -6.80
C ARG A 305 -43.06 9.53 -6.15
N ILE A 306 -43.13 10.40 -5.16
CA ILE A 306 -44.43 10.79 -4.59
C ILE A 306 -45.16 11.66 -5.63
N PRO A 307 -46.39 11.33 -6.04
CA PRO A 307 -47.10 12.07 -7.06
C PRO A 307 -47.76 13.34 -6.51
N ASP A 308 -48.16 14.24 -7.40
CA ASP A 308 -49.01 15.41 -7.09
C ASP A 308 -48.43 16.42 -6.09
N LEU A 309 -47.13 16.38 -5.83
CA LEU A 309 -46.46 17.40 -5.02
C LEU A 309 -46.49 18.78 -5.74
N PRO A 310 -46.62 19.88 -5.00
CA PRO A 310 -46.64 21.22 -5.57
C PRO A 310 -45.26 21.63 -6.10
N ASP A 311 -45.21 22.67 -6.93
CA ASP A 311 -43.95 23.27 -7.36
C ASP A 311 -43.26 24.00 -6.19
N CYS A 312 -41.93 24.00 -6.17
CA CYS A 312 -41.18 24.63 -5.10
C CYS A 312 -41.17 26.18 -5.17
N ASP A 313 -41.47 26.79 -6.32
CA ASP A 313 -41.47 28.26 -6.51
C ASP A 313 -40.14 28.95 -6.17
N ILE A 314 -39.01 28.25 -6.30
CA ILE A 314 -37.70 28.77 -5.88
C ILE A 314 -37.37 30.08 -6.59
N ASP A 315 -37.71 30.18 -7.88
CA ASP A 315 -37.50 31.40 -8.66
C ASP A 315 -38.29 32.58 -8.10
N LYS A 316 -39.50 32.39 -7.59
CA LYS A 316 -40.30 33.50 -7.04
C LYS A 316 -39.64 34.09 -5.81
N TRP A 317 -39.02 33.25 -4.97
CA TRP A 317 -38.31 33.72 -3.80
C TRP A 317 -36.97 34.36 -4.17
N LEU A 318 -36.21 33.78 -5.11
CA LEU A 318 -34.96 34.37 -5.57
C LEU A 318 -35.17 35.70 -6.30
N ASN A 319 -36.24 35.84 -7.10
CA ASN A 319 -36.54 37.07 -7.82
C ASN A 319 -37.28 38.14 -6.99
N ASN A 320 -37.53 37.91 -5.71
CA ASN A 320 -38.19 38.88 -4.86
C ASN A 320 -37.32 40.14 -4.72
N PHE A 321 -37.85 41.32 -5.07
CA PHE A 321 -37.06 42.56 -5.13
C PHE A 321 -36.61 43.13 -3.78
N ASN A 322 -37.13 42.63 -2.65
CA ASN A 322 -36.73 43.06 -1.31
C ASN A 322 -35.48 42.32 -0.81
N VAL A 323 -34.36 42.46 -1.51
CA VAL A 323 -33.14 41.67 -1.31
C VAL A 323 -32.44 41.99 0.03
N PRO A 324 -32.06 41.02 0.86
CA PRO A 324 -31.36 41.27 2.12
C PRO A 324 -29.85 41.49 1.90
N SER A 325 -29.20 42.17 2.84
CA SER A 325 -27.74 42.29 2.85
C SER A 325 -27.07 41.04 3.42
N PRO A 326 -25.75 40.84 3.24
CA PRO A 326 -25.03 39.75 3.89
C PRO A 326 -25.18 39.77 5.40
N LEU A 327 -25.34 40.93 6.06
CA LEU A 327 -25.48 40.97 7.51
C LEU A 327 -26.74 40.21 7.97
N ASN A 328 -27.84 40.35 7.25
CA ASN A 328 -29.13 39.76 7.59
C ASN A 328 -29.60 38.75 6.53
N TRP A 329 -28.67 37.96 5.99
CA TRP A 329 -28.94 36.98 4.94
C TRP A 329 -30.15 36.10 5.30
N GLU A 330 -31.06 35.92 4.36
CA GLU A 330 -32.30 35.18 4.58
C GLU A 330 -32.15 33.73 4.16
N ARG A 331 -32.88 32.83 4.82
CA ARG A 331 -32.98 31.40 4.49
C ARG A 331 -34.41 31.03 4.14
N LYS A 332 -34.59 30.16 3.15
CA LYS A 332 -35.85 29.44 2.91
C LYS A 332 -35.57 27.96 2.72
N ILE A 333 -36.44 27.11 3.26
CA ILE A 333 -36.31 25.66 3.22
C ILE A 333 -37.38 25.08 2.31
N PHE A 334 -36.99 24.30 1.31
CA PHE A 334 -37.90 23.67 0.37
C PHE A 334 -37.93 22.16 0.57
N SER A 335 -39.11 21.62 0.86
CA SER A 335 -39.34 20.19 1.03
C SER A 335 -40.75 19.81 0.57
N ASN A 336 -40.95 18.54 0.23
CA ASN A 336 -42.21 18.03 -0.31
C ASN A 336 -42.71 18.82 -1.54
N CYS A 337 -41.82 19.12 -2.47
CA CYS A 337 -42.12 19.88 -3.67
C CYS A 337 -41.24 19.44 -4.84
N ASN A 338 -41.70 19.68 -6.07
CA ASN A 338 -40.95 19.42 -7.29
C ASN A 338 -40.30 20.69 -7.84
N PHE A 339 -39.13 20.59 -8.45
CA PHE A 339 -38.45 21.70 -9.10
C PHE A 339 -37.79 21.29 -10.41
N ASN A 340 -37.47 22.25 -11.26
CA ASN A 340 -36.74 22.05 -12.51
C ASN A 340 -35.51 22.96 -12.51
N LEU A 341 -34.33 22.41 -12.25
CA LEU A 341 -33.12 23.20 -12.19
C LEU A 341 -32.88 23.97 -13.50
N SER A 342 -33.19 23.38 -14.65
CA SER A 342 -33.05 24.07 -15.94
C SER A 342 -33.92 25.33 -16.00
N THR A 343 -35.23 25.20 -15.75
CA THR A 343 -36.14 26.35 -15.71
C THR A 343 -35.69 27.39 -14.70
N LEU A 344 -35.29 26.94 -13.51
CA LEU A 344 -34.84 27.83 -12.47
C LEU A 344 -33.65 28.68 -12.92
N LEU A 345 -32.63 28.05 -13.50
CA LEU A 345 -31.44 28.76 -13.97
C LEU A 345 -31.76 29.80 -15.06
N ARG A 346 -32.81 29.60 -15.85
CA ARG A 346 -33.30 30.63 -16.79
C ARG A 346 -34.01 31.77 -16.06
N LEU A 347 -35.03 31.46 -15.26
CA LEU A 347 -35.91 32.47 -14.69
C LEU A 347 -35.21 33.46 -13.76
N VAL A 348 -34.09 33.07 -13.14
CA VAL A 348 -33.35 33.95 -12.24
C VAL A 348 -32.31 34.84 -12.93
N HIS A 349 -32.09 34.71 -14.23
CA HIS A 349 -31.00 35.41 -14.92
C HIS A 349 -29.64 35.07 -14.27
N THR A 350 -29.25 33.80 -14.37
CA THR A 350 -28.01 33.29 -13.78
C THR A 350 -26.79 33.99 -14.39
N ASP A 351 -25.97 34.63 -13.56
CA ASP A 351 -24.65 35.09 -13.97
C ASP A 351 -23.66 33.91 -13.96
N SER A 352 -23.70 33.08 -12.90
CA SER A 352 -22.86 31.88 -12.75
C SER A 352 -23.49 30.84 -11.81
N PHE A 353 -23.27 29.55 -12.04
CA PHE A 353 -23.68 28.47 -11.14
C PHE A 353 -22.59 27.40 -11.03
N SER A 354 -22.28 26.92 -9.82
CA SER A 354 -21.29 25.87 -9.59
C SER A 354 -21.59 25.07 -8.34
N CYS A 355 -21.01 23.87 -8.21
CA CYS A 355 -21.24 22.97 -7.09
C CYS A 355 -19.95 22.52 -6.43
N ASN A 356 -20.04 22.18 -5.14
CA ASN A 356 -18.97 21.70 -4.30
C ASN A 356 -19.40 20.39 -3.61
N ASN A 357 -18.53 19.39 -3.57
CA ASN A 357 -18.83 18.03 -3.08
C ASN A 357 -20.00 17.33 -3.80
N PHE A 358 -20.39 17.85 -4.95
CA PHE A 358 -21.53 17.43 -5.77
C PHE A 358 -21.37 17.97 -7.19
N ASP A 359 -22.18 17.55 -8.14
CA ASP A 359 -22.14 18.10 -9.49
C ASP A 359 -23.50 18.50 -10.06
N GLU A 360 -23.55 19.62 -10.78
CA GLU A 360 -24.78 20.15 -11.36
C GLU A 360 -25.49 19.11 -12.25
N SER A 361 -24.74 18.34 -13.05
CA SER A 361 -25.32 17.33 -13.92
C SER A 361 -25.98 16.18 -13.14
N LYS A 362 -25.59 15.96 -11.88
CA LYS A 362 -26.18 14.95 -11.01
C LYS A 362 -27.41 15.47 -10.30
N ILE A 363 -27.71 16.77 -10.30
CA ILE A 363 -28.93 17.28 -9.67
C ILE A 363 -30.14 16.86 -10.48
N TYR A 364 -30.05 16.91 -11.81
CA TYR A 364 -31.17 16.57 -12.69
C TYR A 364 -31.69 15.15 -12.42
N GLY A 365 -32.97 15.03 -12.09
CA GLY A 365 -33.63 13.75 -11.78
C GLY A 365 -33.44 13.24 -10.34
N SER A 366 -32.52 13.81 -9.55
CA SER A 366 -32.25 13.39 -8.16
C SER A 366 -33.29 13.89 -7.17
N CYS A 367 -33.34 13.28 -5.98
CA CYS A 367 -34.18 13.71 -4.86
C CYS A 367 -33.34 14.04 -3.63
N PHE A 368 -33.82 14.98 -2.83
CA PHE A 368 -33.17 15.46 -1.61
C PHE A 368 -34.18 15.48 -0.45
N LYS A 369 -33.74 15.27 0.80
CA LYS A 369 -34.61 15.41 1.98
C LYS A 369 -35.15 16.84 2.09
N SER A 370 -34.31 17.83 1.82
CA SER A 370 -34.71 19.22 1.65
C SER A 370 -33.63 19.97 0.88
N ILE A 371 -34.01 21.07 0.26
CA ILE A 371 -33.07 22.04 -0.28
C ILE A 371 -33.16 23.28 0.60
N VAL A 372 -32.03 23.73 1.11
CA VAL A 372 -31.95 24.92 1.95
C VAL A 372 -31.27 26.00 1.14
N LEU A 373 -31.92 27.15 0.99
CA LEU A 373 -31.44 28.22 0.14
C LEU A 373 -31.22 29.49 0.95
N ASP A 374 -29.99 29.98 0.95
CA ASP A 374 -29.60 31.22 1.63
C ASP A 374 -29.31 32.31 0.59
N LYS A 375 -29.83 33.53 0.70
CA LYS A 375 -29.60 34.60 -0.31
C LYS A 375 -29.17 35.94 0.26
N PHE A 376 -28.35 36.70 -0.46
CA PHE A 376 -28.06 38.11 -0.17
C PHE A 376 -27.47 38.89 -1.36
N ALA A 377 -27.61 40.21 -1.36
CA ALA A 377 -26.94 41.08 -2.34
C ALA A 377 -25.43 41.11 -2.10
N ILE A 378 -24.62 41.18 -3.15
CA ILE A 378 -23.16 41.19 -3.01
C ILE A 378 -22.68 42.65 -3.00
N PRO A 379 -22.00 43.14 -1.95
CA PRO A 379 -21.33 44.43 -2.03
C PRO A 379 -20.16 44.34 -3.02
N ASN A 380 -20.13 45.14 -4.09
CA ASN A 380 -19.23 44.95 -5.23
C ASN A 380 -17.76 44.74 -4.83
N SER A 381 -17.22 45.61 -3.99
CA SER A 381 -15.81 45.55 -3.55
C SER A 381 -15.48 44.29 -2.74
N ARG A 382 -16.46 43.60 -2.16
CA ARG A 382 -16.25 42.36 -1.39
C ARG A 382 -16.46 41.10 -2.22
N ARG A 383 -16.70 41.16 -3.53
CA ARG A 383 -16.96 39.99 -4.38
C ARG A 383 -15.90 38.88 -4.25
N SER A 384 -14.63 39.23 -4.04
CA SER A 384 -13.56 38.24 -3.83
C SER A 384 -13.78 37.37 -2.58
N ASP A 385 -14.49 37.85 -1.56
CA ASP A 385 -14.69 37.10 -0.31
C ASP A 385 -15.56 35.85 -0.49
N LEU A 386 -16.35 35.74 -1.55
CA LEU A 386 -17.25 34.59 -1.76
C LEU A 386 -16.54 33.38 -2.39
N GLN A 387 -15.22 33.42 -2.58
CA GLN A 387 -14.42 32.24 -2.93
C GLN A 387 -14.38 31.25 -1.77
N LEU A 388 -14.55 29.95 -2.03
CA LEU A 388 -14.54 28.93 -0.97
C LEU A 388 -13.24 28.96 -0.15
N GLY A 389 -13.36 28.99 1.17
CA GLY A 389 -12.22 29.06 2.09
C GLY A 389 -11.59 30.44 2.29
N SER A 390 -12.10 31.51 1.67
CA SER A 390 -11.59 32.87 1.89
C SER A 390 -11.80 33.33 3.35
N SER A 391 -10.84 34.07 3.92
CA SER A 391 -10.97 34.69 5.24
C SER A 391 -11.51 36.12 5.20
N GLY A 392 -11.98 36.60 4.05
CA GLY A 392 -12.49 37.97 3.89
C GLY A 392 -13.75 38.27 4.71
N PHE A 393 -14.09 39.55 4.85
CA PHE A 393 -15.15 40.02 5.76
C PHE A 393 -16.48 39.30 5.58
N LEU A 394 -16.91 38.97 4.35
CA LEU A 394 -18.18 38.28 4.18
C LEU A 394 -18.18 36.93 4.89
N GLN A 395 -17.20 36.07 4.64
CA GLN A 395 -17.18 34.74 5.27
C GLN A 395 -16.65 34.73 6.70
N SER A 396 -15.91 35.76 7.12
CA SER A 396 -15.46 35.87 8.50
C SER A 396 -16.57 36.38 9.43
N SER A 397 -17.42 37.29 8.96
CA SER A 397 -18.34 38.05 9.82
C SER A 397 -19.79 38.16 9.33
N ASN A 398 -20.18 37.56 8.21
CA ASN A 398 -21.55 37.70 7.69
C ASN A 398 -22.18 36.36 7.35
N TYR A 399 -21.55 35.58 6.47
CA TYR A 399 -22.08 34.31 5.99
C TYR A 399 -20.94 33.37 5.63
N LYS A 400 -20.64 32.38 6.46
CA LYS A 400 -19.64 31.36 6.15
C LYS A 400 -20.24 30.32 5.20
N ILE A 401 -19.68 30.16 4.01
CA ILE A 401 -20.08 29.09 3.09
C ILE A 401 -19.52 27.78 3.62
N ASP A 402 -20.36 26.79 3.88
CA ASP A 402 -19.90 25.50 4.37
C ASP A 402 -19.22 24.69 3.26
N THR A 403 -17.90 24.53 3.35
CA THR A 403 -17.13 23.77 2.35
C THR A 403 -17.21 22.26 2.52
N THR A 404 -17.76 21.76 3.63
CA THR A 404 -17.77 20.31 3.93
C THR A 404 -19.02 19.60 3.42
N SER A 405 -20.16 20.28 3.33
CA SER A 405 -21.42 19.71 2.83
C SER A 405 -21.55 19.80 1.31
N SER A 406 -22.44 19.00 0.74
CA SER A 406 -22.84 19.10 -0.65
C SER A 406 -23.66 20.36 -0.89
N SER A 407 -23.15 21.27 -1.72
CA SER A 407 -23.80 22.57 -1.96
C SER A 407 -23.49 23.12 -3.34
N CYS A 408 -24.28 24.09 -3.81
CA CYS A 408 -24.05 24.80 -5.06
C CYS A 408 -24.24 26.30 -4.87
N GLN A 409 -23.35 27.11 -5.45
CA GLN A 409 -23.41 28.56 -5.33
C GLN A 409 -23.93 29.14 -6.64
N LEU A 410 -24.97 29.95 -6.53
CA LEU A 410 -25.58 30.69 -7.63
C LEU A 410 -25.21 32.17 -7.48
N TYR A 411 -24.69 32.74 -8.55
CA TYR A 411 -24.60 34.18 -8.73
C TYR A 411 -25.62 34.58 -9.78
N TYR A 412 -26.45 35.55 -9.49
CA TYR A 412 -27.54 35.97 -10.36
C TYR A 412 -27.81 37.44 -10.15
N SER A 413 -28.65 38.05 -10.99
CA SER A 413 -28.83 39.49 -10.93
C SER A 413 -30.23 39.96 -11.31
N LEU A 414 -30.68 41.03 -10.69
CA LEU A 414 -32.01 41.62 -10.89
C LEU A 414 -31.90 43.07 -11.37
N PRO A 415 -32.84 43.59 -12.16
CA PRO A 415 -32.80 44.96 -12.67
C PRO A 415 -32.82 45.97 -11.52
N ALA A 416 -31.82 46.83 -11.45
CA ALA A 416 -31.55 47.64 -10.27
C ALA A 416 -32.70 48.60 -9.92
N ILE A 417 -33.44 49.08 -10.91
CA ILE A 417 -34.55 50.02 -10.67
C ILE A 417 -35.68 49.41 -9.82
N ASN A 418 -35.82 48.09 -9.81
CA ASN A 418 -36.85 47.41 -9.03
C ASN A 418 -36.36 46.99 -7.64
N VAL A 419 -35.07 46.65 -7.51
CA VAL A 419 -34.48 46.18 -6.25
C VAL A 419 -34.44 47.28 -5.19
N THR A 420 -34.84 46.93 -3.96
CA THR A 420 -34.57 47.74 -2.76
C THR A 420 -33.85 46.89 -1.74
N ILE A 421 -32.66 47.30 -1.28
CA ILE A 421 -31.90 46.53 -0.31
C ILE A 421 -32.50 46.67 1.08
N ASN A 422 -32.78 45.55 1.74
CA ASN A 422 -33.25 45.49 3.12
C ASN A 422 -32.07 45.33 4.10
N ASN A 423 -31.39 46.42 4.43
CA ASN A 423 -30.35 46.42 5.48
C ASN A 423 -31.01 46.37 6.87
N TYR A 424 -30.60 45.43 7.71
CA TYR A 424 -31.15 45.25 9.06
C TYR A 424 -30.09 44.63 9.98
N ASN A 425 -30.07 44.97 11.27
CA ASN A 425 -29.14 44.34 12.22
C ASN A 425 -29.87 43.24 12.99
N PRO A 426 -29.44 41.96 12.90
CA PRO A 426 -30.10 40.85 13.58
C PRO A 426 -29.67 40.68 15.03
N SER A 427 -28.61 41.34 15.49
CA SER A 427 -28.05 41.14 16.84
C SER A 427 -29.00 41.62 17.93
N SER A 428 -29.45 40.69 18.78
CA SER A 428 -30.33 41.00 19.90
C SER A 428 -29.67 41.94 20.90
N TRP A 429 -28.39 41.73 21.23
CA TRP A 429 -27.72 42.57 22.23
C TRP A 429 -27.48 43.99 21.71
N ASN A 430 -27.13 44.17 20.43
CA ASN A 430 -27.08 45.51 19.85
C ASN A 430 -28.46 46.21 19.94
N ARG A 431 -29.53 45.50 19.57
CA ARG A 431 -30.88 46.07 19.63
C ARG A 431 -31.35 46.37 21.05
N ARG A 432 -30.85 45.65 22.06
CA ARG A 432 -31.15 45.93 23.47
C ARG A 432 -30.63 47.31 23.89
N TYR A 433 -29.42 47.67 23.46
CA TYR A 433 -28.74 48.90 23.87
C TYR A 433 -28.78 50.02 22.83
N GLY A 434 -29.86 50.13 22.06
CA GLY A 434 -30.17 51.36 21.33
C GLY A 434 -29.94 51.32 19.82
N PHE A 435 -29.36 50.26 19.25
CA PHE A 435 -29.32 50.14 17.79
C PHE A 435 -30.75 50.01 17.23
N ASN A 436 -31.07 50.72 16.15
CA ASN A 436 -32.41 50.77 15.58
C ASN A 436 -32.43 50.45 14.08
N ASN A 437 -31.88 51.32 13.24
CA ASN A 437 -31.89 51.21 11.78
C ASN A 437 -30.66 51.86 11.15
N PHE A 438 -30.27 51.39 9.97
CA PHE A 438 -29.34 52.08 9.08
C PHE A 438 -30.05 53.24 8.36
N ASN A 439 -29.29 54.23 7.90
CA ASN A 439 -29.79 55.35 7.09
C ASN A 439 -28.92 55.53 5.84
N LEU A 440 -29.22 54.75 4.80
CA LEU A 440 -28.41 54.61 3.59
C LEU A 440 -29.26 54.57 2.31
N SER A 441 -28.62 54.77 1.16
CA SER A 441 -29.24 54.73 -0.17
C SER A 441 -29.91 53.39 -0.47
N SER A 442 -30.91 53.37 -1.36
CA SER A 442 -31.70 52.15 -1.63
C SER A 442 -30.89 50.97 -2.19
N HIS A 443 -29.72 51.25 -2.76
CA HIS A 443 -28.79 50.27 -3.31
C HIS A 443 -27.53 50.04 -2.47
N SER A 444 -27.37 50.72 -1.32
CA SER A 444 -26.27 50.41 -0.40
C SER A 444 -26.52 49.09 0.30
N VAL A 445 -25.52 48.22 0.33
CA VAL A 445 -25.53 46.93 1.04
C VAL A 445 -24.56 47.01 2.21
N VAL A 446 -25.04 46.82 3.44
CA VAL A 446 -24.14 46.76 4.60
C VAL A 446 -23.49 45.40 4.76
N TYR A 447 -22.30 45.34 5.34
CA TYR A 447 -21.65 44.11 5.78
C TYR A 447 -20.88 44.38 7.07
N SER A 448 -20.89 43.43 7.99
CA SER A 448 -20.06 43.48 9.19
C SER A 448 -18.61 43.21 8.83
N ARG A 449 -17.67 43.94 9.41
CA ARG A 449 -16.24 43.60 9.34
C ARG A 449 -15.83 42.75 10.54
N TYR A 450 -16.26 43.11 11.75
CA TYR A 450 -15.92 42.40 12.98
C TYR A 450 -17.15 42.12 13.84
N CYS A 451 -17.33 40.88 14.30
CA CYS A 451 -18.46 40.52 15.16
C CYS A 451 -18.03 40.30 16.61
N PHE A 452 -18.72 40.94 17.55
CA PHE A 452 -18.46 40.79 18.97
C PHE A 452 -19.63 40.10 19.66
N SER A 453 -19.33 39.02 20.38
CA SER A 453 -20.27 38.37 21.28
C SER A 453 -20.11 38.89 22.70
N VAL A 454 -21.16 38.76 23.50
CA VAL A 454 -21.22 39.18 24.91
C VAL A 454 -22.08 38.18 25.69
N ASN A 455 -21.84 38.06 26.99
CA ASN A 455 -22.72 37.26 27.86
C ASN A 455 -24.07 37.94 28.05
N ASN A 456 -25.08 37.21 28.50
CA ASN A 456 -26.40 37.77 28.80
C ASN A 456 -26.39 38.76 29.99
N THR A 457 -25.31 38.80 30.78
CA THR A 457 -25.10 39.78 31.86
C THR A 457 -24.45 41.08 31.38
N PHE A 458 -24.08 41.24 30.12
CA PHE A 458 -23.38 42.44 29.64
C PHE A 458 -24.26 43.71 29.66
N CYS A 459 -23.70 44.83 30.13
CA CYS A 459 -24.26 46.16 29.96
C CYS A 459 -23.13 47.18 29.68
N PRO A 460 -23.28 48.10 28.71
CA PRO A 460 -22.21 49.02 28.34
C PRO A 460 -22.12 50.29 29.21
N CYS A 461 -23.02 50.54 30.16
CA CYS A 461 -22.98 51.76 30.98
C CYS A 461 -22.20 51.59 32.29
N ALA A 462 -21.41 52.59 32.69
CA ALA A 462 -20.76 52.61 34.00
C ALA A 462 -21.77 52.91 35.12
N LYS A 463 -21.49 52.46 36.33
CA LYS A 463 -22.39 52.61 37.47
C LYS A 463 -22.51 54.09 37.89
N PRO A 464 -23.71 54.66 38.02
CA PRO A 464 -23.87 56.07 38.37
C PRO A 464 -23.14 56.50 39.64
N SER A 465 -23.09 55.65 40.67
CA SER A 465 -22.33 55.93 41.89
C SER A 465 -20.84 56.12 41.59
N PHE A 466 -20.21 55.16 40.93
CA PHE A 466 -18.81 55.24 40.52
C PHE A 466 -18.56 56.49 39.67
N ALA A 467 -19.38 56.72 38.63
CA ALA A 467 -19.24 57.86 37.75
C ALA A 467 -19.31 59.21 38.48
N SER A 468 -20.15 59.33 39.52
CA SER A 468 -20.24 60.55 40.32
C SER A 468 -18.96 60.90 41.09
N SER A 469 -18.13 59.89 41.41
CA SER A 469 -16.88 60.10 42.13
C SER A 469 -15.75 60.60 41.23
N CYS A 470 -15.81 60.27 39.94
CA CYS A 470 -14.78 60.67 38.98
C CYS A 470 -14.76 62.19 38.77
N LYS A 471 -13.58 62.80 38.79
CA LYS A 471 -13.41 64.24 38.52
C LYS A 471 -12.71 64.53 37.20
N SER A 472 -12.01 63.56 36.63
CA SER A 472 -11.37 63.63 35.31
C SER A 472 -11.55 62.34 34.54
N HIS A 473 -11.75 62.42 33.21
CA HIS A 473 -12.14 61.30 32.34
C HIS A 473 -13.36 60.54 32.89
N LYS A 474 -14.35 61.27 33.43
CA LYS A 474 -15.61 60.70 33.94
C LYS A 474 -16.32 59.90 32.84
N PRO A 475 -16.54 58.58 33.01
CA PRO A 475 -17.28 57.79 32.04
C PRO A 475 -18.79 58.10 32.16
N PRO A 476 -19.54 58.08 31.05
CA PRO A 476 -20.99 58.23 31.11
C PRO A 476 -21.63 57.04 31.83
N SER A 477 -22.80 57.27 32.40
CA SER A 477 -23.53 56.32 33.24
C SER A 477 -25.02 56.34 32.95
N ALA A 478 -25.68 55.26 33.35
CA ALA A 478 -27.13 55.10 33.37
C ALA A 478 -27.48 53.84 34.18
N SER A 479 -28.75 53.60 34.48
CA SER A 479 -29.19 52.32 35.06
C SER A 479 -29.06 51.19 34.04
N CYS A 480 -28.33 50.14 34.37
CA CYS A 480 -28.27 48.91 33.58
C CYS A 480 -29.49 48.00 33.87
N PRO A 481 -29.92 47.17 32.91
CA PRO A 481 -31.02 46.22 33.11
C PRO A 481 -30.78 45.27 34.30
N ILE A 482 -31.84 44.86 34.98
CA ILE A 482 -31.75 43.93 36.10
C ILE A 482 -31.06 42.62 35.68
N GLY A 483 -30.20 42.09 36.55
CA GLY A 483 -29.41 40.88 36.30
C GLY A 483 -28.16 41.08 35.43
N THR A 484 -27.88 42.29 34.96
CA THR A 484 -26.64 42.60 34.22
C THR A 484 -25.59 43.23 35.14
N ASN A 485 -24.34 43.26 34.68
CA ASN A 485 -23.20 43.89 35.36
C ASN A 485 -22.83 45.20 34.68
N TYR A 486 -22.64 46.28 35.45
CA TYR A 486 -22.17 47.56 34.91
C TYR A 486 -20.78 47.45 34.29
N ARG A 487 -20.47 48.39 33.39
CA ARG A 487 -19.16 48.57 32.77
C ARG A 487 -18.06 48.66 33.83
N SER A 488 -17.10 47.74 33.79
CA SER A 488 -16.01 47.69 34.76
C SER A 488 -15.05 48.88 34.59
N CYS A 489 -14.77 49.56 35.70
CA CYS A 489 -13.93 50.75 35.79
C CYS A 489 -13.15 50.81 37.12
N GLU A 490 -12.06 51.58 37.14
CA GLU A 490 -11.16 51.77 38.28
C GLU A 490 -10.85 53.25 38.52
N SER A 491 -10.96 53.70 39.77
CA SER A 491 -10.43 55.00 40.18
C SER A 491 -8.92 54.92 40.27
N THR A 492 -8.20 55.85 39.63
CA THR A 492 -6.75 55.78 39.46
C THR A 492 -6.11 57.14 39.70
N THR A 493 -4.82 57.16 40.03
CA THR A 493 -4.00 58.37 40.08
C THR A 493 -2.94 58.38 38.97
N VAL A 494 -2.96 59.43 38.15
CA VAL A 494 -2.00 59.70 37.07
C VAL A 494 -1.64 61.18 37.15
N LEU A 495 -0.34 61.52 37.02
CA LEU A 495 0.14 62.90 37.18
C LEU A 495 -0.42 63.56 38.46
N ASP A 496 -0.41 62.81 39.56
CA ASP A 496 -0.94 63.18 40.88
C ASP A 496 -2.43 63.57 40.93
N HIS A 497 -3.22 63.31 39.87
CA HIS A 497 -4.67 63.51 39.88
C HIS A 497 -5.34 62.51 40.84
N THR A 498 -6.35 62.92 41.60
CA THR A 498 -6.96 62.10 42.66
C THR A 498 -8.07 61.16 42.17
N ASP A 499 -8.82 61.55 41.14
CA ASP A 499 -10.03 60.87 40.66
C ASP A 499 -10.04 60.82 39.13
N TRP A 500 -8.94 60.33 38.56
CA TRP A 500 -8.79 60.05 37.15
C TRP A 500 -9.28 58.62 36.88
N CYS A 501 -10.48 58.49 36.31
CA CYS A 501 -11.10 57.18 36.11
C CYS A 501 -10.64 56.51 34.81
N ARG A 502 -10.44 55.19 34.85
CA ARG A 502 -10.09 54.35 33.71
C ARG A 502 -11.07 53.19 33.62
N CYS A 503 -11.39 52.74 32.41
CA CYS A 503 -12.41 51.71 32.19
C CYS A 503 -11.97 50.65 31.18
N SER A 504 -12.68 49.54 31.16
CA SER A 504 -12.49 48.46 30.17
C SER A 504 -12.81 48.87 28.72
N CYS A 505 -12.43 48.02 27.75
CA CYS A 505 -12.70 48.21 26.31
C CYS A 505 -12.19 49.54 25.71
N LEU A 506 -11.22 50.21 26.33
CA LEU A 506 -10.61 51.42 25.77
C LEU A 506 -9.57 51.08 24.70
N PRO A 507 -9.46 51.88 23.62
CA PRO A 507 -10.35 52.99 23.26
C PRO A 507 -11.74 52.55 22.79
N ASP A 508 -11.83 51.40 22.15
CA ASP A 508 -13.05 50.74 21.68
C ASP A 508 -12.80 49.23 21.59
N PRO A 509 -13.82 48.36 21.48
CA PRO A 509 -13.61 46.92 21.47
C PRO A 509 -12.81 46.41 20.27
N ILE A 510 -12.76 47.16 19.17
CA ILE A 510 -11.98 46.78 17.98
C ILE A 510 -10.49 46.99 18.20
N THR A 511 -10.11 48.07 18.88
CA THR A 511 -8.72 48.51 19.07
C THR A 511 -8.21 48.34 20.50
N ALA A 512 -8.94 47.61 21.35
CA ALA A 512 -8.73 47.57 22.79
C ALA A 512 -7.30 47.20 23.20
N TYR A 513 -6.75 47.91 24.20
CA TYR A 513 -5.38 47.66 24.67
C TYR A 513 -5.20 46.27 25.30
N ASP A 514 -6.26 45.68 25.86
CA ASP A 514 -6.25 44.29 26.27
C ASP A 514 -7.66 43.68 26.07
N PRO A 515 -7.81 42.73 25.13
CA PRO A 515 -9.07 42.02 24.94
C PRO A 515 -9.50 41.19 26.15
N ARG A 516 -8.61 40.90 27.10
CA ARG A 516 -8.92 40.07 28.27
C ARG A 516 -9.90 40.73 29.22
N SER A 517 -9.71 42.01 29.56
CA SER A 517 -10.66 42.75 30.41
C SER A 517 -11.96 43.14 29.70
N CYS A 518 -11.92 43.36 28.38
CA CYS A 518 -13.10 43.81 27.65
C CYS A 518 -14.19 42.73 27.58
N SER A 519 -15.42 43.06 27.96
CA SER A 519 -16.54 42.09 27.97
C SER A 519 -17.02 41.72 26.57
N GLN A 520 -16.77 42.58 25.57
CA GLN A 520 -17.07 42.31 24.16
C GLN A 520 -15.95 41.46 23.57
N LYS A 521 -16.24 40.20 23.20
CA LYS A 521 -15.23 39.26 22.67
C LYS A 521 -15.37 39.13 21.17
N LYS A 522 -14.26 39.27 20.44
CA LYS A 522 -14.23 39.00 18.99
C LYS A 522 -14.66 37.56 18.72
N SER A 523 -15.45 37.35 17.68
CA SER A 523 -15.97 36.03 17.29
C SER A 523 -16.12 35.93 15.77
N LEU A 524 -16.03 34.72 15.22
CA LEU A 524 -16.24 34.44 13.80
C LEU A 524 -17.59 33.76 13.61
N VAL A 525 -18.33 34.07 12.55
CA VAL A 525 -19.65 33.47 12.35
C VAL A 525 -19.56 31.97 12.07
N GLY A 526 -20.38 31.19 12.77
CA GLY A 526 -20.53 29.75 12.53
C GLY A 526 -21.42 29.46 11.33
N VAL A 527 -21.31 28.26 10.77
CA VAL A 527 -22.17 27.86 9.64
C VAL A 527 -23.64 27.94 10.06
N GLY A 528 -24.46 28.63 9.28
CA GLY A 528 -25.89 28.78 9.56
C GLY A 528 -26.24 29.89 10.55
N GLU A 529 -25.30 30.71 11.01
CA GLU A 529 -25.53 31.77 12.00
C GLU A 529 -25.22 33.16 11.46
N HIS A 530 -25.95 34.18 11.93
CA HIS A 530 -25.66 35.59 11.61
C HIS A 530 -24.57 36.17 12.53
N CYS A 531 -24.11 37.38 12.23
CA CYS A 531 -23.16 38.10 13.06
C CYS A 531 -23.67 38.24 14.50
N ALA A 532 -22.81 38.00 15.50
CA ALA A 532 -23.19 38.14 16.91
C ALA A 532 -23.59 39.58 17.27
N GLY A 533 -23.01 40.57 16.61
CA GLY A 533 -23.27 42.00 16.81
C GLY A 533 -22.06 42.86 16.52
N PHE A 534 -22.31 44.13 16.20
CA PHE A 534 -21.27 45.13 16.08
C PHE A 534 -20.68 45.45 17.44
N GLY A 535 -19.38 45.72 17.51
CA GLY A 535 -18.75 46.23 18.73
C GLY A 535 -19.27 47.64 19.03
N VAL A 536 -19.56 47.93 20.30
CA VAL A 536 -20.06 49.25 20.71
C VAL A 536 -19.00 50.02 21.47
N ASP A 537 -18.80 51.29 21.13
CA ASP A 537 -17.97 52.22 21.88
C ASP A 537 -18.67 52.62 23.19
N GLU A 538 -18.26 52.00 24.29
CA GLU A 538 -18.89 52.19 25.58
C GLU A 538 -18.75 53.63 26.12
N GLU A 539 -17.81 54.44 25.63
CA GLU A 539 -17.75 55.86 25.97
C GLU A 539 -18.89 56.69 25.37
N LYS A 540 -19.74 56.10 24.51
CA LYS A 540 -20.93 56.73 23.92
C LYS A 540 -22.26 56.18 24.47
N CYS A 541 -22.22 55.36 25.52
CA CYS A 541 -23.40 54.74 26.11
C CYS A 541 -23.79 55.39 27.45
N GLY A 542 -25.07 55.69 27.65
CA GLY A 542 -25.54 56.50 28.78
C GLY A 542 -25.23 58.00 28.60
N VAL A 543 -25.21 58.76 29.70
CA VAL A 543 -24.90 60.20 29.70
C VAL A 543 -23.98 60.57 30.87
N LEU A 544 -23.26 61.69 30.76
CA LEU A 544 -22.10 61.97 31.63
C LEU A 544 -22.44 61.95 33.13
N ASP A 545 -23.63 62.41 33.51
CA ASP A 545 -24.11 62.42 34.91
C ASP A 545 -25.40 61.59 35.10
N GLY A 546 -25.61 60.56 34.27
CA GLY A 546 -26.87 59.80 34.25
C GLY A 546 -27.08 58.97 35.52
N SER A 547 -28.08 59.35 36.32
CA SER A 547 -28.51 58.67 37.54
C SER A 547 -29.36 57.43 37.27
N TYR A 548 -29.74 56.71 38.33
CA TYR A 548 -30.50 55.46 38.24
C TYR A 548 -31.91 55.57 37.64
N ASN A 549 -32.45 56.77 37.48
CA ASN A 549 -33.74 57.01 36.82
C ASN A 549 -33.70 56.92 35.28
N VAL A 550 -32.54 56.98 34.62
CA VAL A 550 -32.40 56.87 33.16
C VAL A 550 -31.88 55.49 32.75
N SER A 551 -32.48 54.87 31.73
CA SER A 551 -32.09 53.55 31.22
C SER A 551 -30.86 53.62 30.31
N CYS A 552 -30.00 52.59 30.36
CA CYS A 552 -28.82 52.50 29.51
C CYS A 552 -29.17 52.26 28.05
N LEU A 553 -28.63 53.09 27.15
CA LEU A 553 -28.60 52.89 25.70
C LEU A 553 -27.46 53.69 25.08
N CYS A 554 -27.12 53.38 23.84
CA CYS A 554 -26.01 53.99 23.11
C CYS A 554 -26.54 54.74 21.88
N SER A 555 -25.87 55.81 21.50
CA SER A 555 -26.16 56.53 20.26
C SER A 555 -25.83 55.69 19.02
N THR A 556 -26.43 56.00 17.87
CA THR A 556 -26.28 55.20 16.65
C THR A 556 -24.85 55.14 16.12
N ASP A 557 -24.04 56.18 16.35
CA ASP A 557 -22.63 56.21 15.98
C ASP A 557 -21.75 55.38 16.93
N ALA A 558 -22.26 54.92 18.08
CA ALA A 558 -21.48 54.10 18.99
C ALA A 558 -21.19 52.70 18.44
N PHE A 559 -21.99 52.19 17.50
CA PHE A 559 -21.80 50.86 16.94
C PHE A 559 -20.83 50.88 15.76
N LEU A 560 -19.70 50.19 15.90
CA LEU A 560 -18.53 50.25 15.02
C LEU A 560 -18.33 48.96 14.22
N GLY A 561 -17.32 48.91 13.35
CA GLY A 561 -16.89 47.64 12.75
C GLY A 561 -17.79 47.12 11.64
N TRP A 562 -18.52 48.00 10.95
CA TRP A 562 -19.35 47.69 9.80
C TRP A 562 -19.10 48.70 8.67
N SER A 563 -19.56 48.38 7.47
CA SER A 563 -19.27 49.12 6.24
C SER A 563 -20.38 48.88 5.22
N TYR A 564 -20.41 49.63 4.12
CA TYR A 564 -21.36 49.40 3.03
C TYR A 564 -20.77 49.69 1.65
N ASP A 565 -21.39 49.12 0.62
CA ASP A 565 -21.06 49.33 -0.78
C ASP A 565 -22.28 49.08 -1.67
N THR A 566 -22.30 49.54 -2.91
CA THR A 566 -23.37 49.20 -3.85
C THR A 566 -23.26 47.76 -4.35
N CYS A 567 -24.38 47.15 -4.75
CA CYS A 567 -24.40 45.89 -5.50
C CYS A 567 -24.53 46.06 -7.01
N VAL A 568 -24.69 47.29 -7.50
CA VAL A 568 -25.10 47.52 -8.89
C VAL A 568 -23.93 47.44 -9.85
N SER A 569 -24.12 46.73 -10.96
CA SER A 569 -23.26 46.76 -12.14
C SER A 569 -24.15 46.76 -13.38
N ASN A 570 -23.88 47.59 -14.39
CA ASN A 570 -24.62 47.59 -15.66
C ASN A 570 -26.15 47.62 -15.50
N ASN A 571 -26.66 48.46 -14.59
CA ASN A 571 -28.07 48.56 -14.21
C ASN A 571 -28.71 47.27 -13.65
N ARG A 572 -27.93 46.31 -13.16
CA ARG A 572 -28.41 45.14 -12.41
C ARG A 572 -27.74 45.04 -11.05
N CYS A 573 -28.47 44.69 -10.00
CA CYS A 573 -27.88 44.36 -8.70
C CYS A 573 -27.39 42.91 -8.72
N ASN A 574 -26.14 42.65 -8.37
CA ASN A 574 -25.61 41.28 -8.26
C ASN A 574 -25.98 40.65 -6.92
N ILE A 575 -26.41 39.39 -6.95
CA ILE A 575 -26.95 38.67 -5.81
C ILE A 575 -26.31 37.29 -5.75
N PHE A 576 -26.01 36.80 -4.55
CA PHE A 576 -25.50 35.47 -4.29
C PHE A 576 -26.57 34.65 -3.60
N SER A 577 -26.65 33.36 -3.91
CA SER A 577 -27.34 32.41 -3.04
C SER A 577 -26.64 31.06 -3.01
N ASN A 578 -26.80 30.35 -1.91
CA ASN A 578 -26.17 29.07 -1.66
C ASN A 578 -27.23 28.00 -1.52
N PHE A 579 -27.25 27.05 -2.45
CA PHE A 579 -28.06 25.84 -2.40
C PHE A 579 -27.36 24.83 -1.52
N ILE A 580 -27.91 24.53 -0.35
CA ILE A 580 -27.44 23.45 0.52
C ILE A 580 -28.33 22.25 0.27
N LEU A 581 -27.74 21.12 -0.07
CA LEU A 581 -28.49 19.91 -0.40
C LEU A 581 -28.45 18.97 0.80
N ASN A 582 -29.58 18.72 1.46
CA ASN A 582 -29.64 17.88 2.64
C ASN A 582 -30.20 16.51 2.30
N GLY A 583 -29.57 15.45 2.79
CA GLY A 583 -30.02 14.07 2.56
C GLY A 583 -30.10 13.74 1.07
N ILE A 584 -28.97 13.90 0.39
CA ILE A 584 -28.81 13.65 -1.05
C ILE A 584 -29.26 12.24 -1.42
N ASN A 585 -29.81 12.08 -2.62
CA ASN A 585 -30.27 10.81 -3.17
C ASN A 585 -31.28 10.09 -2.26
N SER A 586 -32.20 10.86 -1.67
CA SER A 586 -33.26 10.38 -0.78
C SER A 586 -34.34 11.46 -0.61
N GLY A 587 -35.48 11.15 0.00
CA GLY A 587 -36.46 12.17 0.39
C GLY A 587 -37.38 12.61 -0.73
N THR A 588 -37.96 13.80 -0.58
CA THR A 588 -39.14 14.22 -1.36
C THR A 588 -38.93 15.48 -2.20
N THR A 589 -37.86 16.25 -2.00
CA THR A 589 -37.54 17.39 -2.85
C THR A 589 -36.88 16.89 -4.12
N CYS A 590 -37.66 16.64 -5.16
CA CYS A 590 -37.18 15.95 -6.37
C CYS A 590 -37.10 16.86 -7.57
N SER A 591 -36.03 16.76 -8.35
CA SER A 591 -35.93 17.42 -9.66
C SER A 591 -36.76 16.66 -10.70
N ASN A 592 -37.60 17.37 -11.45
CA ASN A 592 -38.38 16.84 -12.57
C ASN A 592 -37.72 17.08 -13.94
N ASP A 593 -36.46 17.52 -14.00
CA ASP A 593 -35.79 17.79 -15.28
C ASP A 593 -35.67 16.57 -16.21
N LEU A 594 -35.75 15.35 -15.68
CA LEU A 594 -35.70 14.09 -16.42
C LEU A 594 -36.94 13.22 -16.13
N LEU A 595 -38.10 13.86 -15.99
CA LEU A 595 -39.33 13.22 -15.48
C LEU A 595 -39.66 11.90 -16.21
N GLN A 596 -39.91 10.85 -15.43
CA GLN A 596 -40.35 9.52 -15.88
C GLN A 596 -41.58 9.11 -15.08
N PRO A 597 -42.50 8.34 -15.67
CA PRO A 597 -43.71 7.90 -14.97
C PRO A 597 -43.35 6.92 -13.87
N ASN A 598 -44.12 6.90 -12.77
CA ASN A 598 -43.96 5.86 -11.77
C ASN A 598 -44.32 4.50 -12.37
N THR A 599 -43.36 3.58 -12.40
CA THR A 599 -43.64 2.17 -12.69
C THR A 599 -44.07 1.45 -11.42
N GLU A 600 -44.78 0.33 -11.57
CA GLU A 600 -45.04 -0.54 -10.42
C GLU A 600 -43.75 -1.18 -9.94
N VAL A 601 -43.71 -1.64 -8.69
CA VAL A 601 -42.56 -2.40 -8.18
C VAL A 601 -42.63 -3.83 -8.73
N PHE A 602 -41.93 -4.11 -9.83
CA PHE A 602 -41.80 -5.47 -10.35
C PHE A 602 -41.09 -6.36 -9.33
N THR A 603 -41.52 -7.61 -9.18
CA THR A 603 -40.97 -8.53 -8.17
C THR A 603 -40.40 -9.79 -8.81
N ASP A 604 -39.48 -10.43 -8.09
CA ASP A 604 -38.88 -11.71 -8.43
C ASP A 604 -37.96 -11.72 -9.67
N VAL A 605 -37.73 -10.55 -10.26
CA VAL A 605 -36.82 -10.35 -11.40
C VAL A 605 -35.79 -9.29 -11.06
N CYS A 606 -34.58 -9.40 -11.60
CA CYS A 606 -33.55 -8.38 -11.39
C CYS A 606 -33.91 -7.09 -12.13
N VAL A 607 -33.87 -5.95 -11.44
CA VAL A 607 -34.23 -4.64 -12.00
C VAL A 607 -33.27 -3.57 -11.53
N ASP A 608 -33.08 -2.55 -12.36
CA ASP A 608 -32.58 -1.28 -11.87
C ASP A 608 -33.71 -0.58 -11.13
N TYR A 609 -33.42 0.09 -10.02
CA TYR A 609 -34.43 0.83 -9.29
C TYR A 609 -33.96 2.23 -8.94
N ASP A 610 -34.92 3.13 -8.81
CA ASP A 610 -34.79 4.46 -8.23
C ASP A 610 -36.00 4.69 -7.32
N LEU A 611 -35.82 4.31 -6.05
CA LEU A 611 -36.84 4.43 -5.03
C LEU A 611 -36.69 5.77 -4.33
N TYR A 612 -37.45 6.78 -4.75
CA TYR A 612 -37.47 8.07 -4.07
C TYR A 612 -36.05 8.67 -3.93
N GLY A 613 -35.23 8.52 -4.96
CA GLY A 613 -33.85 8.98 -5.00
C GLY A 613 -32.82 7.90 -4.67
N ILE A 614 -33.20 6.82 -3.98
CA ILE A 614 -32.30 5.71 -3.67
C ILE A 614 -32.15 4.85 -4.92
N THR A 615 -31.04 5.01 -5.64
CA THR A 615 -30.74 4.22 -6.84
C THR A 615 -29.99 2.94 -6.50
N GLY A 616 -30.16 1.92 -7.32
CA GLY A 616 -29.40 0.68 -7.19
C GLY A 616 -29.90 -0.39 -8.17
N GLN A 617 -29.42 -1.61 -7.99
CA GLN A 617 -29.80 -2.78 -8.79
C GLN A 617 -30.07 -3.97 -7.87
N GLY A 618 -31.16 -4.70 -8.07
CA GLY A 618 -31.56 -5.77 -7.15
C GLY A 618 -32.86 -6.47 -7.55
N ILE A 619 -33.31 -7.41 -6.73
CA ILE A 619 -34.54 -8.18 -6.88
C ILE A 619 -35.46 -7.84 -5.72
N PHE A 620 -36.69 -7.39 -6.01
CA PHE A 620 -37.69 -7.16 -4.98
C PHE A 620 -38.51 -8.41 -4.70
N LYS A 621 -38.81 -8.67 -3.43
CA LYS A 621 -39.81 -9.66 -3.01
C LYS A 621 -40.78 -9.02 -2.04
N GLU A 622 -42.07 -9.12 -2.28
CA GLU A 622 -43.07 -8.54 -1.37
C GLU A 622 -43.18 -9.38 -0.10
N VAL A 623 -43.34 -8.74 1.05
CA VAL A 623 -43.49 -9.38 2.37
C VAL A 623 -44.50 -8.61 3.21
N SER A 624 -45.05 -9.23 4.26
CA SER A 624 -45.92 -8.53 5.23
C SER A 624 -45.10 -8.08 6.44
N ALA A 625 -44.32 -7.01 6.29
CA ALA A 625 -43.51 -6.46 7.37
C ALA A 625 -44.36 -5.73 8.43
N VAL A 626 -43.98 -5.86 9.71
CA VAL A 626 -44.68 -5.19 10.83
C VAL A 626 -43.81 -4.18 11.58
N TYR A 627 -42.51 -4.13 11.29
CA TYR A 627 -41.55 -3.30 12.01
C TYR A 627 -41.54 -1.82 11.60
N TYR A 628 -42.11 -1.45 10.46
CA TYR A 628 -42.15 -0.05 10.03
C TYR A 628 -43.15 0.79 10.86
N ASN A 629 -42.66 1.66 11.75
CA ASN A 629 -43.52 2.68 12.36
C ASN A 629 -43.86 3.82 11.39
N SER A 630 -44.76 4.72 11.78
CA SER A 630 -45.27 5.79 10.91
C SER A 630 -44.20 6.67 10.28
N TRP A 631 -43.09 6.93 10.96
CA TRP A 631 -42.00 7.77 10.43
C TRP A 631 -40.91 6.99 9.69
N GLN A 632 -41.02 5.67 9.58
CA GLN A 632 -39.97 4.80 9.04
C GLN A 632 -40.37 4.19 7.70
N ASN A 633 -39.45 4.17 6.73
CA ASN A 633 -39.72 3.61 5.40
C ASN A 633 -38.58 2.78 4.81
N LEU A 634 -37.42 2.71 5.44
CA LEU A 634 -36.25 2.02 4.90
C LEU A 634 -35.68 1.03 5.90
N LEU A 635 -35.36 -0.19 5.46
CA LEU A 635 -34.73 -1.21 6.31
C LEU A 635 -33.27 -1.37 5.93
N TYR A 636 -32.38 -1.27 6.92
CA TYR A 636 -30.94 -1.31 6.74
C TYR A 636 -30.32 -2.50 7.47
N ASP A 637 -29.23 -3.04 6.90
CA ASP A 637 -28.38 -3.99 7.62
C ASP A 637 -27.30 -3.29 8.45
N SER A 638 -26.52 -4.07 9.18
CA SER A 638 -25.44 -3.53 10.04
C SER A 638 -24.32 -2.85 9.28
N ASN A 639 -24.16 -3.12 7.97
CA ASN A 639 -23.17 -2.47 7.12
C ASN A 639 -23.69 -1.20 6.45
N GLY A 640 -24.96 -0.83 6.67
CA GLY A 640 -25.53 0.38 6.07
C GLY A 640 -25.99 0.21 4.62
N ASN A 641 -26.16 -1.02 4.13
CA ASN A 641 -26.85 -1.25 2.87
C ASN A 641 -28.36 -1.21 3.08
N ILE A 642 -29.11 -0.69 2.11
CA ILE A 642 -30.55 -0.88 2.07
C ILE A 642 -30.87 -2.35 1.80
N ILE A 643 -31.81 -2.94 2.53
CA ILE A 643 -32.24 -4.33 2.34
C ILE A 643 -33.76 -4.51 2.31
N GLY A 644 -34.53 -3.46 2.55
CA GLY A 644 -35.97 -3.49 2.42
C GLY A 644 -36.55 -2.09 2.44
N PHE A 645 -37.80 -1.92 2.01
CA PHE A 645 -38.47 -0.64 2.10
C PHE A 645 -39.98 -0.78 2.19
N LYS A 646 -40.65 0.28 2.63
CA LYS A 646 -42.10 0.46 2.53
C LYS A 646 -42.39 1.54 1.51
N ASP A 647 -43.20 1.23 0.51
CA ASP A 647 -43.48 2.15 -0.58
C ASP A 647 -44.38 3.31 -0.12
N PHE A 648 -43.91 4.55 -0.22
CA PHE A 648 -44.63 5.72 0.30
C PHE A 648 -46.04 5.89 -0.27
N VAL A 649 -46.28 5.47 -1.51
CA VAL A 649 -47.58 5.63 -2.17
C VAL A 649 -48.56 4.51 -1.80
N THR A 650 -48.13 3.26 -1.83
CA THR A 650 -49.02 2.08 -1.66
C THR A 650 -48.98 1.45 -0.27
N ASN A 651 -48.03 1.82 0.59
CA ASN A 651 -47.72 1.16 1.85
C ASN A 651 -47.38 -0.33 1.76
N LYS A 652 -47.15 -0.88 0.56
CA LYS A 652 -46.66 -2.25 0.40
C LYS A 652 -45.21 -2.34 0.83
N THR A 653 -44.81 -3.48 1.39
CA THR A 653 -43.46 -3.69 1.95
C THR A 653 -42.70 -4.77 1.21
N TYR A 654 -41.43 -4.51 0.91
CA TYR A 654 -40.60 -5.40 0.10
C TYR A 654 -39.24 -5.63 0.74
N ASN A 655 -38.74 -6.86 0.66
CA ASN A 655 -37.32 -7.13 0.81
C ASN A 655 -36.58 -6.87 -0.50
N ILE A 656 -35.34 -6.42 -0.40
CA ILE A 656 -34.43 -6.22 -1.53
C ILE A 656 -33.31 -7.26 -1.44
N PHE A 657 -33.04 -7.98 -2.52
CA PHE A 657 -31.94 -8.95 -2.61
C PHE A 657 -31.00 -8.58 -3.76
N PRO A 658 -29.70 -8.84 -3.66
CA PRO A 658 -28.75 -8.53 -4.71
C PRO A 658 -29.00 -9.39 -5.95
N CYS A 659 -28.85 -8.82 -7.15
CA CYS A 659 -28.92 -9.59 -8.38
C CYS A 659 -27.76 -10.59 -8.44
N TYR A 660 -27.99 -11.75 -9.05
CA TYR A 660 -26.97 -12.79 -9.12
C TYR A 660 -25.71 -12.32 -9.85
N ALA A 661 -24.55 -12.67 -9.29
CA ALA A 661 -23.24 -12.49 -9.89
C ALA A 661 -22.39 -13.74 -9.68
N GLY A 662 -21.49 -14.04 -10.62
CA GLY A 662 -20.69 -15.25 -10.54
C GLY A 662 -19.76 -15.42 -11.74
N ARG A 663 -18.90 -16.41 -11.65
CA ARG A 663 -17.92 -16.76 -12.68
C ARG A 663 -18.39 -17.96 -13.48
N VAL A 664 -17.79 -18.19 -14.64
CA VAL A 664 -17.89 -19.45 -15.36
C VAL A 664 -16.55 -20.16 -15.25
N SER A 665 -16.53 -21.42 -14.84
CA SER A 665 -15.31 -22.23 -14.92
C SER A 665 -15.25 -22.88 -16.30
N ALA A 666 -14.37 -22.42 -17.18
CA ALA A 666 -14.22 -22.97 -18.51
C ALA A 666 -13.07 -23.96 -18.54
N ALA A 667 -13.30 -25.19 -18.99
CA ALA A 667 -12.25 -26.16 -19.22
C ALA A 667 -11.87 -26.17 -20.71
N PHE A 668 -10.58 -26.05 -21.02
CA PHE A 668 -10.07 -26.02 -22.39
C PHE A 668 -8.95 -27.03 -22.60
N HIS A 669 -8.97 -27.73 -23.73
CA HIS A 669 -7.88 -28.59 -24.16
C HIS A 669 -7.28 -28.09 -25.48
N GLN A 670 -5.96 -28.03 -25.61
CA GLN A 670 -5.30 -27.52 -26.82
C GLN A 670 -5.72 -28.22 -28.11
N ASN A 671 -6.09 -29.50 -28.06
CA ASN A 671 -6.55 -30.24 -29.23
C ASN A 671 -8.02 -29.98 -29.58
N ALA A 672 -8.71 -29.07 -28.87
CA ALA A 672 -10.12 -28.78 -29.04
C ALA A 672 -10.36 -27.41 -29.69
N SER A 673 -11.49 -27.28 -30.37
CA SER A 673 -11.95 -26.04 -31.01
C SER A 673 -12.98 -25.26 -30.18
N SER A 674 -13.29 -25.70 -28.95
CA SER A 674 -14.34 -25.14 -28.11
C SER A 674 -14.06 -25.35 -26.62
N LEU A 675 -14.90 -24.78 -25.76
CA LEU A 675 -14.81 -24.89 -24.31
C LEU A 675 -15.90 -25.79 -23.74
N ALA A 676 -15.60 -26.54 -22.68
CA ALA A 676 -16.63 -27.06 -21.78
C ALA A 676 -16.86 -26.05 -20.65
N LEU A 677 -18.09 -25.60 -20.44
CA LEU A 677 -18.39 -24.56 -19.44
C LEU A 677 -19.08 -25.18 -18.23
N LEU A 678 -18.63 -24.84 -17.03
CA LEU A 678 -19.32 -25.16 -15.79
C LEU A 678 -19.79 -23.87 -15.11
N TYR A 679 -21.11 -23.73 -14.91
CA TYR A 679 -21.69 -22.68 -14.09
C TYR A 679 -21.88 -23.23 -12.68
N ARG A 680 -20.89 -23.02 -11.82
CA ARG A 680 -20.86 -23.67 -10.50
C ARG A 680 -22.09 -23.31 -9.67
N ASN A 681 -22.72 -24.33 -9.09
CA ASN A 681 -23.89 -24.23 -8.22
C ASN A 681 -25.18 -23.66 -8.84
N LEU A 682 -25.25 -23.52 -10.17
CA LEU A 682 -26.46 -23.11 -10.87
C LEU A 682 -27.12 -24.29 -11.56
N LYS A 683 -28.44 -24.43 -11.46
CA LYS A 683 -29.20 -25.39 -12.26
C LYS A 683 -29.37 -24.90 -13.68
N CYS A 684 -29.40 -25.78 -14.66
CA CYS A 684 -29.43 -25.38 -16.08
C CYS A 684 -30.68 -24.59 -16.44
N SER A 685 -31.83 -24.91 -15.84
CA SER A 685 -33.04 -24.12 -16.01
C SER A 685 -32.84 -22.66 -15.62
N TYR A 686 -32.12 -22.41 -14.52
CA TYR A 686 -31.79 -21.04 -14.13
C TYR A 686 -30.84 -20.38 -15.12
N VAL A 687 -29.79 -21.07 -15.57
CA VAL A 687 -28.84 -20.48 -16.52
C VAL A 687 -29.53 -20.09 -17.82
N LEU A 688 -30.33 -20.98 -18.38
CA LEU A 688 -31.00 -20.74 -19.65
C LEU A 688 -32.10 -19.67 -19.53
N ASN A 689 -32.88 -19.67 -18.46
CA ASN A 689 -33.96 -18.69 -18.31
C ASN A 689 -33.45 -17.30 -17.93
N ASN A 690 -32.43 -17.19 -17.07
CA ASN A 690 -32.08 -15.92 -16.44
C ASN A 690 -30.71 -15.37 -16.83
N ILE A 691 -29.76 -16.19 -17.31
CA ILE A 691 -28.43 -15.72 -17.70
C ILE A 691 -28.34 -15.58 -19.21
N SER A 692 -28.40 -16.68 -19.95
CA SER A 692 -28.29 -16.65 -21.42
C SER A 692 -28.81 -17.93 -22.06
N LEU A 693 -29.46 -17.80 -23.22
CA LEU A 693 -29.76 -18.92 -24.09
C LEU A 693 -28.48 -19.38 -24.81
N THR A 694 -28.37 -20.66 -25.11
CA THR A 694 -27.28 -21.19 -25.92
C THR A 694 -27.70 -22.45 -26.69
N THR A 695 -27.04 -22.72 -27.82
CA THR A 695 -27.30 -23.92 -28.64
C THR A 695 -26.61 -25.18 -28.10
N GLN A 696 -25.58 -25.03 -27.27
CA GLN A 696 -24.77 -26.14 -26.78
C GLN A 696 -25.60 -27.13 -25.94
N PRO A 697 -25.29 -28.43 -25.97
CA PRO A 697 -25.92 -29.40 -25.09
C PRO A 697 -25.53 -29.14 -23.65
N TYR A 698 -26.38 -29.48 -22.69
CA TYR A 698 -26.17 -29.20 -21.27
C TYR A 698 -26.74 -30.28 -20.37
N PHE A 699 -26.24 -30.39 -19.14
CA PHE A 699 -26.85 -31.21 -18.09
C PHE A 699 -26.50 -30.71 -16.69
N ASP A 700 -27.33 -31.02 -15.71
CA ASP A 700 -27.10 -30.69 -14.30
C ASP A 700 -26.14 -31.70 -13.63
N SER A 701 -24.85 -31.40 -13.57
CA SER A 701 -23.90 -32.19 -12.78
C SER A 701 -24.01 -31.88 -11.30
N TYR A 702 -23.33 -32.65 -10.45
CA TYR A 702 -23.24 -32.36 -9.02
C TYR A 702 -22.69 -30.96 -8.73
N LEU A 703 -21.73 -30.49 -9.53
CA LEU A 703 -21.06 -29.20 -9.35
C LEU A 703 -21.88 -28.01 -9.86
N GLY A 704 -22.93 -28.24 -10.63
CA GLY A 704 -23.68 -27.20 -11.35
C GLY A 704 -23.91 -27.56 -12.81
N CYS A 705 -24.50 -26.64 -13.56
CA CYS A 705 -24.80 -26.86 -14.96
C CYS A 705 -23.54 -26.94 -15.81
N VAL A 706 -23.39 -28.00 -16.58
CA VAL A 706 -22.25 -28.22 -17.50
C VAL A 706 -22.73 -28.13 -18.94
N PHE A 707 -22.06 -27.32 -19.75
CA PHE A 707 -22.32 -27.14 -21.18
C PHE A 707 -21.22 -27.75 -22.03
N ASN A 708 -21.60 -28.29 -23.18
CA ASN A 708 -20.69 -28.80 -24.21
C ASN A 708 -19.82 -29.98 -23.75
N ALA A 709 -20.30 -30.78 -22.80
CA ALA A 709 -19.65 -32.02 -22.39
C ALA A 709 -20.67 -33.14 -22.20
N ASP A 710 -20.32 -34.35 -22.61
CA ASP A 710 -21.19 -35.52 -22.45
C ASP A 710 -21.17 -36.03 -21.00
N ASN A 711 -22.34 -36.24 -20.39
CA ASN A 711 -22.46 -36.78 -19.04
C ASN A 711 -22.08 -38.27 -19.00
N LEU A 712 -20.85 -38.59 -18.60
CA LEU A 712 -20.34 -39.96 -18.49
C LEU A 712 -19.74 -40.24 -17.11
N THR A 713 -20.38 -39.81 -16.02
CA THR A 713 -19.85 -40.04 -14.66
C THR A 713 -19.76 -41.51 -14.27
N ASP A 714 -20.42 -42.43 -14.96
CA ASP A 714 -20.18 -43.87 -14.77
C ASP A 714 -18.81 -44.33 -15.33
N TYR A 715 -18.22 -43.58 -16.25
CA TYR A 715 -16.84 -43.78 -16.68
C TYR A 715 -15.87 -43.17 -15.68
N SER A 716 -14.65 -43.69 -15.63
CA SER A 716 -13.63 -43.23 -14.70
C SER A 716 -12.26 -43.12 -15.33
N VAL A 717 -11.48 -42.11 -14.91
CA VAL A 717 -10.10 -41.89 -15.38
C VAL A 717 -9.13 -41.79 -14.22
N SER A 718 -7.95 -42.37 -14.37
CA SER A 718 -6.90 -42.38 -13.34
C SER A 718 -5.94 -41.21 -13.44
N SER A 719 -6.04 -40.40 -14.49
CA SER A 719 -5.29 -39.17 -14.65
C SER A 719 -6.19 -38.12 -15.29
N CYS A 720 -5.95 -36.86 -14.97
CA CYS A 720 -6.85 -35.78 -15.35
C CYS A 720 -6.11 -34.44 -15.39
N ALA A 721 -6.10 -33.78 -16.54
CA ALA A 721 -5.56 -32.43 -16.70
C ALA A 721 -6.56 -31.34 -16.32
N LEU A 722 -7.86 -31.61 -16.41
CA LEU A 722 -8.95 -30.65 -16.21
C LEU A 722 -9.80 -31.05 -15.00
N ARG A 723 -9.23 -30.89 -13.80
CA ARG A 723 -9.87 -31.32 -12.55
C ARG A 723 -10.91 -30.29 -12.11
N MET A 724 -12.18 -30.68 -12.04
CA MET A 724 -13.27 -29.73 -11.73
C MET A 724 -13.58 -29.63 -10.23
N GLY A 725 -13.25 -30.65 -9.45
CA GLY A 725 -13.57 -30.76 -8.02
C GLY A 725 -14.41 -32.00 -7.70
N SER A 726 -14.51 -32.36 -6.43
CA SER A 726 -15.32 -33.46 -5.90
C SER A 726 -15.19 -34.78 -6.67
N GLY A 727 -14.00 -35.09 -7.18
CA GLY A 727 -13.77 -36.32 -7.92
C GLY A 727 -14.33 -36.31 -9.34
N PHE A 728 -14.54 -35.14 -9.95
CA PHE A 728 -14.96 -35.01 -11.34
C PHE A 728 -13.88 -34.38 -12.21
N CYS A 729 -13.81 -34.86 -13.45
CA CYS A 729 -12.82 -34.51 -14.44
C CYS A 729 -13.50 -34.21 -15.77
N VAL A 730 -12.95 -33.29 -16.55
CA VAL A 730 -13.31 -33.13 -17.96
C VAL A 730 -12.23 -33.81 -18.80
N ASP A 731 -12.64 -34.75 -19.65
CA ASP A 731 -11.76 -35.55 -20.49
C ASP A 731 -12.02 -35.26 -21.96
N TYR A 732 -11.01 -34.99 -22.77
CA TYR A 732 -11.20 -34.67 -24.18
C TYR A 732 -10.73 -35.79 -25.10
N ASN A 733 -11.59 -36.26 -26.00
CA ASN A 733 -11.21 -37.18 -27.07
C ASN A 733 -10.49 -36.44 -28.20
N SER A 750 -14.88 -34.73 -28.74
CA SER A 750 -15.64 -33.93 -27.78
C SER A 750 -15.13 -34.05 -26.34
N TYR A 751 -15.56 -33.13 -25.48
CA TYR A 751 -15.40 -33.25 -24.04
C TYR A 751 -16.38 -34.23 -23.42
N ARG A 752 -15.93 -34.99 -22.43
CA ARG A 752 -16.76 -35.83 -21.57
C ARG A 752 -16.57 -35.43 -20.12
N PHE A 753 -17.63 -35.47 -19.33
CA PHE A 753 -17.59 -35.23 -17.90
C PHE A 753 -17.59 -36.58 -17.20
N VAL A 754 -16.50 -36.91 -16.51
CA VAL A 754 -16.22 -38.26 -16.00
C VAL A 754 -15.70 -38.20 -14.58
N THR A 755 -15.70 -39.32 -13.87
CA THR A 755 -15.15 -39.33 -12.51
C THR A 755 -13.64 -39.53 -12.51
N PHE A 756 -12.97 -38.93 -11.55
CA PHE A 756 -11.52 -39.01 -11.37
C PHE A 756 -11.22 -39.95 -10.21
N GLU A 757 -10.56 -41.07 -10.47
CA GLU A 757 -10.19 -42.09 -9.48
C GLU A 757 -8.70 -42.41 -9.61
N PRO A 758 -7.83 -41.58 -9.03
CA PRO A 758 -6.39 -41.70 -9.23
C PRO A 758 -5.78 -42.95 -8.60
N PHE A 759 -6.43 -43.56 -7.63
CA PHE A 759 -5.90 -44.70 -6.87
C PHE A 759 -6.86 -45.87 -6.82
N ASN A 760 -6.31 -47.08 -6.82
CA ASN A 760 -7.05 -48.33 -6.69
C ASN A 760 -6.48 -49.18 -5.57
N VAL A 761 -7.34 -50.04 -5.03
CA VAL A 761 -6.95 -51.25 -4.32
C VAL A 761 -6.40 -52.28 -5.28
N SER A 762 -5.32 -52.97 -4.92
CA SER A 762 -4.94 -54.21 -5.61
C SER A 762 -5.85 -55.35 -5.15
N PHE A 763 -6.52 -56.05 -6.06
CA PHE A 763 -7.43 -57.14 -5.70
C PHE A 763 -6.82 -58.51 -5.95
N VAL A 764 -7.00 -59.42 -5.00
CA VAL A 764 -6.71 -60.85 -5.11
C VAL A 764 -7.98 -61.65 -4.87
N ASN A 765 -8.15 -62.83 -5.46
CA ASN A 765 -9.36 -63.64 -5.29
C ASN A 765 -9.24 -64.75 -4.22
N ASP A 766 -8.20 -64.73 -3.40
CA ASP A 766 -7.99 -65.64 -2.28
C ASP A 766 -9.05 -65.53 -1.18
N SER A 767 -9.36 -66.61 -0.47
CA SER A 767 -10.36 -66.62 0.60
C SER A 767 -9.94 -65.83 1.83
N ILE A 768 -10.87 -65.09 2.45
CA ILE A 768 -10.62 -64.39 3.72
C ILE A 768 -10.77 -65.27 4.95
N GLU A 769 -11.39 -66.44 4.83
CA GLU A 769 -11.61 -67.35 5.95
C GLU A 769 -10.43 -68.29 6.15
N SER A 770 -10.14 -68.68 7.38
CA SER A 770 -9.22 -69.80 7.64
C SER A 770 -9.92 -71.14 7.37
N VAL A 771 -9.23 -72.06 6.70
CA VAL A 771 -9.67 -73.45 6.48
C VAL A 771 -8.83 -74.32 7.39
N GLY A 772 -9.47 -75.03 8.31
CA GLY A 772 -8.76 -75.49 9.50
C GLY A 772 -8.08 -74.31 10.19
N GLY A 773 -6.80 -74.43 10.51
CA GLY A 773 -5.99 -73.34 11.05
C GLY A 773 -5.23 -72.48 10.02
N LEU A 774 -5.44 -72.66 8.71
CA LEU A 774 -4.60 -72.06 7.66
C LEU A 774 -5.34 -71.01 6.83
N TYR A 775 -4.61 -70.01 6.35
CA TYR A 775 -5.12 -68.93 5.51
C TYR A 775 -4.49 -68.97 4.11
N GLU A 776 -5.22 -68.57 3.08
CA GLU A 776 -4.66 -68.42 1.73
C GLU A 776 -3.88 -67.11 1.59
N ILE A 777 -2.61 -67.18 1.23
CA ILE A 777 -1.74 -66.02 1.01
C ILE A 777 -1.03 -66.18 -0.33
N LYS A 778 -0.88 -65.11 -1.10
CA LYS A 778 0.03 -65.07 -2.24
C LYS A 778 1.42 -64.68 -1.78
N ILE A 779 2.38 -65.60 -1.89
CA ILE A 779 3.80 -65.36 -1.59
C ILE A 779 4.55 -65.23 -2.92
N PRO A 780 5.44 -64.25 -3.11
CA PRO A 780 6.26 -64.14 -4.31
C PRO A 780 7.08 -65.40 -4.58
N THR A 781 7.13 -65.85 -5.82
CA THR A 781 8.03 -66.93 -6.28
C THR A 781 9.20 -66.44 -7.10
N ASN A 782 9.17 -65.19 -7.54
CA ASN A 782 10.26 -64.57 -8.28
C ASN A 782 10.27 -63.06 -8.03
N PHE A 783 11.38 -62.38 -8.27
CA PHE A 783 11.53 -60.96 -7.96
C PHE A 783 12.54 -60.26 -8.86
N THR A 784 12.50 -58.94 -8.85
CA THR A 784 13.50 -58.07 -9.47
C THR A 784 13.75 -56.84 -8.59
N ILE A 785 14.78 -56.08 -8.89
CA ILE A 785 15.01 -54.79 -8.25
C ILE A 785 14.49 -53.70 -9.18
N VAL A 786 13.74 -52.75 -8.64
CA VAL A 786 13.27 -51.57 -9.37
C VAL A 786 13.85 -50.31 -8.76
N GLY A 787 14.16 -49.34 -9.61
CA GLY A 787 14.68 -48.04 -9.20
C GLY A 787 13.62 -46.98 -9.34
N GLN A 788 13.56 -46.04 -8.41
CA GLN A 788 12.67 -44.90 -8.44
C GLN A 788 13.45 -43.63 -8.14
N GLU A 789 13.27 -42.59 -8.95
CA GLU A 789 13.88 -41.29 -8.74
C GLU A 789 13.05 -40.44 -7.77
N GLU A 790 13.71 -39.60 -7.00
CA GLU A 790 13.06 -38.57 -6.19
C GLU A 790 13.94 -37.33 -6.15
N PHE A 791 13.55 -36.27 -6.84
CA PHE A 791 14.19 -34.96 -6.66
C PHE A 791 13.63 -34.28 -5.42
N ILE A 792 14.51 -33.78 -4.54
CA ILE A 792 14.12 -32.91 -3.43
C ILE A 792 14.84 -31.59 -3.57
N GLN A 793 14.08 -30.50 -3.64
CA GLN A 793 14.65 -29.16 -3.71
C GLN A 793 15.33 -28.80 -2.39
N THR A 794 16.56 -28.31 -2.42
CA THR A 794 17.28 -27.87 -1.22
C THR A 794 17.74 -26.41 -1.31
N ASN A 795 17.63 -25.80 -2.48
CA ASN A 795 18.10 -24.45 -2.76
C ASN A 795 17.14 -23.74 -3.70
N SER A 796 17.34 -22.45 -3.95
CA SER A 796 16.60 -21.70 -4.96
C SER A 796 17.46 -20.57 -5.51
N PRO A 797 17.16 -20.00 -6.68
CA PRO A 797 17.88 -18.83 -7.19
C PRO A 797 17.93 -17.69 -6.15
N LYS A 798 19.13 -17.23 -5.79
CA LYS A 798 19.32 -16.09 -4.88
C LYS A 798 18.99 -14.77 -5.58
N VAL A 799 17.72 -14.40 -5.59
CA VAL A 799 17.29 -13.11 -6.16
C VAL A 799 17.76 -11.98 -5.27
N THR A 800 18.33 -10.93 -5.85
CA THR A 800 18.69 -9.68 -5.17
C THR A 800 18.15 -8.50 -5.96
N ILE A 801 17.53 -7.55 -5.27
CA ILE A 801 16.92 -6.37 -5.88
C ILE A 801 17.65 -5.12 -5.42
N ASP A 802 18.08 -4.23 -6.32
CA ASP A 802 18.39 -2.86 -5.94
C ASP A 802 17.12 -2.02 -5.96
N CYS A 803 16.52 -1.81 -4.79
CA CYS A 803 15.28 -1.04 -4.67
C CYS A 803 15.39 0.35 -5.30
N SER A 804 16.52 1.05 -5.12
CA SER A 804 16.68 2.39 -5.68
C SER A 804 16.68 2.37 -7.20
N LEU A 805 17.41 1.44 -7.81
CA LEU A 805 17.49 1.33 -9.27
C LEU A 805 16.18 0.83 -9.86
N PHE A 806 15.50 -0.10 -9.19
CA PHE A 806 14.19 -0.59 -9.64
C PHE A 806 13.14 0.51 -9.59
N VAL A 807 12.99 1.22 -8.47
CA VAL A 807 11.94 2.22 -8.34
C VAL A 807 12.19 3.43 -9.23
N CYS A 808 13.41 3.97 -9.26
CA CYS A 808 13.70 5.27 -9.88
C CYS A 808 14.57 5.25 -11.13
N SER A 809 15.16 4.12 -11.53
CA SER A 809 16.09 4.09 -12.67
C SER A 809 17.19 5.17 -12.49
N ASN A 810 17.54 5.90 -13.55
CA ASN A 810 18.60 6.91 -13.53
C ASN A 810 18.12 8.33 -13.15
N TYR A 811 16.86 8.54 -12.78
CA TYR A 811 16.25 9.87 -12.70
C TYR A 811 16.39 10.55 -11.35
N ALA A 812 17.18 11.62 -11.27
CA ALA A 812 17.47 12.34 -10.03
C ALA A 812 16.20 12.87 -9.34
N ALA A 813 15.23 13.39 -10.10
CA ALA A 813 13.97 13.87 -9.55
C ALA A 813 13.18 12.77 -8.83
N CYS A 814 13.30 11.52 -9.27
CA CYS A 814 12.71 10.39 -8.55
C CYS A 814 13.55 10.02 -7.32
N HIS A 815 14.88 9.94 -7.43
CA HIS A 815 15.74 9.62 -6.27
C HIS A 815 15.55 10.59 -5.12
N ASP A 816 15.33 11.87 -5.41
CA ASP A 816 14.97 12.86 -4.41
C ASP A 816 13.69 12.46 -3.68
N LEU A 817 12.58 12.23 -4.38
CA LEU A 817 11.31 11.84 -3.76
C LEU A 817 11.40 10.52 -3.02
N LEU A 818 12.10 9.54 -3.57
CA LEU A 818 12.30 8.24 -2.91
C LEU A 818 13.07 8.41 -1.60
N SER A 819 14.02 9.34 -1.52
CA SER A 819 14.72 9.59 -0.26
C SER A 819 13.79 10.13 0.84
N GLU A 820 12.70 10.83 0.49
CA GLU A 820 11.70 11.26 1.48
C GLU A 820 10.78 10.13 1.98
N TYR A 821 10.76 8.98 1.30
CA TYR A 821 10.16 7.77 1.84
C TYR A 821 11.04 7.08 2.88
N GLY A 822 12.30 7.50 3.06
CA GLY A 822 13.16 6.98 4.11
C GLY A 822 13.46 5.49 3.97
N THR A 823 13.25 4.73 5.03
CA THR A 823 13.80 3.38 5.18
C THR A 823 13.20 2.32 4.27
N PHE A 824 12.16 2.56 3.47
CA PHE A 824 11.49 1.47 2.74
C PHE A 824 12.44 0.64 1.88
N CYS A 825 13.37 1.26 1.14
CA CYS A 825 14.38 0.48 0.43
C CYS A 825 15.36 -0.26 1.36
N ASP A 826 15.71 0.33 2.49
CA ASP A 826 16.55 -0.34 3.49
C ASP A 826 15.87 -1.58 4.07
N ASN A 827 14.56 -1.54 4.29
CA ASN A 827 13.80 -2.69 4.75
C ASN A 827 13.75 -3.79 3.69
N ILE A 828 13.48 -3.45 2.44
CA ILE A 828 13.48 -4.42 1.33
C ILE A 828 14.84 -5.10 1.21
N ASN A 829 15.94 -4.32 1.21
CA ASN A 829 17.28 -4.90 1.13
C ASN A 829 17.58 -5.79 2.33
N SER A 830 17.19 -5.37 3.54
CA SER A 830 17.47 -6.15 4.74
C SER A 830 16.74 -7.49 4.76
N ILE A 831 15.48 -7.53 4.35
CA ILE A 831 14.76 -8.81 4.28
C ILE A 831 15.38 -9.72 3.23
N LEU A 832 15.69 -9.21 2.03
CA LEU A 832 16.32 -10.06 1.02
C LEU A 832 17.70 -10.54 1.43
N ASP A 833 18.49 -9.75 2.13
CA ASP A 833 19.79 -10.21 2.65
C ASP A 833 19.64 -11.30 3.72
N GLU A 834 18.63 -11.20 4.58
CA GLU A 834 18.31 -12.28 5.52
C GLU A 834 17.91 -13.56 4.80
N VAL A 835 16.97 -13.47 3.84
CA VAL A 835 16.53 -14.61 3.05
C VAL A 835 17.70 -15.30 2.34
N ASN A 836 18.55 -14.53 1.67
CA ASN A 836 19.70 -15.10 1.00
C ASN A 836 20.72 -15.70 1.97
N GLY A 837 20.87 -15.16 3.18
CA GLY A 837 21.70 -15.77 4.22
C GLY A 837 21.14 -17.10 4.73
N LEU A 838 19.83 -17.25 4.80
CA LEU A 838 19.17 -18.52 5.12
C LEU A 838 19.42 -19.57 4.04
N LEU A 839 19.35 -19.20 2.76
CA LEU A 839 19.70 -20.11 1.67
C LEU A 839 21.16 -20.54 1.75
N ASP A 840 22.09 -19.62 1.94
CA ASP A 840 23.52 -19.95 2.08
C ASP A 840 23.78 -20.90 3.25
N THR A 841 23.20 -20.61 4.41
CA THR A 841 23.35 -21.48 5.58
C THR A 841 22.77 -22.86 5.33
N THR A 842 21.63 -22.93 4.65
CA THR A 842 21.02 -24.20 4.27
C THR A 842 21.92 -25.00 3.33
N GLN A 843 22.49 -24.37 2.30
CA GLN A 843 23.38 -25.08 1.38
C GLN A 843 24.61 -25.63 2.11
N LEU A 844 25.20 -24.87 3.04
CA LEU A 844 26.29 -25.38 3.87
C LEU A 844 25.88 -26.58 4.70
N HIS A 845 24.70 -26.54 5.33
CA HIS A 845 24.25 -27.65 6.17
C HIS A 845 23.98 -28.92 5.36
N VAL A 846 23.51 -28.80 4.12
CA VAL A 846 23.37 -29.94 3.21
C VAL A 846 24.72 -30.51 2.83
N ALA A 847 25.69 -29.68 2.45
CA ALA A 847 27.03 -30.17 2.12
C ALA A 847 27.70 -30.83 3.33
N ASP A 848 27.57 -30.25 4.52
CA ASP A 848 28.06 -30.87 5.75
C ASP A 848 27.42 -32.24 5.96
N THR A 849 26.12 -32.36 5.75
CA THR A 849 25.42 -33.63 5.86
C THR A 849 25.94 -34.67 4.86
N LEU A 850 26.23 -34.30 3.62
CA LEU A 850 26.83 -35.23 2.65
C LEU A 850 28.21 -35.67 3.09
N MET A 851 29.07 -34.77 3.57
CA MET A 851 30.45 -35.09 3.96
C MET A 851 30.59 -35.73 5.33
N GLN A 852 29.60 -35.64 6.20
CA GLN A 852 29.66 -36.18 7.55
C GLN A 852 30.11 -37.65 7.56
N GLY A 853 31.20 -37.93 8.26
CA GLY A 853 31.73 -39.28 8.46
C GLY A 853 32.44 -39.92 7.26
N VAL A 854 32.48 -39.29 6.08
CA VAL A 854 33.04 -39.92 4.88
C VAL A 854 34.55 -40.09 5.01
N THR A 855 35.03 -41.32 4.89
CA THR A 855 36.46 -41.65 4.89
C THR A 855 36.81 -42.43 3.63
N LEU A 856 37.77 -41.97 2.84
CA LEU A 856 38.17 -42.60 1.58
C LEU A 856 39.64 -43.00 1.61
N SER A 857 40.00 -44.06 0.90
CA SER A 857 41.42 -44.38 0.73
C SER A 857 42.09 -43.40 -0.23
N SER A 858 43.29 -42.92 0.10
CA SER A 858 44.11 -42.10 -0.80
C SER A 858 44.59 -42.88 -2.02
N ASN A 859 44.54 -44.21 -2.00
CA ASN A 859 44.84 -45.04 -3.17
C ASN A 859 43.71 -45.06 -4.19
N LEU A 860 42.51 -44.57 -3.85
CA LEU A 860 41.34 -44.62 -4.71
C LEU A 860 41.51 -43.75 -5.96
N ASN A 861 41.25 -44.32 -7.14
CA ASN A 861 41.39 -43.65 -8.42
C ASN A 861 40.22 -44.03 -9.34
N THR A 862 39.24 -43.14 -9.47
CA THR A 862 37.98 -43.43 -10.17
C THR A 862 38.15 -43.68 -11.68
N ASN A 863 39.31 -43.37 -12.24
CA ASN A 863 39.67 -43.72 -13.62
C ASN A 863 39.86 -45.24 -13.81
N LEU A 864 40.09 -46.00 -12.74
CA LEU A 864 40.28 -47.45 -12.77
C LEU A 864 39.28 -48.18 -11.85
N HIS A 865 38.92 -47.57 -10.72
CA HIS A 865 38.08 -48.15 -9.68
C HIS A 865 36.63 -47.66 -9.84
N PHE A 866 35.78 -48.44 -10.52
CA PHE A 866 34.42 -48.01 -10.85
C PHE A 866 33.34 -49.10 -10.74
N ASP A 867 33.71 -50.35 -10.53
CA ASP A 867 32.75 -51.44 -10.35
C ASP A 867 33.30 -52.49 -9.37
N VAL A 868 32.41 -53.14 -8.61
CA VAL A 868 32.78 -54.17 -7.63
C VAL A 868 31.63 -55.17 -7.49
N ASP A 869 31.94 -56.44 -7.25
CA ASP A 869 30.93 -57.49 -7.06
C ASP A 869 29.89 -57.60 -8.18
N ASN A 870 30.31 -57.35 -9.43
CA ASN A 870 29.47 -57.26 -10.62
C ASN A 870 28.51 -56.06 -10.70
N ILE A 871 28.55 -55.10 -9.77
CA ILE A 871 27.72 -53.90 -9.82
C ILE A 871 28.55 -52.73 -10.34
N ASN A 872 28.00 -51.98 -11.29
CA ASN A 872 28.71 -50.93 -12.01
C ASN A 872 28.26 -49.54 -11.52
N PHE A 873 29.21 -48.74 -11.02
CA PHE A 873 28.94 -47.39 -10.53
C PHE A 873 29.55 -46.30 -11.41
N LYS A 874 30.13 -46.65 -12.57
CA LYS A 874 30.90 -45.70 -13.40
C LYS A 874 30.11 -44.43 -13.70
N SER A 875 28.81 -44.53 -13.95
CA SER A 875 28.01 -43.34 -14.25
C SER A 875 27.70 -42.47 -13.04
N LEU A 876 27.74 -43.00 -11.82
CA LEU A 876 27.44 -42.26 -10.60
C LEU A 876 28.65 -41.55 -9.99
N VAL A 877 29.85 -41.83 -10.49
CA VAL A 877 31.11 -41.35 -9.92
C VAL A 877 31.83 -40.41 -10.87
N GLY A 878 32.08 -39.18 -10.45
CA GLY A 878 32.87 -38.22 -11.22
C GLY A 878 34.38 -38.36 -11.01
N CYS A 879 35.12 -37.33 -11.41
CA CYS A 879 36.52 -37.18 -11.02
C CYS A 879 36.67 -36.95 -9.50
N LEU A 880 37.57 -37.71 -8.86
CA LEU A 880 37.88 -37.60 -7.44
C LEU A 880 39.28 -36.98 -7.21
N GLY A 881 39.36 -35.99 -6.33
CA GLY A 881 40.58 -35.23 -6.04
C GLY A 881 40.78 -34.01 -6.96
N PRO A 882 41.61 -33.03 -6.55
CA PRO A 882 41.71 -31.74 -7.22
C PRO A 882 42.49 -31.77 -8.55
N HIS A 883 43.24 -32.84 -8.81
CA HIS A 883 44.05 -33.01 -10.03
C HIS A 883 43.24 -33.02 -11.34
N CYS A 884 41.93 -33.33 -11.26
CA CYS A 884 41.01 -33.29 -12.38
C CYS A 884 40.20 -31.98 -12.48
N GLY A 885 40.34 -31.06 -11.52
CA GLY A 885 39.62 -29.79 -11.49
C GLY A 885 38.10 -29.93 -11.29
N SER A 886 37.32 -29.04 -11.90
CA SER A 886 35.85 -28.99 -11.77
C SER A 886 35.09 -30.12 -12.48
N SER A 887 35.78 -31.03 -13.17
CA SER A 887 35.23 -32.23 -13.82
C SER A 887 34.64 -33.27 -12.84
N SER A 888 34.58 -32.99 -11.53
CA SER A 888 34.04 -33.91 -10.54
C SER A 888 32.54 -34.24 -10.70
N ARG A 889 31.82 -33.64 -11.65
CA ARG A 889 30.45 -34.04 -11.98
C ARG A 889 30.41 -35.42 -12.63
N SER A 890 29.54 -36.31 -12.15
CA SER A 890 29.40 -37.67 -12.70
C SER A 890 28.67 -37.68 -14.04
N PHE A 891 28.72 -38.78 -14.79
CA PHE A 891 27.94 -38.90 -16.02
C PHE A 891 26.43 -38.76 -15.78
N PHE A 892 25.93 -39.30 -14.68
CA PHE A 892 24.54 -39.16 -14.29
C PHE A 892 24.18 -37.70 -14.04
N GLU A 893 25.00 -36.98 -13.27
CA GLU A 893 24.76 -35.57 -12.99
C GLU A 893 24.93 -34.71 -14.25
N ASP A 894 25.90 -35.00 -15.10
CA ASP A 894 26.05 -34.34 -16.41
C ASP A 894 24.78 -34.48 -17.24
N LEU A 895 24.25 -35.69 -17.37
CA LEU A 895 23.02 -35.96 -18.11
C LEU A 895 21.82 -35.22 -17.50
N LEU A 896 21.79 -35.00 -16.19
CA LEU A 896 20.72 -34.27 -15.52
C LEU A 896 20.86 -32.76 -15.67
N PHE A 897 22.07 -32.22 -15.56
CA PHE A 897 22.33 -30.78 -15.70
C PHE A 897 22.18 -30.30 -17.15
N ASP A 898 22.54 -31.10 -18.15
CA ASP A 898 22.41 -30.71 -19.56
C ASP A 898 20.97 -30.40 -20.00
N LYS A 899 19.96 -30.90 -19.27
CA LYS A 899 18.54 -30.66 -19.55
C LYS A 899 17.96 -29.44 -18.84
N VAL A 900 18.78 -28.64 -18.15
CA VAL A 900 18.35 -27.46 -17.39
C VAL A 900 19.26 -26.28 -17.71
N LYS A 901 18.78 -25.33 -18.51
CA LYS A 901 19.59 -24.20 -18.98
C LYS A 901 20.07 -23.29 -17.84
N LEU A 902 19.17 -22.89 -16.93
CA LEU A 902 19.45 -21.91 -15.87
C LEU A 902 19.83 -22.54 -14.53
N SER A 903 20.86 -23.39 -14.54
CA SER A 903 21.60 -23.70 -13.30
C SER A 903 22.46 -22.51 -12.87
N ASP A 904 23.27 -22.65 -11.82
CA ASP A 904 24.19 -21.60 -11.38
C ASP A 904 25.13 -21.13 -12.51
N VAL A 905 25.81 -22.05 -13.20
CA VAL A 905 26.67 -21.69 -14.33
C VAL A 905 25.86 -21.14 -15.49
N GLY A 906 24.62 -21.56 -15.66
CA GLY A 906 23.71 -21.02 -16.65
C GLY A 906 23.39 -19.55 -16.41
N PHE A 907 23.11 -19.17 -15.17
CA PHE A 907 22.92 -17.77 -14.83
C PHE A 907 24.21 -16.97 -15.01
N VAL A 908 25.35 -17.47 -14.56
CA VAL A 908 26.62 -16.77 -14.74
C VAL A 908 26.91 -16.53 -16.23
N GLU A 909 26.69 -17.51 -17.10
CA GLU A 909 26.88 -17.29 -18.54
C GLU A 909 25.86 -16.31 -19.13
N ALA A 910 24.59 -16.37 -18.73
CA ALA A 910 23.60 -15.44 -19.27
C ALA A 910 23.95 -13.99 -18.93
N TYR A 911 24.30 -13.71 -17.67
CA TYR A 911 24.71 -12.36 -17.30
C TYR A 911 26.03 -11.95 -17.93
N ASN A 912 26.98 -12.88 -18.14
CA ASN A 912 28.22 -12.55 -18.86
C ASN A 912 27.93 -12.06 -20.28
N ASN A 913 26.85 -12.51 -20.92
CA ASN A 913 26.51 -12.11 -22.27
C ASN A 913 25.80 -10.75 -22.37
N CYS A 914 25.41 -10.10 -21.27
CA CYS A 914 24.67 -8.84 -21.35
C CYS A 914 25.47 -7.67 -21.95
N THR A 915 26.80 -7.67 -21.82
CA THR A 915 27.68 -6.68 -22.47
C THR A 915 28.36 -7.23 -23.73
N GLY A 916 27.93 -8.38 -24.25
CA GLY A 916 28.49 -9.00 -25.46
C GLY A 916 28.07 -8.32 -26.78
N GLY A 917 27.17 -7.35 -26.74
CA GLY A 917 26.67 -6.64 -27.92
C GLY A 917 25.70 -7.44 -28.80
N SER A 918 25.24 -8.61 -28.33
CA SER A 918 24.36 -9.50 -29.07
C SER A 918 23.02 -8.83 -29.42
N GLU A 919 22.51 -9.06 -30.63
CA GLU A 919 21.18 -8.58 -31.05
C GLU A 919 20.03 -9.29 -30.31
N ILE A 920 20.30 -10.39 -29.63
CA ILE A 920 19.31 -11.11 -28.83
C ILE A 920 19.02 -10.36 -27.52
N ARG A 921 17.75 -10.01 -27.31
CA ARG A 921 17.29 -9.25 -26.13
C ARG A 921 16.85 -10.19 -25.01
N ASP A 922 17.82 -10.78 -24.31
CA ASP A 922 17.55 -11.68 -23.19
C ASP A 922 16.84 -10.94 -22.05
N LEU A 923 15.69 -11.44 -21.60
CA LEU A 923 14.98 -10.86 -20.46
C LEU A 923 15.84 -10.84 -19.20
N LEU A 924 16.79 -11.76 -19.02
CA LEU A 924 17.70 -11.68 -17.88
C LEU A 924 18.54 -10.40 -17.91
N CYS A 925 18.97 -9.94 -19.08
CA CYS A 925 19.70 -8.68 -19.16
C CYS A 925 18.79 -7.50 -18.82
N VAL A 926 17.58 -7.45 -19.38
CA VAL A 926 16.62 -6.38 -19.06
C VAL A 926 16.28 -6.36 -17.57
N GLN A 927 16.09 -7.52 -16.94
CA GLN A 927 15.90 -7.61 -15.49
C GLN A 927 17.10 -7.04 -14.76
N SER A 928 18.32 -7.46 -15.12
CA SER A 928 19.52 -6.99 -14.41
C SER A 928 19.72 -5.48 -14.54
N PHE A 929 19.45 -4.90 -15.71
CA PHE A 929 19.56 -3.46 -15.90
C PHE A 929 18.49 -2.68 -15.16
N ASN A 930 17.39 -3.33 -14.79
CA ASN A 930 16.39 -2.76 -13.89
C ASN A 930 16.60 -3.16 -12.42
N GLY A 931 17.78 -3.68 -12.08
CA GLY A 931 18.17 -3.96 -10.71
C GLY A 931 17.69 -5.29 -10.15
N ILE A 932 17.14 -6.19 -10.98
CA ILE A 932 16.71 -7.53 -10.57
C ILE A 932 17.75 -8.52 -11.06
N LYS A 933 18.46 -9.21 -10.17
CA LYS A 933 19.54 -10.13 -10.58
C LYS A 933 19.57 -11.38 -9.71
N VAL A 934 19.98 -12.51 -10.27
CA VAL A 934 20.19 -13.75 -9.53
C VAL A 934 21.68 -13.92 -9.27
N LEU A 935 22.09 -13.98 -8.00
CA LEU A 935 23.48 -14.24 -7.64
C LEU A 935 23.77 -15.74 -7.63
N PRO A 936 25.02 -16.17 -7.85
CA PRO A 936 25.40 -17.56 -7.68
C PRO A 936 25.36 -17.97 -6.19
N PRO A 937 25.12 -19.25 -5.88
CA PRO A 937 25.17 -19.78 -4.52
C PRO A 937 26.59 -19.78 -3.98
N ILE A 938 26.78 -19.80 -2.66
CA ILE A 938 28.13 -19.74 -2.08
C ILE A 938 29.00 -20.94 -2.41
N LEU A 939 28.42 -22.13 -2.57
CA LEU A 939 29.12 -23.29 -3.09
C LEU A 939 28.65 -23.56 -4.52
N SER A 940 29.58 -23.75 -5.45
CA SER A 940 29.21 -24.05 -6.83
C SER A 940 28.61 -25.44 -6.94
N GLU A 941 27.75 -25.68 -7.92
CA GLU A 941 27.19 -27.02 -8.12
C GLU A 941 28.29 -28.06 -8.41
N SER A 942 29.42 -27.65 -8.99
CA SER A 942 30.57 -28.55 -9.15
C SER A 942 31.15 -29.01 -7.81
N GLN A 943 31.19 -28.17 -6.78
CA GLN A 943 31.58 -28.63 -5.45
C GLN A 943 30.58 -29.63 -4.88
N ILE A 944 29.28 -29.35 -4.97
CA ILE A 944 28.27 -30.26 -4.46
C ILE A 944 28.35 -31.61 -5.19
N SER A 945 28.53 -31.60 -6.51
CA SER A 945 28.77 -32.80 -7.30
C SER A 945 30.04 -33.56 -6.88
N GLY A 946 31.04 -32.87 -6.37
CA GLY A 946 32.20 -33.50 -5.75
C GLY A 946 31.82 -34.18 -4.44
N TYR A 947 31.01 -33.54 -3.61
CA TYR A 947 30.53 -34.14 -2.36
C TYR A 947 29.63 -35.34 -2.59
N THR A 948 28.69 -35.30 -3.54
CA THR A 948 27.87 -36.48 -3.87
C THR A 948 28.70 -37.60 -4.47
N THR A 949 29.73 -37.30 -5.27
CA THR A 949 30.68 -38.31 -5.74
C THR A 949 31.40 -38.97 -4.58
N ALA A 950 32.00 -38.19 -3.67
CA ALA A 950 32.69 -38.75 -2.51
C ALA A 950 31.76 -39.58 -1.61
N ALA A 951 30.55 -39.08 -1.32
CA ALA A 951 29.58 -39.84 -0.55
C ALA A 951 29.16 -41.15 -1.24
N THR A 952 29.17 -41.20 -2.57
CA THR A 952 28.88 -42.43 -3.32
C THR A 952 30.01 -43.43 -3.21
N VAL A 953 31.25 -43.04 -3.52
CA VAL A 953 32.38 -43.98 -3.45
C VAL A 953 32.68 -44.46 -2.03
N ALA A 954 32.25 -43.72 -1.01
CA ALA A 954 32.34 -44.14 0.38
C ALA A 954 31.55 -45.41 0.71
N ALA A 955 30.59 -45.82 -0.11
CA ALA A 955 29.92 -47.11 0.02
C ALA A 955 30.61 -48.21 -0.79
N MET A 956 31.49 -47.90 -1.75
CA MET A 956 32.01 -48.86 -2.72
C MET A 956 33.23 -49.64 -2.23
N PHE A 957 34.14 -49.01 -1.51
CA PHE A 957 35.44 -49.60 -1.17
C PHE A 957 35.76 -49.43 0.31
N PRO A 958 36.63 -50.27 0.90
CA PRO A 958 36.99 -50.14 2.31
C PRO A 958 37.53 -48.73 2.60
N PRO A 959 37.18 -48.12 3.74
CA PRO A 959 36.50 -48.71 4.89
C PRO A 959 34.97 -48.77 4.84
N TRP A 960 34.34 -48.53 3.68
CA TRP A 960 32.88 -48.55 3.52
C TRP A 960 32.14 -47.62 4.47
N SER A 961 32.64 -46.41 4.67
CA SER A 961 32.17 -45.53 5.75
C SER A 961 30.71 -45.09 5.63
N ALA A 962 30.12 -45.19 4.43
CA ALA A 962 28.70 -44.91 4.18
C ALA A 962 27.83 -46.18 4.06
N ALA A 963 28.40 -47.37 4.19
CA ALA A 963 27.72 -48.66 3.97
C ALA A 963 27.88 -49.58 5.19
N ALA A 964 27.74 -49.01 6.39
CA ALA A 964 27.79 -49.76 7.64
C ALA A 964 29.08 -50.57 7.85
N GLY A 965 30.16 -50.22 7.18
CA GLY A 965 31.44 -50.91 7.32
C GLY A 965 31.49 -52.31 6.69
N ILE A 966 30.68 -52.61 5.67
CA ILE A 966 30.75 -53.87 4.92
C ILE A 966 30.65 -53.64 3.41
N PRO A 967 31.13 -54.58 2.57
CA PRO A 967 31.00 -54.49 1.12
C PRO A 967 29.58 -54.21 0.66
N PHE A 968 29.43 -53.40 -0.40
CA PHE A 968 28.13 -52.96 -0.89
C PHE A 968 27.22 -54.13 -1.25
N SER A 969 27.73 -55.16 -1.94
CA SER A 969 26.91 -56.30 -2.32
C SER A 969 26.37 -57.07 -1.12
N LEU A 970 27.17 -57.23 -0.06
CA LEU A 970 26.71 -57.86 1.17
C LEU A 970 25.68 -56.99 1.86
N ASN A 971 25.84 -55.68 1.86
CA ASN A 971 24.81 -54.80 2.42
C ASN A 971 23.49 -54.93 1.65
N VAL A 972 23.52 -54.96 0.31
CA VAL A 972 22.32 -55.23 -0.50
C VAL A 972 21.72 -56.58 -0.14
N GLN A 973 22.53 -57.63 -0.06
CA GLN A 973 22.05 -58.95 0.28
C GLN A 973 21.39 -58.97 1.66
N TYR A 974 22.02 -58.42 2.68
CA TYR A 974 21.42 -58.39 4.02
C TYR A 974 20.16 -57.56 4.07
N ARG A 975 20.08 -56.44 3.35
CA ARG A 975 18.86 -55.66 3.25
C ARG A 975 17.74 -56.45 2.61
N ILE A 976 17.98 -57.16 1.50
CA ILE A 976 16.94 -58.00 0.91
C ILE A 976 16.55 -59.12 1.87
N ASN A 977 17.50 -59.77 2.52
CA ASN A 977 17.17 -60.81 3.50
C ASN A 977 16.27 -60.28 4.62
N GLY A 978 16.51 -59.05 5.08
CA GLY A 978 15.69 -58.39 6.09
C GLY A 978 14.22 -58.20 5.70
N LEU A 979 13.87 -58.29 4.42
CA LEU A 979 12.48 -58.23 3.96
C LEU A 979 11.73 -59.56 4.13
N GLY A 980 12.39 -60.63 4.59
CA GLY A 980 11.79 -61.96 4.61
C GLY A 980 12.11 -62.80 3.39
N VAL A 981 13.34 -62.71 2.89
CA VAL A 981 13.86 -63.55 1.81
C VAL A 981 14.98 -64.42 2.35
N THR A 982 14.94 -65.73 2.17
CA THR A 982 16.00 -66.61 2.72
C THR A 982 17.36 -66.31 2.11
N MET A 983 18.43 -66.37 2.88
CA MET A 983 19.77 -66.06 2.37
C MET A 983 20.20 -67.05 1.28
N ASP A 984 19.68 -68.27 1.32
CA ASP A 984 20.06 -69.36 0.44
C ASP A 984 19.76 -69.08 -1.03
N VAL A 985 18.67 -68.37 -1.33
CA VAL A 985 18.42 -67.92 -2.71
C VAL A 985 19.31 -66.73 -3.04
N LEU A 986 19.52 -65.81 -2.10
CA LEU A 986 20.29 -64.60 -2.36
C LEU A 986 21.72 -64.91 -2.76
N ASN A 987 22.42 -65.72 -1.97
CA ASN A 987 23.84 -65.95 -2.25
C ASN A 987 24.10 -66.92 -3.40
N LYS A 988 23.08 -67.59 -3.95
CA LYS A 988 23.21 -68.29 -5.24
C LYS A 988 22.78 -67.44 -6.44
N ASN A 989 21.84 -66.52 -6.27
CA ASN A 989 21.40 -65.59 -7.31
C ASN A 989 22.19 -64.27 -7.35
N GLN A 990 23.39 -64.19 -6.75
CA GLN A 990 24.10 -62.92 -6.61
C GLN A 990 24.30 -62.19 -7.95
N LYS A 991 24.68 -62.91 -9.01
CA LYS A 991 24.79 -62.34 -10.36
C LYS A 991 23.47 -61.76 -10.87
N LEU A 992 22.35 -62.46 -10.65
CA LEU A 992 21.03 -61.98 -11.08
C LEU A 992 20.61 -60.75 -10.29
N ILE A 993 20.96 -60.69 -9.00
CA ILE A 993 20.69 -59.50 -8.19
C ILE A 993 21.54 -58.32 -8.66
N ALA A 994 22.84 -58.50 -8.90
CA ALA A 994 23.68 -57.43 -9.39
C ALA A 994 23.22 -56.89 -10.75
N THR A 995 22.92 -57.78 -11.69
CA THR A 995 22.37 -57.38 -13.00
C THR A 995 21.00 -56.71 -12.89
N ALA A 996 20.12 -57.17 -11.99
CA ALA A 996 18.88 -56.45 -11.74
C ALA A 996 19.16 -55.04 -11.20
N PHE A 997 20.13 -54.90 -10.30
CA PHE A 997 20.48 -53.60 -9.71
C PHE A 997 20.98 -52.63 -10.78
N ASN A 998 22.00 -52.99 -11.55
CA ASN A 998 22.52 -52.06 -12.55
C ASN A 998 21.55 -51.85 -13.73
N ASN A 999 20.69 -52.81 -14.06
CA ASN A 999 19.57 -52.55 -14.97
C ASN A 999 18.60 -51.50 -14.42
N ALA A 1000 18.28 -51.54 -13.13
CA ALA A 1000 17.44 -50.51 -12.53
C ALA A 1000 18.10 -49.14 -12.64
N LEU A 1001 19.39 -49.02 -12.36
CA LEU A 1001 20.12 -47.77 -12.51
C LEU A 1001 20.11 -47.25 -13.95
N LEU A 1002 20.34 -48.12 -14.94
CA LEU A 1002 20.22 -47.74 -16.34
C LEU A 1002 18.79 -47.29 -16.69
N SER A 1003 17.77 -47.94 -16.14
CA SER A 1003 16.38 -47.50 -16.38
C SER A 1003 16.10 -46.12 -15.80
N ILE A 1004 16.68 -45.77 -14.65
CA ILE A 1004 16.59 -44.42 -14.09
C ILE A 1004 17.25 -43.43 -15.05
N GLN A 1005 18.47 -43.70 -15.52
CA GLN A 1005 19.15 -42.79 -16.45
C GLN A 1005 18.35 -42.60 -17.74
N ASN A 1006 17.89 -43.68 -18.35
CA ASN A 1006 17.12 -43.60 -19.59
C ASN A 1006 15.79 -42.85 -19.40
N GLY A 1007 15.20 -42.98 -18.21
CA GLY A 1007 13.93 -42.34 -17.85
C GLY A 1007 13.95 -40.81 -17.91
N PHE A 1008 15.10 -40.14 -17.88
CA PHE A 1008 15.16 -38.68 -18.06
C PHE A 1008 14.91 -38.22 -19.50
N SER A 1009 15.00 -39.11 -20.50
CA SER A 1009 14.68 -38.77 -21.89
C SER A 1009 13.16 -38.68 -22.14
N ALA A 1010 12.37 -39.45 -21.40
CA ALA A 1010 10.90 -39.37 -21.36
C ALA A 1010 10.43 -38.12 -20.58
N PRO A 1011 9.12 -37.80 -20.56
CA PRO A 1011 8.56 -36.76 -19.70
C PRO A 1011 8.58 -37.17 -18.21
N ASN A 1012 9.78 -37.15 -17.63
CA ASN A 1012 10.08 -37.60 -16.29
C ASN A 1012 9.56 -36.64 -15.21
N SER A 1013 8.88 -37.15 -14.19
CA SER A 1013 8.33 -36.31 -13.12
C SER A 1013 9.39 -35.62 -12.27
N ALA A 1014 10.56 -36.21 -12.06
CA ALA A 1014 11.65 -35.53 -11.35
C ALA A 1014 12.20 -34.38 -12.19
N LEU A 1015 12.49 -34.61 -13.47
CA LEU A 1015 12.96 -33.56 -14.35
C LEU A 1015 11.93 -32.43 -14.50
N ALA A 1016 10.64 -32.79 -14.58
CA ALA A 1016 9.56 -31.81 -14.57
C ALA A 1016 9.60 -30.94 -13.31
N LYS A 1017 9.81 -31.55 -12.14
CA LYS A 1017 9.94 -30.81 -10.89
C LYS A 1017 11.13 -29.88 -10.90
N ILE A 1018 12.30 -30.32 -11.38
CA ILE A 1018 13.48 -29.47 -11.46
C ILE A 1018 13.21 -28.27 -12.38
N GLN A 1019 12.71 -28.50 -13.59
CA GLN A 1019 12.34 -27.40 -14.49
C GLN A 1019 11.29 -26.48 -13.87
N SER A 1020 10.33 -26.99 -13.11
CA SER A 1020 9.35 -26.13 -12.44
C SER A 1020 9.97 -25.17 -11.42
N VAL A 1021 11.11 -25.52 -10.81
CA VAL A 1021 11.83 -24.60 -9.93
C VAL A 1021 12.36 -23.41 -10.72
N VAL A 1022 13.02 -23.65 -11.84
CA VAL A 1022 13.50 -22.59 -12.73
C VAL A 1022 12.34 -21.78 -13.31
N ASN A 1023 11.29 -22.44 -13.81
CA ASN A 1023 10.15 -21.76 -14.41
C ASN A 1023 9.43 -20.85 -13.42
N SER A 1024 9.14 -21.32 -12.21
CA SER A 1024 8.48 -20.49 -11.20
C SER A 1024 9.32 -19.27 -10.83
N ASN A 1025 10.64 -19.41 -10.70
CA ASN A 1025 11.51 -18.27 -10.48
C ASN A 1025 11.44 -17.28 -11.65
N ALA A 1026 11.62 -17.75 -12.88
CA ALA A 1026 11.60 -16.88 -14.06
C ALA A 1026 10.26 -16.16 -14.22
N GLN A 1027 9.15 -16.84 -13.94
CA GLN A 1027 7.82 -16.23 -13.90
C GLN A 1027 7.73 -15.13 -12.85
N ALA A 1028 8.20 -15.35 -11.63
CA ALA A 1028 8.13 -14.34 -10.58
C ALA A 1028 8.97 -13.11 -10.94
N LEU A 1029 10.20 -13.29 -11.44
CA LEU A 1029 11.02 -12.16 -11.89
C LEU A 1029 10.37 -11.43 -13.06
N ASN A 1030 9.80 -12.14 -14.02
CA ASN A 1030 9.11 -11.52 -15.13
C ASN A 1030 7.91 -10.69 -14.66
N SER A 1031 7.10 -11.19 -13.73
CA SER A 1031 6.02 -10.40 -13.16
C SER A 1031 6.54 -9.15 -12.46
N LEU A 1032 7.62 -9.27 -11.68
CA LEU A 1032 8.22 -8.10 -11.03
C LEU A 1032 8.74 -7.08 -12.05
N LEU A 1033 9.34 -7.49 -13.16
CA LEU A 1033 9.72 -6.56 -14.22
C LEU A 1033 8.49 -5.90 -14.86
N GLN A 1034 7.43 -6.66 -15.15
CA GLN A 1034 6.21 -6.10 -15.72
C GLN A 1034 5.59 -5.04 -14.83
N GLN A 1035 5.81 -5.06 -13.51
CA GLN A 1035 5.32 -4.02 -12.62
C GLN A 1035 5.90 -2.65 -12.95
N LEU A 1036 7.04 -2.54 -13.63
CA LEU A 1036 7.56 -1.24 -14.03
C LEU A 1036 6.71 -0.55 -15.09
N PHE A 1037 5.96 -1.29 -15.89
CA PHE A 1037 5.15 -0.74 -16.99
C PHE A 1037 3.71 -0.40 -16.62
N ASN A 1038 3.24 -0.74 -15.43
CA ASN A 1038 1.93 -0.30 -14.94
C ASN A 1038 1.94 1.22 -14.67
N LYS A 1039 0.83 1.90 -14.95
CA LYS A 1039 0.73 3.35 -14.71
C LYS A 1039 0.32 3.71 -13.29
N PHE A 1040 -0.35 2.82 -12.56
CA PHE A 1040 -0.84 3.10 -11.20
C PHE A 1040 -1.65 4.39 -11.11
N GLY A 1041 -2.41 4.71 -12.15
CA GLY A 1041 -3.20 5.95 -12.25
C GLY A 1041 -2.42 7.22 -12.56
N ALA A 1042 -1.10 7.18 -12.74
CA ALA A 1042 -0.34 8.30 -13.28
C ALA A 1042 -0.58 8.48 -14.80
N ILE A 1043 -0.18 9.62 -15.36
CA ILE A 1043 -0.33 9.90 -16.79
C ILE A 1043 0.49 8.97 -17.70
N SER A 1044 1.56 8.36 -17.18
CA SER A 1044 2.41 7.42 -17.90
C SER A 1044 3.16 6.53 -16.92
N SER A 1045 3.62 5.36 -17.36
CA SER A 1045 4.50 4.49 -16.60
C SER A 1045 5.98 4.81 -16.80
N SER A 1046 6.33 5.77 -17.66
CA SER A 1046 7.72 6.13 -17.94
C SER A 1046 8.10 7.42 -17.25
N LEU A 1047 9.16 7.39 -16.44
CA LEU A 1047 9.71 8.59 -15.83
C LEU A 1047 10.25 9.56 -16.89
N GLN A 1048 10.75 9.06 -18.01
CA GLN A 1048 11.19 9.92 -19.13
C GLN A 1048 10.03 10.75 -19.66
N GLU A 1049 8.84 10.17 -19.82
CA GLU A 1049 7.69 10.90 -20.33
C GLU A 1049 7.18 11.91 -19.31
N ILE A 1050 7.05 11.54 -18.04
CA ILE A 1050 6.59 12.50 -17.03
C ILE A 1050 7.55 13.70 -16.96
N LEU A 1051 8.84 13.47 -16.84
CA LEU A 1051 9.83 14.54 -16.68
C LEU A 1051 10.03 15.38 -17.95
N SER A 1052 9.60 14.88 -19.12
CA SER A 1052 9.58 15.66 -20.36
C SER A 1052 8.21 16.29 -20.66
N ARG A 1053 7.19 16.08 -19.82
CA ARG A 1053 5.87 16.73 -19.95
C ARG A 1053 5.58 17.75 -18.87
N LEU A 1054 6.06 17.58 -17.64
CA LEU A 1054 5.66 18.41 -16.50
C LEU A 1054 6.87 18.98 -15.76
N ASP A 1055 6.69 20.15 -15.14
CA ASP A 1055 7.66 20.73 -14.22
C ASP A 1055 7.51 20.17 -12.79
N PRO A 1056 8.54 20.32 -11.94
CA PRO A 1056 8.60 19.73 -10.61
C PRO A 1056 7.31 19.73 -9.78
N PRO A 1057 6.53 20.82 -9.66
CA PRO A 1057 5.32 20.83 -8.85
C PRO A 1057 4.28 19.79 -9.24
N GLU A 1058 4.12 19.48 -10.53
CA GLU A 1058 3.17 18.45 -10.98
C GLU A 1058 3.87 17.12 -11.25
N ALA A 1059 5.11 17.15 -11.77
CA ALA A 1059 5.88 15.94 -11.98
C ALA A 1059 6.03 15.17 -10.66
N GLN A 1060 6.24 15.87 -9.54
CA GLN A 1060 6.23 15.28 -8.22
C GLN A 1060 4.96 14.48 -7.94
N VAL A 1061 3.79 15.04 -8.24
CA VAL A 1061 2.52 14.35 -7.99
C VAL A 1061 2.42 13.06 -8.81
N GLN A 1062 2.86 13.06 -10.06
CA GLN A 1062 2.85 11.85 -10.88
C GLN A 1062 3.89 10.83 -10.43
N ILE A 1063 5.13 11.26 -10.21
CA ILE A 1063 6.22 10.37 -9.79
C ILE A 1063 5.89 9.72 -8.45
N ASP A 1064 5.26 10.45 -7.53
CA ASP A 1064 4.86 9.89 -6.25
C ASP A 1064 3.85 8.74 -6.39
N ARG A 1065 2.97 8.77 -7.40
CA ARG A 1065 2.09 7.63 -7.69
C ARG A 1065 2.88 6.42 -8.16
N LEU A 1066 3.86 6.63 -9.04
CA LEU A 1066 4.72 5.54 -9.50
C LEU A 1066 5.56 4.97 -8.35
N ILE A 1067 6.13 5.81 -7.49
CA ILE A 1067 6.88 5.35 -6.32
C ILE A 1067 6.00 4.48 -5.42
N ASN A 1068 4.78 4.89 -5.10
CA ASN A 1068 3.88 4.06 -4.29
C ASN A 1068 3.54 2.74 -4.98
N GLY A 1069 3.28 2.74 -6.28
CA GLY A 1069 3.00 1.52 -7.02
C GLY A 1069 4.16 0.54 -6.97
N ARG A 1070 5.36 1.01 -7.32
CA ARG A 1070 6.57 0.18 -7.37
C ARG A 1070 6.99 -0.30 -5.99
N LEU A 1071 6.95 0.53 -4.95
CA LEU A 1071 7.23 0.08 -3.60
C LEU A 1071 6.19 -0.93 -3.10
N THR A 1072 4.92 -0.80 -3.48
CA THR A 1072 3.92 -1.82 -3.13
C THR A 1072 4.23 -3.14 -3.83
N ALA A 1073 4.60 -3.12 -5.10
CA ALA A 1073 5.00 -4.33 -5.80
C ALA A 1073 6.23 -5.00 -5.17
N LEU A 1074 7.23 -4.24 -4.74
CA LEU A 1074 8.38 -4.82 -4.03
C LEU A 1074 7.98 -5.46 -2.70
N ASN A 1075 7.13 -4.83 -1.90
CA ASN A 1075 6.66 -5.44 -0.64
C ASN A 1075 5.88 -6.73 -0.90
N ALA A 1076 5.05 -6.79 -1.94
CA ALA A 1076 4.37 -8.01 -2.31
C ALA A 1076 5.36 -9.10 -2.72
N TYR A 1077 6.34 -8.78 -3.56
CA TYR A 1077 7.34 -9.76 -3.98
C TYR A 1077 8.18 -10.27 -2.80
N VAL A 1078 8.61 -9.39 -1.91
CA VAL A 1078 9.32 -9.78 -0.68
C VAL A 1078 8.49 -10.73 0.17
N SER A 1079 7.21 -10.45 0.39
CA SER A 1079 6.37 -11.33 1.21
C SER A 1079 6.19 -12.71 0.57
N GLN A 1080 6.09 -12.79 -0.75
CA GLN A 1080 6.06 -14.07 -1.46
C GLN A 1080 7.40 -14.80 -1.33
N GLN A 1081 8.53 -14.10 -1.48
CA GLN A 1081 9.86 -14.70 -1.35
C GLN A 1081 10.10 -15.30 0.04
N LEU A 1082 9.77 -14.59 1.13
CA LEU A 1082 9.86 -15.14 2.48
C LEU A 1082 9.03 -16.42 2.61
N SER A 1083 7.80 -16.41 2.10
CA SER A 1083 6.92 -17.58 2.16
C SER A 1083 7.54 -18.76 1.41
N ASP A 1084 8.06 -18.55 0.21
CA ASP A 1084 8.70 -19.61 -0.57
C ASP A 1084 9.95 -20.16 0.10
N ILE A 1085 10.80 -19.32 0.68
CA ILE A 1085 12.04 -19.82 1.28
C ILE A 1085 11.76 -20.64 2.55
N SER A 1086 10.64 -20.43 3.23
CA SER A 1086 10.22 -21.35 4.29
C SER A 1086 10.00 -22.77 3.76
N LEU A 1087 9.43 -22.92 2.55
CA LEU A 1087 9.24 -24.22 1.92
C LEU A 1087 10.57 -24.82 1.45
N VAL A 1088 11.51 -23.99 0.99
CA VAL A 1088 12.85 -24.46 0.64
C VAL A 1088 13.60 -24.99 1.86
N LYS A 1089 13.55 -24.32 3.00
CA LYS A 1089 14.13 -24.85 4.24
C LYS A 1089 13.49 -26.17 4.67
N PHE A 1090 12.17 -26.28 4.59
CA PHE A 1090 11.48 -27.55 4.88
C PHE A 1090 11.96 -28.67 3.95
N GLY A 1091 12.06 -28.41 2.64
CA GLY A 1091 12.56 -29.38 1.69
C GLY A 1091 14.01 -29.78 1.96
N ALA A 1092 14.88 -28.84 2.29
CA ALA A 1092 16.27 -29.16 2.61
C ALA A 1092 16.39 -29.99 3.87
N ALA A 1093 15.59 -29.72 4.91
CA ALA A 1093 15.59 -30.54 6.11
C ALA A 1093 15.18 -31.99 5.80
N LEU A 1094 14.18 -32.18 4.93
CA LEU A 1094 13.82 -33.52 4.48
C LEU A 1094 14.96 -34.18 3.70
N ALA A 1095 15.63 -33.48 2.80
CA ALA A 1095 16.73 -34.06 2.03
C ALA A 1095 17.90 -34.48 2.94
N MET A 1096 18.25 -33.69 3.94
CA MET A 1096 19.27 -34.09 4.91
C MET A 1096 18.83 -35.34 5.69
N GLU A 1097 17.57 -35.42 6.07
CA GLU A 1097 17.05 -36.60 6.75
C GLU A 1097 17.13 -37.84 5.85
N LYS A 1098 16.81 -37.74 4.56
CA LYS A 1098 16.97 -38.88 3.63
C LYS A 1098 18.42 -39.26 3.39
N VAL A 1099 19.35 -38.32 3.27
CA VAL A 1099 20.79 -38.65 3.17
C VAL A 1099 21.22 -39.46 4.38
N ASN A 1100 20.81 -39.06 5.58
CA ASN A 1100 21.17 -39.75 6.81
C ASN A 1100 20.51 -41.12 6.95
N GLU A 1101 19.21 -41.24 6.66
CA GLU A 1101 18.43 -42.42 7.01
C GLU A 1101 18.08 -43.36 5.85
N CYS A 1102 18.46 -43.02 4.61
CA CYS A 1102 18.30 -43.89 3.44
C CYS A 1102 19.63 -44.18 2.72
N VAL A 1103 20.54 -43.21 2.63
CA VAL A 1103 21.78 -43.37 1.87
C VAL A 1103 22.91 -43.85 2.78
N LYS A 1104 23.22 -43.11 3.84
CA LYS A 1104 24.31 -43.46 4.78
C LYS A 1104 23.96 -44.60 5.74
N SER A 1105 22.68 -44.91 5.88
CA SER A 1105 22.16 -45.95 6.76
C SER A 1105 20.76 -46.34 6.35
N GLN A 1106 20.20 -47.39 6.94
CA GLN A 1106 18.89 -47.90 6.58
C GLN A 1106 17.98 -47.89 7.82
N SER A 1107 17.34 -46.76 8.09
CA SER A 1107 16.48 -46.61 9.27
C SER A 1107 15.23 -47.49 9.14
N PRO A 1108 14.70 -48.09 10.22
CA PRO A 1108 13.55 -49.00 10.19
C PRO A 1108 12.20 -48.30 10.02
N ARG A 1109 12.07 -47.45 9.01
CA ARG A 1109 10.89 -46.61 8.71
C ARG A 1109 10.36 -46.98 7.34
N ILE A 1110 9.10 -47.41 7.23
CA ILE A 1110 8.66 -48.19 6.07
C ILE A 1110 8.64 -47.41 4.75
N ASN A 1111 7.81 -46.38 4.62
CA ASN A 1111 7.68 -45.63 3.37
C ASN A 1111 8.50 -44.34 3.34
N PHE A 1112 9.43 -44.16 4.28
CA PHE A 1112 10.24 -42.95 4.33
C PHE A 1112 11.15 -42.82 3.10
N CYS A 1113 11.93 -43.86 2.81
CA CYS A 1113 12.84 -43.93 1.67
C CYS A 1113 12.15 -44.43 0.40
N GLY A 1114 11.13 -43.72 -0.06
CA GLY A 1114 10.34 -44.15 -1.22
C GLY A 1114 9.37 -45.29 -0.89
N ASN A 1115 8.54 -45.66 -1.88
CA ASN A 1115 7.50 -46.66 -1.69
C ASN A 1115 7.98 -48.11 -1.77
N GLY A 1116 7.26 -49.00 -1.11
CA GLY A 1116 7.45 -50.45 -1.23
C GLY A 1116 8.58 -50.98 -0.36
N ASN A 1117 9.06 -52.17 -0.70
CA ASN A 1117 10.09 -52.88 0.03
C ASN A 1117 11.47 -52.26 -0.23
N HIS A 1118 11.78 -51.14 0.42
CA HIS A 1118 13.00 -50.37 0.17
C HIS A 1118 14.25 -51.14 0.59
N ILE A 1119 15.13 -51.42 -0.37
CA ILE A 1119 16.40 -52.09 -0.13
C ILE A 1119 17.43 -51.09 0.35
N LEU A 1120 17.72 -50.11 -0.48
CA LEU A 1120 18.86 -49.19 -0.36
C LEU A 1120 18.62 -47.95 -1.23
N SER A 1121 19.29 -46.85 -0.92
CA SER A 1121 19.18 -45.59 -1.64
C SER A 1121 20.54 -45.02 -1.99
N LEU A 1122 20.62 -44.23 -3.06
CA LEU A 1122 21.83 -43.50 -3.49
C LEU A 1122 21.48 -42.07 -3.81
N VAL A 1123 22.45 -41.15 -3.77
CA VAL A 1123 22.22 -39.72 -4.01
C VAL A 1123 23.13 -39.18 -5.10
N GLN A 1124 22.63 -38.26 -5.91
CA GLN A 1124 23.38 -37.52 -6.91
C GLN A 1124 22.97 -36.05 -6.85
N ASN A 1125 23.88 -35.16 -7.24
CA ASN A 1125 23.60 -33.73 -7.27
C ASN A 1125 22.52 -33.41 -8.30
N ALA A 1126 21.76 -32.34 -8.12
CA ALA A 1126 20.80 -31.87 -9.11
C ALA A 1126 20.67 -30.34 -9.04
N PRO A 1127 20.29 -29.67 -10.14
CA PRO A 1127 20.07 -28.22 -10.11
C PRO A 1127 19.13 -27.82 -8.96
N TYR A 1128 19.60 -26.99 -8.04
CA TYR A 1128 18.84 -26.52 -6.88
C TYR A 1128 18.37 -27.59 -5.88
N GLY A 1129 18.92 -28.81 -5.92
CA GLY A 1129 18.50 -29.85 -4.98
C GLY A 1129 19.40 -31.07 -4.96
N LEU A 1130 18.85 -32.20 -4.54
CA LEU A 1130 19.49 -33.51 -4.65
C LEU A 1130 18.52 -34.45 -5.34
N LEU A 1131 19.01 -35.39 -6.13
CA LEU A 1131 18.21 -36.46 -6.70
C LEU A 1131 18.60 -37.76 -6.01
N PHE A 1132 17.63 -38.39 -5.35
CA PHE A 1132 17.79 -39.70 -4.74
C PHE A 1132 17.33 -40.76 -5.71
N MET A 1133 18.04 -41.88 -5.75
CA MET A 1133 17.59 -43.11 -6.38
C MET A 1133 17.25 -44.09 -5.27
N HIS A 1134 16.00 -44.55 -5.20
CA HIS A 1134 15.56 -45.54 -4.24
C HIS A 1134 15.42 -46.87 -4.94
N PHE A 1135 16.05 -47.92 -4.43
CA PHE A 1135 15.96 -49.26 -5.00
C PHE A 1135 15.08 -50.15 -4.12
N SER A 1136 14.12 -50.83 -4.72
CA SER A 1136 13.11 -51.61 -4.01
C SER A 1136 13.01 -53.03 -4.53
N TYR A 1137 12.75 -53.98 -3.63
CA TYR A 1137 12.46 -55.35 -3.97
C TYR A 1137 11.05 -55.45 -4.55
N LYS A 1138 10.93 -55.88 -5.81
CA LYS A 1138 9.66 -55.98 -6.53
C LYS A 1138 9.36 -57.44 -6.88
N PRO A 1139 8.34 -58.06 -6.28
CA PRO A 1139 7.82 -59.34 -6.71
C PRO A 1139 7.37 -59.34 -8.18
N ILE A 1140 7.72 -60.40 -8.91
CA ILE A 1140 7.39 -60.59 -10.33
C ILE A 1140 6.25 -61.59 -10.53
N SER A 1141 6.22 -62.68 -9.77
CA SER A 1141 5.20 -63.72 -9.85
C SER A 1141 4.89 -64.27 -8.48
N PHE A 1142 3.72 -64.87 -8.31
CA PHE A 1142 3.22 -65.30 -7.00
C PHE A 1142 2.69 -66.73 -7.04
N LYS A 1143 2.78 -67.43 -5.90
CA LYS A 1143 2.12 -68.69 -5.63
C LYS A 1143 1.11 -68.51 -4.51
N THR A 1144 -0.14 -68.88 -4.71
CA THR A 1144 -1.11 -68.97 -3.60
C THR A 1144 -0.79 -70.21 -2.77
N VAL A 1145 -0.63 -70.05 -1.45
CA VAL A 1145 -0.28 -71.13 -0.52
C VAL A 1145 -1.11 -71.03 0.76
N LEU A 1146 -1.28 -72.14 1.46
CA LEU A 1146 -1.95 -72.15 2.76
C LEU A 1146 -0.91 -72.02 3.87
N VAL A 1147 -1.05 -71.00 4.71
CA VAL A 1147 -0.08 -70.64 5.75
C VAL A 1147 -0.69 -70.69 7.13
N SER A 1148 0.12 -70.99 8.14
CA SER A 1148 -0.24 -70.88 9.55
C SER A 1148 0.58 -69.75 10.19
N PRO A 1149 -0.05 -68.80 10.91
CA PRO A 1149 0.67 -67.71 11.58
C PRO A 1149 1.36 -68.18 12.87
N GLY A 1150 1.09 -69.40 13.33
CA GLY A 1150 1.70 -70.00 14.51
C GLY A 1150 1.40 -71.50 14.59
N LEU A 1151 2.13 -72.23 15.41
CA LEU A 1151 1.91 -73.64 15.69
C LEU A 1151 1.94 -73.90 17.20
N CYS A 1152 1.12 -74.84 17.66
CA CYS A 1152 1.18 -75.35 19.02
C CYS A 1152 1.78 -76.75 19.00
N ILE A 1153 2.91 -76.98 19.68
CA ILE A 1153 3.78 -78.12 19.45
C ILE A 1153 4.19 -78.78 20.76
N SER A 1154 4.56 -80.06 20.72
CA SER A 1154 5.06 -80.80 21.89
C SER A 1154 4.12 -80.66 23.11
N GLY A 1155 4.65 -80.26 24.27
CA GLY A 1155 3.92 -79.92 25.49
C GLY A 1155 3.15 -78.60 25.45
N ASP A 1156 2.35 -78.34 24.41
CA ASP A 1156 1.60 -77.09 24.18
C ASP A 1156 2.47 -75.81 24.21
N VAL A 1157 3.76 -75.95 23.93
CA VAL A 1157 4.64 -74.82 23.65
C VAL A 1157 4.19 -74.17 22.34
N GLY A 1158 4.12 -72.85 22.31
CA GLY A 1158 3.77 -72.12 21.10
C GLY A 1158 5.02 -71.72 20.33
N ILE A 1159 4.94 -71.73 19.01
CA ILE A 1159 5.95 -71.11 18.15
C ILE A 1159 5.28 -70.20 17.12
N ALA A 1160 5.91 -69.07 16.84
CA ALA A 1160 5.51 -68.15 15.79
C ALA A 1160 6.67 -67.97 14.81
N PRO A 1161 6.42 -67.76 13.52
CA PRO A 1161 7.46 -67.62 12.53
C PRO A 1161 8.06 -66.21 12.54
N LYS A 1162 9.38 -66.08 12.39
CA LYS A 1162 10.07 -64.79 12.21
C LYS A 1162 10.04 -64.36 10.75
N GLN A 1163 9.45 -63.21 10.42
CA GLN A 1163 9.44 -62.67 9.05
C GLN A 1163 8.97 -63.68 7.98
N GLY A 1164 7.94 -64.46 8.30
CA GLY A 1164 7.54 -65.60 7.47
C GLY A 1164 6.28 -66.30 7.94
N TYR A 1165 6.11 -67.53 7.50
CA TYR A 1165 4.94 -68.36 7.75
C TYR A 1165 5.32 -69.82 7.94
N PHE A 1166 4.52 -70.57 8.67
CA PHE A 1166 4.57 -72.03 8.59
C PHE A 1166 3.68 -72.53 7.48
N ILE A 1167 4.13 -73.53 6.74
CA ILE A 1167 3.44 -74.14 5.61
C ILE A 1167 3.51 -75.65 5.72
N LYS A 1168 2.45 -76.34 5.28
CA LYS A 1168 2.52 -77.77 5.00
C LYS A 1168 3.23 -77.99 3.67
N HIS A 1169 4.30 -78.78 3.66
CA HIS A 1169 4.99 -79.22 2.45
C HIS A 1169 5.25 -80.72 2.55
N ASN A 1170 4.86 -81.51 1.56
CA ASN A 1170 4.98 -82.99 1.60
C ASN A 1170 4.28 -83.65 2.83
N ASP A 1171 3.19 -83.05 3.31
CA ASP A 1171 2.55 -83.37 4.59
C ASP A 1171 3.47 -83.26 5.83
N HIS A 1172 4.34 -82.26 5.83
CA HIS A 1172 5.26 -81.95 6.91
C HIS A 1172 5.29 -80.44 7.17
N TRP A 1173 5.33 -79.99 8.41
CA TRP A 1173 5.42 -78.56 8.71
C TRP A 1173 6.81 -78.01 8.40
N MET A 1174 6.87 -76.95 7.61
CA MET A 1174 8.10 -76.25 7.22
C MET A 1174 7.91 -74.74 7.30
N PHE A 1175 8.98 -73.96 7.42
CA PHE A 1175 8.93 -72.50 7.40
C PHE A 1175 9.14 -71.96 5.99
N THR A 1176 8.61 -70.78 5.67
CA THR A 1176 9.01 -69.99 4.49
C THR A 1176 9.06 -68.52 4.81
N GLY A 1177 10.02 -67.79 4.23
CA GLY A 1177 10.06 -66.33 4.34
C GLY A 1177 8.84 -65.69 3.70
N SER A 1178 8.38 -64.55 4.22
CA SER A 1178 7.14 -63.92 3.76
C SER A 1178 7.27 -63.25 2.38
N SER A 1179 8.48 -62.88 1.96
CA SER A 1179 8.71 -62.17 0.70
C SER A 1179 9.24 -63.06 -0.41
N TYR A 1180 9.49 -64.35 -0.18
CA TYR A 1180 9.94 -65.26 -1.21
C TYR A 1180 9.66 -66.71 -0.81
N TYR A 1181 8.88 -67.44 -1.60
CA TYR A 1181 8.48 -68.81 -1.29
C TYR A 1181 9.68 -69.75 -1.42
N TYR A 1182 10.17 -70.25 -0.28
CA TYR A 1182 11.26 -71.22 -0.22
C TYR A 1182 11.09 -72.04 1.05
N PRO A 1183 10.46 -73.23 0.99
CA PRO A 1183 10.26 -74.06 2.15
C PRO A 1183 11.62 -74.51 2.72
N GLU A 1184 11.83 -74.30 4.01
CA GLU A 1184 13.01 -74.69 4.76
C GLU A 1184 12.60 -75.22 6.14
N PRO A 1185 13.41 -76.05 6.80
CA PRO A 1185 12.99 -76.70 8.04
C PRO A 1185 12.82 -75.69 9.18
N ILE A 1186 11.85 -75.96 10.05
CA ILE A 1186 11.58 -75.11 11.22
C ILE A 1186 12.74 -75.24 12.22
N SER A 1187 13.26 -74.13 12.73
CA SER A 1187 14.34 -74.14 13.72
C SER A 1187 14.33 -72.87 14.57
N ASP A 1188 15.03 -72.85 15.69
CA ASP A 1188 15.15 -71.67 16.53
C ASP A 1188 15.71 -70.44 15.78
N LYS A 1189 16.35 -70.61 14.62
CA LYS A 1189 16.82 -69.51 13.79
C LYS A 1189 15.67 -68.71 13.15
N ASN A 1190 14.53 -69.34 12.87
CA ASN A 1190 13.39 -68.71 12.18
C ASN A 1190 12.10 -68.69 13.02
N VAL A 1191 12.20 -68.87 14.34
CA VAL A 1191 11.06 -69.03 15.26
C VAL A 1191 11.14 -68.08 16.45
N VAL A 1192 9.99 -67.61 16.92
CA VAL A 1192 9.77 -67.00 18.25
C VAL A 1192 9.05 -68.01 19.13
N PHE A 1193 9.60 -68.34 20.30
CA PHE A 1193 8.97 -69.26 21.25
C PHE A 1193 7.98 -68.58 22.19
N MET A 1194 6.96 -69.31 22.62
CA MET A 1194 6.03 -68.89 23.66
C MET A 1194 5.79 -70.05 24.64
N ASN A 1195 5.82 -69.81 25.95
CA ASN A 1195 5.65 -70.88 26.95
C ASN A 1195 4.26 -71.52 26.94
N THR A 1196 3.26 -70.79 26.44
CA THR A 1196 1.92 -71.28 26.15
C THR A 1196 1.56 -70.91 24.73
N CYS A 1197 1.03 -71.82 23.94
CA CYS A 1197 0.51 -71.49 22.62
C CYS A 1197 -0.83 -70.75 22.75
N SER A 1198 -1.11 -69.78 21.87
CA SER A 1198 -2.40 -69.11 21.87
C SER A 1198 -3.49 -70.04 21.33
N VAL A 1199 -4.75 -69.66 21.54
CA VAL A 1199 -5.85 -70.26 20.79
C VAL A 1199 -5.69 -70.05 19.29
N ASN A 1200 -6.33 -70.91 18.50
CA ASN A 1200 -6.32 -70.90 17.03
C ASN A 1200 -4.95 -71.00 16.37
N PHE A 1201 -3.86 -71.18 17.13
CA PHE A 1201 -2.63 -71.77 16.58
C PHE A 1201 -2.92 -73.22 16.18
N THR A 1202 -2.41 -73.63 15.03
CA THR A 1202 -2.65 -74.99 14.54
C THR A 1202 -1.95 -76.01 15.43
N LYS A 1203 -2.64 -77.06 15.88
CA LYS A 1203 -2.04 -78.13 16.66
C LYS A 1203 -1.10 -78.97 15.80
N ALA A 1204 0.12 -79.20 16.27
CA ALA A 1204 1.14 -79.99 15.59
C ALA A 1204 2.02 -80.75 16.61
N PRO A 1205 1.47 -81.72 17.36
CA PRO A 1205 2.21 -82.39 18.44
C PRO A 1205 3.52 -83.05 18.00
N LEU A 1206 3.63 -83.41 16.72
CA LEU A 1206 4.78 -84.12 16.16
C LEU A 1206 6.00 -83.23 15.90
N VAL A 1207 5.85 -81.90 15.91
CA VAL A 1207 6.95 -80.97 15.61
C VAL A 1207 7.94 -80.90 16.77
N TYR A 1208 9.24 -80.86 16.44
CA TYR A 1208 10.40 -80.78 17.34
C TYR A 1208 10.39 -81.84 18.45
N VAL B 1 -32.10 37.12 37.38
CA VAL B 1 -33.46 37.15 36.76
C VAL B 1 -33.45 36.42 35.43
N ILE B 2 -34.56 35.82 35.04
CA ILE B 2 -34.86 35.56 33.62
C ILE B 2 -35.38 36.88 33.02
N GLY B 3 -35.41 37.09 31.71
CA GLY B 3 -36.11 38.25 31.14
C GLY B 3 -35.64 39.61 31.68
N ASP B 4 -36.53 40.60 31.68
CA ASP B 4 -36.36 41.86 32.45
C ASP B 4 -37.67 42.66 32.63
N PHE B 5 -38.84 42.02 32.52
CA PHE B 5 -40.12 42.71 32.68
C PHE B 5 -40.73 42.46 34.06
N ASN B 6 -41.12 43.53 34.75
CA ASN B 6 -41.73 43.47 36.09
C ASN B 6 -43.20 43.02 36.03
N CYS B 7 -43.42 41.72 35.95
CA CYS B 7 -44.78 41.15 35.91
C CYS B 7 -45.51 41.26 37.26
N THR B 8 -44.83 41.11 38.39
CA THR B 8 -45.42 41.22 39.73
C THR B 8 -44.35 41.42 40.80
N ASN B 9 -44.76 41.88 41.99
CA ASN B 9 -43.94 41.96 43.20
C ASN B 9 -44.53 41.15 44.39
N PHE B 10 -45.66 40.47 44.19
CA PHE B 10 -46.34 39.73 45.25
C PHE B 10 -45.51 38.54 45.75
N ALA B 11 -45.35 38.44 47.08
CA ALA B 11 -44.72 37.31 47.77
C ALA B 11 -43.38 36.87 47.14
N ILE B 12 -42.37 37.74 47.23
CA ILE B 12 -41.01 37.47 46.74
C ILE B 12 -40.03 37.57 47.92
N ASN B 13 -39.07 36.66 48.02
CA ASN B 13 -38.01 36.71 49.04
C ASN B 13 -36.69 36.10 48.53
N ASP B 14 -35.64 36.15 49.34
CA ASP B 14 -34.31 35.64 48.99
C ASP B 14 -33.95 34.33 49.73
N LEU B 15 -34.95 33.55 50.15
CA LEU B 15 -34.70 32.36 50.98
C LEU B 15 -34.04 31.22 50.19
N ASN B 16 -32.96 30.66 50.72
CA ASN B 16 -32.30 29.49 50.14
C ASN B 16 -33.03 28.18 50.52
N THR B 17 -34.12 27.85 49.81
CA THR B 17 -34.95 26.66 50.08
C THR B 17 -34.40 25.36 49.47
N THR B 18 -33.28 25.40 48.73
CA THR B 18 -32.97 24.38 47.71
C THR B 18 -31.58 23.79 47.78
N VAL B 19 -31.47 22.51 47.44
CA VAL B 19 -30.26 21.92 46.87
C VAL B 19 -30.63 21.12 45.62
N ILE B 20 -29.80 21.16 44.59
CA ILE B 20 -30.02 20.41 43.35
C ILE B 20 -29.80 18.91 43.63
N SER B 21 -30.83 18.08 43.47
CA SER B 21 -30.69 16.64 43.60
C SER B 21 -29.99 16.04 42.37
N GLU B 22 -29.17 15.00 42.55
CA GLU B 22 -28.42 14.34 41.47
C GLU B 22 -28.65 12.83 41.41
N TYR B 23 -28.57 12.29 40.20
CA TYR B 23 -28.84 10.89 39.85
C TYR B 23 -27.93 10.49 38.69
N VAL B 24 -27.58 9.21 38.51
CA VAL B 24 -26.52 8.82 37.57
C VAL B 24 -27.08 8.28 36.26
N VAL B 25 -26.57 8.78 35.14
CA VAL B 25 -26.95 8.34 33.79
C VAL B 25 -26.51 6.90 33.56
N ASP B 26 -27.45 6.05 33.15
CA ASP B 26 -27.19 4.66 32.78
C ASP B 26 -27.95 4.32 31.49
N VAL B 27 -27.20 4.21 30.39
CA VAL B 27 -27.76 3.97 29.06
C VAL B 27 -27.92 2.51 28.72
N SER B 28 -27.60 1.60 29.63
CA SER B 28 -27.56 0.18 29.33
C SER B 28 -28.90 -0.40 28.85
N TYR B 29 -30.02 0.29 29.09
CA TYR B 29 -31.36 -0.07 28.59
C TYR B 29 -31.93 0.90 27.54
N GLY B 30 -31.07 1.63 26.84
CA GLY B 30 -31.48 2.52 25.73
C GLY B 30 -31.89 3.92 26.15
N LEU B 31 -31.97 4.23 27.44
CA LEU B 31 -32.17 5.60 27.92
C LEU B 31 -31.14 6.54 27.31
N GLY B 32 -31.57 7.71 26.86
CA GLY B 32 -30.70 8.68 26.22
C GLY B 32 -30.45 8.45 24.74
N THR B 33 -30.95 7.38 24.14
CA THR B 33 -30.83 7.12 22.70
C THR B 33 -32.08 7.54 21.92
N TYR B 34 -31.99 7.57 20.59
CA TYR B 34 -33.11 7.92 19.72
C TYR B 34 -33.10 7.11 18.44
N TYR B 35 -34.26 6.92 17.81
CA TYR B 35 -34.35 6.24 16.52
C TYR B 35 -33.74 7.06 15.39
N ILE B 36 -33.04 6.39 14.49
CA ILE B 36 -32.21 7.05 13.48
C ILE B 36 -33.05 7.39 12.24
N LEU B 37 -33.28 8.69 12.00
CA LEU B 37 -33.93 9.19 10.78
C LEU B 37 -35.24 8.43 10.48
N ASP B 38 -35.41 7.89 9.27
CA ASP B 38 -36.51 7.02 8.84
C ASP B 38 -36.08 5.55 8.70
N ARG B 39 -34.89 5.20 9.20
CA ARG B 39 -34.35 3.85 9.11
C ARG B 39 -34.99 2.91 10.10
N VAL B 40 -34.99 1.63 9.77
CA VAL B 40 -35.23 0.50 10.67
C VAL B 40 -33.97 -0.35 10.68
N TYR B 41 -33.59 -0.85 11.84
CA TYR B 41 -32.58 -1.90 11.99
C TYR B 41 -33.24 -3.06 12.74
N LEU B 42 -32.89 -4.31 12.44
CA LEU B 42 -33.51 -5.49 13.07
C LEU B 42 -32.45 -6.45 13.58
N ASN B 43 -32.67 -6.98 14.77
CA ASN B 43 -31.88 -8.03 15.41
C ASN B 43 -30.36 -7.88 15.23
N THR B 44 -29.81 -6.71 15.56
CA THR B 44 -28.43 -6.36 15.23
C THR B 44 -27.87 -5.30 16.16
N THR B 45 -26.54 -5.17 16.19
CA THR B 45 -25.81 -4.13 16.90
C THR B 45 -25.14 -3.17 15.93
N ILE B 46 -25.32 -1.87 16.14
CA ILE B 46 -24.84 -0.79 15.28
C ILE B 46 -23.89 0.10 16.08
N LEU B 47 -22.74 0.48 15.52
CA LEU B 47 -22.01 1.64 16.02
C LEU B 47 -22.55 2.89 15.34
N PHE B 48 -22.98 3.87 16.13
CA PHE B 48 -23.57 5.10 15.63
C PHE B 48 -23.02 6.30 16.40
N THR B 49 -22.78 7.42 15.72
CA THR B 49 -22.34 8.66 16.39
C THR B 49 -23.46 9.68 16.34
N GLY B 50 -23.85 10.21 17.50
CA GLY B 50 -25.00 11.10 17.63
C GLY B 50 -24.92 11.98 18.87
N TYR B 51 -25.94 12.79 19.11
CA TYR B 51 -26.02 13.61 20.30
C TYR B 51 -26.57 12.77 21.45
N PHE B 52 -25.70 12.24 22.30
CA PHE B 52 -26.09 11.37 23.40
C PHE B 52 -25.61 11.90 24.74
N PRO B 53 -26.28 11.56 25.86
CA PRO B 53 -25.75 11.81 27.19
C PRO B 53 -24.40 11.13 27.36
N LYS B 54 -23.57 11.60 28.28
CA LYS B 54 -22.39 10.85 28.70
C LYS B 54 -22.79 9.80 29.74
N SER B 55 -22.59 8.51 29.48
CA SER B 55 -22.91 7.48 30.48
C SER B 55 -22.05 7.67 31.73
N GLY B 56 -22.62 7.49 32.91
CA GLY B 56 -21.93 7.74 34.17
C GLY B 56 -21.78 9.22 34.56
N ALA B 57 -22.23 10.18 33.75
CA ALA B 57 -22.45 11.54 34.22
C ALA B 57 -23.73 11.65 35.05
N ASN B 58 -24.03 12.83 35.57
CA ASN B 58 -25.20 13.04 36.43
C ASN B 58 -26.34 13.74 35.69
N PHE B 59 -27.57 13.32 35.98
CA PHE B 59 -28.75 14.16 35.85
C PHE B 59 -28.84 15.13 37.01
N ARG B 60 -29.41 16.31 36.77
CA ARG B 60 -29.80 17.29 37.78
C ARG B 60 -31.31 17.43 37.80
N ASP B 61 -31.97 17.26 38.94
CA ASP B 61 -33.42 17.51 39.02
C ASP B 61 -33.69 19.00 39.17
N LEU B 62 -33.94 19.69 38.06
CA LEU B 62 -34.12 21.14 38.05
C LEU B 62 -35.55 21.57 38.36
N SER B 63 -36.49 20.65 38.58
CA SER B 63 -37.86 21.03 38.89
C SER B 63 -37.92 21.75 40.23
N LEU B 64 -38.77 22.78 40.32
CA LEU B 64 -39.03 23.51 41.56
C LEU B 64 -40.52 23.60 41.78
N LYS B 65 -40.98 23.26 42.98
CA LYS B 65 -42.39 23.39 43.38
C LYS B 65 -42.49 24.46 44.45
N GLY B 66 -43.33 25.46 44.22
CA GLY B 66 -43.67 26.50 45.20
C GLY B 66 -45.12 26.42 45.65
N THR B 67 -45.49 27.27 46.61
CA THR B 67 -46.86 27.35 47.14
C THR B 67 -47.43 28.76 47.07
N THR B 68 -46.64 29.76 47.44
CA THR B 68 -47.04 31.17 47.40
C THR B 68 -45.85 32.08 47.13
N TYR B 69 -44.78 31.94 47.89
CA TYR B 69 -43.58 32.76 47.71
C TYR B 69 -42.63 32.19 46.66
N LEU B 70 -42.02 33.07 45.87
CA LEU B 70 -40.95 32.73 44.91
C LEU B 70 -39.62 33.21 45.48
N SER B 71 -38.63 32.32 45.57
CA SER B 71 -37.27 32.73 45.95
C SER B 71 -36.53 33.29 44.75
N THR B 72 -35.91 34.46 44.89
CA THR B 72 -35.10 35.03 43.80
C THR B 72 -33.91 34.16 43.44
N LEU B 73 -33.42 33.33 44.37
CA LEU B 73 -32.31 32.41 44.11
C LEU B 73 -32.68 31.34 43.07
N TRP B 74 -33.97 31.03 42.91
CA TRP B 74 -34.42 30.08 41.89
C TRP B 74 -34.16 30.57 40.46
N TYR B 75 -33.89 31.86 40.25
CA TYR B 75 -33.72 32.48 38.93
C TYR B 75 -32.29 32.94 38.69
N GLN B 76 -31.32 32.15 39.14
CA GLN B 76 -29.88 32.36 39.03
C GLN B 76 -29.18 31.03 38.75
N LYS B 77 -27.88 31.03 38.46
CA LYS B 77 -27.10 29.78 38.50
C LYS B 77 -27.19 29.18 39.91
N PRO B 78 -27.24 27.85 40.07
CA PRO B 78 -27.07 26.84 39.03
C PRO B 78 -28.36 26.44 38.31
N PHE B 79 -29.52 27.03 38.61
CA PHE B 79 -30.77 26.66 37.94
C PHE B 79 -30.78 27.15 36.49
N LEU B 80 -30.55 28.45 36.27
CA LEU B 80 -30.33 28.99 34.93
C LEU B 80 -29.04 28.39 34.36
N SER B 81 -29.15 27.55 33.35
CA SER B 81 -28.07 26.64 32.94
C SER B 81 -27.66 26.82 31.48
N ASP B 82 -26.38 26.61 31.18
CA ASP B 82 -25.84 26.75 29.82
C ASP B 82 -26.31 25.62 28.91
N PHE B 83 -26.77 25.93 27.70
CA PHE B 83 -27.33 24.94 26.78
C PHE B 83 -26.26 24.18 25.99
N ASN B 84 -25.18 24.83 25.58
CA ASN B 84 -24.10 24.24 24.78
C ASN B 84 -24.66 23.48 23.55
N ASN B 85 -24.26 22.23 23.31
CA ASN B 85 -24.79 21.45 22.20
C ASN B 85 -26.27 21.08 22.39
N GLY B 86 -26.67 20.74 23.61
CA GLY B 86 -28.03 20.32 23.90
C GLY B 86 -28.18 19.65 25.26
N ILE B 87 -29.39 19.18 25.55
CA ILE B 87 -29.75 18.51 26.79
C ILE B 87 -30.64 17.31 26.52
N PHE B 88 -30.53 16.31 27.38
CA PHE B 88 -31.46 15.19 27.47
C PHE B 88 -32.27 15.34 28.76
N SER B 89 -33.58 15.21 28.66
CA SER B 89 -34.49 15.36 29.79
C SER B 89 -35.18 14.03 30.10
N ARG B 90 -35.22 13.65 31.37
CA ARG B 90 -36.11 12.61 31.89
C ARG B 90 -37.11 13.29 32.82
N VAL B 91 -38.40 13.20 32.49
CA VAL B 91 -39.45 14.00 33.13
C VAL B 91 -40.47 13.10 33.77
N LYS B 92 -40.74 13.26 35.07
CA LYS B 92 -41.83 12.55 35.71
C LYS B 92 -43.16 13.18 35.30
N ASN B 93 -44.11 12.39 34.84
CA ASN B 93 -45.47 12.84 34.64
C ASN B 93 -46.21 12.81 35.99
N THR B 94 -46.38 13.96 36.64
CA THR B 94 -47.07 14.03 37.93
C THR B 94 -48.58 13.89 37.73
N LYS B 95 -49.11 12.68 37.95
CA LYS B 95 -50.52 12.33 37.77
C LYS B 95 -51.32 12.64 39.03
N LEU B 96 -52.07 13.73 39.03
CA LEU B 96 -53.01 14.10 40.09
C LEU B 96 -54.41 13.58 39.80
N TYR B 97 -55.31 13.62 40.79
CA TYR B 97 -56.73 13.29 40.61
C TYR B 97 -57.64 14.35 41.22
N VAL B 98 -58.69 14.74 40.50
CA VAL B 98 -59.79 15.59 41.00
C VAL B 98 -61.09 14.90 40.64
N ASN B 99 -62.00 14.68 41.59
CA ASN B 99 -63.22 13.87 41.40
C ASN B 99 -62.92 12.52 40.69
N LYS B 100 -61.83 11.85 41.10
CA LYS B 100 -61.26 10.63 40.48
C LYS B 100 -60.88 10.74 38.99
N THR B 101 -60.96 11.92 38.39
CA THR B 101 -60.48 12.20 37.04
C THR B 101 -58.99 12.50 37.07
N LEU B 102 -58.21 11.84 36.22
CA LEU B 102 -56.76 12.04 36.14
C LEU B 102 -56.40 13.39 35.50
N TYR B 103 -55.42 14.08 36.08
CA TYR B 103 -54.79 15.27 35.52
C TYR B 103 -53.27 15.08 35.47
N SER B 104 -52.67 15.38 34.33
CA SER B 104 -51.22 15.28 34.10
C SER B 104 -50.59 16.66 34.16
N GLU B 105 -49.60 16.82 35.04
CA GLU B 105 -48.84 18.06 35.21
C GLU B 105 -47.35 17.74 35.19
N PHE B 106 -46.50 18.60 34.65
CA PHE B 106 -45.05 18.57 34.85
C PHE B 106 -44.44 19.93 34.51
N SER B 107 -43.20 20.18 34.91
CA SER B 107 -42.56 21.49 34.75
C SER B 107 -42.43 21.93 33.29
N THR B 108 -42.78 23.17 32.99
CA THR B 108 -42.47 23.81 31.71
C THR B 108 -40.98 24.11 31.59
N ILE B 109 -40.40 23.97 30.41
CA ILE B 109 -39.00 24.35 30.14
C ILE B 109 -38.95 25.45 29.10
N VAL B 110 -38.02 26.38 29.24
CA VAL B 110 -37.74 27.44 28.26
C VAL B 110 -36.29 27.35 27.81
N ILE B 111 -36.03 27.54 26.53
CA ILE B 111 -34.69 27.48 25.94
C ILE B 111 -34.51 28.77 25.13
N GLY B 112 -33.38 29.46 25.27
CA GLY B 112 -33.18 30.78 24.68
C GLY B 112 -31.75 31.28 24.77
N SER B 113 -31.58 32.60 24.81
CA SER B 113 -30.27 33.22 25.04
C SER B 113 -30.32 34.48 25.89
N VAL B 114 -31.22 35.42 25.58
CA VAL B 114 -31.39 36.66 26.37
C VAL B 114 -32.80 36.84 26.94
N PHE B 115 -33.77 36.01 26.55
CA PHE B 115 -35.14 36.00 27.09
C PHE B 115 -35.88 37.35 26.99
N ILE B 116 -35.67 38.11 25.92
CA ILE B 116 -36.32 39.41 25.69
C ILE B 116 -36.90 39.51 24.28
N ASN B 117 -37.89 40.39 24.10
CA ASN B 117 -38.73 40.48 22.90
C ASN B 117 -38.05 40.96 21.59
N ASN B 118 -36.72 40.90 21.49
CA ASN B 118 -35.99 40.98 20.23
C ASN B 118 -35.22 39.68 19.90
N SER B 119 -35.52 38.60 20.62
CA SER B 119 -34.91 37.29 20.52
C SER B 119 -35.96 36.19 20.69
N TYR B 120 -35.86 35.10 19.94
CA TYR B 120 -36.81 33.99 20.07
C TYR B 120 -36.48 33.12 21.29
N THR B 121 -37.48 32.89 22.15
CA THR B 121 -37.42 31.90 23.23
C THR B 121 -38.28 30.72 22.84
N ILE B 122 -37.74 29.51 22.83
CA ILE B 122 -38.53 28.29 22.69
C ILE B 122 -39.15 27.96 24.05
N VAL B 123 -40.42 27.60 24.07
CA VAL B 123 -41.13 27.19 25.29
C VAL B 123 -41.83 25.87 25.04
N VAL B 124 -41.70 24.92 25.97
CA VAL B 124 -42.39 23.63 25.92
C VAL B 124 -43.21 23.48 27.19
N GLN B 125 -44.54 23.53 27.07
CA GLN B 125 -45.46 23.58 28.20
C GLN B 125 -46.54 22.50 28.07
N PRO B 126 -46.77 21.68 29.09
CA PRO B 126 -47.87 20.73 29.10
C PRO B 126 -49.20 21.38 29.46
N HIS B 127 -50.27 20.84 28.89
CA HIS B 127 -51.68 21.19 29.08
C HIS B 127 -52.49 19.90 29.14
N ASN B 128 -52.27 19.10 30.20
CA ASN B 128 -53.03 17.88 30.50
C ASN B 128 -53.26 16.95 29.29
N GLY B 129 -52.19 16.52 28.64
CA GLY B 129 -52.22 15.63 27.47
C GLY B 129 -51.92 16.31 26.14
N VAL B 130 -51.95 17.64 26.10
CA VAL B 130 -51.43 18.43 24.99
C VAL B 130 -50.11 19.05 25.40
N LEU B 131 -49.06 18.85 24.64
CA LEU B 131 -47.77 19.50 24.78
C LEU B 131 -47.71 20.66 23.81
N GLU B 132 -47.92 21.88 24.29
CA GLU B 132 -47.79 23.07 23.46
C GLU B 132 -46.32 23.42 23.31
N ILE B 133 -45.85 23.62 22.07
CA ILE B 133 -44.49 24.07 21.80
C ILE B 133 -44.55 25.33 20.95
N THR B 134 -43.82 26.37 21.35
CA THR B 134 -43.77 27.64 20.64
C THR B 134 -42.35 28.20 20.60
N ALA B 135 -42.07 29.08 19.66
CA ALA B 135 -40.81 29.79 19.56
C ALA B 135 -41.08 31.23 19.14
N CYS B 136 -41.12 32.15 20.10
CA CYS B 136 -41.64 33.50 19.90
C CYS B 136 -40.79 34.54 20.59
N GLN B 137 -40.93 35.80 20.19
CA GLN B 137 -40.30 36.94 20.83
C GLN B 137 -41.01 37.35 22.14
N TYR B 138 -41.16 36.42 23.08
CA TYR B 138 -41.84 36.68 24.35
C TYR B 138 -41.17 37.77 25.19
N THR B 139 -41.96 38.60 25.86
CA THR B 139 -41.50 39.41 27.01
C THR B 139 -41.44 38.53 28.26
N MET B 140 -40.39 37.73 28.41
CA MET B 140 -40.27 36.87 29.58
C MET B 140 -40.20 37.70 30.87
N CYS B 141 -40.90 37.26 31.91
CA CYS B 141 -40.87 37.92 33.20
C CYS B 141 -39.50 37.85 33.88
N GLU B 142 -39.27 38.71 34.88
CA GLU B 142 -38.09 38.58 35.76
C GLU B 142 -38.06 37.26 36.53
N TYR B 143 -39.24 36.83 37.02
CA TYR B 143 -39.44 35.64 37.83
C TYR B 143 -40.60 34.81 37.26
N PRO B 144 -40.40 34.12 36.13
CA PRO B 144 -41.46 33.37 35.46
C PRO B 144 -41.86 32.15 36.28
N HIS B 145 -43.13 31.77 36.24
CA HIS B 145 -43.58 30.50 36.83
C HIS B 145 -44.88 30.03 36.19
N THR B 146 -45.19 28.74 36.33
CA THR B 146 -46.50 28.18 35.95
C THR B 146 -47.33 27.85 37.19
N ILE B 147 -48.55 27.34 37.01
CA ILE B 147 -49.45 26.97 38.11
C ILE B 147 -50.12 25.62 37.85
N CYS B 148 -50.54 24.92 38.91
CA CYS B 148 -51.48 23.81 38.79
C CYS B 148 -52.82 24.29 38.24
N LYS B 149 -53.22 23.84 37.05
CA LYS B 149 -54.55 24.12 36.51
C LYS B 149 -55.63 23.27 37.19
N SER B 150 -55.29 22.03 37.55
CA SER B 150 -56.20 21.09 38.22
C SER B 150 -56.53 21.51 39.66
N LYS B 151 -55.53 21.45 40.55
CA LYS B 151 -55.66 21.73 42.00
C LYS B 151 -55.61 23.22 42.36
N GLY B 152 -55.35 24.10 41.40
CA GLY B 152 -55.23 25.54 41.61
C GLY B 152 -53.95 25.96 42.33
N SER B 153 -53.78 27.28 42.47
CA SER B 153 -52.62 27.91 43.12
C SER B 153 -53.00 29.23 43.79
N SER B 154 -52.24 29.68 44.78
CA SER B 154 -52.50 30.93 45.50
C SER B 154 -52.15 32.19 44.70
N ARG B 155 -51.59 32.05 43.50
CA ARG B 155 -51.18 33.14 42.61
C ARG B 155 -51.50 32.84 41.15
N ASN B 156 -51.77 33.86 40.33
CA ASN B 156 -52.04 33.68 38.90
C ASN B 156 -50.79 33.23 38.15
N GLU B 157 -50.96 32.60 36.99
CA GLU B 157 -49.85 32.21 36.12
C GLU B 157 -49.26 33.41 35.40
N SER B 158 -47.93 33.53 35.37
CA SER B 158 -47.25 34.59 34.62
C SER B 158 -45.81 34.20 34.32
N TRP B 159 -45.49 33.98 33.04
CA TRP B 159 -44.12 33.83 32.58
C TRP B 159 -43.76 34.74 31.41
N HIS B 160 -44.75 35.37 30.77
CA HIS B 160 -44.54 36.43 29.78
C HIS B 160 -45.65 37.48 29.87
N PHE B 161 -45.41 38.70 29.39
CA PHE B 161 -46.34 39.82 29.56
C PHE B 161 -47.07 40.26 28.28
N ASP B 162 -46.79 39.66 27.13
CA ASP B 162 -47.28 40.11 25.82
C ASP B 162 -48.83 40.20 25.77
N LYS B 163 -49.36 41.42 25.63
CA LYS B 163 -50.81 41.69 25.55
C LYS B 163 -51.31 41.57 24.12
N SER B 164 -50.57 42.14 23.17
CA SER B 164 -50.63 41.75 21.76
C SER B 164 -49.92 40.41 21.55
N GLU B 165 -50.26 39.68 20.49
CA GLU B 165 -49.59 38.42 20.18
C GLU B 165 -48.15 38.68 19.68
N PRO B 166 -47.11 38.08 20.27
CA PRO B 166 -45.74 38.27 19.82
C PRO B 166 -45.46 37.54 18.51
N LEU B 167 -44.42 37.95 17.79
CA LEU B 167 -43.98 37.29 16.56
C LEU B 167 -43.42 35.89 16.86
N CYS B 168 -43.81 34.88 16.07
CA CYS B 168 -43.41 33.48 16.28
C CYS B 168 -42.81 32.83 15.03
N LEU B 169 -41.71 32.10 15.19
CA LEU B 169 -41.16 31.23 14.14
C LEU B 169 -41.89 29.88 14.08
N PHE B 170 -42.38 29.38 15.22
CA PHE B 170 -42.98 28.06 15.35
C PHE B 170 -44.09 28.09 16.40
N LYS B 171 -45.15 27.32 16.18
CA LYS B 171 -46.24 27.09 17.13
C LYS B 171 -46.97 25.82 16.71
N LYS B 172 -46.88 24.76 17.50
CA LYS B 172 -47.59 23.48 17.27
C LYS B 172 -47.95 22.81 18.58
N ASN B 173 -48.97 21.95 18.53
CA ASN B 173 -49.39 21.11 19.64
C ASN B 173 -49.11 19.65 19.33
N PHE B 174 -48.48 18.94 20.25
CA PHE B 174 -48.25 17.51 20.16
C PHE B 174 -49.00 16.80 21.28
N THR B 175 -49.71 15.72 21.00
CA THR B 175 -50.34 14.93 22.07
C THR B 175 -49.32 14.03 22.77
N TYR B 176 -49.56 13.70 24.03
CA TYR B 176 -48.82 12.67 24.74
C TYR B 176 -49.76 11.85 25.63
N ASN B 177 -49.44 10.58 25.85
CA ASN B 177 -50.26 9.70 26.68
C ASN B 177 -50.21 10.11 28.17
N VAL B 178 -51.27 10.72 28.68
CA VAL B 178 -51.36 11.15 30.09
C VAL B 178 -51.17 10.02 31.11
N SER B 179 -51.32 8.76 30.71
CA SER B 179 -51.24 7.64 31.64
C SER B 179 -49.81 7.25 32.01
N THR B 180 -48.81 7.61 31.21
CA THR B 180 -47.43 7.12 31.41
C THR B 180 -46.76 7.80 32.59
N ASP B 181 -45.75 7.17 33.19
CA ASP B 181 -45.06 7.74 34.35
C ASP B 181 -43.89 8.66 33.97
N TRP B 182 -43.32 8.49 32.78
CA TRP B 182 -42.12 9.20 32.34
C TRP B 182 -42.25 9.69 30.91
N LEU B 183 -41.72 10.88 30.66
CA LEU B 183 -41.48 11.41 29.31
C LEU B 183 -40.00 11.67 29.14
N TYR B 184 -39.47 11.46 27.94
CA TYR B 184 -38.07 11.70 27.61
C TYR B 184 -37.96 12.69 26.47
N PHE B 185 -37.00 13.61 26.52
CA PHE B 185 -36.78 14.59 25.46
C PHE B 185 -35.30 14.72 25.11
N HIS B 186 -34.98 14.86 23.83
CA HIS B 186 -33.70 15.42 23.38
C HIS B 186 -33.95 16.81 22.82
N PHE B 187 -33.25 17.83 23.33
CA PHE B 187 -33.22 19.15 22.71
C PHE B 187 -31.77 19.46 22.34
N TYR B 188 -31.44 19.70 21.08
CA TYR B 188 -30.07 20.07 20.69
C TYR B 188 -30.06 21.02 19.51
N GLN B 189 -28.92 21.67 19.29
CA GLN B 189 -28.74 22.60 18.17
C GLN B 189 -27.54 22.23 17.31
N GLU B 190 -27.66 22.37 16.00
CA GLU B 190 -26.57 22.17 15.05
C GLU B 190 -26.72 23.16 13.89
N ARG B 191 -25.64 23.82 13.47
CA ARG B 191 -25.61 24.79 12.36
C ARG B 191 -26.83 25.74 12.36
N GLY B 192 -27.08 26.41 13.48
CA GLY B 192 -28.16 27.40 13.61
C GLY B 192 -29.58 26.82 13.60
N THR B 193 -29.74 25.51 13.67
CA THR B 193 -31.03 24.82 13.68
C THR B 193 -31.25 24.08 14.99
N PHE B 194 -32.40 24.28 15.63
CA PHE B 194 -32.83 23.55 16.81
C PHE B 194 -33.51 22.24 16.42
N TYR B 195 -33.34 21.19 17.21
CA TYR B 195 -33.92 19.86 17.00
C TYR B 195 -34.54 19.34 18.28
N ALA B 196 -35.72 18.74 18.19
CA ALA B 196 -36.39 18.13 19.31
C ALA B 196 -36.74 16.67 19.02
N TYR B 197 -36.45 15.77 19.95
CA TYR B 197 -36.93 14.39 19.94
C TYR B 197 -37.69 14.16 21.24
N TYR B 198 -38.72 13.33 21.23
CA TYR B 198 -39.39 12.96 22.47
C TYR B 198 -39.83 11.50 22.48
N ALA B 199 -40.18 10.99 23.65
CA ALA B 199 -40.94 9.77 23.79
C ALA B 199 -41.80 9.84 25.05
N ASP B 200 -43.06 9.42 24.96
CA ASP B 200 -43.95 9.24 26.11
C ASP B 200 -44.03 7.78 26.56
N SER B 201 -43.67 6.83 25.69
CA SER B 201 -43.67 5.39 25.94
C SER B 201 -42.36 4.77 25.48
N GLY B 202 -41.79 3.88 26.29
CA GLY B 202 -40.40 3.43 26.12
C GLY B 202 -39.37 4.53 26.44
N MET B 203 -38.09 4.17 26.42
CA MET B 203 -36.98 5.10 26.65
C MET B 203 -36.43 5.76 25.38
N PRO B 204 -36.21 5.06 24.25
CA PRO B 204 -35.68 5.69 23.05
C PRO B 204 -36.63 6.73 22.49
N THR B 205 -36.15 7.94 22.21
CA THR B 205 -37.00 9.02 21.67
C THR B 205 -37.10 8.96 20.15
N THR B 206 -38.06 9.70 19.61
CA THR B 206 -38.31 9.86 18.17
C THR B 206 -38.43 11.33 17.81
N PHE B 207 -38.10 11.70 16.58
CA PHE B 207 -38.04 13.09 16.14
C PHE B 207 -39.41 13.77 16.21
N LEU B 208 -39.49 14.93 16.87
CA LEU B 208 -40.68 15.77 16.86
C LEU B 208 -40.63 16.81 15.73
N PHE B 209 -39.68 17.73 15.78
CA PHE B 209 -39.55 18.82 14.82
C PHE B 209 -38.12 19.38 14.80
N SER B 210 -37.79 20.09 13.72
CA SER B 210 -36.61 20.93 13.62
C SER B 210 -37.02 22.35 13.30
N LEU B 211 -36.23 23.33 13.73
CA LEU B 211 -36.57 24.74 13.63
C LEU B 211 -35.31 25.55 13.38
N TYR B 212 -35.20 26.17 12.20
CA TYR B 212 -34.11 27.09 11.93
C TYR B 212 -34.27 28.37 12.75
N LEU B 213 -33.23 28.75 13.49
CA LEU B 213 -33.21 29.98 14.28
C LEU B 213 -32.24 31.02 13.72
N GLY B 214 -31.14 30.59 13.11
CA GLY B 214 -30.11 31.49 12.59
C GLY B 214 -29.28 32.20 13.67
N THR B 215 -29.42 31.78 14.92
CA THR B 215 -28.73 32.31 16.09
C THR B 215 -28.41 31.17 17.04
N LEU B 216 -27.32 31.28 17.79
CA LEU B 216 -26.92 30.30 18.78
C LEU B 216 -27.79 30.41 20.05
N LEU B 217 -28.43 29.34 20.48
CA LEU B 217 -29.03 29.26 21.82
C LEU B 217 -27.94 29.10 22.86
N SER B 218 -28.10 29.68 24.05
CA SER B 218 -27.06 29.67 25.08
C SER B 218 -27.56 29.24 26.45
N HIS B 219 -28.85 29.31 26.74
CA HIS B 219 -29.36 29.00 28.07
C HIS B 219 -30.67 28.25 28.02
N TYR B 220 -30.94 27.47 29.06
CA TYR B 220 -32.26 26.92 29.31
C TYR B 220 -32.60 27.06 30.78
N TYR B 221 -33.88 27.02 31.08
CA TYR B 221 -34.37 27.15 32.44
C TYR B 221 -35.67 26.37 32.60
N VAL B 222 -35.87 25.73 33.74
CA VAL B 222 -37.08 24.97 34.03
C VAL B 222 -37.93 25.81 34.96
N LEU B 223 -39.14 26.15 34.53
CA LEU B 223 -39.97 27.09 35.27
C LEU B 223 -40.45 26.48 36.58
N PRO B 224 -40.33 27.17 37.72
CA PRO B 224 -41.01 26.78 38.94
C PRO B 224 -42.51 26.68 38.72
N LEU B 225 -43.14 25.68 39.33
CA LEU B 225 -44.58 25.47 39.30
C LEU B 225 -45.16 25.74 40.68
N THR B 226 -46.20 26.56 40.77
CA THR B 226 -46.86 26.83 42.06
C THR B 226 -48.16 26.06 42.18
N CYS B 227 -48.39 25.39 43.30
CA CYS B 227 -49.52 24.50 43.46
C CYS B 227 -50.01 24.44 44.91
N ASN B 228 -51.32 24.30 45.12
CA ASN B 228 -51.85 23.99 46.45
C ASN B 228 -51.57 22.53 46.86
N ALA B 229 -51.62 21.60 45.91
CA ALA B 229 -51.26 20.19 46.10
C ALA B 229 -49.74 19.95 45.91
N ILE B 230 -49.35 18.70 45.64
CA ILE B 230 -47.97 18.28 45.35
C ILE B 230 -47.04 18.58 46.55
N SER B 231 -47.43 18.11 47.72
CA SER B 231 -46.57 18.09 48.91
C SER B 231 -47.06 17.03 49.92
N SER B 232 -46.15 16.50 50.73
CA SER B 232 -46.43 15.39 51.66
C SER B 232 -47.54 15.65 52.69
N ASN B 233 -47.87 16.92 52.94
CA ASN B 233 -48.96 17.34 53.83
C ASN B 233 -50.36 17.33 53.17
N THR B 234 -50.47 17.05 51.86
CA THR B 234 -51.76 17.03 51.12
C THR B 234 -51.88 15.85 50.16
N ASP B 235 -50.81 15.48 49.46
CA ASP B 235 -50.73 14.27 48.66
C ASP B 235 -49.26 13.92 48.41
N ASN B 236 -48.86 12.66 48.61
CA ASN B 236 -47.49 12.20 48.38
C ASN B 236 -47.16 12.13 46.88
N GLU B 237 -46.99 13.30 46.29
CA GLU B 237 -46.60 13.52 44.91
C GLU B 237 -45.58 14.64 44.79
N THR B 238 -44.78 14.58 43.74
CA THR B 238 -43.65 15.48 43.48
C THR B 238 -43.51 15.70 41.98
N LEU B 239 -42.92 16.84 41.63
CA LEU B 239 -42.39 17.09 40.29
C LEU B 239 -40.98 16.52 40.21
N GLN B 240 -40.57 16.01 39.04
CA GLN B 240 -39.17 15.72 38.76
C GLN B 240 -38.85 16.08 37.31
N TYR B 241 -37.76 16.80 37.09
CA TYR B 241 -37.33 17.18 35.74
C TYR B 241 -35.82 17.03 35.67
N TRP B 242 -35.36 15.81 35.42
CA TRP B 242 -33.95 15.46 35.37
C TRP B 242 -33.33 15.91 34.05
N VAL B 243 -32.24 16.67 34.08
CA VAL B 243 -31.57 17.16 32.87
C VAL B 243 -30.11 16.77 32.85
N THR B 244 -29.56 16.39 31.70
CA THR B 244 -28.12 16.11 31.53
C THR B 244 -27.61 16.64 30.19
N PRO B 245 -26.36 17.13 30.08
CA PRO B 245 -25.83 17.63 28.82
C PRO B 245 -25.72 16.56 27.73
N LEU B 246 -26.03 16.92 26.50
CA LEU B 246 -25.71 16.15 25.30
C LEU B 246 -24.33 16.52 24.76
N SER B 247 -23.70 15.60 24.03
CA SER B 247 -22.52 15.85 23.22
C SER B 247 -22.41 14.82 22.12
N LYS B 248 -21.58 15.06 21.11
CA LYS B 248 -21.40 14.13 19.99
C LYS B 248 -20.57 12.94 20.44
N ARG B 249 -21.17 11.76 20.61
CA ARG B 249 -20.52 10.56 21.15
C ARG B 249 -20.81 9.34 20.30
N GLN B 250 -19.95 8.34 20.33
CA GLN B 250 -20.20 7.07 19.63
C GLN B 250 -20.82 6.07 20.59
N TYR B 251 -21.96 5.51 20.21
CA TYR B 251 -22.68 4.51 20.96
C TYR B 251 -22.72 3.20 20.18
N LEU B 252 -22.63 2.07 20.88
CA LEU B 252 -23.18 0.82 20.37
C LEU B 252 -24.67 0.82 20.69
N LEU B 253 -25.52 0.58 19.71
CA LEU B 253 -26.97 0.43 19.87
C LEU B 253 -27.36 -1.00 19.53
N LYS B 254 -28.18 -1.69 20.33
CA LYS B 254 -28.74 -3.00 19.94
C LYS B 254 -30.23 -2.87 19.64
N PHE B 255 -30.63 -3.34 18.47
CA PHE B 255 -32.02 -3.40 18.04
C PHE B 255 -32.52 -4.84 18.09
N ASP B 256 -33.70 -5.08 18.66
CA ASP B 256 -34.29 -6.41 18.70
C ASP B 256 -34.92 -6.81 17.34
N ASN B 257 -35.53 -7.99 17.31
CA ASN B 257 -36.23 -8.51 16.12
C ASN B 257 -37.50 -7.74 15.72
N ARG B 258 -37.88 -6.66 16.42
CA ARG B 258 -38.99 -5.77 16.03
C ARG B 258 -38.55 -4.30 15.93
N GLY B 259 -37.25 -4.05 15.90
CA GLY B 259 -36.67 -2.74 15.64
C GLY B 259 -36.69 -1.78 16.82
N VAL B 260 -36.95 -2.25 18.02
CA VAL B 260 -36.84 -1.44 19.24
C VAL B 260 -35.39 -1.41 19.71
N ILE B 261 -34.86 -0.25 20.10
CA ILE B 261 -33.55 -0.18 20.75
C ILE B 261 -33.70 -0.73 22.16
N THR B 262 -33.12 -1.89 22.46
CA THR B 262 -33.25 -2.50 23.80
C THR B 262 -32.11 -2.18 24.73
N ASN B 263 -30.91 -1.92 24.21
CA ASN B 263 -29.71 -1.66 25.00
C ASN B 263 -28.78 -0.71 24.27
N ALA B 264 -27.92 -0.04 25.02
CA ALA B 264 -26.91 0.83 24.45
C ALA B 264 -25.63 0.82 25.27
N VAL B 265 -24.51 1.20 24.65
CA VAL B 265 -23.21 1.30 25.33
C VAL B 265 -22.50 2.56 24.87
N ASP B 266 -22.15 3.43 25.78
CA ASP B 266 -21.33 4.62 25.49
C ASP B 266 -19.86 4.20 25.41
N CYS B 267 -19.28 4.10 24.22
CA CYS B 267 -18.04 3.35 24.04
C CYS B 267 -16.87 3.86 24.88
N SER B 268 -16.71 5.17 25.02
CA SER B 268 -15.60 5.75 25.78
C SER B 268 -15.88 5.93 27.28
N SER B 269 -17.06 5.55 27.76
CA SER B 269 -17.44 5.79 29.17
C SER B 269 -16.69 4.95 30.20
N SER B 270 -16.22 3.74 29.86
CA SER B 270 -15.52 2.85 30.79
C SER B 270 -14.74 1.76 30.06
N PHE B 271 -13.82 1.08 30.73
CA PHE B 271 -13.09 -0.02 30.13
C PHE B 271 -14.00 -1.14 29.65
N PHE B 272 -15.01 -1.52 30.42
CA PHE B 272 -15.92 -2.57 29.96
C PHE B 272 -16.75 -2.12 28.76
N SER B 273 -17.14 -0.85 28.72
CA SER B 273 -17.82 -0.29 27.55
C SER B 273 -16.94 -0.37 26.31
N GLU B 274 -15.64 -0.16 26.45
CA GLU B 274 -14.70 -0.27 25.34
C GLU B 274 -14.61 -1.70 24.83
N ILE B 275 -14.57 -2.71 25.70
CA ILE B 275 -14.60 -4.11 25.28
C ILE B 275 -15.91 -4.46 24.57
N GLN B 276 -17.04 -4.00 25.09
CA GLN B 276 -18.33 -4.21 24.45
C GLN B 276 -18.36 -3.61 23.05
N CYS B 277 -17.93 -2.36 22.87
CA CYS B 277 -17.88 -1.76 21.52
C CYS B 277 -16.87 -2.45 20.62
N LYS B 278 -15.68 -2.81 21.11
CA LYS B 278 -14.66 -3.52 20.33
C LYS B 278 -15.19 -4.83 19.76
N THR B 279 -15.93 -5.59 20.55
CA THR B 279 -16.53 -6.87 20.13
C THR B 279 -17.92 -6.73 19.51
N LYS B 280 -18.49 -5.50 19.47
CA LYS B 280 -19.87 -5.21 19.02
C LYS B 280 -20.92 -6.10 19.68
N SER B 281 -20.75 -6.41 20.96
CA SER B 281 -21.66 -7.31 21.70
C SER B 281 -21.88 -6.83 23.13
N LEU B 282 -23.05 -7.12 23.70
CA LEU B 282 -23.35 -6.71 25.09
C LEU B 282 -22.65 -7.60 26.12
N LEU B 283 -22.36 -8.85 25.77
CA LEU B 283 -21.63 -9.79 26.63
C LEU B 283 -20.46 -10.39 25.84
N PRO B 284 -19.27 -9.77 25.90
CA PRO B 284 -18.07 -10.25 25.23
C PRO B 284 -17.71 -11.68 25.67
N ASN B 285 -16.94 -12.40 24.86
CA ASN B 285 -16.44 -13.72 25.26
C ASN B 285 -15.43 -13.61 26.40
N THR B 286 -15.31 -14.65 27.22
CA THR B 286 -14.26 -14.74 28.25
C THR B 286 -12.90 -14.64 27.57
N GLY B 287 -12.01 -13.78 28.06
CA GLY B 287 -10.71 -13.54 27.43
C GLY B 287 -9.96 -12.37 28.03
N VAL B 288 -8.72 -12.19 27.60
CA VAL B 288 -7.89 -11.05 28.00
C VAL B 288 -7.81 -10.09 26.83
N TYR B 289 -8.23 -8.85 27.07
CA TYR B 289 -8.32 -7.80 26.07
C TYR B 289 -7.29 -6.73 26.37
N ASP B 290 -6.40 -6.45 25.43
CA ASP B 290 -5.49 -5.32 25.53
C ASP B 290 -6.20 -4.07 25.02
N LEU B 291 -6.62 -3.20 25.93
CA LEU B 291 -7.39 -2.01 25.59
C LEU B 291 -6.54 -0.98 24.83
N SER B 292 -7.21 0.02 24.25
CA SER B 292 -6.53 1.12 23.55
C SER B 292 -5.62 1.89 24.50
N GLY B 293 -4.48 2.34 24.00
CA GLY B 293 -3.49 3.03 24.79
C GLY B 293 -3.99 4.36 25.34
N PHE B 294 -3.73 4.63 26.61
CA PHE B 294 -3.89 5.95 27.21
C PHE B 294 -2.57 6.71 27.23
N THR B 295 -2.63 8.02 27.48
CA THR B 295 -1.46 8.86 27.76
C THR B 295 -1.75 9.65 29.03
N VAL B 296 -0.77 9.80 29.92
CA VAL B 296 -0.91 10.60 31.13
C VAL B 296 -1.29 12.04 30.74
N LYS B 297 -2.37 12.59 31.30
CA LYS B 297 -2.79 13.96 30.99
C LYS B 297 -1.79 14.98 31.57
N PRO B 298 -1.50 16.08 30.86
CA PRO B 298 -0.63 17.12 31.37
C PRO B 298 -1.28 17.82 32.56
N VAL B 299 -0.56 17.97 33.67
CA VAL B 299 -1.08 18.58 34.89
C VAL B 299 -0.96 20.11 34.90
N ALA B 300 -0.11 20.66 34.04
CA ALA B 300 0.21 22.07 33.95
C ALA B 300 0.61 22.44 32.51
N THR B 301 0.67 23.73 32.23
CA THR B 301 1.22 24.26 30.97
C THR B 301 2.49 25.06 31.24
N VAL B 302 3.53 24.86 30.44
CA VAL B 302 4.74 25.68 30.46
C VAL B 302 4.76 26.59 29.25
N HIS B 303 4.81 27.90 29.45
CA HIS B 303 4.90 28.87 28.36
C HIS B 303 6.13 29.74 28.54
N ARG B 304 7.02 29.80 27.54
CA ARG B 304 8.25 30.61 27.59
C ARG B 304 8.35 31.48 26.34
N ARG B 305 8.67 32.75 26.53
CA ARG B 305 8.92 33.78 25.52
C ARG B 305 10.00 34.72 26.03
N ILE B 306 10.79 35.30 25.14
CA ILE B 306 11.77 36.32 25.56
C ILE B 306 10.99 37.59 25.93
N PRO B 307 11.14 38.15 27.14
CA PRO B 307 10.39 39.33 27.56
C PRO B 307 11.00 40.62 27.00
N ASP B 308 10.24 41.71 27.08
CA ASP B 308 10.71 43.09 26.83
C ASP B 308 11.22 43.38 25.40
N LEU B 309 10.92 42.51 24.43
CA LEU B 309 11.24 42.78 23.03
C LEU B 309 10.40 43.96 22.50
N PRO B 310 10.95 44.79 21.61
CA PRO B 310 10.24 45.93 21.02
C PRO B 310 9.17 45.46 20.01
N ASP B 311 8.25 46.35 19.65
CA ASP B 311 7.31 46.10 18.55
C ASP B 311 8.03 46.08 17.20
N CYS B 312 7.57 45.24 16.26
CA CYS B 312 8.18 45.14 14.95
C CYS B 312 7.88 46.34 14.04
N ASP B 313 6.83 47.13 14.31
CA ASP B 313 6.42 48.29 13.51
C ASP B 313 6.12 47.97 12.03
N ILE B 314 5.68 46.75 11.74
CA ILE B 314 5.47 46.28 10.36
C ILE B 314 4.48 47.20 9.61
N ASP B 315 3.44 47.67 10.29
CA ASP B 315 2.47 48.60 9.70
C ASP B 315 3.12 49.92 9.27
N LYS B 316 4.11 50.45 10.02
CA LYS B 316 4.77 51.70 9.66
C LYS B 316 5.56 51.57 8.37
N TRP B 317 6.19 50.41 8.17
CA TRP B 317 6.92 50.15 6.94
C TRP B 317 5.99 49.89 5.77
N LEU B 318 4.92 49.11 5.97
CA LEU B 318 3.93 48.88 4.91
C LEU B 318 3.18 50.16 4.52
N ASN B 319 2.87 51.04 5.47
CA ASN B 319 2.16 52.30 5.20
C ASN B 319 3.09 53.45 4.76
N ASN B 320 4.38 53.23 4.56
CA ASN B 320 5.28 54.28 4.09
C ASN B 320 4.87 54.73 2.67
N PHE B 321 4.61 56.02 2.46
CA PHE B 321 4.07 56.52 1.20
C PHE B 321 5.03 56.47 0.00
N ASN B 322 6.32 56.21 0.21
CA ASN B 322 7.31 56.10 -0.86
C ASN B 322 7.35 54.67 -1.45
N VAL B 323 6.26 54.22 -2.06
CA VAL B 323 6.06 52.83 -2.47
C VAL B 323 6.97 52.47 -3.67
N PRO B 324 7.75 51.38 -3.63
CA PRO B 324 8.61 50.97 -4.74
C PRO B 324 7.85 50.24 -5.83
N SER B 325 8.37 50.21 -7.05
CA SER B 325 7.79 49.41 -8.15
C SER B 325 8.21 47.94 -8.07
N PRO B 326 7.56 47.01 -8.80
CA PRO B 326 8.00 45.63 -8.88
C PRO B 326 9.45 45.52 -9.35
N LEU B 327 9.97 46.42 -10.18
CA LEU B 327 11.34 46.31 -10.64
C LEU B 327 12.35 46.45 -9.51
N ASN B 328 12.11 47.35 -8.57
CA ASN B 328 12.99 47.66 -7.45
C ASN B 328 12.35 47.31 -6.11
N TRP B 329 11.61 46.21 -6.05
CA TRP B 329 10.89 45.77 -4.86
C TRP B 329 11.79 45.75 -3.62
N GLU B 330 11.27 46.23 -2.50
CA GLU B 330 12.06 46.43 -1.28
C GLU B 330 11.82 45.30 -0.29
N ARG B 331 12.86 44.89 0.43
CA ARG B 331 12.79 43.90 1.51
C ARG B 331 13.07 44.55 2.86
N LYS B 332 12.32 44.16 3.89
CA LYS B 332 12.68 44.40 5.29
C LYS B 332 12.61 43.09 6.07
N ILE B 333 13.52 42.92 7.02
CA ILE B 333 13.66 41.70 7.82
C ILE B 333 13.35 42.03 9.27
N PHE B 334 12.39 41.32 9.88
CA PHE B 334 11.99 41.53 11.26
C PHE B 334 12.40 40.36 12.14
N SER B 335 13.18 40.64 13.18
CA SER B 335 13.65 39.66 14.15
C SER B 335 13.81 40.28 15.53
N ASN B 336 13.74 39.46 16.58
CA ASN B 336 13.79 39.90 17.97
C ASN B 336 12.76 41.01 18.29
N CYS B 337 11.52 40.85 17.84
CA CYS B 337 10.45 41.82 18.03
C CYS B 337 9.09 41.12 18.13
N ASN B 338 8.12 41.76 18.78
CA ASN B 338 6.75 41.29 18.88
C ASN B 338 5.84 41.96 17.84
N PHE B 339 4.80 41.26 17.41
CA PHE B 339 3.79 41.81 16.50
C PHE B 339 2.39 41.25 16.78
N ASN B 340 1.35 41.92 16.30
CA ASN B 340 -0.03 41.44 16.38
C ASN B 340 -0.62 41.38 14.97
N LEU B 341 -0.82 40.20 14.41
CA LEU B 341 -1.34 40.08 13.05
C LEU B 341 -2.72 40.73 12.92
N SER B 342 -3.58 40.63 13.94
CA SER B 342 -4.90 41.29 13.91
C SER B 342 -4.78 42.80 13.77
N THR B 343 -4.01 43.46 14.64
CA THR B 343 -3.76 44.90 14.55
C THR B 343 -3.17 45.28 13.20
N LEU B 344 -2.19 44.51 12.73
CA LEU B 344 -1.54 44.78 11.46
C LEU B 344 -2.56 44.78 10.33
N LEU B 345 -3.40 43.75 10.23
CA LEU B 345 -4.41 43.66 9.18
C LEU B 345 -5.42 44.81 9.20
N ARG B 346 -5.71 45.41 10.37
CA ARG B 346 -6.50 46.65 10.45
C ARG B 346 -5.72 47.85 9.93
N LEU B 347 -4.53 48.09 10.47
CA LEU B 347 -3.78 49.34 10.23
C LEU B 347 -3.35 49.54 8.78
N VAL B 348 -3.22 48.46 8.01
CA VAL B 348 -2.79 48.55 6.60
C VAL B 348 -3.93 48.62 5.60
N HIS B 349 -5.20 48.57 6.02
CA HIS B 349 -6.34 48.55 5.10
C HIS B 349 -6.27 47.38 4.10
N THR B 350 -6.36 46.16 4.63
CA THR B 350 -6.28 44.92 3.85
C THR B 350 -7.42 44.76 2.85
N ASP B 351 -7.11 44.45 1.59
CA ASP B 351 -8.10 44.00 0.60
C ASP B 351 -8.33 42.49 0.70
N SER B 352 -7.24 41.72 0.75
CA SER B 352 -7.24 40.26 0.87
C SER B 352 -5.96 39.78 1.57
N PHE B 353 -6.04 38.71 2.36
CA PHE B 353 -4.91 38.05 2.99
C PHE B 353 -5.05 36.53 2.88
N SER B 354 -3.97 35.82 2.56
CA SER B 354 -3.97 34.35 2.46
C SER B 354 -2.57 33.80 2.64
N CYS B 355 -2.46 32.50 2.95
CA CYS B 355 -1.18 31.84 3.17
C CYS B 355 -1.03 30.58 2.33
N ASN B 356 0.21 30.20 2.08
CA ASN B 356 0.62 29.06 1.29
C ASN B 356 1.57 28.19 2.12
N ASN B 357 1.39 26.86 2.13
CA ASN B 357 2.11 25.93 3.00
C ASN B 357 2.00 26.24 4.51
N PHE B 358 1.01 27.05 4.89
CA PHE B 358 0.74 27.55 6.23
C PHE B 358 -0.70 28.05 6.30
N ASP B 359 -1.24 28.30 7.49
CA ASP B 359 -2.57 28.90 7.65
C ASP B 359 -2.56 30.16 8.53
N GLU B 360 -3.32 31.19 8.15
CA GLU B 360 -3.42 32.44 8.90
C GLU B 360 -3.79 32.17 10.37
N SER B 361 -4.71 31.25 10.66
CA SER B 361 -5.14 30.97 12.02
C SER B 361 -4.02 30.37 12.88
N LYS B 362 -2.99 29.81 12.25
CA LYS B 362 -1.82 29.26 12.94
C LYS B 362 -0.75 30.32 13.20
N ILE B 363 -0.83 31.51 12.61
CA ILE B 363 0.14 32.56 12.89
C ILE B 363 -0.06 33.10 14.30
N TYR B 364 -1.31 33.29 14.73
CA TYR B 364 -1.64 33.83 16.03
C TYR B 364 -0.98 33.03 17.16
N GLY B 365 -0.17 33.68 17.99
CA GLY B 365 0.54 33.07 19.12
C GLY B 365 1.85 32.34 18.76
N SER B 366 2.13 32.08 17.49
CA SER B 366 3.35 31.38 17.04
C SER B 366 4.59 32.26 17.06
N CYS B 367 5.77 31.65 17.02
CA CYS B 367 7.06 32.34 16.87
C CYS B 367 7.78 31.91 15.61
N PHE B 368 8.56 32.82 15.04
CA PHE B 368 9.35 32.61 13.83
C PHE B 368 10.80 33.07 14.06
N LYS B 369 11.77 32.45 13.39
CA LYS B 369 13.17 32.87 13.46
C LYS B 369 13.38 34.25 12.85
N SER B 370 12.68 34.55 11.77
CA SER B 370 12.49 35.91 11.28
C SER B 370 11.28 35.96 10.37
N ILE B 371 10.69 37.14 10.22
CA ILE B 371 9.70 37.41 9.20
C ILE B 371 10.36 38.29 8.16
N VAL B 372 10.35 37.88 6.91
CA VAL B 372 10.91 38.63 5.80
C VAL B 372 9.77 39.17 4.98
N LEU B 373 9.73 40.47 4.76
CA LEU B 373 8.62 41.14 4.09
C LEU B 373 9.10 41.88 2.85
N ASP B 374 8.54 41.52 1.70
CA ASP B 374 8.86 42.14 0.41
C ASP B 374 7.66 42.95 -0.07
N LYS B 375 7.81 44.21 -0.52
CA LYS B 375 6.68 45.04 -0.97
C LYS B 375 6.87 45.72 -2.32
N PHE B 376 5.80 45.91 -3.08
CA PHE B 376 5.77 46.78 -4.27
C PHE B 376 4.35 47.20 -4.67
N ALA B 377 4.23 48.31 -5.38
CA ALA B 377 2.97 48.75 -5.98
C ALA B 377 2.57 47.83 -7.15
N ILE B 378 1.27 47.57 -7.35
CA ILE B 378 0.81 46.67 -8.39
C ILE B 378 0.41 47.48 -9.63
N PRO B 379 1.02 47.30 -10.81
CA PRO B 379 0.51 47.91 -12.03
C PRO B 379 -0.84 47.27 -12.36
N ASN B 380 -1.93 48.04 -12.47
CA ASN B 380 -3.30 47.51 -12.51
C ASN B 380 -3.50 46.37 -13.52
N SER B 381 -3.07 46.54 -14.76
CA SER B 381 -3.22 45.54 -15.82
C SER B 381 -2.46 44.24 -15.56
N ARG B 382 -1.47 44.23 -14.67
CA ARG B 382 -0.71 43.03 -14.31
C ARG B 382 -1.20 42.34 -13.04
N ARG B 383 -2.30 42.75 -12.42
CA ARG B 383 -2.78 42.21 -11.12
C ARG B 383 -2.86 40.69 -11.09
N SER B 384 -3.32 40.05 -12.15
CA SER B 384 -3.43 38.59 -12.22
C SER B 384 -2.09 37.85 -12.26
N ASP B 385 -0.97 38.52 -12.58
CA ASP B 385 0.34 37.88 -12.58
C ASP B 385 0.78 37.44 -11.18
N LEU B 386 0.19 37.98 -10.12
CA LEU B 386 0.54 37.64 -8.73
C LEU B 386 -0.15 36.36 -8.22
N GLN B 387 -0.88 35.63 -9.07
CA GLN B 387 -1.35 34.28 -8.73
C GLN B 387 -0.19 33.30 -8.62
N LEU B 388 -0.18 32.44 -7.60
CA LEU B 388 0.92 31.48 -7.38
C LEU B 388 1.15 30.58 -8.61
N GLY B 389 2.40 30.44 -9.01
CA GLY B 389 2.79 29.66 -10.18
C GLY B 389 2.56 30.33 -11.54
N SER B 390 2.04 31.56 -11.60
CA SER B 390 1.85 32.26 -12.88
C SER B 390 3.16 32.55 -13.60
N SER B 391 3.17 32.49 -14.93
CA SER B 391 4.31 32.86 -15.77
C SER B 391 4.29 34.33 -16.24
N GLY B 392 3.32 35.12 -15.79
CA GLY B 392 3.18 36.53 -16.21
C GLY B 392 4.39 37.41 -15.87
N PHE B 393 4.49 38.56 -16.54
CA PHE B 393 5.68 39.43 -16.51
C PHE B 393 6.18 39.76 -15.11
N LEU B 394 5.29 39.97 -14.12
CA LEU B 394 5.73 40.24 -12.75
C LEU B 394 6.58 39.09 -12.20
N GLN B 395 6.10 37.84 -12.26
CA GLN B 395 6.84 36.72 -11.68
C GLN B 395 7.93 36.17 -12.60
N SER B 396 7.85 36.42 -13.90
CA SER B 396 8.93 36.07 -14.82
C SER B 396 10.13 37.00 -14.69
N SER B 397 9.91 38.31 -14.50
CA SER B 397 10.95 39.34 -14.66
C SER B 397 11.08 40.35 -13.53
N ASN B 398 10.28 40.30 -12.45
CA ASN B 398 10.34 41.31 -11.39
C ASN B 398 10.46 40.69 -10.01
N TYR B 399 9.53 39.81 -9.64
CA TYR B 399 9.47 39.22 -8.32
C TYR B 399 8.83 37.83 -8.39
N LYS B 400 9.62 36.77 -8.31
CA LYS B 400 9.07 35.40 -8.24
C LYS B 400 8.59 35.11 -6.82
N ILE B 401 7.30 34.87 -6.63
CA ILE B 401 6.77 34.43 -5.35
C ILE B 401 7.22 32.98 -5.13
N ASP B 402 7.92 32.69 -4.04
CA ASP B 402 8.40 31.34 -3.77
C ASP B 402 7.26 30.43 -3.31
N THR B 403 6.84 29.49 -4.16
CA THR B 403 5.76 28.56 -3.84
C THR B 403 6.17 27.44 -2.90
N THR B 404 7.46 27.22 -2.64
CA THR B 404 7.93 26.08 -1.84
C THR B 404 8.03 26.40 -0.34
N SER B 405 8.26 27.65 0.03
CA SER B 405 8.35 28.07 1.44
C SER B 405 6.99 28.42 2.04
N SER B 406 6.93 28.43 3.37
CA SER B 406 5.79 28.93 4.11
C SER B 406 5.68 30.45 3.98
N SER B 407 4.62 30.95 3.36
CA SER B 407 4.47 32.37 3.05
C SER B 407 3.02 32.83 3.09
N CYS B 408 2.79 34.14 3.20
CA CYS B 408 1.46 34.73 3.12
C CYS B 408 1.47 35.97 2.23
N GLN B 409 0.47 36.12 1.38
CA GLN B 409 0.38 37.24 0.46
C GLN B 409 -0.67 38.23 0.95
N LEU B 410 -0.28 39.48 1.12
CA LEU B 410 -1.13 40.58 1.53
C LEU B 410 -1.37 41.49 0.33
N TYR B 411 -2.64 41.74 0.02
CA TYR B 411 -3.04 42.81 -0.87
C TYR B 411 -3.66 43.91 -0.04
N TYR B 412 -3.17 45.13 -0.20
CA TYR B 412 -3.61 46.27 0.61
C TYR B 412 -3.51 47.55 -0.22
N SER B 413 -3.94 48.69 0.31
CA SER B 413 -3.91 49.92 -0.46
C SER B 413 -3.77 51.18 0.40
N LEU B 414 -3.19 52.22 -0.19
CA LEU B 414 -2.96 53.53 0.44
C LEU B 414 -3.69 54.64 -0.33
N PRO B 415 -4.12 55.72 0.31
CA PRO B 415 -4.82 56.81 -0.36
C PRO B 415 -3.91 57.46 -1.41
N ALA B 416 -4.38 57.52 -2.66
CA ALA B 416 -3.52 57.79 -3.79
C ALA B 416 -2.86 59.17 -3.72
N ILE B 417 -3.53 60.18 -3.16
CA ILE B 417 -2.98 61.53 -3.08
C ILE B 417 -1.70 61.63 -2.25
N ASN B 418 -1.46 60.69 -1.32
CA ASN B 418 -0.27 60.68 -0.49
C ASN B 418 0.87 59.85 -1.10
N VAL B 419 0.55 58.77 -1.81
CA VAL B 419 1.53 57.87 -2.42
C VAL B 419 2.37 58.57 -3.48
N THR B 420 3.67 58.31 -3.49
CA THR B 420 4.57 58.62 -4.60
C THR B 420 5.34 57.37 -5.01
N ILE B 421 5.26 56.96 -6.27
CA ILE B 421 5.92 55.73 -6.70
C ILE B 421 7.41 55.96 -6.92
N ASN B 422 8.25 55.15 -6.29
CA ASN B 422 9.70 55.16 -6.48
C ASN B 422 10.12 54.16 -7.56
N ASN B 423 10.07 54.56 -8.84
CA ASN B 423 10.64 53.78 -9.93
C ASN B 423 12.16 53.93 -9.97
N TYR B 424 12.90 52.83 -9.99
CA TYR B 424 14.35 52.81 -10.02
C TYR B 424 14.86 51.54 -10.73
N ASN B 425 15.98 51.60 -11.43
CA ASN B 425 16.57 50.41 -12.05
C ASN B 425 17.70 49.88 -11.18
N PRO B 426 17.63 48.65 -10.65
CA PRO B 426 18.67 48.09 -9.79
C PRO B 426 19.84 47.49 -10.55
N SER B 427 19.74 47.28 -11.86
CA SER B 427 20.77 46.57 -12.64
C SER B 427 22.08 47.37 -12.73
N SER B 428 23.15 46.81 -12.17
CA SER B 428 24.47 47.41 -12.20
C SER B 428 25.00 47.54 -13.62
N TRP B 429 24.84 46.53 -14.48
CA TRP B 429 25.37 46.61 -15.84
C TRP B 429 24.62 47.64 -16.67
N ASN B 430 23.29 47.77 -16.54
CA ASN B 430 22.57 48.87 -17.16
C ASN B 430 23.09 50.23 -16.69
N ARG B 431 23.28 50.41 -15.38
CA ARG B 431 23.79 51.68 -14.84
C ARG B 431 25.21 52.00 -15.27
N ARG B 432 26.06 51.00 -15.49
CA ARG B 432 27.42 51.20 -16.00
C ARG B 432 27.42 51.85 -17.38
N TYR B 433 26.48 51.49 -18.24
CA TYR B 433 26.39 51.95 -19.62
C TYR B 433 25.32 53.01 -19.87
N GLY B 434 25.05 53.88 -18.89
CA GLY B 434 24.36 55.14 -19.13
C GLY B 434 22.90 55.21 -18.68
N PHE B 435 22.31 54.14 -18.15
CA PHE B 435 20.96 54.25 -17.59
C PHE B 435 20.97 55.12 -16.32
N ASN B 436 20.19 56.21 -16.30
CA ASN B 436 20.11 57.12 -15.14
C ASN B 436 18.85 56.89 -14.31
N ASN B 437 17.68 57.26 -14.86
CA ASN B 437 16.39 57.19 -14.19
C ASN B 437 15.22 57.24 -15.18
N PHE B 438 14.04 56.90 -14.68
CA PHE B 438 12.78 57.03 -15.41
C PHE B 438 12.23 58.46 -15.39
N ASN B 439 11.41 58.81 -16.37
CA ASN B 439 10.66 60.07 -16.43
C ASN B 439 9.16 59.79 -16.63
N LEU B 440 8.43 59.54 -15.55
CA LEU B 440 7.01 59.15 -15.57
C LEU B 440 6.20 59.87 -14.47
N SER B 441 4.87 59.83 -14.60
CA SER B 441 3.91 60.40 -13.65
C SER B 441 4.01 59.81 -12.25
N SER B 442 3.54 60.54 -11.24
CA SER B 442 3.67 60.19 -9.82
C SER B 442 3.09 58.81 -9.46
N HIS B 443 2.03 58.38 -10.14
CA HIS B 443 1.38 57.09 -9.93
C HIS B 443 1.73 56.01 -10.96
N SER B 444 2.59 56.29 -11.93
CA SER B 444 3.04 55.27 -12.88
C SER B 444 4.00 54.29 -12.21
N VAL B 445 3.73 53.00 -12.34
CA VAL B 445 4.57 51.92 -11.83
C VAL B 445 5.23 51.23 -13.01
N VAL B 446 6.56 51.20 -13.09
CA VAL B 446 7.27 50.44 -14.12
C VAL B 446 7.37 48.96 -13.75
N TYR B 447 7.36 48.07 -14.73
CA TYR B 447 7.67 46.66 -14.56
C TYR B 447 8.51 46.19 -15.75
N SER B 448 9.52 45.36 -15.47
CA SER B 448 10.30 44.73 -16.52
C SER B 448 9.46 43.65 -17.21
N ARG B 449 9.51 43.57 -18.53
CA ARG B 449 8.89 42.48 -19.30
C ARG B 449 9.87 41.36 -19.52
N TYR B 450 11.08 41.67 -19.99
CA TYR B 450 12.11 40.68 -20.28
C TYR B 450 13.45 41.09 -19.67
N CYS B 451 14.05 40.24 -18.84
CA CYS B 451 15.34 40.50 -18.21
C CYS B 451 16.49 39.84 -18.94
N PHE B 452 17.61 40.54 -19.07
CA PHE B 452 18.81 40.06 -19.73
C PHE B 452 20.03 40.18 -18.83
N SER B 453 20.90 39.18 -18.90
CA SER B 453 22.10 39.05 -18.10
C SER B 453 23.33 39.00 -19.00
N VAL B 454 24.46 39.48 -18.50
CA VAL B 454 25.72 39.60 -19.24
C VAL B 454 26.91 39.25 -18.35
N ASN B 455 28.00 38.78 -18.94
CA ASN B 455 29.26 38.57 -18.23
C ASN B 455 29.82 39.90 -17.72
N ASN B 456 30.74 39.87 -16.76
CA ASN B 456 31.44 41.08 -16.29
C ASN B 456 32.37 41.70 -17.36
N THR B 457 32.66 40.99 -18.45
CA THR B 457 33.44 41.50 -19.61
C THR B 457 32.58 42.15 -20.70
N PHE B 458 31.25 42.20 -20.58
CA PHE B 458 30.39 42.75 -21.63
C PHE B 458 30.57 44.26 -21.83
N CYS B 459 30.63 44.71 -23.07
CA CYS B 459 30.50 46.12 -23.46
C CYS B 459 29.66 46.25 -24.74
N PRO B 460 28.71 47.19 -24.82
CA PRO B 460 27.83 47.30 -25.98
C PRO B 460 28.42 48.08 -27.17
N CYS B 461 29.57 48.74 -27.03
CA CYS B 461 30.16 49.52 -28.13
C CYS B 461 31.07 48.69 -29.05
N ALA B 462 31.02 48.95 -30.37
CA ALA B 462 31.98 48.38 -31.31
C ALA B 462 33.33 49.09 -31.22
N LYS B 463 34.41 48.38 -31.63
CA LYS B 463 35.77 48.90 -31.55
C LYS B 463 35.97 50.03 -32.57
N PRO B 464 36.47 51.22 -32.17
CA PRO B 464 36.64 52.33 -33.10
C PRO B 464 37.52 52.03 -34.32
N SER B 465 38.55 51.18 -34.16
CA SER B 465 39.37 50.75 -35.29
C SER B 465 38.54 50.01 -36.34
N PHE B 466 37.78 48.99 -35.94
CA PHE B 466 36.86 48.28 -36.82
C PHE B 466 35.86 49.24 -37.47
N ALA B 467 35.21 50.08 -36.66
CA ALA B 467 34.20 51.04 -37.12
C ALA B 467 34.74 52.00 -38.19
N SER B 468 36.01 52.42 -38.09
CA SER B 468 36.64 53.31 -39.08
C SER B 468 36.72 52.70 -40.48
N SER B 469 36.79 51.36 -40.58
CA SER B 469 36.90 50.68 -41.88
C SER B 469 35.55 50.55 -42.59
N CYS B 470 34.45 50.53 -41.82
CA CYS B 470 33.10 50.36 -42.35
C CYS B 470 32.68 51.56 -43.21
N LYS B 471 31.94 51.29 -44.29
CA LYS B 471 31.33 52.35 -45.12
C LYS B 471 29.87 52.08 -45.52
N SER B 472 29.31 50.96 -45.08
CA SER B 472 27.88 50.70 -45.13
C SER B 472 27.40 50.08 -43.81
N HIS B 473 26.31 50.60 -43.25
CA HIS B 473 25.82 50.29 -41.89
C HIS B 473 26.93 50.35 -40.82
N LYS B 474 27.77 51.39 -40.87
CA LYS B 474 28.85 51.60 -39.89
C LYS B 474 28.25 51.62 -38.47
N PRO B 475 28.66 50.71 -37.58
CA PRO B 475 28.19 50.68 -36.21
C PRO B 475 28.84 51.80 -35.38
N PRO B 476 28.13 52.40 -34.42
CA PRO B 476 28.72 53.38 -33.51
C PRO B 476 29.79 52.74 -32.63
N SER B 477 30.73 53.56 -32.16
CA SER B 477 31.91 53.12 -31.42
C SER B 477 32.24 54.09 -30.28
N ALA B 478 33.00 53.58 -29.31
CA ALA B 478 33.61 54.34 -28.21
C ALA B 478 34.67 53.46 -27.54
N SER B 479 35.46 54.02 -26.63
CA SER B 479 36.32 53.21 -25.77
C SER B 479 35.48 52.41 -24.75
N CYS B 480 35.63 51.08 -24.73
CA CYS B 480 35.05 50.23 -23.70
C CYS B 480 35.92 50.25 -22.43
N PRO B 481 35.34 50.01 -21.23
CA PRO B 481 36.11 49.92 -19.99
C PRO B 481 37.23 48.89 -20.06
N ILE B 482 38.32 49.10 -19.33
CA ILE B 482 39.41 48.12 -19.23
C ILE B 482 38.88 46.78 -18.70
N GLY B 483 39.37 45.66 -19.25
CA GLY B 483 38.92 44.32 -18.89
C GLY B 483 37.57 43.91 -19.49
N THR B 484 37.16 44.52 -20.61
CA THR B 484 35.90 44.20 -21.31
C THR B 484 36.14 43.97 -22.79
N ASN B 485 35.22 43.27 -23.46
CA ASN B 485 35.29 42.95 -24.87
C ASN B 485 34.32 43.81 -25.66
N TYR B 486 34.79 44.44 -26.75
CA TYR B 486 33.95 45.22 -27.65
C TYR B 486 32.86 44.37 -28.32
N ARG B 487 31.81 45.04 -28.81
CA ARG B 487 30.69 44.44 -29.55
C ARG B 487 31.19 43.55 -30.69
N SER B 488 30.72 42.31 -30.73
CA SER B 488 31.08 41.37 -31.79
C SER B 488 30.53 41.82 -33.15
N CYS B 489 31.43 42.05 -34.11
CA CYS B 489 31.14 42.52 -35.47
C CYS B 489 32.06 41.88 -36.51
N GLU B 490 31.61 41.87 -37.77
CA GLU B 490 32.26 41.27 -38.92
C GLU B 490 32.12 42.17 -40.16
N SER B 491 33.23 42.49 -40.82
CA SER B 491 33.19 43.12 -42.15
C SER B 491 32.84 42.07 -43.20
N THR B 492 31.80 42.33 -43.99
CA THR B 492 31.14 41.35 -44.85
C THR B 492 30.87 41.91 -46.24
N THR B 493 31.03 41.09 -47.28
CA THR B 493 30.74 41.51 -48.66
C THR B 493 29.32 41.11 -49.07
N VAL B 494 28.45 42.10 -49.27
CA VAL B 494 27.05 41.92 -49.69
C VAL B 494 26.70 42.94 -50.77
N LEU B 495 25.88 42.56 -51.75
CA LEU B 495 25.49 43.42 -52.86
C LEU B 495 26.70 44.04 -53.58
N ASP B 496 27.77 43.24 -53.75
CA ASP B 496 29.07 43.64 -54.30
C ASP B 496 29.84 44.72 -53.50
N HIS B 497 29.36 45.12 -52.33
CA HIS B 497 30.08 46.02 -51.42
C HIS B 497 31.23 45.27 -50.73
N THR B 498 32.33 45.97 -50.43
CA THR B 498 33.53 45.37 -49.79
C THR B 498 33.62 45.58 -48.28
N ASP B 499 32.97 46.62 -47.74
CA ASP B 499 33.06 47.04 -46.33
C ASP B 499 31.69 47.42 -45.76
N TRP B 500 30.69 46.59 -46.07
CA TRP B 500 29.47 46.52 -45.30
C TRP B 500 29.74 45.79 -43.98
N CYS B 501 29.31 46.35 -42.84
CA CYS B 501 29.60 45.79 -41.53
C CYS B 501 28.35 45.20 -40.88
N ARG B 502 28.48 43.98 -40.32
CA ARG B 502 27.43 43.26 -39.61
C ARG B 502 27.86 43.04 -38.17
N CYS B 503 26.94 43.04 -37.23
CA CYS B 503 27.23 42.84 -35.80
C CYS B 503 26.16 41.95 -35.15
N SER B 504 26.45 41.47 -33.94
CA SER B 504 25.55 40.65 -33.12
C SER B 504 24.26 41.36 -32.67
N CYS B 505 23.31 40.62 -32.08
CA CYS B 505 22.09 41.14 -31.44
C CYS B 505 21.13 41.95 -32.34
N LEU B 506 21.14 41.75 -33.66
CA LEU B 506 20.20 42.43 -34.56
C LEU B 506 18.82 41.74 -34.61
N PRO B 507 17.71 42.50 -34.72
CA PRO B 507 17.65 43.97 -34.63
C PRO B 507 17.99 44.53 -33.25
N ASP B 508 17.55 43.87 -32.18
CA ASP B 508 17.85 44.19 -30.78
C ASP B 508 17.84 42.89 -29.96
N PRO B 509 18.38 42.84 -28.72
CA PRO B 509 18.46 41.58 -27.97
C PRO B 509 17.11 40.96 -27.60
N ILE B 510 15.99 41.70 -27.65
CA ILE B 510 14.65 41.14 -27.46
C ILE B 510 14.20 40.46 -28.74
N THR B 511 14.38 41.11 -29.88
CA THR B 511 13.93 40.64 -31.20
C THR B 511 14.96 39.78 -31.94
N ALA B 512 16.13 39.52 -31.34
CA ALA B 512 17.31 38.99 -32.03
C ALA B 512 17.04 37.75 -32.88
N TYR B 513 17.41 37.78 -34.17
CA TYR B 513 17.21 36.63 -35.07
C TYR B 513 18.08 35.43 -34.67
N ASP B 514 19.25 35.68 -34.08
CA ASP B 514 20.11 34.64 -33.53
C ASP B 514 20.51 34.98 -32.09
N PRO B 515 19.71 34.58 -31.10
CA PRO B 515 20.03 34.78 -29.69
C PRO B 515 21.33 34.09 -29.26
N ARG B 516 21.76 33.04 -29.96
CA ARG B 516 22.95 32.26 -29.59
C ARG B 516 24.24 33.10 -29.62
N SER B 517 24.44 33.92 -30.67
CA SER B 517 25.59 34.83 -30.75
C SER B 517 25.46 36.08 -29.88
N CYS B 518 24.25 36.51 -29.53
CA CYS B 518 24.04 37.73 -28.76
C CYS B 518 24.58 37.61 -27.32
N SER B 519 25.39 38.56 -26.85
CA SER B 519 25.98 38.50 -25.49
C SER B 519 24.96 38.72 -24.38
N GLN B 520 23.85 39.38 -24.67
CA GLN B 520 22.78 39.63 -23.70
C GLN B 520 21.85 38.43 -23.66
N LYS B 521 21.88 37.63 -22.59
CA LYS B 521 21.15 36.37 -22.49
C LYS B 521 19.84 36.54 -21.73
N LYS B 522 18.72 36.09 -22.30
CA LYS B 522 17.40 36.10 -21.66
C LYS B 522 17.45 35.27 -20.37
N SER B 523 16.96 35.79 -19.25
CA SER B 523 17.12 35.15 -17.93
C SER B 523 15.98 35.48 -16.99
N LEU B 524 15.23 34.47 -16.55
CA LEU B 524 14.17 34.61 -15.54
C LEU B 524 14.75 35.02 -14.17
N VAL B 525 14.00 35.78 -13.37
CA VAL B 525 14.46 36.14 -12.01
C VAL B 525 14.38 34.96 -11.05
N GLY B 526 15.40 34.81 -10.22
CA GLY B 526 15.43 33.82 -9.13
C GLY B 526 14.73 34.33 -7.88
N VAL B 527 14.33 33.41 -6.99
CA VAL B 527 13.70 33.79 -5.71
C VAL B 527 14.64 34.68 -4.92
N GLY B 528 14.16 35.83 -4.45
CA GLY B 528 14.94 36.78 -3.67
C GLY B 528 15.79 37.76 -4.48
N GLU B 529 15.77 37.70 -5.81
CA GLU B 529 16.62 38.52 -6.68
C GLU B 529 15.83 39.49 -7.56
N HIS B 530 16.40 40.64 -7.90
CA HIS B 530 15.81 41.59 -8.85
C HIS B 530 16.14 41.24 -10.30
N CYS B 531 15.52 41.94 -11.25
CA CYS B 531 15.82 41.81 -12.67
C CYS B 531 17.31 42.00 -12.95
N ALA B 532 17.91 41.13 -13.78
CA ALA B 532 19.32 41.24 -14.16
C ALA B 532 19.64 42.54 -14.90
N GLY B 533 18.68 43.05 -15.67
CA GLY B 533 18.79 44.28 -16.45
C GLY B 533 17.89 44.26 -17.68
N PHE B 534 17.58 45.43 -18.20
CA PHE B 534 16.91 45.60 -19.48
C PHE B 534 17.83 45.24 -20.64
N GLY B 535 17.28 44.68 -21.72
CA GLY B 535 18.00 44.51 -22.97
C GLY B 535 18.35 45.88 -23.55
N VAL B 536 19.60 46.11 -23.94
CA VAL B 536 20.03 47.37 -24.56
C VAL B 536 20.20 47.21 -26.06
N ASP B 537 19.64 48.11 -26.84
CA ASP B 537 19.86 48.20 -28.27
C ASP B 537 21.27 48.73 -28.55
N GLU B 538 22.19 47.82 -28.86
CA GLU B 538 23.59 48.14 -29.03
C GLU B 538 23.84 49.12 -30.18
N GLU B 539 22.93 49.25 -31.15
CA GLU B 539 23.01 50.24 -32.23
C GLU B 539 22.79 51.68 -31.76
N LYS B 540 22.41 51.89 -30.49
CA LYS B 540 22.27 53.21 -29.86
C LYS B 540 23.36 53.50 -28.82
N CYS B 541 24.38 52.65 -28.74
CA CYS B 541 25.48 52.79 -27.78
C CYS B 541 26.76 53.30 -28.47
N GLY B 542 27.41 54.31 -27.88
CA GLY B 542 28.52 55.02 -28.50
C GLY B 542 28.07 56.11 -29.49
N VAL B 543 28.98 56.56 -30.36
CA VAL B 543 28.69 57.54 -31.43
C VAL B 543 29.32 57.09 -32.74
N LEU B 544 28.80 57.59 -33.88
CA LEU B 544 29.05 57.01 -35.20
C LEU B 544 30.54 56.91 -35.59
N ASP B 545 31.39 57.79 -35.07
CA ASP B 545 32.84 57.78 -35.29
C ASP B 545 33.65 58.00 -34.00
N GLY B 546 33.12 57.54 -32.86
CA GLY B 546 33.72 57.80 -31.55
C GLY B 546 35.06 57.06 -31.36
N SER B 547 36.13 57.83 -31.14
CA SER B 547 37.51 57.37 -30.91
C SER B 547 37.79 56.96 -29.46
N TYR B 548 39.01 56.52 -29.17
CA TYR B 548 39.40 56.05 -27.83
C TYR B 548 39.31 57.09 -26.70
N ASN B 549 39.22 58.37 -27.03
CA ASN B 549 39.03 59.46 -26.07
C ASN B 549 37.60 59.60 -25.51
N VAL B 550 36.58 58.95 -26.09
CA VAL B 550 35.19 58.98 -25.58
C VAL B 550 34.81 57.65 -24.92
N SER B 551 34.19 57.70 -23.74
CA SER B 551 33.73 56.51 -23.00
C SER B 551 32.43 55.95 -23.57
N CYS B 552 32.29 54.61 -23.58
CA CYS B 552 31.09 53.95 -24.04
C CYS B 552 29.90 54.17 -23.08
N LEU B 553 28.76 54.60 -23.62
CA LEU B 553 27.47 54.62 -22.95
C LEU B 553 26.33 54.62 -23.98
N CYS B 554 25.12 54.38 -23.54
CA CYS B 554 23.93 54.28 -24.36
C CYS B 554 22.93 55.37 -24.00
N SER B 555 22.16 55.84 -24.98
CA SER B 555 21.03 56.75 -24.73
C SER B 555 19.90 56.05 -23.96
N THR B 556 19.02 56.82 -23.33
CA THR B 556 17.93 56.26 -22.52
C THR B 556 16.96 55.39 -23.32
N ASP B 557 16.66 55.75 -24.57
CA ASP B 557 15.80 54.98 -25.45
C ASP B 557 16.45 53.67 -25.93
N ALA B 558 17.75 53.46 -25.69
CA ALA B 558 18.39 52.19 -26.02
C ALA B 558 17.90 51.03 -25.15
N PHE B 559 17.44 51.29 -23.92
CA PHE B 559 16.99 50.23 -23.00
C PHE B 559 15.52 49.88 -23.23
N LEU B 560 15.24 48.65 -23.69
CA LEU B 560 13.91 48.16 -24.06
C LEU B 560 13.37 47.12 -23.08
N GLY B 561 12.19 46.58 -23.35
CA GLY B 561 11.68 45.42 -22.60
C GLY B 561 11.10 45.77 -21.24
N TRP B 562 10.59 46.98 -21.06
CA TRP B 562 9.88 47.42 -19.87
C TRP B 562 8.65 48.26 -20.25
N SER B 563 7.70 48.35 -19.33
CA SER B 563 6.40 48.97 -19.52
C SER B 563 5.90 49.52 -18.18
N TYR B 564 4.81 50.27 -18.19
CA TYR B 564 4.26 50.86 -16.97
C TYR B 564 2.73 50.93 -16.99
N ASP B 565 2.15 51.06 -15.81
CA ASP B 565 0.71 51.28 -15.61
C ASP B 565 0.47 52.04 -14.31
N THR B 566 -0.71 52.63 -14.13
CA THR B 566 -1.08 53.16 -12.82
C THR B 566 -1.37 52.05 -11.82
N CYS B 567 -1.18 52.30 -10.53
CA CYS B 567 -1.66 51.45 -9.45
C CYS B 567 -3.02 51.86 -8.89
N VAL B 568 -3.60 52.97 -9.35
CA VAL B 568 -4.74 53.60 -8.68
C VAL B 568 -6.06 52.93 -9.07
N SER B 569 -6.88 52.63 -8.08
CA SER B 569 -8.29 52.24 -8.22
C SER B 569 -9.10 52.92 -7.12
N ASN B 570 -10.27 53.50 -7.40
CA ASN B 570 -11.14 54.11 -6.38
C ASN B 570 -10.41 55.11 -5.46
N ASN B 571 -9.50 55.93 -6.03
CA ASN B 571 -8.63 56.86 -5.31
C ASN B 571 -7.66 56.24 -4.28
N ARG B 572 -7.38 54.94 -4.35
CA ARG B 572 -6.34 54.26 -3.57
C ARG B 572 -5.34 53.56 -4.51
N CYS B 573 -4.05 53.62 -4.21
CA CYS B 573 -3.04 52.86 -4.93
C CYS B 573 -2.97 51.44 -4.35
N ASN B 574 -3.14 50.40 -5.17
CA ASN B 574 -3.04 49.01 -4.75
C ASN B 574 -1.58 48.56 -4.60
N ILE B 575 -1.28 47.84 -3.53
CA ILE B 575 0.06 47.43 -3.14
C ILE B 575 0.04 45.96 -2.75
N PHE B 576 1.10 45.24 -3.10
CA PHE B 576 1.31 43.85 -2.74
C PHE B 576 2.46 43.75 -1.74
N SER B 577 2.36 42.84 -0.79
CA SER B 577 3.54 42.36 -0.08
C SER B 577 3.47 40.88 0.23
N ASN B 578 4.63 40.26 0.32
CA ASN B 578 4.79 38.85 0.57
C ASN B 578 5.46 38.66 1.92
N PHE B 579 4.76 38.07 2.88
CA PHE B 579 5.31 37.60 4.14
C PHE B 579 6.00 36.25 3.90
N ILE B 580 7.28 36.17 4.20
CA ILE B 580 8.03 34.91 4.20
C ILE B 580 8.32 34.55 5.65
N LEU B 581 7.91 33.37 6.07
CA LEU B 581 8.08 32.92 7.45
C LEU B 581 9.30 31.99 7.51
N ASN B 582 10.38 32.43 8.15
CA ASN B 582 11.60 31.63 8.27
C ASN B 582 11.66 30.99 9.65
N GLY B 583 12.03 29.70 9.72
CA GLY B 583 12.18 29.00 10.99
C GLY B 583 10.87 28.99 11.79
N ILE B 584 9.80 28.54 11.14
CA ILE B 584 8.45 28.47 11.71
C ILE B 584 8.44 27.68 13.01
N ASN B 585 7.57 28.06 13.94
CA ASN B 585 7.43 27.45 15.26
C ASN B 585 8.75 27.38 16.05
N SER B 586 9.56 28.45 15.99
CA SER B 586 10.81 28.60 16.74
C SER B 586 11.24 30.07 16.79
N GLY B 587 12.41 30.39 17.33
CA GLY B 587 13.00 31.72 17.19
C GLY B 587 12.38 32.78 18.12
N THR B 588 12.36 34.04 17.68
CA THR B 588 12.09 35.19 18.56
C THR B 588 11.11 36.21 17.97
N THR B 589 10.77 36.14 16.69
CA THR B 589 9.73 36.98 16.10
C THR B 589 8.38 36.39 16.45
N CYS B 590 7.78 36.78 17.57
CA CYS B 590 6.61 36.13 18.13
C CYS B 590 5.33 36.98 18.00
N SER B 591 4.24 36.34 17.61
CA SER B 591 2.91 36.98 17.65
C SER B 591 2.39 37.07 19.09
N ASN B 592 1.89 38.25 19.48
CA ASN B 592 1.24 38.46 20.77
C ASN B 592 -0.30 38.44 20.68
N ASP B 593 -0.89 37.99 19.57
CA ASP B 593 -2.35 37.95 19.42
C ASP B 593 -3.07 37.06 20.45
N LEU B 594 -2.37 36.09 21.05
CA LEU B 594 -2.86 35.19 22.08
C LEU B 594 -2.00 35.23 23.35
N LEU B 595 -1.51 36.43 23.70
CA LEU B 595 -0.49 36.62 24.74
C LEU B 595 -0.87 35.97 26.07
N GLN B 596 0.06 35.17 26.59
CA GLN B 596 -0.02 34.48 27.88
C GLN B 596 1.23 34.82 28.70
N PRO B 597 1.15 34.84 30.04
CA PRO B 597 2.30 35.15 30.87
C PRO B 597 3.33 34.04 30.80
N ASN B 598 4.62 34.38 30.89
CA ASN B 598 5.67 33.38 31.05
C ASN B 598 5.47 32.64 32.37
N THR B 599 5.30 31.32 32.31
CA THR B 599 5.29 30.47 33.51
C THR B 599 6.72 30.07 33.85
N GLU B 600 6.97 29.57 35.06
CA GLU B 600 8.20 28.82 35.31
C GLU B 600 8.21 27.50 34.52
N VAL B 601 9.36 26.86 34.43
CA VAL B 601 9.50 25.52 33.84
C VAL B 601 9.17 24.50 34.94
N PHE B 602 7.93 24.03 35.02
CA PHE B 602 7.54 23.00 35.98
C PHE B 602 8.25 21.69 35.69
N THR B 603 9.05 21.18 36.62
CA THR B 603 9.81 19.94 36.44
C THR B 603 9.11 18.74 37.05
N ASP B 604 9.54 17.53 36.66
CA ASP B 604 9.14 16.24 37.23
C ASP B 604 7.66 15.84 37.07
N VAL B 605 6.87 16.63 36.34
CA VAL B 605 5.45 16.35 36.06
C VAL B 605 5.19 16.45 34.56
N CYS B 606 4.22 15.71 34.03
CA CYS B 606 3.86 15.81 32.62
C CYS B 606 3.18 17.16 32.35
N VAL B 607 3.64 17.90 31.35
CA VAL B 607 3.11 19.21 30.99
C VAL B 607 2.97 19.36 29.48
N ASP B 608 1.99 20.15 29.05
CA ASP B 608 2.06 20.77 27.73
C ASP B 608 3.07 21.90 27.79
N TYR B 609 3.84 22.11 26.73
CA TYR B 609 4.80 23.19 26.70
C TYR B 609 4.76 23.94 25.37
N ASP B 610 5.15 25.20 25.45
CA ASP B 610 5.47 26.07 24.32
C ASP B 610 6.75 26.82 24.68
N LEU B 611 7.88 26.24 24.28
CA LEU B 611 9.20 26.80 24.51
C LEU B 611 9.60 27.63 23.30
N TYR B 612 9.41 28.94 23.37
CA TYR B 612 9.85 29.85 22.32
C TYR B 612 9.36 29.45 20.92
N GLY B 613 8.11 28.97 20.84
CA GLY B 613 7.48 28.49 19.61
C GLY B 613 7.51 26.98 19.45
N ILE B 614 8.41 26.25 20.13
CA ILE B 614 8.47 24.79 20.09
C ILE B 614 7.39 24.23 20.99
N THR B 615 6.26 23.84 20.41
CA THR B 615 5.15 23.21 21.14
C THR B 615 5.34 21.71 21.28
N GLY B 616 4.94 21.12 22.39
CA GLY B 616 4.87 19.67 22.55
C GLY B 616 4.32 19.27 23.92
N GLN B 617 4.49 18.01 24.27
CA GLN B 617 4.08 17.45 25.57
C GLN B 617 5.18 16.57 26.15
N GLY B 618 5.48 16.69 27.43
CA GLY B 618 6.61 15.97 28.03
C GLY B 618 6.85 16.29 29.51
N ILE B 619 7.91 15.73 30.08
CA ILE B 619 8.36 15.92 31.45
C ILE B 619 9.72 16.59 31.42
N PHE B 620 9.88 17.74 32.07
CA PHE B 620 11.17 18.40 32.21
C PHE B 620 11.92 17.89 33.44
N LYS B 621 13.22 17.69 33.34
CA LYS B 621 14.11 17.48 34.48
C LYS B 621 15.32 18.38 34.36
N GLU B 622 15.66 19.12 35.40
CA GLU B 622 16.81 20.02 35.37
C GLU B 622 18.12 19.23 35.47
N VAL B 623 19.14 19.65 34.74
CA VAL B 623 20.48 19.01 34.72
C VAL B 623 21.56 20.07 34.60
N SER B 624 22.78 19.79 35.04
CA SER B 624 23.92 20.68 34.85
C SER B 624 24.63 20.40 33.53
N ALA B 625 24.01 20.76 32.41
CA ALA B 625 24.60 20.56 31.08
C ALA B 625 25.80 21.49 30.83
N VAL B 626 26.77 21.02 30.03
CA VAL B 626 27.98 21.78 29.69
C VAL B 626 28.22 21.91 28.18
N TYR B 627 27.43 21.23 27.36
CA TYR B 627 27.63 21.17 25.91
C TYR B 627 27.07 22.39 25.15
N TYR B 628 26.16 23.17 25.73
CA TYR B 628 25.61 24.35 25.05
C TYR B 628 26.64 25.48 24.92
N ASN B 629 27.10 25.79 23.71
CA ASN B 629 27.85 27.03 23.45
C ASN B 629 26.95 28.26 23.39
N SER B 630 27.53 29.46 23.30
CA SER B 630 26.80 30.73 23.32
C SER B 630 25.70 30.84 22.25
N TRP B 631 25.87 30.22 21.09
CA TRP B 631 24.88 30.24 20.01
C TRP B 631 23.88 29.08 20.03
N GLN B 632 23.98 28.16 20.99
CA GLN B 632 23.20 26.91 21.03
C GLN B 632 22.22 26.88 22.18
N ASN B 633 20.98 26.45 21.95
CA ASN B 633 19.95 26.36 22.99
C ASN B 633 19.09 25.10 22.93
N LEU B 634 19.22 24.25 21.92
CA LEU B 634 18.36 23.08 21.75
C LEU B 634 19.18 21.82 21.57
N LEU B 635 18.83 20.74 22.27
CA LEU B 635 19.50 19.45 22.15
C LEU B 635 18.59 18.48 21.39
N TYR B 636 19.14 17.86 20.35
CA TYR B 636 18.40 16.97 19.47
C TYR B 636 18.96 15.54 19.50
N ASP B 637 18.10 14.56 19.28
CA ASP B 637 18.53 13.19 19.01
C ASP B 637 18.76 12.95 17.51
N SER B 638 19.23 11.75 17.15
CA SER B 638 19.51 11.39 15.76
C SER B 638 18.27 11.36 14.86
N ASN B 639 17.07 11.27 15.43
CA ASN B 639 15.81 11.29 14.70
C ASN B 639 15.24 12.70 14.53
N GLY B 640 15.90 13.73 15.05
CA GLY B 640 15.42 15.11 14.94
C GLY B 640 14.28 15.45 15.90
N ASN B 641 14.05 14.65 16.95
CA ASN B 641 13.23 15.07 18.06
C ASN B 641 14.04 15.98 18.98
N ILE B 642 13.42 17.00 19.56
CA ILE B 642 14.04 17.74 20.66
C ILE B 642 14.05 16.86 21.91
N ILE B 643 15.16 16.84 22.64
CA ILE B 643 15.32 16.05 23.87
C ILE B 643 15.89 16.86 25.03
N GLY B 644 16.27 18.12 24.83
CA GLY B 644 16.74 19.00 25.88
C GLY B 644 16.76 20.44 25.40
N PHE B 645 16.84 21.39 26.32
CA PHE B 645 17.02 22.80 25.96
C PHE B 645 17.70 23.59 27.07
N LYS B 646 18.22 24.76 26.71
CA LYS B 646 18.65 25.80 27.65
C LYS B 646 17.68 26.96 27.57
N ASP B 647 17.10 27.35 28.69
CA ASP B 647 16.12 28.42 28.74
C ASP B 647 16.75 29.79 28.47
N PHE B 648 16.32 30.51 27.42
CA PHE B 648 16.96 31.74 26.99
C PHE B 648 17.01 32.83 28.06
N VAL B 649 16.04 32.86 28.98
CA VAL B 649 15.94 33.90 30.01
C VAL B 649 16.80 33.57 31.23
N THR B 650 16.71 32.34 31.76
CA THR B 650 17.37 31.94 33.02
C THR B 650 18.70 31.22 32.82
N ASN B 651 19.06 30.83 31.60
CA ASN B 651 20.18 29.92 31.29
C ASN B 651 20.13 28.56 32.00
N LYS B 652 19.03 28.18 32.65
CA LYS B 652 18.87 26.86 33.23
C LYS B 652 18.71 25.81 32.13
N THR B 653 19.26 24.62 32.33
CA THR B 653 19.29 23.54 31.34
C THR B 653 18.46 22.34 31.76
N TYR B 654 17.59 21.86 30.88
CA TYR B 654 16.66 20.78 31.17
C TYR B 654 16.76 19.67 30.13
N ASN B 655 16.63 18.42 30.57
CA ASN B 655 16.27 17.30 29.72
C ASN B 655 14.75 17.23 29.56
N ILE B 656 14.30 16.79 28.40
CA ILE B 656 12.89 16.54 28.08
C ILE B 656 12.68 15.03 27.94
N PHE B 657 11.69 14.47 28.62
CA PHE B 657 11.29 13.07 28.48
C PHE B 657 9.83 12.96 28.06
N PRO B 658 9.44 11.96 27.27
CA PRO B 658 8.05 11.80 26.84
C PRO B 658 7.16 11.42 28.02
N CYS B 659 5.94 11.93 28.06
CA CYS B 659 4.96 11.52 29.08
C CYS B 659 4.59 10.05 28.90
N TYR B 660 4.30 9.35 29.99
CA TYR B 660 4.00 7.93 29.92
C TYR B 660 2.78 7.63 29.05
N ALA B 661 2.90 6.60 28.23
CA ALA B 661 1.82 6.03 27.44
C ALA B 661 1.83 4.52 27.58
N GLY B 662 0.66 3.88 27.56
CA GLY B 662 0.57 2.44 27.72
C GLY B 662 -0.86 1.93 27.63
N ARG B 663 -0.99 0.60 27.60
CA ARG B 663 -2.28 -0.09 27.54
C ARG B 663 -2.66 -0.62 28.91
N VAL B 664 -3.92 -0.99 29.06
CA VAL B 664 -4.40 -1.81 30.18
C VAL B 664 -4.73 -3.19 29.66
N SER B 665 -4.21 -4.24 30.27
CA SER B 665 -4.65 -5.60 29.96
C SER B 665 -5.84 -5.95 30.85
N ALA B 666 -7.04 -6.01 30.30
CA ALA B 666 -8.24 -6.33 31.04
C ALA B 666 -8.61 -7.80 30.87
N ALA B 667 -8.72 -8.55 31.96
CA ALA B 667 -9.22 -9.91 31.97
C ALA B 667 -10.72 -9.91 32.27
N PHE B 668 -11.52 -10.56 31.43
CA PHE B 668 -12.97 -10.64 31.57
C PHE B 668 -13.46 -12.08 31.53
N HIS B 669 -14.40 -12.43 32.41
CA HIS B 669 -15.11 -13.71 32.37
C HIS B 669 -16.61 -13.48 32.16
N GLN B 670 -17.25 -14.23 31.27
CA GLN B 670 -18.67 -14.05 30.96
C GLN B 670 -19.60 -14.18 32.18
N ASN B 671 -19.22 -14.93 33.20
CA ASN B 671 -20.02 -15.06 34.41
C ASN B 671 -19.82 -13.89 35.40
N ALA B 672 -18.96 -12.92 35.07
CA ALA B 672 -18.65 -11.78 35.92
C ALA B 672 -19.42 -10.51 35.51
N SER B 673 -19.35 -9.49 36.37
CA SER B 673 -19.94 -8.17 36.17
C SER B 673 -18.92 -7.04 36.14
N SER B 674 -17.62 -7.36 36.14
CA SER B 674 -16.51 -6.42 36.22
C SER B 674 -15.26 -6.98 35.55
N LEU B 675 -14.23 -6.15 35.41
CA LEU B 675 -12.95 -6.52 34.83
C LEU B 675 -11.86 -6.62 35.89
N ALA B 676 -10.98 -7.61 35.80
CA ALA B 676 -9.69 -7.55 36.46
C ALA B 676 -8.71 -6.80 35.55
N LEU B 677 -8.13 -5.70 36.03
CA LEU B 677 -7.24 -4.86 35.22
C LEU B 677 -5.80 -5.07 35.62
N LEU B 678 -4.91 -5.27 34.65
CA LEU B 678 -3.47 -5.30 34.85
C LEU B 678 -2.83 -4.10 34.12
N TYR B 679 -2.17 -3.23 34.87
CA TYR B 679 -1.33 -2.17 34.34
C TYR B 679 0.09 -2.69 34.24
N ARG B 680 0.48 -3.25 33.10
CA ARG B 680 1.74 -3.97 32.98
C ARG B 680 2.93 -3.07 33.30
N ASN B 681 3.86 -3.58 34.10
CA ASN B 681 5.11 -2.92 34.50
C ASN B 681 4.95 -1.61 35.28
N LEU B 682 3.76 -1.25 35.75
CA LEU B 682 3.54 -0.07 36.59
C LEU B 682 3.31 -0.48 38.04
N LYS B 683 3.92 0.22 38.99
CA LYS B 683 3.60 0.05 40.41
C LYS B 683 2.32 0.77 40.78
N CYS B 684 1.53 0.25 41.71
CA CYS B 684 0.22 0.79 42.03
C CYS B 684 0.27 2.22 42.55
N SER B 685 1.31 2.59 43.29
CA SER B 685 1.50 3.98 43.72
C SER B 685 1.58 4.92 42.52
N TYR B 686 2.28 4.53 41.45
CA TYR B 686 2.33 5.32 40.23
C TYR B 686 0.96 5.40 39.55
N VAL B 687 0.24 4.28 39.43
CA VAL B 687 -1.08 4.30 38.78
C VAL B 687 -2.04 5.21 39.52
N LEU B 688 -2.13 5.09 40.83
CA LEU B 688 -3.05 5.88 41.65
C LEU B 688 -2.66 7.36 41.68
N ASN B 689 -1.37 7.69 41.81
CA ASN B 689 -0.95 9.09 41.88
C ASN B 689 -1.02 9.79 40.54
N ASN B 690 -0.61 9.14 39.45
CA ASN B 690 -0.36 9.82 38.17
C ASN B 690 -1.34 9.47 37.06
N ILE B 691 -1.95 8.29 37.06
CA ILE B 691 -2.86 7.87 35.98
C ILE B 691 -4.31 8.10 36.38
N SER B 692 -4.80 7.43 37.42
CA SER B 692 -6.20 7.56 37.87
C SER B 692 -6.40 6.97 39.27
N LEU B 693 -7.18 7.68 40.09
CA LEU B 693 -7.71 7.11 41.34
C LEU B 693 -8.86 6.14 41.03
N THR B 694 -9.02 5.10 41.84
CA THR B 694 -10.16 4.18 41.76
C THR B 694 -10.46 3.57 43.12
N THR B 695 -11.69 3.10 43.32
CA THR B 695 -12.16 2.48 44.56
C THR B 695 -11.90 0.98 44.63
N GLN B 696 -11.55 0.33 43.52
CA GLN B 696 -11.26 -1.10 43.48
C GLN B 696 -10.03 -1.45 44.35
N PRO B 697 -9.98 -2.63 44.96
CA PRO B 697 -8.78 -3.11 45.63
C PRO B 697 -7.69 -3.41 44.61
N TYR B 698 -6.43 -3.32 45.04
CA TYR B 698 -5.28 -3.44 44.15
C TYR B 698 -4.07 -4.05 44.87
N PHE B 699 -3.12 -4.61 44.11
CA PHE B 699 -1.80 -4.98 44.63
C PHE B 699 -0.73 -5.02 43.53
N ASP B 700 0.53 -4.88 43.92
CA ASP B 700 1.68 -4.98 43.02
C ASP B 700 2.03 -6.45 42.74
N SER B 701 1.54 -7.02 41.65
CA SER B 701 1.99 -8.33 41.19
C SER B 701 3.35 -8.24 40.49
N TYR B 702 3.97 -9.38 40.21
CA TYR B 702 5.20 -9.43 39.41
C TYR B 702 5.04 -8.78 38.03
N LEU B 703 3.87 -8.91 37.41
CA LEU B 703 3.60 -8.36 36.07
C LEU B 703 3.29 -6.85 36.07
N GLY B 704 3.01 -6.25 37.22
CA GLY B 704 2.51 -4.89 37.34
C GLY B 704 1.34 -4.79 38.32
N CYS B 705 0.75 -3.60 38.43
CA CYS B 705 -0.36 -3.38 39.32
C CYS B 705 -1.64 -4.08 38.84
N VAL B 706 -2.25 -4.89 39.70
CA VAL B 706 -3.51 -5.62 39.41
C VAL B 706 -4.65 -5.02 40.23
N PHE B 707 -5.78 -4.72 39.60
CA PHE B 707 -6.99 -4.20 40.23
C PHE B 707 -8.13 -5.21 40.16
N ASN B 708 -8.98 -5.20 41.19
CA ASN B 708 -10.20 -6.01 41.29
C ASN B 708 -9.95 -7.53 41.28
N ALA B 709 -8.77 -7.98 41.70
CA ALA B 709 -8.48 -9.39 41.86
C ALA B 709 -7.71 -9.66 43.16
N ASP B 710 -8.03 -10.75 43.84
CA ASP B 710 -7.40 -11.14 45.10
C ASP B 710 -6.02 -11.76 44.87
N ASN B 711 -4.98 -11.27 45.55
CA ASN B 711 -3.63 -11.83 45.47
C ASN B 711 -3.55 -13.23 46.10
N LEU B 712 -3.55 -14.28 45.28
CA LEU B 712 -3.51 -15.67 45.71
C LEU B 712 -2.45 -16.46 44.94
N THR B 713 -1.27 -15.90 44.70
CA THR B 713 -0.20 -16.60 43.97
C THR B 713 0.33 -17.84 44.68
N ASP B 714 0.06 -18.03 45.96
CA ASP B 714 0.34 -19.31 46.63
C ASP B 714 -0.62 -20.44 46.21
N TYR B 715 -1.77 -20.10 45.62
CA TYR B 715 -2.68 -21.03 44.98
C TYR B 715 -2.25 -21.31 43.54
N SER B 716 -2.61 -22.48 43.03
CA SER B 716 -2.22 -22.94 41.71
C SER B 716 -3.37 -23.60 40.95
N VAL B 717 -3.47 -23.38 39.65
CA VAL B 717 -4.46 -24.01 38.77
C VAL B 717 -3.80 -24.68 37.57
N SER B 718 -4.32 -25.83 37.17
CA SER B 718 -3.78 -26.63 36.07
C SER B 718 -4.35 -26.26 34.70
N SER B 719 -5.44 -25.51 34.65
CA SER B 719 -6.02 -24.96 33.43
C SER B 719 -6.43 -23.52 33.64
N CYS B 720 -6.30 -22.70 32.61
CA CYS B 720 -6.46 -21.26 32.72
C CYS B 720 -6.94 -20.67 31.40
N ALA B 721 -8.08 -19.99 31.43
CA ALA B 721 -8.61 -19.26 30.28
C ALA B 721 -8.03 -17.84 30.14
N LEU B 722 -7.60 -17.22 31.24
CA LEU B 722 -7.15 -15.84 31.31
C LEU B 722 -5.66 -15.80 31.69
N ARG B 723 -4.79 -16.16 30.74
CA ARG B 723 -3.35 -16.29 30.96
C ARG B 723 -2.68 -14.93 30.87
N MET B 724 -2.11 -14.44 31.97
CA MET B 724 -1.53 -13.10 32.01
C MET B 724 -0.05 -13.05 31.59
N GLY B 725 0.68 -14.16 31.74
CA GLY B 725 2.10 -14.28 31.46
C GLY B 725 2.91 -14.79 32.64
N SER B 726 4.15 -15.21 32.43
CA SER B 726 5.10 -15.65 33.46
C SER B 726 4.52 -16.65 34.47
N GLY B 727 3.63 -17.53 34.05
CA GLY B 727 3.02 -18.51 34.94
C GLY B 727 1.95 -17.93 35.87
N PHE B 728 1.31 -16.82 35.52
CA PHE B 728 0.19 -16.25 36.27
C PHE B 728 -1.11 -16.27 35.47
N CYS B 729 -2.20 -16.48 36.18
CA CYS B 729 -3.54 -16.69 35.67
C CYS B 729 -4.54 -15.84 36.45
N VAL B 730 -5.58 -15.37 35.80
CA VAL B 730 -6.75 -14.81 36.49
C VAL B 730 -7.85 -15.86 36.50
N ASP B 731 -8.36 -16.20 37.67
CA ASP B 731 -9.37 -17.25 37.87
C ASP B 731 -10.64 -16.65 38.45
N TYR B 732 -11.81 -16.94 37.89
CA TYR B 732 -13.07 -16.36 38.37
C TYR B 732 -13.94 -17.38 39.10
N ASN B 733 -14.38 -17.06 40.32
CA ASN B 733 -15.38 -17.85 41.05
C ASN B 733 -16.80 -17.48 40.60
N SER B 750 -15.71 -13.48 42.66
CA SER B 750 -14.62 -12.54 42.37
C SER B 750 -13.50 -13.17 41.53
N TYR B 751 -12.62 -12.31 40.99
CA TYR B 751 -11.37 -12.74 40.37
C TYR B 751 -10.28 -13.02 41.41
N ARG B 752 -9.55 -14.12 41.24
CA ARG B 752 -8.33 -14.46 41.96
C ARG B 752 -7.15 -14.40 41.03
N PHE B 753 -6.05 -13.80 41.45
CA PHE B 753 -4.79 -13.82 40.72
C PHE B 753 -3.94 -14.97 41.27
N VAL B 754 -3.69 -16.00 40.47
CA VAL B 754 -3.13 -17.28 40.91
C VAL B 754 -2.05 -17.77 39.96
N THR B 755 -1.23 -18.71 40.39
CA THR B 755 -0.22 -19.28 39.49
C THR B 755 -0.80 -20.34 38.57
N PHE B 756 -0.21 -20.49 37.39
CA PHE B 756 -0.60 -21.45 36.37
C PHE B 756 0.46 -22.54 36.30
N GLU B 757 0.11 -23.77 36.64
CA GLU B 757 1.03 -24.93 36.62
C GLU B 757 0.37 -26.08 35.85
N PRO B 758 0.43 -26.07 34.51
CA PRO B 758 -0.33 -27.02 33.71
C PRO B 758 0.18 -28.46 33.80
N PHE B 759 1.42 -28.68 34.24
CA PHE B 759 2.04 -30.00 34.25
C PHE B 759 2.64 -30.34 35.61
N ASN B 760 2.52 -31.60 36.02
CA ASN B 760 3.07 -32.12 37.26
C ASN B 760 3.99 -33.30 36.98
N VAL B 761 4.95 -33.49 37.88
CA VAL B 761 5.63 -34.76 38.09
C VAL B 761 4.68 -35.77 38.74
N SER B 762 4.67 -37.02 38.27
CA SER B 762 4.09 -38.12 39.04
C SER B 762 5.02 -38.52 40.18
N PHE B 763 4.53 -38.58 41.42
CA PHE B 763 5.34 -38.92 42.58
C PHE B 763 5.08 -40.33 43.10
N VAL B 764 6.15 -41.05 43.44
CA VAL B 764 6.11 -42.32 44.19
C VAL B 764 6.93 -42.19 45.46
N ASN B 765 6.63 -42.91 46.52
CA ASN B 765 7.35 -42.82 47.80
C ASN B 765 8.42 -43.91 48.01
N ASP B 766 8.77 -44.66 46.96
CA ASP B 766 9.83 -45.67 46.97
C ASP B 766 11.24 -45.09 47.18
N SER B 767 12.15 -45.85 47.77
CA SER B 767 13.52 -45.39 48.05
C SER B 767 14.36 -45.19 46.79
N ILE B 768 15.19 -44.14 46.75
CA ILE B 768 16.15 -43.95 45.65
C ILE B 768 17.43 -44.79 45.81
N GLU B 769 17.70 -45.32 47.00
CA GLU B 769 18.93 -46.06 47.32
C GLU B 769 18.81 -47.55 46.98
N SER B 770 19.91 -48.20 46.62
CA SER B 770 19.92 -49.66 46.50
C SER B 770 20.09 -50.32 47.88
N VAL B 771 19.16 -51.19 48.27
CA VAL B 771 19.28 -52.00 49.49
C VAL B 771 20.09 -53.24 49.16
N GLY B 772 21.36 -53.28 49.58
CA GLY B 772 22.32 -54.16 48.94
C GLY B 772 22.37 -53.86 47.44
N GLY B 773 22.24 -54.89 46.60
CA GLY B 773 22.22 -54.75 45.14
C GLY B 773 20.84 -54.44 44.52
N LEU B 774 19.77 -54.27 45.28
CA LEU B 774 18.40 -54.19 44.74
C LEU B 774 17.76 -52.81 44.90
N TYR B 775 16.94 -52.39 43.94
CA TYR B 775 16.22 -51.12 43.94
C TYR B 775 14.72 -51.33 44.08
N GLU B 776 13.99 -50.41 44.72
CA GLU B 776 12.53 -50.45 44.77
C GLU B 776 11.91 -49.88 43.48
N ILE B 777 11.08 -50.68 42.80
CA ILE B 777 10.39 -50.29 41.56
C ILE B 777 8.91 -50.64 41.68
N LYS B 778 8.02 -49.76 41.24
CA LYS B 778 6.62 -50.11 41.01
C LYS B 778 6.46 -50.75 39.63
N ILE B 779 6.11 -52.03 39.58
CA ILE B 779 5.79 -52.76 38.34
C ILE B 779 4.27 -52.94 38.27
N PRO B 780 3.62 -52.70 37.12
CA PRO B 780 2.19 -52.93 36.97
C PRO B 780 1.78 -54.37 37.27
N THR B 781 0.69 -54.57 37.97
CA THR B 781 0.07 -55.89 38.20
C THR B 781 -1.21 -56.10 37.40
N ASN B 782 -1.78 -55.04 36.84
CA ASN B 782 -2.96 -55.10 35.99
C ASN B 782 -2.93 -53.98 34.96
N PHE B 783 -3.68 -54.07 33.88
CA PHE B 783 -3.65 -53.10 32.80
C PHE B 783 -4.95 -53.06 32.01
N THR B 784 -5.11 -52.01 31.22
CA THR B 784 -6.17 -51.84 30.24
C THR B 784 -5.61 -51.20 28.98
N ILE B 785 -6.39 -51.16 27.92
CA ILE B 785 -6.04 -50.43 26.70
C ILE B 785 -6.84 -49.13 26.70
N VAL B 786 -6.18 -48.01 26.44
CA VAL B 786 -6.84 -46.70 26.32
C VAL B 786 -6.71 -46.18 24.91
N GLY B 787 -7.74 -45.51 24.43
CA GLY B 787 -7.76 -44.87 23.12
C GLY B 787 -7.50 -43.37 23.26
N GLN B 788 -6.82 -42.77 22.29
CA GLN B 788 -6.60 -41.35 22.22
C GLN B 788 -6.84 -40.86 20.79
N GLU B 789 -7.63 -39.82 20.62
CA GLU B 789 -7.90 -39.20 19.32
C GLU B 789 -6.81 -38.19 18.96
N GLU B 790 -6.47 -38.06 17.69
CA GLU B 790 -5.61 -36.98 17.21
C GLU B 790 -6.06 -36.56 15.82
N PHE B 791 -6.68 -35.39 15.69
CA PHE B 791 -6.94 -34.79 14.39
C PHE B 791 -5.69 -34.11 13.86
N ILE B 792 -5.30 -34.39 12.62
CA ILE B 792 -4.25 -33.65 11.92
C ILE B 792 -4.85 -33.03 10.67
N GLN B 793 -4.79 -31.72 10.55
CA GLN B 793 -5.23 -31.02 9.36
C GLN B 793 -4.30 -31.33 8.18
N THR B 794 -4.87 -31.70 7.04
CA THR B 794 -4.10 -31.97 5.81
C THR B 794 -4.58 -31.14 4.63
N ASN B 795 -5.68 -30.42 4.76
CA ASN B 795 -6.32 -29.66 3.71
C ASN B 795 -6.91 -28.37 4.29
N SER B 796 -7.36 -27.45 3.45
CA SER B 796 -8.11 -26.26 3.88
C SER B 796 -9.07 -25.83 2.79
N PRO B 797 -10.10 -25.03 3.10
CA PRO B 797 -10.99 -24.46 2.08
C PRO B 797 -10.20 -23.77 0.96
N LYS B 798 -10.38 -24.20 -0.29
CA LYS B 798 -9.76 -23.58 -1.46
C LYS B 798 -10.43 -22.24 -1.79
N VAL B 799 -10.02 -21.17 -1.13
CA VAL B 799 -10.55 -19.84 -1.40
C VAL B 799 -10.11 -19.37 -2.78
N THR B 800 -11.02 -18.80 -3.55
CA THR B 800 -10.74 -18.14 -4.83
C THR B 800 -11.38 -16.77 -4.84
N ILE B 801 -10.68 -15.78 -5.37
CA ILE B 801 -11.13 -14.40 -5.43
C ILE B 801 -11.18 -13.96 -6.88
N ASP B 802 -12.28 -13.40 -7.37
CA ASP B 802 -12.23 -12.57 -8.59
C ASP B 802 -11.85 -11.15 -8.20
N CYS B 803 -10.57 -10.81 -8.36
CA CYS B 803 -10.07 -9.49 -8.02
C CYS B 803 -10.85 -8.36 -8.70
N SER B 804 -11.25 -8.53 -9.96
CA SER B 804 -11.99 -7.50 -10.67
C SER B 804 -13.39 -7.31 -10.08
N LEU B 805 -14.11 -8.39 -9.80
CA LEU B 805 -15.45 -8.32 -9.24
C LEU B 805 -15.43 -7.83 -7.80
N PHE B 806 -14.44 -8.22 -7.01
CA PHE B 806 -14.28 -7.73 -5.65
C PHE B 806 -13.96 -6.24 -5.63
N VAL B 807 -12.95 -5.79 -6.37
CA VAL B 807 -12.54 -4.38 -6.32
C VAL B 807 -13.60 -3.47 -6.91
N CYS B 808 -14.19 -3.80 -8.06
CA CYS B 808 -15.06 -2.88 -8.82
C CYS B 808 -16.53 -3.27 -8.95
N SER B 809 -16.97 -4.46 -8.55
CA SER B 809 -18.36 -4.90 -8.76
C SER B 809 -18.78 -4.70 -10.23
N ASN B 810 -20.00 -4.23 -10.48
CA ASN B 810 -20.57 -4.05 -11.81
C ASN B 810 -20.16 -2.74 -12.52
N TYR B 811 -19.38 -1.86 -11.88
CA TYR B 811 -19.21 -0.46 -12.31
C TYR B 811 -18.14 -0.24 -13.36
N ALA B 812 -18.53 0.13 -14.58
CA ALA B 812 -17.62 0.35 -15.70
C ALA B 812 -16.56 1.42 -15.41
N ALA B 813 -16.94 2.53 -14.78
CA ALA B 813 -15.99 3.59 -14.43
C ALA B 813 -14.88 3.12 -13.50
N CYS B 814 -15.18 2.17 -12.61
CA CYS B 814 -14.16 1.54 -11.78
C CYS B 814 -13.29 0.58 -12.59
N HIS B 815 -13.89 -0.29 -13.42
CA HIS B 815 -13.10 -1.22 -14.25
C HIS B 815 -12.10 -0.50 -15.14
N ASP B 816 -12.47 0.64 -15.70
CA ASP B 816 -11.55 1.48 -16.46
C ASP B 816 -10.34 1.89 -15.61
N LEU B 817 -10.55 2.48 -14.44
CA LEU B 817 -9.44 2.90 -13.57
C LEU B 817 -8.61 1.72 -13.07
N LEU B 818 -9.25 0.61 -12.72
CA LEU B 818 -8.56 -0.60 -12.28
C LEU B 818 -7.65 -1.15 -13.37
N SER B 819 -8.03 -1.03 -14.64
CA SER B 819 -7.17 -1.49 -15.73
C SER B 819 -5.84 -0.72 -15.81
N GLU B 820 -5.75 0.50 -15.30
CA GLU B 820 -4.50 1.26 -15.24
C GLU B 820 -3.53 0.79 -14.13
N TYR B 821 -4.01 -0.03 -13.20
CA TYR B 821 -3.15 -0.77 -12.28
C TYR B 821 -2.62 -2.09 -12.89
N GLY B 822 -3.04 -2.44 -14.11
CA GLY B 822 -2.49 -3.54 -14.89
C GLY B 822 -2.41 -4.86 -14.14
N THR B 823 -1.19 -5.37 -13.96
CA THR B 823 -0.92 -6.73 -13.48
C THR B 823 -1.30 -7.00 -12.02
N PHE B 824 -1.86 -6.06 -11.26
CA PHE B 824 -2.19 -6.32 -9.85
C PHE B 824 -3.20 -7.46 -9.70
N CYS B 825 -4.35 -7.41 -10.38
CA CYS B 825 -5.30 -8.51 -10.31
C CYS B 825 -4.74 -9.82 -10.89
N ASP B 826 -3.92 -9.74 -11.93
CA ASP B 826 -3.25 -10.92 -12.48
C ASP B 826 -2.31 -11.59 -11.46
N ASN B 827 -1.61 -10.80 -10.65
CA ASN B 827 -0.75 -11.33 -9.59
C ASN B 827 -1.56 -11.98 -8.49
N ILE B 828 -2.65 -11.36 -8.05
CA ILE B 828 -3.54 -11.94 -7.02
C ILE B 828 -4.10 -13.28 -7.51
N ASN B 829 -4.61 -13.34 -8.73
CA ASN B 829 -5.13 -14.59 -9.28
C ASN B 829 -4.01 -15.65 -9.40
N SER B 830 -2.82 -15.27 -9.86
CA SER B 830 -1.72 -16.21 -10.03
C SER B 830 -1.24 -16.81 -8.70
N ILE B 831 -1.12 -16.01 -7.63
CA ILE B 831 -0.73 -16.55 -6.33
C ILE B 831 -1.81 -17.46 -5.77
N LEU B 832 -3.08 -17.09 -5.84
CA LEU B 832 -4.14 -17.98 -5.35
C LEU B 832 -4.24 -19.27 -6.18
N ASP B 833 -4.00 -19.23 -7.49
CA ASP B 833 -3.98 -20.46 -8.28
C ASP B 833 -2.80 -21.37 -7.91
N GLU B 834 -1.63 -20.81 -7.59
CA GLU B 834 -0.50 -21.58 -7.06
C GLU B 834 -0.84 -22.22 -5.71
N VAL B 835 -1.35 -21.44 -4.76
CA VAL B 835 -1.80 -21.94 -3.46
C VAL B 835 -2.79 -23.09 -3.60
N ASN B 836 -3.84 -22.91 -4.39
CA ASN B 836 -4.84 -23.95 -4.57
C ASN B 836 -4.24 -25.19 -5.27
N GLY B 837 -3.27 -25.03 -6.17
CA GLY B 837 -2.56 -26.16 -6.76
C GLY B 837 -1.68 -26.93 -5.77
N LEU B 838 -1.09 -26.24 -4.79
CA LEU B 838 -0.36 -26.86 -3.68
C LEU B 838 -1.30 -27.68 -2.79
N LEU B 839 -2.48 -27.17 -2.46
CA LEU B 839 -3.49 -27.93 -1.72
C LEU B 839 -3.92 -29.18 -2.49
N ASP B 840 -4.25 -29.06 -3.77
CA ASP B 840 -4.64 -30.21 -4.59
C ASP B 840 -3.55 -31.28 -4.66
N THR B 841 -2.31 -30.87 -4.90
CA THR B 841 -1.18 -31.80 -4.94
C THR B 841 -0.99 -32.48 -3.59
N THR B 842 -1.15 -31.74 -2.50
CA THR B 842 -1.06 -32.31 -1.15
C THR B 842 -2.15 -33.33 -0.91
N GLN B 843 -3.41 -33.04 -1.27
CA GLN B 843 -4.49 -34.00 -1.08
C GLN B 843 -4.25 -35.29 -1.87
N LEU B 844 -3.73 -35.21 -3.09
CA LEU B 844 -3.33 -36.40 -3.85
C LEU B 844 -2.24 -37.19 -3.15
N HIS B 845 -1.22 -36.54 -2.61
CA HIS B 845 -0.13 -37.24 -1.94
C HIS B 845 -0.59 -37.95 -0.66
N VAL B 846 -1.55 -37.36 0.06
CA VAL B 846 -2.16 -38.01 1.22
C VAL B 846 -2.97 -39.23 0.81
N ALA B 847 -3.81 -39.13 -0.22
CA ALA B 847 -4.57 -40.27 -0.69
C ALA B 847 -3.65 -41.39 -1.20
N ASP B 848 -2.59 -41.05 -1.93
CA ASP B 848 -1.59 -42.02 -2.37
C ASP B 848 -0.96 -42.73 -1.17
N THR B 849 -0.61 -41.98 -0.13
CA THR B 849 -0.06 -42.55 1.10
C THR B 849 -1.03 -43.50 1.78
N LEU B 850 -2.33 -43.20 1.83
CA LEU B 850 -3.32 -44.12 2.37
C LEU B 850 -3.40 -45.41 1.54
N MET B 851 -3.45 -45.30 0.22
CA MET B 851 -3.65 -46.46 -0.65
C MET B 851 -2.38 -47.29 -0.91
N GLN B 852 -1.19 -46.74 -0.62
CA GLN B 852 0.08 -47.42 -0.89
C GLN B 852 0.13 -48.82 -0.27
N GLY B 853 0.39 -49.83 -1.10
CA GLY B 853 0.53 -51.23 -0.69
C GLY B 853 -0.76 -51.96 -0.32
N VAL B 854 -1.92 -51.32 -0.33
CA VAL B 854 -3.17 -51.96 0.10
C VAL B 854 -3.59 -53.04 -0.88
N THR B 855 -3.71 -54.28 -0.41
CA THR B 855 -4.22 -55.42 -1.19
C THR B 855 -5.40 -56.05 -0.47
N LEU B 856 -6.57 -56.14 -1.10
CA LEU B 856 -7.78 -56.71 -0.50
C LEU B 856 -8.27 -57.91 -1.28
N SER B 857 -8.92 -58.85 -0.59
CA SER B 857 -9.59 -59.94 -1.28
C SER B 857 -10.85 -59.45 -1.99
N SER B 858 -11.08 -59.85 -3.24
CA SER B 858 -12.32 -59.59 -3.96
C SER B 858 -13.53 -60.29 -3.34
N ASN B 859 -13.32 -61.30 -2.50
CA ASN B 859 -14.39 -61.93 -1.74
C ASN B 859 -14.88 -61.07 -0.56
N LEU B 860 -14.16 -60.01 -0.19
CA LEU B 860 -14.47 -59.19 0.97
C LEU B 860 -15.76 -58.39 0.75
N ASN B 861 -16.70 -58.51 1.69
CA ASN B 861 -17.98 -57.81 1.67
C ASN B 861 -18.33 -57.37 3.10
N THR B 862 -18.21 -56.07 3.37
CA THR B 862 -18.28 -55.49 4.72
C THR B 862 -19.68 -55.57 5.35
N ASN B 863 -20.70 -55.88 4.55
CA ASN B 863 -22.04 -56.14 5.05
C ASN B 863 -22.14 -57.42 5.91
N LEU B 864 -21.19 -58.35 5.78
CA LEU B 864 -21.14 -59.59 6.55
C LEU B 864 -19.85 -59.75 7.36
N HIS B 865 -18.72 -59.25 6.86
CA HIS B 865 -17.42 -59.35 7.55
C HIS B 865 -17.05 -58.01 8.20
N PHE B 866 -17.12 -57.94 9.53
CA PHE B 866 -16.90 -56.69 10.28
C PHE B 866 -16.29 -56.90 11.67
N ASP B 867 -16.09 -58.14 12.13
CA ASP B 867 -15.37 -58.44 13.37
C ASP B 867 -14.54 -59.71 13.20
N VAL B 868 -13.43 -59.80 13.93
CA VAL B 868 -12.55 -60.97 13.93
C VAL B 868 -11.83 -61.07 15.27
N ASP B 869 -11.55 -62.27 15.76
CA ASP B 869 -10.83 -62.50 17.01
C ASP B 869 -11.42 -61.74 18.23
N ASN B 870 -12.75 -61.58 18.25
CA ASN B 870 -13.52 -60.79 19.21
C ASN B 870 -13.36 -59.27 19.11
N ILE B 871 -12.61 -58.73 18.15
CA ILE B 871 -12.46 -57.29 17.97
C ILE B 871 -13.43 -56.82 16.89
N ASN B 872 -14.22 -55.79 17.19
CA ASN B 872 -15.29 -55.30 16.32
C ASN B 872 -14.84 -54.03 15.60
N PHE B 873 -14.77 -54.08 14.27
CA PHE B 873 -14.42 -52.95 13.43
C PHE B 873 -15.63 -52.33 12.72
N LYS B 874 -16.86 -52.81 12.95
CA LYS B 874 -18.04 -52.42 12.17
C LYS B 874 -18.19 -50.92 12.04
N SER B 875 -17.98 -50.17 13.11
CA SER B 875 -18.13 -48.72 13.06
C SER B 875 -17.03 -48.00 12.28
N LEU B 876 -15.86 -48.61 12.09
CA LEU B 876 -14.73 -48.03 11.37
C LEU B 876 -14.76 -48.29 9.86
N VAL B 877 -15.68 -49.11 9.38
CA VAL B 877 -15.70 -49.59 7.99
C VAL B 877 -16.99 -49.20 7.28
N GLY B 878 -16.91 -48.47 6.17
CA GLY B 878 -18.07 -48.16 5.34
C GLY B 878 -18.40 -49.25 4.31
N CYS B 879 -19.19 -48.90 3.31
CA CYS B 879 -19.36 -49.73 2.12
C CYS B 879 -18.06 -49.87 1.31
N LEU B 880 -17.69 -51.10 0.94
CA LEU B 880 -16.49 -51.39 0.15
C LEU B 880 -16.85 -51.71 -1.31
N GLY B 881 -16.13 -51.08 -2.24
CA GLY B 881 -16.39 -51.18 -3.69
C GLY B 881 -17.38 -50.13 -4.20
N PRO B 882 -17.24 -49.67 -5.47
CA PRO B 882 -18.02 -48.56 -6.01
C PRO B 882 -19.50 -48.91 -6.27
N HIS B 883 -19.86 -50.19 -6.24
CA HIS B 883 -21.24 -50.65 -6.43
C HIS B 883 -22.22 -50.18 -5.34
N CYS B 884 -21.72 -49.79 -4.17
CA CYS B 884 -22.51 -49.17 -3.11
C CYS B 884 -22.58 -47.63 -3.21
N GLY B 885 -21.89 -47.01 -4.16
CA GLY B 885 -21.86 -45.56 -4.36
C GLY B 885 -21.08 -44.80 -3.30
N SER B 886 -21.49 -43.56 -3.00
CA SER B 886 -20.84 -42.66 -2.04
C SER B 886 -20.98 -43.07 -0.57
N SER B 887 -21.75 -44.11 -0.26
CA SER B 887 -21.99 -44.66 1.10
C SER B 887 -20.77 -45.30 1.76
N SER B 888 -19.58 -45.22 1.14
CA SER B 888 -18.33 -45.73 1.69
C SER B 888 -17.84 -45.03 2.96
N ARG B 889 -18.51 -43.96 3.43
CA ARG B 889 -18.20 -43.34 4.73
C ARG B 889 -18.59 -44.26 5.89
N SER B 890 -17.70 -44.48 6.84
CA SER B 890 -17.97 -45.35 7.99
C SER B 890 -18.92 -44.72 9.01
N PHE B 891 -19.48 -45.50 9.94
CA PHE B 891 -20.30 -44.94 11.01
C PHE B 891 -19.52 -43.94 11.88
N PHE B 892 -18.25 -44.23 12.14
CA PHE B 892 -17.37 -43.33 12.87
C PHE B 892 -17.18 -42.01 12.12
N GLU B 893 -16.89 -42.07 10.83
CA GLU B 893 -16.72 -40.88 10.01
C GLU B 893 -18.04 -40.11 9.88
N ASP B 894 -19.18 -40.78 9.69
CA ASP B 894 -20.50 -40.15 9.69
C ASP B 894 -20.75 -39.36 10.97
N LEU B 895 -20.52 -39.98 12.13
CA LEU B 895 -20.68 -39.35 13.43
C LEU B 895 -19.78 -38.12 13.60
N LEU B 896 -18.63 -38.09 12.94
CA LEU B 896 -17.71 -36.96 12.98
C LEU B 896 -18.09 -35.85 12.00
N PHE B 897 -18.48 -36.21 10.77
CA PHE B 897 -18.89 -35.25 9.74
C PHE B 897 -20.22 -34.55 10.08
N ASP B 898 -21.16 -35.22 10.71
CA ASP B 898 -22.45 -34.62 11.08
C ASP B 898 -22.34 -33.41 12.02
N LYS B 899 -21.22 -33.26 12.74
CA LYS B 899 -20.98 -32.16 13.68
C LYS B 899 -20.23 -30.96 13.07
N VAL B 900 -20.04 -30.94 11.76
CA VAL B 900 -19.35 -29.86 11.05
C VAL B 900 -20.12 -29.52 9.78
N LYS B 901 -20.87 -28.41 9.78
CA LYS B 901 -21.74 -28.09 8.66
C LYS B 901 -20.96 -27.82 7.37
N LEU B 902 -19.93 -26.99 7.43
CA LEU B 902 -19.16 -26.55 6.26
C LEU B 902 -18.00 -27.49 5.90
N SER B 903 -18.28 -28.77 5.70
CA SER B 903 -17.40 -29.64 4.92
C SER B 903 -17.47 -29.29 3.42
N ASP B 904 -16.79 -30.06 2.56
CA ASP B 904 -16.88 -29.87 1.11
C ASP B 904 -18.34 -29.91 0.61
N VAL B 905 -19.10 -30.94 0.97
CA VAL B 905 -20.51 -31.02 0.59
C VAL B 905 -21.34 -29.92 1.24
N GLY B 906 -20.94 -29.45 2.42
CA GLY B 906 -21.58 -28.31 3.06
C GLY B 906 -21.42 -27.02 2.28
N PHE B 907 -20.21 -26.74 1.79
CA PHE B 907 -20.01 -25.58 0.93
C PHE B 907 -20.78 -25.72 -0.38
N VAL B 908 -20.76 -26.89 -1.02
CA VAL B 908 -21.52 -27.09 -2.26
C VAL B 908 -23.02 -26.86 -2.03
N GLU B 909 -23.60 -27.38 -0.96
CA GLU B 909 -25.02 -27.13 -0.67
C GLU B 909 -25.30 -25.66 -0.32
N ALA B 910 -24.42 -24.99 0.41
CA ALA B 910 -24.63 -23.59 0.74
C ALA B 910 -24.66 -22.72 -0.52
N TYR B 911 -23.70 -22.89 -1.43
CA TYR B 911 -23.72 -22.15 -2.67
C TYR B 911 -24.88 -22.56 -3.58
N ASN B 912 -25.32 -23.82 -3.57
CA ASN B 912 -26.50 -24.23 -4.34
C ASN B 912 -27.75 -23.45 -3.90
N ASN B 913 -27.84 -23.07 -2.63
CA ASN B 913 -29.01 -22.34 -2.13
C ASN B 913 -29.03 -20.85 -2.47
N CYS B 914 -27.97 -20.28 -3.04
CA CYS B 914 -27.94 -18.83 -3.30
C CYS B 914 -28.93 -18.33 -4.35
N THR B 915 -29.39 -19.18 -5.27
CA THR B 915 -30.45 -18.86 -6.24
C THR B 915 -31.78 -19.55 -5.92
N GLY B 916 -31.93 -20.11 -4.72
CA GLY B 916 -33.16 -20.80 -4.30
C GLY B 916 -34.33 -19.87 -3.94
N GLY B 917 -34.12 -18.56 -3.95
CA GLY B 917 -35.15 -17.55 -3.66
C GLY B 917 -35.48 -17.37 -2.18
N SER B 918 -34.75 -18.02 -1.27
CA SER B 918 -35.01 -17.96 0.17
C SER B 918 -34.83 -16.55 0.75
N GLU B 919 -35.64 -16.21 1.74
CA GLU B 919 -35.53 -14.94 2.49
C GLU B 919 -34.29 -14.90 3.40
N ILE B 920 -33.62 -16.02 3.62
CA ILE B 920 -32.39 -16.09 4.44
C ILE B 920 -31.20 -15.47 3.69
N ARG B 921 -30.51 -14.54 4.33
CA ARG B 921 -29.35 -13.81 3.78
C ARG B 921 -28.04 -14.43 4.23
N ASP B 922 -27.69 -15.57 3.65
CA ASP B 922 -26.47 -16.29 3.99
C ASP B 922 -25.22 -15.49 3.61
N LEU B 923 -24.29 -15.28 4.55
CA LEU B 923 -23.02 -14.61 4.27
C LEU B 923 -22.24 -15.28 3.14
N LEU B 924 -22.30 -16.61 2.99
CA LEU B 924 -21.62 -17.27 1.89
C LEU B 924 -22.17 -16.82 0.54
N CYS B 925 -23.46 -16.56 0.43
CA CYS B 925 -24.03 -16.02 -0.80
C CYS B 925 -23.53 -14.61 -1.06
N VAL B 926 -23.55 -13.74 -0.06
CA VAL B 926 -23.02 -12.37 -0.20
C VAL B 926 -21.54 -12.36 -0.56
N GLN B 927 -20.72 -13.22 0.05
CA GLN B 927 -19.32 -13.38 -0.32
C GLN B 927 -19.20 -13.81 -1.78
N SER B 928 -19.96 -14.81 -2.22
CA SER B 928 -19.86 -15.29 -3.60
C SER B 928 -20.26 -14.21 -4.60
N PHE B 929 -21.29 -13.42 -4.34
CA PHE B 929 -21.71 -12.33 -5.22
C PHE B 929 -20.71 -11.17 -5.23
N ASN B 930 -19.85 -11.06 -4.22
CA ASN B 930 -18.71 -10.14 -4.22
C ASN B 930 -17.41 -10.80 -4.69
N GLY B 931 -17.48 -11.98 -5.31
CA GLY B 931 -16.34 -12.64 -5.93
C GLY B 931 -15.47 -13.47 -4.99
N ILE B 932 -15.89 -13.71 -3.75
CA ILE B 932 -15.19 -14.55 -2.78
C ILE B 932 -15.88 -15.90 -2.70
N LYS B 933 -15.25 -16.99 -3.15
CA LYS B 933 -15.90 -18.30 -3.16
C LYS B 933 -14.93 -19.43 -2.81
N VAL B 934 -15.39 -20.39 -2.01
CA VAL B 934 -14.65 -21.62 -1.69
C VAL B 934 -14.98 -22.69 -2.71
N LEU B 935 -13.99 -23.18 -3.46
CA LEU B 935 -14.19 -24.29 -4.39
C LEU B 935 -14.08 -25.65 -3.68
N PRO B 936 -14.72 -26.70 -4.20
CA PRO B 936 -14.54 -28.05 -3.67
C PRO B 936 -13.12 -28.57 -3.97
N PRO B 937 -12.57 -29.45 -3.12
CA PRO B 937 -11.27 -30.10 -3.36
C PRO B 937 -11.34 -31.06 -4.55
N ILE B 938 -10.21 -31.38 -5.18
CA ILE B 938 -10.22 -32.25 -6.37
C ILE B 938 -10.70 -33.67 -6.08
N LEU B 939 -10.47 -34.19 -4.89
CA LEU B 939 -11.07 -35.44 -4.44
C LEU B 939 -12.13 -35.15 -3.38
N SER B 940 -13.31 -35.73 -3.51
CA SER B 940 -14.37 -35.52 -2.52
C SER B 940 -14.04 -36.21 -1.21
N GLU B 941 -14.54 -35.70 -0.08
CA GLU B 941 -14.34 -36.37 1.20
C GLU B 941 -14.94 -37.78 1.20
N SER B 942 -15.94 -38.07 0.37
CA SER B 942 -16.41 -39.43 0.16
C SER B 942 -15.32 -40.33 -0.42
N GLN B 943 -14.56 -39.91 -1.43
CA GLN B 943 -13.44 -40.71 -1.91
C GLN B 943 -12.40 -40.94 -0.82
N ILE B 944 -12.02 -39.91 -0.08
CA ILE B 944 -11.03 -40.07 0.99
C ILE B 944 -11.55 -41.05 2.04
N SER B 945 -12.81 -40.97 2.44
CA SER B 945 -13.39 -41.93 3.38
C SER B 945 -13.46 -43.36 2.81
N GLY B 946 -13.50 -43.50 1.49
CA GLY B 946 -13.31 -44.77 0.83
C GLY B 946 -11.88 -45.29 1.00
N TYR B 947 -10.88 -44.43 0.82
CA TYR B 947 -9.48 -44.80 1.01
C TYR B 947 -9.16 -45.15 2.46
N THR B 948 -9.63 -44.39 3.46
CA THR B 948 -9.45 -44.77 4.87
C THR B 948 -10.19 -46.06 5.21
N THR B 949 -11.37 -46.31 4.65
CA THR B 949 -12.02 -47.62 4.80
C THR B 949 -11.17 -48.74 4.23
N ALA B 950 -10.66 -48.62 3.01
CA ALA B 950 -9.78 -49.64 2.43
C ALA B 950 -8.53 -49.88 3.28
N ALA B 951 -7.85 -48.81 3.71
CA ALA B 951 -6.68 -48.94 4.58
C ALA B 951 -7.01 -49.58 5.92
N THR B 952 -8.23 -49.44 6.42
CA THR B 952 -8.65 -50.09 7.68
C THR B 952 -8.90 -51.57 7.49
N VAL B 953 -9.68 -51.98 6.48
CA VAL B 953 -9.94 -53.41 6.26
C VAL B 953 -8.70 -54.18 5.82
N ALA B 954 -7.67 -53.49 5.29
CA ALA B 954 -6.38 -54.11 5.01
C ALA B 954 -5.66 -54.68 6.23
N ALA B 955 -6.06 -54.32 7.45
CA ALA B 955 -5.57 -54.96 8.67
C ALA B 955 -6.48 -56.11 9.14
N MET B 956 -7.76 -56.14 8.78
CA MET B 956 -8.70 -57.14 9.27
C MET B 956 -8.45 -58.55 8.74
N PHE B 957 -8.20 -58.70 7.43
CA PHE B 957 -8.26 -59.98 6.72
C PHE B 957 -7.03 -60.26 5.88
N PRO B 958 -6.70 -61.53 5.58
CA PRO B 958 -5.57 -61.85 4.71
C PRO B 958 -5.72 -61.16 3.36
N PRO B 959 -4.63 -60.65 2.75
CA PRO B 959 -3.24 -60.86 3.13
C PRO B 959 -2.70 -59.94 4.24
N TRP B 960 -3.54 -59.23 4.99
CA TRP B 960 -3.16 -58.34 6.08
C TRP B 960 -2.12 -57.28 5.68
N SER B 961 -2.30 -56.68 4.50
CA SER B 961 -1.24 -55.86 3.87
C SER B 961 -0.82 -54.63 4.67
N ALA B 962 -1.67 -54.15 5.57
CA ALA B 962 -1.34 -53.05 6.48
C ALA B 962 -0.94 -53.49 7.90
N ALA B 963 -1.02 -54.78 8.23
CA ALA B 963 -0.78 -55.30 9.58
C ALA B 963 0.43 -56.24 9.63
N ALA B 964 1.47 -55.92 8.85
CA ALA B 964 2.70 -56.72 8.78
C ALA B 964 2.48 -58.17 8.34
N GLY B 965 1.40 -58.47 7.61
CA GLY B 965 1.17 -59.81 7.08
C GLY B 965 0.78 -60.85 8.12
N ILE B 966 0.21 -60.45 9.26
CA ILE B 966 -0.31 -61.38 10.28
C ILE B 966 -1.69 -60.91 10.78
N PRO B 967 -2.52 -61.81 11.34
CA PRO B 967 -3.79 -61.45 11.94
C PRO B 967 -3.70 -60.30 12.92
N PHE B 968 -4.71 -59.43 12.92
CA PHE B 968 -4.70 -58.22 13.74
C PHE B 968 -4.52 -58.51 15.23
N SER B 969 -5.22 -59.50 15.77
CA SER B 969 -5.09 -59.84 17.20
C SER B 969 -3.67 -60.29 17.55
N LEU B 970 -2.99 -61.04 16.68
CA LEU B 970 -1.61 -61.44 16.91
C LEU B 970 -0.68 -60.24 16.84
N ASN B 971 -0.91 -59.31 15.91
CA ASN B 971 -0.12 -58.08 15.86
C ASN B 971 -0.29 -57.29 17.16
N VAL B 972 -1.52 -57.10 17.65
CA VAL B 972 -1.77 -56.46 18.93
C VAL B 972 -1.04 -57.17 20.07
N GLN B 973 -1.14 -58.49 20.14
CA GLN B 973 -0.47 -59.25 21.18
C GLN B 973 1.04 -59.07 21.11
N TYR B 974 1.67 -59.18 19.95
CA TYR B 974 3.11 -59.00 19.83
C TYR B 974 3.54 -57.57 20.18
N ARG B 975 2.76 -56.56 19.79
CA ARG B 975 3.05 -55.18 20.18
C ARG B 975 3.00 -55.00 21.68
N ILE B 976 2.00 -55.55 22.37
CA ILE B 976 1.97 -55.47 23.83
C ILE B 976 3.15 -56.24 24.43
N ASN B 977 3.47 -57.43 23.93
CA ASN B 977 4.62 -58.18 24.44
C ASN B 977 5.92 -57.39 24.32
N GLY B 978 6.10 -56.65 23.23
CA GLY B 978 7.28 -55.80 23.01
C GLY B 978 7.48 -54.73 24.08
N LEU B 979 6.43 -54.32 24.81
CA LEU B 979 6.54 -53.39 25.92
C LEU B 979 7.14 -54.00 27.18
N GLY B 980 7.41 -55.30 27.22
CA GLY B 980 7.83 -55.98 28.44
C GLY B 980 6.69 -56.64 29.20
N VAL B 981 5.75 -57.25 28.48
CA VAL B 981 4.67 -58.05 29.04
C VAL B 981 4.85 -59.49 28.60
N THR B 982 4.87 -60.45 29.51
CA THR B 982 5.09 -61.86 29.16
C THR B 982 4.00 -62.40 28.23
N MET B 983 4.34 -63.28 27.29
CA MET B 983 3.36 -63.79 26.32
C MET B 983 2.26 -64.61 26.98
N ASP B 984 2.58 -65.27 28.09
CA ASP B 984 1.68 -66.15 28.84
C ASP B 984 0.40 -65.43 29.28
N VAL B 985 0.51 -64.25 29.89
CA VAL B 985 -0.69 -63.50 30.28
C VAL B 985 -1.45 -62.97 29.08
N LEU B 986 -0.77 -62.60 28.00
CA LEU B 986 -1.44 -62.08 26.82
C LEU B 986 -2.29 -63.15 26.15
N ASN B 987 -1.72 -64.30 25.83
CA ASN B 987 -2.49 -65.32 25.13
C ASN B 987 -3.50 -66.04 26.03
N LYS B 988 -3.34 -65.98 27.35
CA LYS B 988 -4.38 -66.37 28.33
C LYS B 988 -5.52 -65.36 28.43
N ASN B 989 -5.23 -64.06 28.45
CA ASN B 989 -6.23 -63.00 28.60
C ASN B 989 -6.75 -62.43 27.26
N GLN B 990 -6.68 -63.17 26.15
CA GLN B 990 -7.00 -62.62 24.82
C GLN B 990 -8.39 -61.97 24.76
N LYS B 991 -9.42 -62.62 25.34
CA LYS B 991 -10.78 -62.06 25.42
C LYS B 991 -10.86 -60.73 26.17
N LEU B 992 -10.10 -60.59 27.26
CA LEU B 992 -10.05 -59.37 28.06
C LEU B 992 -9.37 -58.25 27.27
N ILE B 993 -8.30 -58.58 26.55
CA ILE B 993 -7.60 -57.62 25.68
C ILE B 993 -8.51 -57.14 24.56
N ALA B 994 -9.20 -58.04 23.85
CA ALA B 994 -10.12 -57.64 22.80
C ALA B 994 -11.26 -56.75 23.33
N THR B 995 -11.81 -57.10 24.49
CA THR B 995 -12.85 -56.29 25.13
C THR B 995 -12.32 -54.92 25.54
N ALA B 996 -11.12 -54.83 26.11
CA ALA B 996 -10.52 -53.53 26.41
C ALA B 996 -10.32 -52.71 25.13
N PHE B 997 -9.89 -53.33 24.04
CA PHE B 997 -9.69 -52.65 22.78
C PHE B 997 -10.99 -52.06 22.24
N ASN B 998 -12.05 -52.85 22.09
CA ASN B 998 -13.28 -52.30 21.54
C ASN B 998 -14.01 -51.36 22.52
N ASN B 999 -13.82 -51.51 23.84
CA ASN B 999 -14.24 -50.49 24.79
C ASN B 999 -13.49 -49.17 24.58
N ALA B 1000 -12.19 -49.19 24.31
CA ALA B 1000 -11.46 -47.96 24.00
C ALA B 1000 -12.01 -47.28 22.75
N LEU B 1001 -12.29 -48.04 21.70
CA LEU B 1001 -12.89 -47.50 20.48
C LEU B 1001 -14.26 -46.86 20.76
N LEU B 1002 -15.13 -47.52 21.51
CA LEU B 1002 -16.39 -46.93 21.94
C LEU B 1002 -16.19 -45.67 22.77
N SER B 1003 -15.17 -45.62 23.63
CA SER B 1003 -14.88 -44.43 24.43
C SER B 1003 -14.50 -43.23 23.56
N ILE B 1004 -13.79 -43.46 22.45
CA ILE B 1004 -13.48 -42.40 21.49
C ILE B 1004 -14.77 -41.91 20.82
N GLN B 1005 -15.60 -42.83 20.32
CA GLN B 1005 -16.84 -42.44 19.66
C GLN B 1005 -17.75 -41.64 20.59
N ASN B 1006 -17.97 -42.13 21.81
CA ASN B 1006 -18.80 -41.43 22.79
C ASN B 1006 -18.18 -40.09 23.20
N GLY B 1007 -16.85 -40.03 23.31
CA GLY B 1007 -16.11 -38.82 23.63
C GLY B 1007 -16.25 -37.69 22.61
N PHE B 1008 -16.71 -37.94 21.39
CA PHE B 1008 -17.05 -36.87 20.45
C PHE B 1008 -18.32 -36.10 20.83
N SER B 1009 -19.20 -36.67 21.66
CA SER B 1009 -20.41 -35.98 22.11
C SER B 1009 -20.13 -34.94 23.20
N ALA B 1010 -19.08 -35.14 24.00
CA ALA B 1010 -18.55 -34.18 24.97
C ALA B 1010 -17.84 -33.00 24.27
N PRO B 1011 -17.39 -31.96 24.99
CA PRO B 1011 -16.52 -30.91 24.46
C PRO B 1011 -15.11 -31.44 24.14
N ASN B 1012 -15.02 -32.21 23.06
CA ASN B 1012 -13.83 -32.93 22.62
C ASN B 1012 -12.77 -32.01 21.99
N SER B 1013 -11.51 -32.16 22.38
CA SER B 1013 -10.43 -31.33 21.86
C SER B 1013 -10.15 -31.54 20.36
N ALA B 1014 -10.31 -32.75 19.83
CA ALA B 1014 -10.16 -33.00 18.41
C ALA B 1014 -11.31 -32.36 17.62
N LEU B 1015 -12.56 -32.51 18.06
CA LEU B 1015 -13.69 -31.86 17.39
C LEU B 1015 -13.57 -30.34 17.43
N ALA B 1016 -13.12 -29.77 18.56
CA ALA B 1016 -12.84 -28.34 18.64
C ALA B 1016 -11.76 -27.91 17.64
N LYS B 1017 -10.70 -28.70 17.48
CA LYS B 1017 -9.65 -28.44 16.50
C LYS B 1017 -10.18 -28.49 15.07
N ILE B 1018 -11.08 -29.44 14.75
CA ILE B 1018 -11.71 -29.50 13.42
C ILE B 1018 -12.56 -28.26 13.19
N GLN B 1019 -13.46 -27.92 14.11
CA GLN B 1019 -14.31 -26.73 13.95
C GLN B 1019 -13.50 -25.44 13.86
N SER B 1020 -12.34 -25.36 14.54
CA SER B 1020 -11.43 -24.22 14.39
C SER B 1020 -10.95 -24.00 12.95
N VAL B 1021 -10.78 -25.04 12.13
CA VAL B 1021 -10.44 -24.86 10.72
C VAL B 1021 -11.55 -24.12 9.98
N VAL B 1022 -12.79 -24.55 10.16
CA VAL B 1022 -13.95 -23.88 9.54
C VAL B 1022 -14.11 -22.46 10.08
N ASN B 1023 -14.03 -22.27 11.40
CA ASN B 1023 -14.23 -20.96 12.01
C ASN B 1023 -13.16 -19.96 11.60
N SER B 1024 -11.88 -20.35 11.59
CA SER B 1024 -10.81 -19.45 11.15
C SER B 1024 -10.95 -19.07 9.68
N ASN B 1025 -11.35 -20.00 8.81
CA ASN B 1025 -11.66 -19.66 7.42
C ASN B 1025 -12.82 -18.67 7.34
N ALA B 1026 -13.96 -18.97 7.98
CA ALA B 1026 -15.13 -18.10 7.93
C ALA B 1026 -14.82 -16.70 8.46
N GLN B 1027 -14.02 -16.59 9.52
CA GLN B 1027 -13.54 -15.31 10.03
C GLN B 1027 -12.69 -14.56 9.00
N ALA B 1028 -11.75 -15.23 8.33
CA ALA B 1028 -10.93 -14.57 7.33
C ALA B 1028 -11.75 -14.07 6.14
N LEU B 1029 -12.67 -14.88 5.62
CA LEU B 1029 -13.55 -14.45 4.52
C LEU B 1029 -14.46 -13.31 4.94
N ASN B 1030 -15.08 -13.39 6.12
CA ASN B 1030 -15.91 -12.31 6.61
C ASN B 1030 -15.12 -11.01 6.76
N SER B 1031 -13.90 -11.08 7.32
CA SER B 1031 -13.03 -9.92 7.41
C SER B 1031 -12.69 -9.35 6.02
N LEU B 1032 -12.39 -10.20 5.04
CA LEU B 1032 -12.14 -9.74 3.68
C LEU B 1032 -13.36 -9.05 3.08
N LEU B 1033 -14.58 -9.58 3.28
CA LEU B 1033 -15.80 -8.94 2.82
C LEU B 1033 -16.01 -7.57 3.49
N GLN B 1034 -15.74 -7.44 4.79
CA GLN B 1034 -15.88 -6.16 5.48
C GLN B 1034 -15.02 -5.06 4.87
N GLN B 1035 -13.93 -5.39 4.16
CA GLN B 1035 -13.11 -4.38 3.49
C GLN B 1035 -13.90 -3.59 2.47
N LEU B 1036 -14.95 -4.15 1.87
CA LEU B 1036 -15.74 -3.43 0.88
C LEU B 1036 -16.49 -2.26 1.48
N PHE B 1037 -16.79 -2.27 2.78
CA PHE B 1037 -17.51 -1.20 3.47
C PHE B 1037 -16.61 -0.15 4.12
N ASN B 1038 -15.29 -0.35 4.16
CA ASN B 1038 -14.35 0.68 4.61
C ASN B 1038 -14.29 1.82 3.58
N LYS B 1039 -14.17 3.07 4.03
CA LYS B 1039 -14.10 4.22 3.10
C LYS B 1039 -12.69 4.54 2.64
N PHE B 1040 -11.65 4.14 3.36
CA PHE B 1040 -10.26 4.43 2.99
C PHE B 1040 -10.01 5.91 2.67
N GLY B 1041 -10.65 6.81 3.41
CA GLY B 1041 -10.53 8.25 3.18
C GLY B 1041 -11.31 8.80 1.97
N ALA B 1042 -12.10 7.99 1.27
CA ALA B 1042 -13.05 8.48 0.27
C ALA B 1042 -14.35 9.01 0.90
N ILE B 1043 -15.18 9.72 0.15
CA ILE B 1043 -16.47 10.25 0.64
C ILE B 1043 -17.49 9.17 1.00
N SER B 1044 -17.39 7.99 0.40
CA SER B 1044 -18.27 6.85 0.66
C SER B 1044 -17.57 5.55 0.29
N SER B 1045 -17.97 4.43 0.90
CA SER B 1045 -17.51 3.11 0.51
C SER B 1045 -18.32 2.52 -0.66
N SER B 1046 -19.38 3.19 -1.11
CA SER B 1046 -20.22 2.68 -2.19
C SER B 1046 -19.90 3.36 -3.51
N LEU B 1047 -19.55 2.57 -4.52
CA LEU B 1047 -19.36 3.08 -5.88
C LEU B 1047 -20.67 3.66 -6.44
N GLN B 1048 -21.82 3.11 -6.07
CA GLN B 1048 -23.13 3.65 -6.47
C GLN B 1048 -23.29 5.08 -5.97
N GLU B 1049 -22.92 5.36 -4.73
CA GLU B 1049 -23.03 6.72 -4.18
C GLU B 1049 -22.03 7.66 -4.84
N ILE B 1050 -20.76 7.28 -5.00
CA ILE B 1050 -19.78 8.16 -5.65
C ILE B 1050 -20.24 8.52 -7.06
N LEU B 1051 -20.61 7.54 -7.88
CA LEU B 1051 -21.00 7.77 -9.26
C LEU B 1051 -22.36 8.46 -9.41
N SER B 1052 -23.18 8.49 -8.37
CA SER B 1052 -24.42 9.29 -8.34
C SER B 1052 -24.25 10.65 -7.64
N ARG B 1053 -23.03 11.01 -7.25
CA ARG B 1053 -22.71 12.31 -6.65
C ARG B 1053 -21.71 13.14 -7.45
N LEU B 1054 -20.80 12.53 -8.22
CA LEU B 1054 -19.70 13.24 -8.88
C LEU B 1054 -19.58 12.93 -10.37
N ASP B 1055 -19.11 13.89 -11.17
CA ASP B 1055 -18.68 13.67 -12.55
C ASP B 1055 -17.32 12.95 -12.62
N PRO B 1056 -17.00 12.28 -13.74
CA PRO B 1056 -15.77 11.52 -13.93
C PRO B 1056 -14.47 12.12 -13.37
N PRO B 1057 -14.17 13.43 -13.50
CA PRO B 1057 -12.95 14.01 -12.96
C PRO B 1057 -12.78 13.85 -11.45
N GLU B 1058 -13.83 14.08 -10.66
CA GLU B 1058 -13.77 13.92 -9.20
C GLU B 1058 -14.12 12.49 -8.78
N ALA B 1059 -15.04 11.83 -9.47
CA ALA B 1059 -15.34 10.43 -9.20
C ALA B 1059 -14.08 9.59 -9.31
N GLN B 1060 -13.23 9.85 -10.32
CA GLN B 1060 -11.93 9.21 -10.44
C GLN B 1060 -11.09 9.35 -9.17
N VAL B 1061 -10.99 10.56 -8.60
CA VAL B 1061 -10.16 10.78 -7.41
C VAL B 1061 -10.67 9.96 -6.22
N GLN B 1062 -11.99 9.86 -6.04
CA GLN B 1062 -12.57 9.05 -4.97
C GLN B 1062 -12.39 7.55 -5.24
N ILE B 1063 -12.75 7.09 -6.44
CA ILE B 1063 -12.69 5.68 -6.81
C ILE B 1063 -11.25 5.18 -6.70
N ASP B 1064 -10.26 6.00 -7.04
CA ASP B 1064 -8.86 5.61 -6.91
C ASP B 1064 -8.44 5.37 -5.46
N ARG B 1065 -9.04 6.06 -4.47
CA ARG B 1065 -8.82 5.72 -3.05
C ARG B 1065 -9.45 4.39 -2.69
N LEU B 1066 -10.66 4.10 -3.17
CA LEU B 1066 -11.27 2.78 -2.95
C LEU B 1066 -10.47 1.66 -3.61
N ILE B 1067 -10.02 1.83 -4.86
CA ILE B 1067 -9.19 0.84 -5.55
C ILE B 1067 -7.92 0.58 -4.76
N ASN B 1068 -7.20 1.60 -4.29
CA ASN B 1068 -6.01 1.38 -3.48
C ASN B 1068 -6.30 0.67 -2.16
N GLY B 1069 -7.39 1.02 -1.48
CA GLY B 1069 -7.78 0.34 -0.26
C GLY B 1069 -8.06 -1.15 -0.49
N ARG B 1070 -8.89 -1.45 -1.48
CA ARG B 1070 -9.30 -2.82 -1.78
C ARG B 1070 -8.15 -3.66 -2.33
N LEU B 1071 -7.31 -3.14 -3.22
CA LEU B 1071 -6.11 -3.85 -3.66
C LEU B 1071 -5.13 -4.07 -2.50
N THR B 1072 -4.97 -3.13 -1.58
CA THR B 1072 -4.13 -3.34 -0.41
C THR B 1072 -4.68 -4.46 0.47
N ALA B 1073 -5.99 -4.51 0.69
CA ALA B 1073 -6.61 -5.58 1.44
C ALA B 1073 -6.42 -6.95 0.77
N LEU B 1074 -6.56 -7.05 -0.54
CA LEU B 1074 -6.30 -8.31 -1.24
C LEU B 1074 -4.84 -8.77 -1.08
N ASN B 1075 -3.86 -7.87 -1.21
CA ASN B 1075 -2.47 -8.24 -1.01
C ASN B 1075 -2.20 -8.72 0.42
N ALA B 1076 -2.80 -8.10 1.43
CA ALA B 1076 -2.69 -8.57 2.81
C ALA B 1076 -3.30 -9.96 2.97
N TYR B 1077 -4.50 -10.19 2.44
CA TYR B 1077 -5.15 -11.49 2.51
C TYR B 1077 -4.35 -12.58 1.80
N VAL B 1078 -3.87 -12.33 0.59
CA VAL B 1078 -2.90 -13.19 -0.09
C VAL B 1078 -1.68 -13.54 0.73
N SER B 1079 -1.04 -12.58 1.36
CA SER B 1079 0.16 -12.87 2.16
C SER B 1079 -0.15 -13.73 3.38
N GLN B 1080 -1.30 -13.52 4.01
CA GLN B 1080 -1.79 -14.41 5.07
C GLN B 1080 -2.07 -15.81 4.53
N GLN B 1081 -2.74 -15.94 3.39
CA GLN B 1081 -3.07 -17.25 2.82
C GLN B 1081 -1.83 -18.07 2.49
N LEU B 1082 -0.80 -17.47 1.88
CA LEU B 1082 0.47 -18.17 1.64
C LEU B 1082 1.08 -18.68 2.95
N SER B 1083 1.09 -17.86 3.99
CA SER B 1083 1.62 -18.24 5.30
C SER B 1083 0.84 -19.42 5.89
N ASP B 1084 -0.49 -19.38 5.87
CA ASP B 1084 -1.31 -20.47 6.40
C ASP B 1084 -1.10 -21.78 5.64
N ILE B 1085 -1.01 -21.74 4.32
CA ILE B 1085 -0.87 -22.95 3.52
C ILE B 1085 0.49 -23.62 3.74
N SER B 1086 1.52 -22.87 4.11
CA SER B 1086 2.78 -23.46 4.54
C SER B 1086 2.58 -24.35 5.78
N LEU B 1087 1.72 -23.95 6.72
CA LEU B 1087 1.40 -24.75 7.90
C LEU B 1087 0.54 -25.95 7.54
N VAL B 1088 -0.37 -25.81 6.58
CA VAL B 1088 -1.16 -26.94 6.09
C VAL B 1088 -0.28 -28.00 5.43
N LYS B 1089 0.70 -27.61 4.61
CA LYS B 1089 1.67 -28.57 4.04
C LYS B 1089 2.48 -29.27 5.13
N PHE B 1090 2.96 -28.54 6.13
CA PHE B 1090 3.66 -29.15 7.26
C PHE B 1090 2.78 -30.16 7.99
N GLY B 1091 1.51 -29.83 8.26
CA GLY B 1091 0.57 -30.76 8.87
C GLY B 1091 0.31 -32.00 8.01
N ALA B 1092 0.15 -31.85 6.70
CA ALA B 1092 -0.05 -32.99 5.82
C ALA B 1092 1.18 -33.90 5.77
N ALA B 1093 2.39 -33.34 5.76
CA ALA B 1093 3.60 -34.16 5.81
C ALA B 1093 3.67 -34.99 7.09
N LEU B 1094 3.29 -34.41 8.23
CA LEU B 1094 3.19 -35.15 9.49
C LEU B 1094 2.12 -36.24 9.41
N ALA B 1095 0.94 -35.96 8.87
CA ALA B 1095 -0.10 -36.98 8.78
C ALA B 1095 0.32 -38.16 7.89
N MET B 1096 0.98 -37.92 6.77
CA MET B 1096 1.53 -39.01 5.96
C MET B 1096 2.57 -39.81 6.74
N GLU B 1097 3.44 -39.15 7.50
CA GLU B 1097 4.41 -39.85 8.34
C GLU B 1097 3.71 -40.71 9.39
N LYS B 1098 2.64 -40.25 10.03
CA LYS B 1098 1.89 -41.07 10.99
C LYS B 1098 1.15 -42.23 10.32
N VAL B 1099 0.55 -42.06 9.14
CA VAL B 1099 -0.04 -43.19 8.41
C VAL B 1099 1.00 -44.26 8.16
N ASN B 1100 2.19 -43.89 7.71
CA ASN B 1100 3.26 -44.83 7.42
C ASN B 1100 3.84 -45.50 8.68
N GLU B 1101 4.09 -44.74 9.75
CA GLU B 1101 4.88 -45.22 10.88
C GLU B 1101 4.07 -45.55 12.14
N CYS B 1102 2.75 -45.34 12.14
CA CYS B 1102 1.84 -45.76 13.22
C CYS B 1102 0.73 -46.70 12.76
N VAL B 1103 0.16 -46.50 11.57
CA VAL B 1103 -1.01 -47.27 11.12
C VAL B 1103 -0.56 -48.47 10.30
N LYS B 1104 0.19 -48.26 9.22
CA LYS B 1104 0.67 -49.34 8.33
C LYS B 1104 1.85 -50.13 8.91
N SER B 1105 2.51 -49.61 9.93
CA SER B 1105 3.65 -50.24 10.59
C SER B 1105 3.87 -49.60 11.95
N GLN B 1106 4.76 -50.16 12.76
CA GLN B 1106 5.02 -49.68 14.11
C GLN B 1106 6.50 -49.31 14.26
N SER B 1107 6.86 -48.08 13.88
CA SER B 1107 8.25 -47.63 13.93
C SER B 1107 8.76 -47.54 15.37
N PRO B 1108 10.03 -47.84 15.68
CA PRO B 1108 10.57 -47.86 17.04
C PRO B 1108 10.83 -46.45 17.63
N ARG B 1109 9.86 -45.55 17.54
CA ARG B 1109 9.94 -44.15 17.97
C ARG B 1109 8.93 -43.91 19.08
N ILE B 1110 9.38 -43.45 20.24
CA ILE B 1110 8.59 -43.61 21.48
C ILE B 1110 7.29 -42.79 21.50
N ASN B 1111 7.38 -41.46 21.57
CA ASN B 1111 6.18 -40.62 21.71
C ASN B 1111 5.61 -40.14 20.37
N PHE B 1112 6.08 -40.69 19.24
CA PHE B 1112 5.64 -40.24 17.92
C PHE B 1112 4.15 -40.49 17.69
N CYS B 1113 3.69 -41.73 17.91
CA CYS B 1113 2.30 -42.13 17.74
C CYS B 1113 1.48 -41.91 19.01
N GLY B 1114 1.43 -40.67 19.49
CA GLY B 1114 0.76 -40.33 20.74
C GLY B 1114 1.60 -40.70 21.97
N ASN B 1115 1.18 -40.23 23.14
CA ASN B 1115 1.89 -40.44 24.41
C ASN B 1115 1.75 -41.87 24.94
N GLY B 1116 2.70 -42.27 25.79
CA GLY B 1116 2.63 -43.52 26.56
C GLY B 1116 3.08 -44.75 25.77
N ASN B 1117 2.75 -45.93 26.29
CA ASN B 1117 3.14 -47.20 25.71
C ASN B 1117 2.28 -47.53 24.48
N HIS B 1118 2.59 -46.94 23.33
CA HIS B 1118 1.79 -47.07 22.13
C HIS B 1118 1.79 -48.49 21.58
N ILE B 1119 0.61 -49.11 21.52
CA ILE B 1119 0.44 -50.46 20.97
C ILE B 1119 0.34 -50.38 19.45
N LEU B 1120 -0.66 -49.65 18.96
CA LEU B 1120 -1.11 -49.68 17.58
C LEU B 1120 -1.97 -48.44 17.30
N SER B 1121 -2.11 -48.04 16.05
CA SER B 1121 -2.89 -46.89 15.63
C SER B 1121 -3.81 -47.23 14.46
N LEU B 1122 -4.92 -46.50 14.32
CA LEU B 1122 -5.85 -46.62 13.20
C LEU B 1122 -6.22 -45.22 12.69
N VAL B 1123 -6.69 -45.12 11.45
CA VAL B 1123 -7.00 -43.83 10.81
C VAL B 1123 -8.43 -43.81 10.28
N GLN B 1124 -9.09 -42.66 10.37
CA GLN B 1124 -10.42 -42.40 9.80
C GLN B 1124 -10.42 -41.02 9.16
N ASN B 1125 -11.26 -40.80 8.17
CA ASN B 1125 -11.37 -39.52 7.50
C ASN B 1125 -11.97 -38.45 8.43
N ALA B 1126 -11.62 -37.19 8.24
CA ALA B 1126 -12.22 -36.08 8.99
C ALA B 1126 -12.27 -34.83 8.11
N PRO B 1127 -13.21 -33.90 8.32
CA PRO B 1127 -13.27 -32.68 7.54
C PRO B 1127 -11.93 -31.97 7.48
N TYR B 1128 -11.37 -31.75 6.29
CA TYR B 1128 -10.08 -31.07 6.09
C TYR B 1128 -8.85 -31.78 6.70
N GLY B 1129 -8.93 -33.04 7.08
CA GLY B 1129 -7.77 -33.76 7.62
C GLY B 1129 -7.97 -35.26 7.79
N LEU B 1130 -7.18 -35.86 8.67
CA LEU B 1130 -7.33 -37.24 9.09
C LEU B 1130 -7.48 -37.26 10.61
N LEU B 1131 -8.25 -38.19 11.14
CA LEU B 1131 -8.31 -38.44 12.57
C LEU B 1131 -7.69 -39.79 12.87
N PHE B 1132 -6.62 -39.78 13.66
CA PHE B 1132 -5.97 -40.99 14.13
C PHE B 1132 -6.56 -41.39 15.47
N MET B 1133 -6.66 -42.69 15.72
CA MET B 1133 -6.91 -43.24 17.04
C MET B 1133 -5.67 -44.00 17.45
N HIS B 1134 -5.03 -43.59 18.54
CA HIS B 1134 -3.85 -44.27 19.07
C HIS B 1134 -4.27 -45.11 20.26
N PHE B 1135 -3.91 -46.38 20.29
CA PHE B 1135 -4.23 -47.29 21.39
C PHE B 1135 -2.98 -47.56 22.21
N SER B 1136 -3.06 -47.39 23.52
CA SER B 1136 -1.91 -47.48 24.41
C SER B 1136 -2.14 -48.45 25.55
N TYR B 1137 -1.09 -49.15 25.96
CA TYR B 1137 -1.10 -49.98 27.15
C TYR B 1137 -1.07 -49.10 28.40
N LYS B 1138 -2.12 -49.16 29.22
CA LYS B 1138 -2.28 -48.35 30.42
C LYS B 1138 -2.29 -49.25 31.67
N PRO B 1139 -1.26 -49.19 32.51
CA PRO B 1139 -1.28 -49.82 33.83
C PRO B 1139 -2.44 -49.33 34.70
N ILE B 1140 -3.10 -50.26 35.39
CA ILE B 1140 -4.23 -50.02 36.30
C ILE B 1140 -3.81 -50.03 37.78
N SER B 1141 -2.95 -50.97 38.16
CA SER B 1141 -2.50 -51.14 39.54
C SER B 1141 -1.04 -51.57 39.57
N PHE B 1142 -0.34 -51.30 40.66
CA PHE B 1142 1.11 -51.51 40.77
C PHE B 1142 1.47 -52.27 42.03
N LYS B 1143 2.54 -53.08 41.96
CA LYS B 1143 3.20 -53.70 43.10
C LYS B 1143 4.60 -53.11 43.23
N THR B 1144 4.97 -52.62 44.40
CA THR B 1144 6.37 -52.28 44.68
C THR B 1144 7.16 -53.56 44.90
N VAL B 1145 8.29 -53.73 44.20
CA VAL B 1145 9.14 -54.93 44.27
C VAL B 1145 10.61 -54.54 44.27
N LEU B 1146 11.48 -55.41 44.79
CA LEU B 1146 12.91 -55.20 44.77
C LEU B 1146 13.51 -55.88 43.55
N VAL B 1147 14.19 -55.11 42.70
CA VAL B 1147 14.70 -55.56 41.42
C VAL B 1147 16.22 -55.46 41.35
N SER B 1148 16.85 -56.34 40.58
CA SER B 1148 18.26 -56.26 40.22
C SER B 1148 18.40 -55.98 38.73
N PRO B 1149 19.14 -54.96 38.29
CA PRO B 1149 19.33 -54.66 36.87
C PRO B 1149 20.30 -55.62 36.19
N GLY B 1150 21.00 -56.46 36.95
CA GLY B 1150 21.92 -57.48 36.45
C GLY B 1150 22.29 -58.48 37.53
N LEU B 1151 22.88 -59.62 37.17
CA LEU B 1151 23.42 -60.61 38.11
C LEU B 1151 24.81 -61.05 37.66
N CYS B 1152 25.69 -61.34 38.62
CA CYS B 1152 26.97 -61.98 38.38
C CYS B 1152 26.89 -63.44 38.85
N ILE B 1153 27.08 -64.39 37.94
CA ILE B 1153 26.67 -65.79 38.14
C ILE B 1153 27.79 -66.75 37.76
N SER B 1154 27.77 -67.97 38.31
CA SER B 1154 28.74 -69.03 38.00
C SER B 1154 30.20 -68.53 38.07
N GLY B 1155 31.00 -68.75 37.02
CA GLY B 1155 32.35 -68.22 36.85
C GLY B 1155 32.42 -66.73 36.50
N ASP B 1156 31.82 -65.85 37.30
CA ASP B 1156 31.79 -64.39 37.11
C ASP B 1156 31.25 -63.90 35.75
N VAL B 1157 30.46 -64.76 35.09
CA VAL B 1157 29.69 -64.37 33.91
C VAL B 1157 28.61 -63.38 34.32
N GLY B 1158 28.44 -62.31 33.55
CA GLY B 1158 27.36 -61.36 33.80
C GLY B 1158 26.12 -61.70 32.99
N ILE B 1159 24.95 -61.48 33.56
CA ILE B 1159 23.69 -61.51 32.84
C ILE B 1159 22.91 -60.24 33.12
N ALA B 1160 22.22 -59.74 32.10
CA ALA B 1160 21.30 -58.61 32.20
C ALA B 1160 19.93 -59.02 31.67
N PRO B 1161 18.82 -58.50 32.20
CA PRO B 1161 17.49 -58.85 31.77
C PRO B 1161 17.12 -58.11 30.48
N LYS B 1162 16.33 -58.75 29.60
CA LYS B 1162 15.77 -58.14 28.38
C LYS B 1162 14.37 -57.59 28.66
N GLN B 1163 14.14 -56.28 28.51
CA GLN B 1163 12.84 -55.64 28.77
C GLN B 1163 12.24 -56.04 30.14
N GLY B 1164 13.05 -56.07 31.19
CA GLY B 1164 12.63 -56.63 32.46
C GLY B 1164 13.62 -56.43 33.60
N TYR B 1165 13.45 -57.20 34.66
CA TYR B 1165 14.27 -57.17 35.85
C TYR B 1165 14.47 -58.57 36.41
N PHE B 1166 15.59 -58.80 37.08
CA PHE B 1166 15.70 -59.93 37.98
C PHE B 1166 15.09 -59.59 39.33
N ILE B 1167 14.42 -60.55 39.95
CA ILE B 1167 13.76 -60.39 41.24
C ILE B 1167 14.01 -61.63 42.10
N LYS B 1168 14.05 -61.45 43.41
CA LYS B 1168 13.97 -62.55 44.35
C LYS B 1168 12.51 -62.96 44.54
N HIS B 1169 12.20 -64.22 44.29
CA HIS B 1169 10.88 -64.80 44.55
C HIS B 1169 11.06 -66.15 45.24
N ASN B 1170 10.40 -66.39 46.37
CA ASN B 1170 10.58 -67.61 47.18
C ASN B 1170 12.04 -67.88 47.60
N ASP B 1171 12.81 -66.82 47.84
CA ASP B 1171 14.28 -66.87 48.03
C ASP B 1171 15.07 -67.50 46.86
N HIS B 1172 14.60 -67.28 45.63
CA HIS B 1172 15.19 -67.77 44.39
C HIS B 1172 15.20 -66.67 43.33
N TRP B 1173 16.25 -66.53 42.53
CA TRP B 1173 16.28 -65.52 41.47
C TRP B 1173 15.39 -65.90 40.30
N MET B 1174 14.51 -65.00 39.88
CA MET B 1174 13.57 -65.15 38.77
C MET B 1174 13.53 -63.88 37.93
N PHE B 1175 13.10 -63.96 36.67
CA PHE B 1175 12.92 -62.80 35.79
C PHE B 1175 11.48 -62.31 35.83
N THR B 1176 11.24 -61.01 35.61
CA THR B 1176 9.91 -60.47 35.31
C THR B 1176 9.97 -59.41 34.23
N GLY B 1177 8.97 -59.34 33.37
CA GLY B 1177 8.86 -58.27 32.39
C GLY B 1177 8.67 -56.91 33.06
N SER B 1178 9.19 -55.83 32.47
CA SER B 1178 9.18 -54.52 33.10
C SER B 1178 7.81 -53.85 33.13
N SER B 1179 6.89 -54.25 32.25
CA SER B 1179 5.56 -53.65 32.15
C SER B 1179 4.46 -54.48 32.78
N TYR B 1180 4.74 -55.68 33.28
CA TYR B 1180 3.74 -56.51 33.95
C TYR B 1180 4.43 -57.51 34.88
N TYR B 1181 4.11 -57.47 36.17
CA TYR B 1181 4.72 -58.35 37.17
C TYR B 1181 4.25 -59.79 36.99
N TYR B 1182 5.14 -60.64 36.52
CA TYR B 1182 4.90 -62.07 36.34
C TYR B 1182 6.23 -62.80 36.47
N PRO B 1183 6.59 -63.31 37.65
CA PRO B 1183 7.86 -64.02 37.83
C PRO B 1183 7.88 -65.28 36.98
N GLU B 1184 8.94 -65.46 36.20
CA GLU B 1184 9.20 -66.62 35.34
C GLU B 1184 10.68 -67.00 35.44
N PRO B 1185 11.09 -68.23 35.13
CA PRO B 1185 12.47 -68.65 35.34
C PRO B 1185 13.43 -67.93 34.40
N ILE B 1186 14.64 -67.67 34.87
CA ILE B 1186 15.70 -67.03 34.09
C ILE B 1186 16.15 -67.99 32.98
N SER B 1187 16.27 -67.51 31.75
CA SER B 1187 16.77 -68.32 30.63
C SER B 1187 17.37 -67.45 29.53
N ASP B 1188 18.13 -68.07 28.63
CA ASP B 1188 18.70 -67.37 27.47
C ASP B 1188 17.66 -66.66 26.58
N LYS B 1189 16.35 -66.96 26.73
CA LYS B 1189 15.29 -66.23 26.03
C LYS B 1189 15.14 -64.80 26.56
N ASN B 1190 15.29 -64.57 27.87
CA ASN B 1190 15.05 -63.27 28.53
C ASN B 1190 16.33 -62.61 29.07
N VAL B 1191 17.50 -63.08 28.67
CA VAL B 1191 18.81 -62.62 29.17
C VAL B 1191 19.74 -62.11 28.08
N VAL B 1192 20.56 -61.11 28.39
CA VAL B 1192 21.77 -60.72 27.66
C VAL B 1192 22.99 -61.18 28.43
N PHE B 1193 23.88 -61.95 27.81
CA PHE B 1193 25.12 -62.44 28.45
C PHE B 1193 26.28 -61.46 28.30
N MET B 1194 27.20 -61.46 29.28
CA MET B 1194 28.44 -60.72 29.25
C MET B 1194 29.58 -61.59 29.78
N ASN B 1195 30.74 -61.63 29.12
CA ASN B 1195 31.83 -62.54 29.53
C ASN B 1195 32.43 -62.18 30.90
N THR B 1196 32.35 -60.89 31.27
CA THR B 1196 32.67 -60.37 32.59
C THR B 1196 31.46 -59.64 33.13
N CYS B 1197 31.06 -59.91 34.37
CA CYS B 1197 30.01 -59.11 35.02
C CYS B 1197 30.54 -57.74 35.43
N SER B 1198 29.72 -56.70 35.35
CA SER B 1198 30.13 -55.37 35.85
C SER B 1198 30.16 -55.36 37.38
N VAL B 1199 30.81 -54.36 37.95
CA VAL B 1199 30.64 -54.04 39.38
C VAL B 1199 29.18 -53.74 39.69
N ASN B 1200 28.80 -53.89 40.96
CA ASN B 1200 27.45 -53.67 41.51
C ASN B 1200 26.31 -54.47 40.85
N PHE B 1201 26.61 -55.40 39.94
CA PHE B 1201 25.72 -56.51 39.68
C PHE B 1201 25.63 -57.39 40.93
N THR B 1202 24.44 -57.84 41.29
CA THR B 1202 24.27 -58.66 42.50
C THR B 1202 24.93 -60.01 42.30
N LYS B 1203 25.72 -60.47 43.29
CA LYS B 1203 26.37 -61.78 43.25
C LYS B 1203 25.35 -62.90 43.46
N ALA B 1204 25.32 -63.88 42.57
CA ALA B 1204 24.43 -65.03 42.63
C ALA B 1204 25.11 -66.30 42.09
N PRO B 1205 26.15 -66.83 42.75
CA PRO B 1205 26.93 -67.96 42.24
C PRO B 1205 26.11 -69.21 41.93
N LEU B 1206 24.96 -69.38 42.59
CA LEU B 1206 24.10 -70.56 42.45
C LEU B 1206 23.25 -70.57 41.19
N VAL B 1207 23.14 -69.45 40.46
CA VAL B 1207 22.32 -69.37 39.24
C VAL B 1207 22.99 -70.08 38.07
N TYR B 1208 22.18 -70.80 37.29
CA TYR B 1208 22.56 -71.58 36.10
C TYR B 1208 23.67 -72.62 36.37
N VAL C 1 41.65 42.88 -15.25
CA VAL C 1 41.61 43.83 -14.10
C VAL C 1 40.48 43.45 -13.15
N ILE C 2 40.63 43.72 -11.86
CA ILE C 2 39.48 43.92 -10.96
C ILE C 2 38.96 45.35 -11.21
N GLY C 3 37.77 45.74 -10.77
CA GLY C 3 37.39 47.17 -10.78
C GLY C 3 37.46 47.85 -12.16
N ASP C 4 37.70 49.16 -12.17
CA ASP C 4 38.19 49.90 -13.35
C ASP C 4 38.78 51.28 -13.02
N PHE C 5 39.19 51.54 -11.77
CA PHE C 5 39.75 52.84 -11.39
C PHE C 5 41.28 52.80 -11.36
N ASN C 6 41.93 53.76 -12.02
CA ASN C 6 43.38 53.89 -12.10
C ASN C 6 43.97 54.46 -10.79
N CYS C 7 44.14 53.61 -9.78
CA CYS C 7 44.70 54.02 -8.48
C CYS C 7 46.19 54.38 -8.55
N THR C 8 46.99 53.67 -9.37
CA THR C 8 48.43 53.91 -9.53
C THR C 8 48.98 53.27 -10.80
N ASN C 9 50.16 53.70 -11.23
CA ASN C 9 50.95 53.09 -12.31
C ASN C 9 52.35 52.63 -11.86
N PHE C 10 52.70 52.79 -10.58
CA PHE C 10 54.03 52.47 -10.05
C PHE C 10 54.32 50.96 -10.11
N ALA C 11 55.48 50.59 -10.66
CA ALA C 11 56.02 49.22 -10.69
C ALA C 11 54.98 48.16 -11.12
N ILE C 12 54.51 48.25 -12.35
CA ILE C 12 53.59 47.29 -12.96
C ILE C 12 54.28 46.57 -14.12
N ASN C 13 54.14 45.26 -14.24
CA ASN C 13 54.65 44.49 -15.39
C ASN C 13 53.75 43.29 -15.74
N ASP C 14 54.15 42.51 -16.74
CA ASP C 14 53.40 41.36 -17.25
C ASP C 14 54.10 40.02 -16.95
N LEU C 15 54.95 39.96 -15.92
CA LEU C 15 55.76 38.78 -15.64
C LEU C 15 54.92 37.61 -15.12
N ASN C 16 55.06 36.43 -15.72
CA ASN C 16 54.42 35.20 -15.25
C ASN C 16 55.22 34.55 -14.09
N THR C 17 55.04 35.05 -12.87
CA THR C 17 55.75 34.57 -11.67
C THR C 17 55.15 33.31 -11.02
N THR C 18 54.04 32.78 -11.55
CA THR C 18 53.11 31.97 -10.75
C THR C 18 52.70 30.65 -11.39
N VAL C 19 52.50 29.64 -10.55
CA VAL C 19 51.57 28.53 -10.81
C VAL C 19 50.68 28.33 -9.59
N ILE C 20 49.40 28.01 -9.80
CA ILE C 20 48.46 27.76 -8.70
C ILE C 20 48.82 26.43 -8.04
N SER C 21 49.20 26.45 -6.77
CA SER C 21 49.46 25.21 -6.01
C SER C 21 48.15 24.50 -5.64
N GLU C 22 48.13 23.17 -5.63
CA GLU C 22 46.94 22.35 -5.34
C GLU C 22 47.18 21.34 -4.21
N TYR C 23 46.11 21.03 -3.48
CA TYR C 23 46.09 20.17 -2.29
C TYR C 23 44.73 19.48 -2.22
N VAL C 24 44.60 18.29 -1.63
CA VAL C 24 43.37 17.48 -1.75
C VAL C 24 42.49 17.63 -0.51
N VAL C 25 41.20 17.87 -0.72
CA VAL C 25 40.19 17.98 0.32
C VAL C 25 39.99 16.62 1.00
N ASP C 26 40.11 16.57 2.32
CA ASP C 26 39.84 15.39 3.15
C ASP C 26 39.02 15.80 4.37
N VAL C 27 37.75 15.40 4.38
CA VAL C 27 36.80 15.77 5.43
C VAL C 27 36.74 14.79 6.58
N SER C 28 37.57 13.75 6.57
CA SER C 28 37.46 12.68 7.56
C SER C 28 37.63 13.13 9.01
N TYR C 29 38.21 14.31 9.27
CA TYR C 29 38.34 14.92 10.59
C TYR C 29 37.48 16.18 10.80
N GLY C 30 36.39 16.34 10.05
CA GLY C 30 35.43 17.43 10.25
C GLY C 30 35.73 18.70 9.46
N LEU C 31 36.90 18.80 8.81
CA LEU C 31 37.21 19.90 7.91
C LEU C 31 36.12 20.07 6.86
N GLY C 32 35.74 21.31 6.56
CA GLY C 32 34.70 21.61 5.60
C GLY C 32 33.28 21.53 6.16
N THR C 33 33.07 21.13 7.40
CA THR C 33 31.74 21.09 8.02
C THR C 33 31.48 22.30 8.92
N TYR C 34 30.23 22.47 9.37
CA TYR C 34 29.83 23.55 10.26
C TYR C 34 28.76 23.09 11.24
N TYR C 35 28.65 23.75 12.39
CA TYR C 35 27.61 23.45 13.37
C TYR C 35 26.23 23.87 12.88
N ILE C 36 25.22 23.04 13.11
CA ILE C 36 23.90 23.20 12.54
C ILE C 36 23.05 24.15 13.39
N LEU C 37 22.78 25.36 12.89
CA LEU C 37 21.87 26.32 13.53
C LEU C 37 22.22 26.53 15.02
N ASP C 38 21.23 26.50 15.91
CA ASP C 38 21.37 26.52 17.36
C ASP C 38 21.27 25.12 18.01
N ARG C 39 21.31 24.06 17.19
CA ARG C 39 21.21 22.68 17.67
C ARG C 39 22.51 22.21 18.29
N VAL C 40 22.38 21.31 19.26
CA VAL C 40 23.44 20.44 19.76
C VAL C 40 23.05 19.00 19.44
N TYR C 41 24.00 18.20 18.97
CA TYR C 41 23.88 16.75 18.89
C TYR C 41 24.95 16.14 19.78
N LEU C 42 24.69 15.00 20.43
CA LEU C 42 25.66 14.37 21.34
C LEU C 42 25.84 12.90 21.02
N ASN C 43 27.09 12.44 21.06
CA ASN C 43 27.51 11.05 20.93
C ASN C 43 26.73 10.26 19.86
N THR C 44 26.67 10.77 18.64
CA THR C 44 25.79 10.23 17.59
C THR C 44 26.29 10.54 16.19
N THR C 45 25.78 9.81 15.19
CA THR C 45 26.01 10.05 13.77
C THR C 45 24.74 10.53 13.09
N ILE C 46 24.84 11.62 12.34
CA ILE C 46 23.73 12.29 11.66
C ILE C 46 23.97 12.26 10.16
N LEU C 47 22.95 12.01 9.35
CA LEU C 47 23.00 12.39 7.94
C LEU C 47 22.41 13.78 7.79
N PHE C 48 23.17 14.70 7.20
CA PHE C 48 22.78 16.09 7.03
C PHE C 48 23.12 16.57 5.63
N THR C 49 22.26 17.39 5.02
CA THR C 49 22.53 17.98 3.71
C THR C 49 22.79 19.47 3.86
N GLY C 50 23.93 19.95 3.35
CA GLY C 50 24.39 21.31 3.55
C GLY C 50 25.32 21.77 2.44
N TYR C 51 25.81 23.00 2.54
CA TYR C 51 26.83 23.50 1.63
C TYR C 51 28.21 23.03 2.08
N PHE C 52 28.70 21.96 1.49
CA PHE C 52 29.97 21.33 1.87
C PHE C 52 30.92 21.22 0.68
N PRO C 53 32.24 21.17 0.91
CA PRO C 53 33.19 20.84 -0.14
C PRO C 53 32.91 19.45 -0.71
N LYS C 54 33.37 19.13 -1.91
CA LYS C 54 33.43 17.76 -2.39
C LYS C 54 34.69 17.07 -1.86
N SER C 55 34.57 16.00 -1.09
CA SER C 55 35.73 15.26 -0.61
C SER C 55 36.51 14.68 -1.79
N GLY C 56 37.84 14.75 -1.77
CA GLY C 56 38.67 14.33 -2.89
C GLY C 56 38.75 15.34 -4.05
N ALA C 57 38.07 16.48 -3.99
CA ALA C 57 38.39 17.62 -4.85
C ALA C 57 39.66 18.34 -4.37
N ASN C 58 40.09 19.37 -5.10
CA ASN C 58 41.29 20.12 -4.75
C ASN C 58 40.97 21.49 -4.14
N PHE C 59 41.75 21.89 -3.14
CA PHE C 59 41.99 23.28 -2.82
C PHE C 59 42.96 23.91 -3.82
N ARG C 60 42.80 25.21 -4.05
CA ARG C 60 43.77 26.05 -4.76
C ARG C 60 44.36 27.09 -3.82
N ASP C 61 45.68 27.18 -3.70
CA ASP C 61 46.29 28.26 -2.91
C ASP C 61 46.32 29.56 -3.71
N LEU C 62 45.33 30.42 -3.50
CA LEU C 62 45.20 31.67 -4.26
C LEU C 62 45.98 32.83 -3.65
N SER C 63 46.67 32.64 -2.53
CA SER C 63 47.45 33.74 -1.94
C SER C 63 48.59 34.14 -2.87
N LEU C 64 48.87 35.44 -2.95
CA LEU C 64 49.99 35.98 -3.71
C LEU C 64 50.77 36.94 -2.82
N LYS C 65 52.10 36.78 -2.76
CA LYS C 65 52.99 37.68 -2.03
C LYS C 65 53.85 38.44 -3.02
N GLY C 66 53.84 39.77 -2.93
CA GLY C 66 54.72 40.65 -3.71
C GLY C 66 55.71 41.40 -2.84
N THR C 67 56.65 42.10 -3.47
CA THR C 67 57.64 42.94 -2.77
C THR C 67 57.65 44.37 -3.28
N THR C 68 57.55 44.58 -4.59
CA THR C 68 57.50 45.92 -5.21
C THR C 68 56.63 45.92 -6.45
N TYR C 69 56.96 45.07 -7.43
CA TYR C 69 56.19 44.99 -8.67
C TYR C 69 54.94 44.14 -8.54
N LEU C 70 53.86 44.57 -9.21
CA LEU C 70 52.62 43.82 -9.35
C LEU C 70 52.49 43.32 -10.80
N SER C 71 52.20 42.03 -10.98
CA SER C 71 52.01 41.50 -12.33
C SER C 71 50.55 41.60 -12.76
N THR C 72 50.27 42.11 -13.95
CA THR C 72 48.89 42.21 -14.46
C THR C 72 48.26 40.84 -14.69
N LEU C 73 49.04 39.76 -14.74
CA LEU C 73 48.51 38.40 -14.83
C LEU C 73 47.83 37.96 -13.53
N TRP C 74 48.17 38.55 -12.39
CA TRP C 74 47.56 38.23 -11.10
C TRP C 74 46.09 38.65 -11.02
N TYR C 75 45.58 39.47 -11.93
CA TYR C 75 44.24 40.06 -11.87
C TYR C 75 43.36 39.60 -13.03
N GLN C 76 43.49 38.33 -13.38
CA GLN C 76 42.77 37.63 -14.45
C GLN C 76 42.48 36.19 -14.02
N LYS C 77 41.70 35.44 -14.78
CA LYS C 77 41.64 33.98 -14.60
C LYS C 77 43.06 33.40 -14.71
N PRO C 78 43.42 32.38 -13.92
CA PRO C 78 42.57 31.61 -13.02
C PRO C 78 42.43 32.21 -11.62
N PHE C 79 43.08 33.32 -11.28
CA PHE C 79 43.00 33.89 -9.94
C PHE C 79 41.61 34.49 -9.67
N LEU C 80 41.16 35.41 -10.53
CA LEU C 80 39.78 35.88 -10.52
C LEU C 80 38.86 34.68 -10.81
N SER C 81 38.07 34.25 -9.84
CA SER C 81 37.40 32.94 -9.86
C SER C 81 35.88 33.06 -9.70
N ASP C 82 35.13 32.13 -10.29
CA ASP C 82 33.67 32.14 -10.22
C ASP C 82 33.16 31.67 -8.86
N PHE C 83 32.22 32.40 -8.26
CA PHE C 83 31.73 32.11 -6.91
C PHE C 83 30.67 30.99 -6.86
N ASN C 84 29.80 30.88 -7.87
CA ASN C 84 28.73 29.89 -7.93
C ASN C 84 27.91 29.83 -6.63
N ASN C 85 27.72 28.66 -6.02
CA ASN C 85 27.02 28.57 -4.74
C ASN C 85 27.84 29.14 -3.58
N GLY C 86 29.15 28.96 -3.58
CA GLY C 86 30.01 29.41 -2.49
C GLY C 86 31.39 28.77 -2.50
N ILE C 87 32.20 29.10 -1.50
CA ILE C 87 33.56 28.61 -1.31
C ILE C 87 33.82 28.26 0.15
N PHE C 88 34.67 27.27 0.36
CA PHE C 88 35.27 26.96 1.65
C PHE C 88 36.73 27.38 1.60
N SER C 89 37.18 28.12 2.61
CA SER C 89 38.56 28.61 2.70
C SER C 89 39.27 28.01 3.88
N ARG C 90 40.50 27.54 3.69
CA ARG C 90 41.46 27.18 4.74
C ARG C 90 42.60 28.17 4.65
N VAL C 91 42.81 28.96 5.70
CA VAL C 91 43.70 30.12 5.66
C VAL C 91 44.81 29.96 6.69
N LYS C 92 46.06 30.04 6.27
CA LYS C 92 47.18 30.05 7.19
C LYS C 92 47.27 31.41 7.86
N ASN C 93 47.30 31.46 9.19
CA ASN C 93 47.60 32.69 9.91
C ASN C 93 49.11 32.91 9.95
N THR C 94 49.65 33.78 9.11
CA THR C 94 51.09 34.04 9.05
C THR C 94 51.50 34.89 10.25
N LYS C 95 52.01 34.25 11.30
CA LYS C 95 52.43 34.88 12.55
C LYS C 95 53.86 35.41 12.44
N LEU C 96 54.02 36.68 12.07
CA LEU C 96 55.30 37.37 12.06
C LEU C 96 55.67 37.87 13.46
N TYR C 97 56.93 38.28 13.64
CA TYR C 97 57.40 38.91 14.87
C TYR C 97 58.18 40.20 14.61
N VAL C 98 57.91 41.25 15.39
CA VAL C 98 58.68 42.49 15.43
C VAL C 98 58.89 42.87 16.90
N ASN C 99 60.11 43.23 17.33
CA ASN C 99 60.46 43.44 18.74
C ASN C 99 59.91 42.33 19.66
N LYS C 100 60.11 41.08 19.26
CA LYS C 100 59.64 39.86 19.96
C LYS C 100 58.12 39.82 20.24
N THR C 101 57.34 40.65 19.54
CA THR C 101 55.89 40.77 19.66
C THR C 101 55.22 40.16 18.43
N LEU C 102 54.21 39.31 18.62
CA LEU C 102 53.50 38.61 17.54
C LEU C 102 52.63 39.59 16.72
N TYR C 103 52.69 39.46 15.40
CA TYR C 103 51.77 40.10 14.45
C TYR C 103 51.13 39.05 13.55
N SER C 104 49.80 39.08 13.45
CA SER C 104 49.02 38.16 12.61
C SER C 104 48.67 38.83 11.29
N GLU C 105 49.04 38.21 10.18
CA GLU C 105 48.77 38.67 8.82
C GLU C 105 48.21 37.51 7.99
N PHE C 106 47.27 37.77 7.08
CA PHE C 106 46.87 36.83 6.02
C PHE C 106 46.17 37.60 4.90
N SER C 107 45.99 36.98 3.74
CA SER C 107 45.44 37.67 2.56
C SER C 107 43.99 38.12 2.77
N THR C 108 43.67 39.34 2.35
CA THR C 108 42.29 39.82 2.23
C THR C 108 41.57 39.12 1.09
N ILE C 109 40.28 38.85 1.23
CA ILE C 109 39.44 38.33 0.14
C ILE C 109 38.33 39.32 -0.18
N VAL C 110 37.98 39.44 -1.46
CA VAL C 110 36.85 40.25 -1.93
C VAL C 110 35.89 39.37 -2.72
N ILE C 111 34.60 39.58 -2.55
CA ILE C 111 33.54 38.81 -3.21
C ILE C 111 32.55 39.79 -3.80
N GLY C 112 32.10 39.59 -5.04
CA GLY C 112 31.28 40.57 -5.73
C GLY C 112 30.76 40.10 -7.08
N SER C 113 30.60 41.03 -8.00
CA SER C 113 30.28 40.75 -9.40
C SER C 113 31.09 41.61 -10.36
N VAL C 114 30.66 42.84 -10.64
CA VAL C 114 31.37 43.77 -11.53
C VAL C 114 32.43 44.63 -10.83
N PHE C 115 32.50 44.59 -9.49
CA PHE C 115 33.51 45.31 -8.68
C PHE C 115 33.58 46.83 -8.89
N ILE C 116 32.46 47.49 -9.24
CA ILE C 116 32.42 48.95 -9.43
C ILE C 116 31.25 49.59 -8.67
N ASN C 117 31.35 50.89 -8.41
CA ASN C 117 30.58 51.62 -7.40
C ASN C 117 29.07 51.79 -7.63
N ASN C 118 28.43 50.97 -8.47
CA ASN C 118 26.98 50.80 -8.48
C ASN C 118 26.55 49.36 -8.13
N SER C 119 27.47 48.55 -7.61
CA SER C 119 27.26 47.20 -7.12
C SER C 119 28.02 46.98 -5.81
N TYR C 120 27.45 46.23 -4.87
CA TYR C 120 28.12 45.97 -3.59
C TYR C 120 29.21 44.91 -3.71
N THR C 121 30.39 45.20 -3.16
CA THR C 121 31.49 44.24 -3.00
C THR C 121 31.64 43.92 -1.53
N ILE C 122 31.59 42.65 -1.15
CA ILE C 122 31.95 42.21 0.20
C ILE C 122 33.47 42.15 0.31
N VAL C 123 34.03 42.63 1.41
CA VAL C 123 35.47 42.56 1.69
C VAL C 123 35.69 42.00 3.08
N VAL C 124 36.59 41.03 3.23
CA VAL C 124 37.00 40.46 4.53
C VAL C 124 38.49 40.67 4.70
N GLN C 125 38.89 41.51 5.64
CA GLN C 125 40.28 41.94 5.81
C GLN C 125 40.74 41.81 7.27
N PRO C 126 41.88 41.18 7.53
CA PRO C 126 42.44 41.12 8.88
C PRO C 126 43.22 42.38 9.25
N HIS C 127 43.18 42.69 10.53
CA HIS C 127 43.84 43.80 11.23
C HIS C 127 44.40 43.28 12.56
N ASN C 128 45.36 42.36 12.49
CA ASN C 128 46.09 41.81 13.64
C ASN C 128 45.22 41.43 14.85
N GLY C 129 44.24 40.55 14.64
CA GLY C 129 43.30 40.08 15.65
C GLY C 129 41.89 40.60 15.50
N VAL C 130 41.71 41.70 14.75
CA VAL C 130 40.39 42.15 14.30
C VAL C 130 40.19 41.72 12.86
N LEU C 131 39.09 41.04 12.56
CA LEU C 131 38.62 40.74 11.23
C LEU C 131 37.57 41.77 10.86
N GLU C 132 37.92 42.76 10.03
CA GLU C 132 36.96 43.73 9.53
C GLU C 132 36.20 43.12 8.36
N ILE C 133 34.87 43.13 8.41
CA ILE C 133 34.01 42.68 7.32
C ILE C 133 33.09 43.81 6.89
N THR C 134 33.04 44.11 5.61
CA THR C 134 32.21 45.18 5.06
C THR C 134 31.57 44.77 3.75
N ALA C 135 30.51 45.47 3.34
CA ALA C 135 29.83 45.26 2.08
C ALA C 135 29.35 46.61 1.55
N CYS C 136 30.09 47.20 0.62
CA CYS C 136 29.90 48.59 0.19
C CYS C 136 30.04 48.74 -1.31
N GLN C 137 29.54 49.84 -1.84
CA GLN C 137 29.72 50.22 -3.25
C GLN C 137 31.14 50.77 -3.53
N TYR C 138 32.18 50.03 -3.18
CA TYR C 138 33.56 50.47 -3.34
C TYR C 138 33.94 50.77 -4.78
N THR C 139 34.77 51.80 -5.02
CA THR C 139 35.52 51.96 -6.28
C THR C 139 36.75 51.07 -6.26
N MET C 140 36.60 49.77 -6.54
CA MET C 140 37.75 48.87 -6.55
C MET C 140 38.79 49.30 -7.58
N CYS C 141 40.07 49.24 -7.21
CA CYS C 141 41.17 49.53 -8.13
C CYS C 141 41.23 48.53 -9.28
N GLU C 142 41.93 48.89 -10.35
CA GLU C 142 42.27 47.93 -11.42
C GLU C 142 43.15 46.77 -10.92
N TYR C 143 44.10 47.10 -10.04
CA TYR C 143 45.09 46.18 -9.48
C TYR C 143 45.13 46.32 -7.95
N PRO C 144 44.12 45.82 -7.23
CA PRO C 144 44.02 45.98 -5.79
C PRO C 144 45.10 45.18 -5.06
N HIS C 145 45.60 45.67 -3.93
CA HIS C 145 46.49 44.88 -3.08
C HIS C 145 46.47 45.40 -1.64
N THR C 146 46.94 44.59 -0.69
CA THR C 146 47.16 45.02 0.69
C THR C 146 48.65 45.08 1.02
N ILE C 147 49.01 45.46 2.23
CA ILE C 147 50.42 45.56 2.67
C ILE C 147 50.63 44.97 4.07
N CYS C 148 51.84 44.51 4.36
CA CYS C 148 52.27 44.27 5.74
C CYS C 148 52.26 45.57 6.55
N LYS C 149 51.33 45.73 7.49
CA LYS C 149 51.35 46.86 8.43
C LYS C 149 52.47 46.71 9.47
N SER C 150 52.81 45.47 9.84
CA SER C 150 53.88 45.16 10.80
C SER C 150 55.28 45.44 10.23
N LYS C 151 55.73 44.63 9.26
CA LYS C 151 57.07 44.71 8.64
C LYS C 151 57.22 45.81 7.58
N GLY C 152 56.12 46.45 7.16
CA GLY C 152 56.13 47.47 6.11
C GLY C 152 56.24 46.90 4.69
N SER C 153 56.09 47.78 3.71
CA SER C 153 56.14 47.47 2.28
C SER C 153 56.70 48.63 1.46
N SER C 154 57.23 48.36 0.27
CA SER C 154 57.77 49.40 -0.62
C SER C 154 56.72 50.25 -1.32
N ARG C 155 55.43 49.97 -1.13
CA ARG C 155 54.31 50.72 -1.72
C ARG C 155 53.16 50.89 -0.71
N ASN C 156 52.38 51.96 -0.84
CA ASN C 156 51.23 52.21 0.02
C ASN C 156 50.09 51.24 -0.28
N GLU C 157 49.18 51.03 0.68
CA GLU C 157 48.01 50.18 0.48
C GLU C 157 46.98 50.84 -0.43
N SER C 158 46.43 50.09 -1.39
CA SER C 158 45.36 50.59 -2.26
C SER C 158 44.58 49.44 -2.88
N TRP C 159 43.31 49.30 -2.49
CA TRP C 159 42.37 48.40 -3.16
C TRP C 159 41.06 49.09 -3.53
N HIS C 160 40.80 50.29 -3.04
CA HIS C 160 39.69 51.13 -3.46
C HIS C 160 40.05 52.61 -3.37
N PHE C 161 39.33 53.50 -4.06
CA PHE C 161 39.62 54.95 -4.07
C PHE C 161 38.42 55.81 -3.64
N ASP C 162 37.66 55.36 -2.65
CA ASP C 162 36.54 56.14 -2.12
C ASP C 162 37.03 57.18 -1.12
N LYS C 163 37.20 58.43 -1.57
CA LYS C 163 37.66 59.54 -0.72
C LYS C 163 36.57 59.99 0.26
N SER C 164 35.33 60.14 -0.24
CA SER C 164 34.12 60.17 0.58
C SER C 164 33.73 58.74 0.98
N GLU C 165 32.98 58.59 2.08
CA GLU C 165 32.54 57.27 2.53
C GLU C 165 31.54 56.64 1.55
N PRO C 166 31.75 55.41 1.04
CA PRO C 166 30.82 54.77 0.13
C PRO C 166 29.58 54.26 0.87
N LEU C 167 28.50 54.04 0.13
CA LEU C 167 27.27 53.45 0.67
C LEU C 167 27.49 51.97 1.07
N CYS C 168 27.07 51.55 2.26
CA CYS C 168 27.32 50.21 2.80
C CYS C 168 26.04 49.51 3.29
N LEU C 169 25.86 48.24 2.94
CA LEU C 169 24.80 47.38 3.51
C LEU C 169 25.21 46.79 4.86
N PHE C 170 26.49 46.54 5.07
CA PHE C 170 27.01 45.87 6.25
C PHE C 170 28.41 46.39 6.58
N LYS C 171 28.72 46.49 7.87
CA LYS C 171 30.04 46.82 8.40
C LYS C 171 30.11 46.35 9.84
N LYS C 172 30.94 45.36 10.14
CA LYS C 172 31.17 44.85 11.51
C LYS C 172 32.60 44.36 11.67
N ASN C 173 33.05 44.29 12.92
CA ASN C 173 34.33 43.70 13.28
C ASN C 173 34.09 42.43 14.10
N PHE C 174 34.93 41.43 13.88
CA PHE C 174 34.96 40.20 14.66
C PHE C 174 36.36 39.97 15.20
N THR C 175 36.51 39.35 16.36
CA THR C 175 37.84 39.12 16.95
C THR C 175 38.21 37.65 16.80
N TYR C 176 39.42 37.37 16.33
CA TYR C 176 39.93 36.00 16.17
C TYR C 176 41.21 35.81 16.98
N ASN C 177 41.44 34.60 17.49
CA ASN C 177 42.62 34.28 18.27
C ASN C 177 43.90 34.31 17.41
N VAL C 178 44.68 35.39 17.51
CA VAL C 178 45.95 35.55 16.78
C VAL C 178 46.96 34.45 16.99
N SER C 179 46.86 33.67 18.06
CA SER C 179 47.81 32.60 18.37
C SER C 179 47.62 31.37 17.48
N THR C 180 46.43 31.18 16.92
CA THR C 180 46.05 29.97 16.15
C THR C 180 46.70 29.93 14.78
N ASP C 181 46.97 28.75 14.25
CA ASP C 181 47.69 28.60 12.98
C ASP C 181 46.79 28.62 11.74
N TRP C 182 45.51 28.25 11.88
CA TRP C 182 44.59 28.11 10.77
C TRP C 182 43.24 28.75 11.07
N LEU C 183 42.70 29.50 10.11
CA LEU C 183 41.32 29.97 10.12
C LEU C 183 40.56 29.29 9.00
N TYR C 184 39.32 28.89 9.27
CA TYR C 184 38.43 28.28 8.28
C TYR C 184 37.23 29.16 8.03
N PHE C 185 36.78 29.29 6.79
CA PHE C 185 35.60 30.07 6.43
C PHE C 185 34.69 29.31 5.48
N HIS C 186 33.38 29.41 5.67
CA HIS C 186 32.39 29.12 4.62
C HIS C 186 31.78 30.43 4.15
N PHE C 187 31.81 30.71 2.86
CA PHE C 187 31.06 31.79 2.26
C PHE C 187 30.13 31.20 1.21
N TYR C 188 28.81 31.37 1.33
CA TYR C 188 27.87 30.88 0.32
C TYR C 188 26.67 31.80 0.16
N GLN C 189 25.93 31.64 -0.93
CA GLN C 189 24.72 32.41 -1.19
C GLN C 189 23.52 31.52 -1.47
N GLU C 190 22.36 31.91 -0.98
CA GLU C 190 21.09 31.25 -1.24
C GLU C 190 19.96 32.28 -1.29
N ARG C 191 19.07 32.21 -2.28
CA ARG C 191 17.93 33.12 -2.46
C ARG C 191 18.30 34.59 -2.22
N GLY C 192 19.33 35.08 -2.90
CA GLY C 192 19.78 36.48 -2.82
C GLY C 192 20.40 36.91 -1.49
N THR C 193 20.69 35.98 -0.58
CA THR C 193 21.27 36.24 0.73
C THR C 193 22.65 35.60 0.83
N PHE C 194 23.64 36.37 1.24
CA PHE C 194 24.99 35.89 1.54
C PHE C 194 25.07 35.33 2.96
N TYR C 195 25.85 34.30 3.18
CA TYR C 195 26.07 33.67 4.48
C TYR C 195 27.55 33.46 4.73
N ALA C 196 28.02 33.74 5.94
CA ALA C 196 29.39 33.52 6.35
C ALA C 196 29.44 32.65 7.60
N TYR C 197 30.31 31.65 7.60
CA TYR C 197 30.69 30.88 8.78
C TYR C 197 32.18 30.96 8.93
N TYR C 198 32.69 30.93 10.16
CA TYR C 198 34.12 30.83 10.36
C TYR C 198 34.48 30.00 11.59
N ALA C 199 35.72 29.58 11.69
CA ALA C 199 36.32 29.10 12.91
C ALA C 199 37.77 29.54 13.00
N ASP C 200 38.19 30.07 14.14
CA ASP C 200 39.60 30.33 14.43
C ASP C 200 40.26 29.20 15.21
N SER C 201 39.48 28.33 15.86
CA SER C 201 39.96 27.19 16.63
C SER C 201 39.13 25.95 16.31
N GLY C 202 39.80 24.81 16.12
CA GLY C 202 39.16 23.63 15.54
C GLY C 202 38.86 23.77 14.05
N MET C 203 38.34 22.72 13.44
CA MET C 203 37.99 22.69 12.01
C MET C 203 36.53 23.04 11.69
N PRO C 204 35.52 22.55 12.42
CA PRO C 204 34.13 22.87 12.10
C PRO C 204 33.83 24.36 12.31
N THR C 205 33.25 25.04 11.33
CA THR C 205 32.96 26.48 11.44
C THR C 205 31.62 26.77 12.12
N THR C 206 31.44 28.02 12.52
CA THR C 206 30.26 28.55 13.21
C THR C 206 29.73 29.76 12.46
N PHE C 207 28.42 29.98 12.45
CA PHE C 207 27.81 31.12 11.77
C PHE C 207 28.34 32.47 12.28
N LEU C 208 28.77 33.36 11.39
CA LEU C 208 29.10 34.74 11.70
C LEU C 208 27.89 35.66 11.47
N PHE C 209 27.45 35.78 10.22
CA PHE C 209 26.38 36.67 9.81
C PHE C 209 25.75 36.22 8.51
N SER C 210 24.55 36.75 8.24
CA SER C 210 23.89 36.67 6.93
C SER C 210 23.55 38.08 6.46
N LEU C 211 23.52 38.29 5.16
CA LEU C 211 23.37 39.61 4.56
C LEU C 211 22.54 39.51 3.30
N TYR C 212 21.36 40.11 3.28
CA TYR C 212 20.55 40.19 2.08
C TYR C 212 21.18 41.15 1.08
N LEU C 213 21.43 40.68 -0.14
CA LEU C 213 21.98 41.50 -1.23
C LEU C 213 20.95 41.76 -2.33
N GLY C 214 20.06 40.81 -2.60
CA GLY C 214 19.05 40.93 -3.65
C GLY C 214 19.60 40.86 -5.07
N THR C 215 20.85 40.46 -5.22
CA THR C 215 21.56 40.24 -6.49
C THR C 215 22.46 39.03 -6.34
N LEU C 216 22.67 38.29 -7.43
CA LEU C 216 23.55 37.13 -7.44
C LEU C 216 25.02 37.58 -7.42
N LEU C 217 25.82 37.13 -6.44
CA LEU C 217 27.28 37.25 -6.50
C LEU C 217 27.82 36.30 -7.55
N SER C 218 28.90 36.68 -8.24
CA SER C 218 29.42 35.89 -9.36
C SER C 218 30.92 35.64 -9.29
N HIS C 219 31.69 36.46 -8.59
CA HIS C 219 33.15 36.35 -8.60
C HIS C 219 33.74 36.59 -7.23
N TYR C 220 34.90 36.01 -6.98
CA TYR C 220 35.73 36.33 -5.82
C TYR C 220 37.18 36.43 -6.22
N TYR C 221 37.96 37.13 -5.41
CA TYR C 221 39.37 37.34 -5.65
C TYR C 221 40.10 37.50 -4.33
N VAL C 222 41.32 36.98 -4.25
CA VAL C 222 42.16 37.08 -3.05
C VAL C 222 43.22 38.13 -3.31
N LEU C 223 43.27 39.19 -2.51
CA LEU C 223 44.14 40.31 -2.79
C LEU C 223 45.61 39.93 -2.58
N PRO C 224 46.50 40.22 -3.54
CA PRO C 224 47.93 40.13 -3.32
C PRO C 224 48.35 40.99 -2.14
N LEU C 225 49.27 40.50 -1.32
CA LEU C 225 49.81 41.21 -0.18
C LEU C 225 51.26 41.57 -0.47
N THR C 226 51.64 42.83 -0.29
CA THR C 226 53.04 43.27 -0.52
C THR C 226 53.77 43.47 0.79
N CYS C 227 55.00 42.98 0.89
CA CYS C 227 55.73 42.98 2.17
C CYS C 227 57.25 43.04 1.99
N ASN C 228 57.93 43.71 2.91
CA ASN C 228 59.39 43.68 3.00
C ASN C 228 59.93 42.37 3.60
N ALA C 229 59.08 41.58 4.25
CA ALA C 229 59.38 40.26 4.83
C ALA C 229 58.58 39.15 4.12
N ILE C 230 58.45 37.97 4.75
CA ILE C 230 57.70 36.80 4.25
C ILE C 230 58.35 36.26 2.96
N SER C 231 59.64 35.95 3.04
CA SER C 231 60.43 35.40 1.94
C SER C 231 61.68 34.71 2.44
N SER C 232 62.13 33.67 1.74
CA SER C 232 63.23 32.77 2.14
C SER C 232 64.57 33.46 2.46
N ASN C 233 64.78 34.68 1.97
CA ASN C 233 65.95 35.51 2.24
C ASN C 233 65.81 36.42 3.48
N THR C 234 64.61 36.68 4.01
CA THR C 234 64.40 37.50 5.22
C THR C 234 63.93 36.68 6.42
N ASP C 235 62.96 35.82 6.20
CA ASP C 235 62.34 34.98 7.21
C ASP C 235 61.56 33.85 6.53
N ASN C 236 61.75 32.62 7.02
CA ASN C 236 61.04 31.45 6.49
C ASN C 236 59.57 31.47 6.93
N GLU C 237 58.79 32.32 6.28
CA GLU C 237 57.35 32.39 6.37
C GLU C 237 56.69 32.60 5.00
N THR C 238 55.43 32.23 4.91
CA THR C 238 54.63 32.24 3.68
C THR C 238 53.17 32.54 4.00
N LEU C 239 52.47 33.12 3.03
CA LEU C 239 51.02 33.19 3.03
C LEU C 239 50.46 31.90 2.43
N GLN C 240 49.30 31.44 2.90
CA GLN C 240 48.52 30.40 2.23
C GLN C 240 47.04 30.71 2.35
N TYR C 241 46.30 30.63 1.26
CA TYR C 241 44.86 30.86 1.26
C TYR C 241 44.21 29.83 0.33
N TRP C 242 43.94 28.66 0.88
CA TRP C 242 43.39 27.53 0.14
C TRP C 242 41.90 27.68 -0.04
N VAL C 243 41.40 27.62 -1.27
CA VAL C 243 39.97 27.77 -1.57
C VAL C 243 39.44 26.58 -2.35
N THR C 244 38.24 26.12 -2.04
CA THR C 244 37.55 25.06 -2.81
C THR C 244 36.05 25.35 -2.94
N PRO C 245 35.39 25.01 -4.06
CA PRO C 245 33.97 25.25 -4.22
C PRO C 245 33.09 24.52 -3.22
N LEU C 246 32.02 25.16 -2.76
CA LEU C 246 30.92 24.53 -2.05
C LEU C 246 29.84 24.05 -3.01
N SER C 247 29.07 23.06 -2.59
CA SER C 247 27.84 22.64 -3.27
C SER C 247 26.91 21.93 -2.29
N LYS C 248 25.64 21.76 -2.64
CA LYS C 248 24.66 21.09 -1.77
C LYS C 248 24.91 19.58 -1.77
N ARG C 249 25.45 19.03 -0.69
CA ARG C 249 25.87 17.62 -0.58
C ARG C 249 25.37 17.00 0.70
N GLN C 250 25.19 15.69 0.72
CA GLN C 250 24.82 14.97 1.94
C GLN C 250 26.06 14.41 2.62
N TYR C 251 26.24 14.71 3.89
CA TYR C 251 27.36 14.26 4.71
C TYR C 251 26.85 13.40 5.85
N LEU C 252 27.59 12.35 6.20
CA LEU C 252 27.54 11.80 7.56
C LEU C 252 28.37 12.69 8.45
N LEU C 253 27.87 13.05 9.62
CA LEU C 253 28.57 13.83 10.63
C LEU C 253 28.59 13.05 11.94
N LYS C 254 29.73 12.93 12.61
CA LYS C 254 29.81 12.33 13.95
C LYS C 254 30.08 13.39 15.01
N PHE C 255 29.25 13.44 16.04
CA PHE C 255 29.40 14.31 17.19
C PHE C 255 29.85 13.50 18.40
N ASP C 256 30.86 13.96 19.13
CA ASP C 256 31.32 13.29 20.34
C ASP C 256 30.41 13.55 21.57
N ASN C 257 30.80 13.06 22.73
CA ASN C 257 30.06 13.22 23.99
C ASN C 257 29.95 14.67 24.51
N ARG C 258 30.60 15.64 23.87
CA ARG C 258 30.52 17.08 24.22
C ARG C 258 30.04 17.93 23.04
N GLY C 259 29.57 17.30 21.96
CA GLY C 259 28.93 17.97 20.84
C GLY C 259 29.89 18.57 19.81
N VAL C 260 31.17 18.22 19.83
CA VAL C 260 32.11 18.62 18.78
C VAL C 260 31.99 17.67 17.59
N ILE C 261 32.00 18.18 16.37
CA ILE C 261 32.07 17.34 15.17
C ILE C 261 33.49 16.79 15.06
N THR C 262 33.68 15.49 15.29
CA THR C 262 35.02 14.88 15.24
C THR C 262 35.37 14.33 13.86
N ASN C 263 34.38 13.88 13.09
CA ASN C 263 34.58 13.22 11.81
C ASN C 263 33.43 13.51 10.86
N ALA C 264 33.69 13.40 9.57
CA ALA C 264 32.66 13.55 8.56
C ALA C 264 32.91 12.61 7.38
N VAL C 265 31.86 12.29 6.62
CA VAL C 265 31.96 11.47 5.42
C VAL C 265 31.12 12.08 4.32
N ASP C 266 31.70 12.35 3.16
CA ASP C 266 30.96 12.81 2.00
C ASP C 266 30.36 11.61 1.26
N CYS C 267 29.05 11.39 1.37
CA CYS C 267 28.46 10.10 1.04
C CYS C 267 28.66 9.65 -0.40
N SER C 268 28.67 10.58 -1.37
CA SER C 268 28.84 10.22 -2.78
C SER C 268 30.30 10.30 -3.26
N SER C 269 31.25 10.65 -2.39
CA SER C 269 32.65 10.85 -2.80
C SER C 269 33.40 9.56 -3.21
N SER C 270 33.05 8.40 -2.67
CA SER C 270 33.73 7.13 -2.96
C SER C 270 32.88 5.93 -2.54
N PHE C 271 33.21 4.72 -3.01
CA PHE C 271 32.51 3.51 -2.60
C PHE C 271 32.58 3.27 -1.09
N PHE C 272 33.73 3.50 -0.46
CA PHE C 272 33.81 3.29 0.99
C PHE C 272 32.99 4.33 1.75
N SER C 273 32.96 5.58 1.26
CA SER C 273 32.09 6.60 1.82
C SER C 273 30.61 6.21 1.72
N GLU C 274 30.22 5.55 0.63
CA GLU C 274 28.85 5.06 0.47
C GLU C 274 28.52 3.97 1.49
N ILE C 275 29.43 3.05 1.79
CA ILE C 275 29.23 2.04 2.83
C ILE C 275 29.13 2.68 4.22
N GLN C 276 29.99 3.65 4.52
CA GLN C 276 29.92 4.39 5.78
C GLN C 276 28.58 5.08 5.94
N CYS C 277 28.10 5.82 4.93
CA CYS C 277 26.79 6.46 5.03
C CYS C 277 25.64 5.45 5.11
N LYS C 278 25.67 4.37 4.34
CA LYS C 278 24.66 3.31 4.38
C LYS C 278 24.51 2.70 5.77
N THR C 279 25.61 2.49 6.47
CA THR C 279 25.63 1.92 7.82
C THR C 279 25.62 2.96 8.95
N LYS C 280 25.64 4.27 8.63
CA LYS C 280 25.77 5.38 9.59
C LYS C 280 26.90 5.19 10.60
N SER C 281 28.04 4.66 10.18
CA SER C 281 29.18 4.40 11.05
C SER C 281 30.51 4.69 10.37
N LEU C 282 31.54 5.08 11.11
CA LEU C 282 32.85 5.37 10.53
C LEU C 282 33.64 4.10 10.19
N LEU C 283 33.39 3.00 10.90
CA LEU C 283 34.02 1.71 10.65
C LEU C 283 32.92 0.66 10.52
N PRO C 284 32.43 0.40 9.29
CA PRO C 284 31.43 -0.62 9.02
C PRO C 284 31.88 -2.00 9.49
N ASN C 285 30.95 -2.91 9.72
CA ASN C 285 31.31 -4.30 10.03
C ASN C 285 31.92 -5.01 8.83
N THR C 286 32.75 -6.02 9.07
CA THR C 286 33.27 -6.89 8.01
C THR C 286 32.10 -7.54 7.26
N GLY C 287 32.10 -7.49 5.94
CA GLY C 287 30.99 -8.00 5.13
C GLY C 287 31.11 -7.65 3.67
N VAL C 288 30.19 -8.18 2.86
CA VAL C 288 30.06 -7.84 1.44
C VAL C 288 28.86 -6.95 1.27
N TYR C 289 29.06 -5.78 0.69
CA TYR C 289 28.05 -4.77 0.47
C TYR C 289 27.79 -4.64 -1.02
N ASP C 290 26.55 -4.84 -1.46
CA ASP C 290 26.15 -4.54 -2.83
C ASP C 290 25.77 -3.05 -2.91
N LEU C 291 26.63 -2.26 -3.53
CA LEU C 291 26.44 -0.81 -3.59
C LEU C 291 25.29 -0.41 -4.52
N SER C 292 24.88 0.86 -4.47
CA SER C 292 23.81 1.37 -5.33
C SER C 292 24.20 1.28 -6.81
N GLY C 293 23.22 0.99 -7.66
CA GLY C 293 23.44 0.80 -9.08
C GLY C 293 23.96 2.05 -9.77
N PHE C 294 25.03 1.94 -10.51
CA PHE C 294 25.49 2.96 -11.45
C PHE C 294 24.91 2.72 -12.84
N THR C 295 24.86 3.75 -13.68
CA THR C 295 24.62 3.65 -15.14
C THR C 295 25.84 4.20 -15.87
N VAL C 296 26.23 3.57 -16.98
CA VAL C 296 27.31 4.08 -17.86
C VAL C 296 26.97 5.51 -18.29
N LYS C 297 27.92 6.43 -18.17
CA LYS C 297 27.70 7.84 -18.55
C LYS C 297 27.64 7.97 -20.08
N PRO C 298 26.73 8.78 -20.63
CA PRO C 298 26.64 8.99 -22.07
C PRO C 298 27.87 9.75 -22.57
N VAL C 299 28.54 9.25 -23.59
CA VAL C 299 29.78 9.86 -24.11
C VAL C 299 29.53 10.97 -25.13
N ALA C 300 28.32 11.03 -25.70
CA ALA C 300 27.91 11.96 -26.73
C ALA C 300 26.39 12.18 -26.67
N THR C 301 25.89 13.15 -27.44
CA THR C 301 24.46 13.38 -27.64
C THR C 301 24.11 13.24 -29.12
N VAL C 302 23.02 12.56 -29.43
CA VAL C 302 22.46 12.45 -30.78
C VAL C 302 21.25 13.36 -30.89
N HIS C 303 21.23 14.26 -31.86
CA HIS C 303 20.08 15.13 -32.10
C HIS C 303 19.63 15.01 -33.55
N ARG C 304 18.35 14.70 -33.80
CA ARG C 304 17.80 14.59 -35.15
C ARG C 304 16.51 15.40 -35.27
N ARG C 305 16.39 16.16 -36.35
CA ARG C 305 15.24 16.97 -36.78
C ARG C 305 15.16 16.95 -38.29
N ILE C 306 13.97 17.04 -38.88
CA ILE C 306 13.86 17.17 -40.34
C ILE C 306 14.33 18.58 -40.72
N PRO C 307 15.32 18.73 -41.63
CA PRO C 307 15.85 20.03 -42.00
C PRO C 307 14.95 20.75 -43.00
N ASP C 308 15.16 22.06 -43.15
CA ASP C 308 14.57 22.91 -44.20
C ASP C 308 13.03 22.98 -44.24
N LEU C 309 12.36 22.65 -43.13
CA LEU C 309 10.92 22.86 -43.01
C LEU C 309 10.57 24.35 -42.95
N PRO C 310 9.41 24.77 -43.48
CA PRO C 310 8.98 26.16 -43.46
C PRO C 310 8.59 26.62 -42.05
N ASP C 311 8.52 27.93 -41.84
CA ASP C 311 7.96 28.47 -40.60
C ASP C 311 6.44 28.24 -40.53
N CYS C 312 5.90 28.02 -39.33
CA CYS C 312 4.49 27.75 -39.14
C CYS C 312 3.61 29.00 -39.34
N ASP C 313 4.14 30.22 -39.23
CA ASP C 313 3.40 31.47 -39.37
C ASP C 313 2.20 31.62 -38.40
N ILE C 314 2.28 30.99 -37.23
CA ILE C 314 1.18 30.98 -36.25
C ILE C 314 0.78 32.41 -35.87
N ASP C 315 1.76 33.31 -35.71
CA ASP C 315 1.52 34.71 -35.40
C ASP C 315 0.71 35.40 -36.49
N LYS C 316 0.91 35.08 -37.77
CA LYS C 316 0.15 35.70 -38.87
C LYS C 316 -1.31 35.30 -38.84
N TRP C 317 -1.61 34.04 -38.50
CA TRP C 317 -2.98 33.59 -38.39
C TRP C 317 -3.66 34.13 -37.15
N LEU C 318 -2.97 34.21 -36.01
CA LEU C 318 -3.52 34.80 -34.80
C LEU C 318 -3.73 36.32 -34.93
N ASN C 319 -2.82 37.05 -35.58
CA ASN C 319 -2.91 38.50 -35.75
C ASN C 319 -3.86 38.94 -36.88
N ASN C 320 -4.50 38.04 -37.62
CA ASN C 320 -5.44 38.41 -38.68
C ASN C 320 -6.66 39.15 -38.11
N PHE C 321 -6.97 40.33 -38.63
CA PHE C 321 -8.01 41.20 -38.09
C PHE C 321 -9.46 40.72 -38.29
N ASN C 322 -9.71 39.71 -39.12
CA ASN C 322 -11.05 39.17 -39.35
C ASN C 322 -11.42 38.09 -38.32
N VAL C 323 -11.57 38.49 -37.06
CA VAL C 323 -11.70 37.57 -35.91
C VAL C 323 -13.08 36.90 -35.86
N PRO C 324 -13.18 35.58 -35.71
CA PRO C 324 -14.46 34.89 -35.59
C PRO C 324 -15.07 35.00 -34.18
N SER C 325 -16.38 34.86 -34.06
CA SER C 325 -17.05 34.76 -32.76
C SER C 325 -16.94 33.34 -32.17
N PRO C 326 -17.21 33.12 -30.87
CA PRO C 326 -17.29 31.79 -30.31
C PRO C 326 -18.27 30.89 -31.04
N LEU C 327 -19.35 31.41 -31.62
CA LEU C 327 -20.33 30.55 -32.30
C LEU C 327 -19.71 29.84 -33.51
N ASN C 328 -18.86 30.53 -34.27
CA ASN C 328 -18.22 30.05 -35.49
C ASN C 328 -16.70 29.98 -35.35
N TRP C 329 -16.20 29.58 -34.17
CA TRP C 329 -14.77 29.52 -33.88
C TRP C 329 -14.00 28.79 -34.97
N GLU C 330 -12.91 29.38 -35.45
CA GLU C 330 -12.10 28.79 -36.51
C GLU C 330 -10.98 27.92 -35.95
N ARG C 331 -10.58 26.92 -36.72
CA ARG C 331 -9.46 26.01 -36.46
C ARG C 331 -8.43 26.11 -37.56
N LYS C 332 -7.15 26.06 -37.21
CA LYS C 332 -6.05 25.82 -38.15
C LYS C 332 -5.13 24.73 -37.61
N ILE C 333 -4.59 23.90 -38.49
CA ILE C 333 -3.71 22.78 -38.14
C ILE C 333 -2.31 23.06 -38.67
N PHE C 334 -1.31 23.04 -37.80
CA PHE C 334 0.08 23.26 -38.18
C PHE C 334 0.86 21.95 -38.08
N SER C 335 1.43 21.52 -39.19
CA SER C 335 2.21 20.29 -39.31
C SER C 335 3.34 20.46 -40.31
N ASN C 336 4.44 19.72 -40.13
CA ASN C 336 5.65 19.84 -40.95
C ASN C 336 6.18 21.29 -41.04
N CYS C 337 6.30 21.98 -39.91
CA CYS C 337 6.78 23.35 -39.85
C CYS C 337 7.52 23.65 -38.53
N ASN C 338 8.37 24.68 -38.53
CA ASN C 338 9.08 25.15 -37.34
C ASN C 338 8.43 26.40 -36.73
N PHE C 339 8.55 26.59 -35.43
CA PHE C 339 8.08 27.78 -34.74
C PHE C 339 8.98 28.14 -33.56
N ASN C 340 8.95 29.39 -33.09
CA ASN C 340 9.67 29.84 -31.89
C ASN C 340 8.66 30.41 -30.91
N LEU C 341 8.31 29.68 -29.86
CA LEU C 341 7.32 30.11 -28.89
C LEU C 341 7.70 31.44 -28.24
N SER C 342 8.99 31.68 -27.93
CA SER C 342 9.42 32.96 -27.32
C SER C 342 9.20 34.15 -28.25
N THR C 343 9.35 33.97 -29.57
CA THR C 343 9.07 35.03 -30.55
C THR C 343 7.57 35.13 -30.83
N LEU C 344 6.84 34.03 -30.88
CA LEU C 344 5.38 34.03 -31.06
C LEU C 344 4.69 34.79 -29.91
N LEU C 345 5.03 34.52 -28.66
CA LEU C 345 4.41 35.17 -27.51
C LEU C 345 4.63 36.69 -27.51
N ARG C 346 5.76 37.18 -28.04
CA ARG C 346 5.98 38.62 -28.27
C ARG C 346 5.06 39.14 -29.38
N LEU C 347 5.04 38.49 -30.54
CA LEU C 347 4.36 39.01 -31.74
C LEU C 347 2.84 39.12 -31.62
N VAL C 348 2.20 38.31 -30.78
CA VAL C 348 0.74 38.35 -30.61
C VAL C 348 0.26 39.36 -29.57
N HIS C 349 1.13 40.04 -28.85
CA HIS C 349 0.76 40.84 -27.67
C HIS C 349 -0.02 40.00 -26.65
N THR C 350 0.68 39.03 -26.05
CA THR C 350 0.10 38.12 -25.06
C THR C 350 -0.39 38.86 -23.82
N ASP C 351 -1.65 38.69 -23.46
CA ASP C 351 -2.16 39.12 -22.16
C ASP C 351 -1.83 38.08 -21.08
N SER C 352 -2.01 36.79 -21.40
CA SER C 352 -1.70 35.64 -20.54
C SER C 352 -1.48 34.36 -21.34
N PHE C 353 -0.61 33.46 -20.90
CA PHE C 353 -0.40 32.13 -21.49
C PHE C 353 -0.21 31.07 -20.41
N SER C 354 -0.84 29.91 -20.53
CA SER C 354 -0.70 28.81 -19.57
C SER C 354 -1.08 27.47 -20.19
N CYS C 355 -0.69 26.36 -19.55
CA CYS C 355 -0.90 25.02 -20.09
C CYS C 355 -1.56 24.08 -19.08
N ASN C 356 -2.17 23.02 -19.61
CA ASN C 356 -2.88 21.98 -18.89
C ASN C 356 -2.38 20.60 -19.35
N ASN C 357 -2.14 19.68 -18.42
CA ASN C 357 -1.50 18.38 -18.65
C ASN C 357 -0.11 18.47 -19.33
N PHE C 358 0.50 19.65 -19.29
CA PHE C 358 1.77 19.99 -19.94
C PHE C 358 2.31 21.29 -19.33
N ASP C 359 3.54 21.70 -19.62
CA ASP C 359 4.09 22.99 -19.19
C ASP C 359 4.74 23.76 -20.34
N GLU C 360 4.51 25.08 -20.42
CA GLU C 360 5.17 25.97 -21.36
C GLU C 360 6.69 25.75 -21.40
N SER C 361 7.34 25.57 -20.25
CA SER C 361 8.78 25.39 -20.19
C SER C 361 9.27 24.13 -20.92
N LYS C 362 8.38 23.14 -21.11
CA LYS C 362 8.65 21.91 -21.86
C LYS C 362 8.32 22.04 -23.34
N ILE C 363 7.62 23.08 -23.79
CA ILE C 363 7.35 23.26 -25.22
C ILE C 363 8.66 23.60 -25.94
N TYR C 364 9.49 24.44 -25.34
CA TYR C 364 10.76 24.86 -25.94
C TYR C 364 11.63 23.65 -26.30
N GLY C 365 12.00 23.53 -27.58
CA GLY C 365 12.83 22.42 -28.10
C GLY C 365 12.09 21.13 -28.44
N SER C 366 10.83 20.95 -28.00
CA SER C 366 10.04 19.74 -28.25
C SER C 366 9.46 19.66 -29.67
N CYS C 367 9.01 18.47 -30.06
CA CYS C 367 8.30 18.23 -31.32
C CYS C 367 6.92 17.62 -31.08
N PHE C 368 5.99 17.92 -31.98
CA PHE C 368 4.61 17.47 -31.95
C PHE C 368 4.20 16.91 -33.31
N LYS C 369 3.28 15.94 -33.35
CA LYS C 369 2.72 15.43 -34.62
C LYS C 369 1.98 16.52 -35.38
N SER C 370 1.22 17.33 -34.65
CA SER C 370 0.63 18.57 -35.15
C SER C 370 0.27 19.46 -33.98
N ILE C 371 0.22 20.77 -34.21
CA ILE C 371 -0.38 21.73 -33.29
C ILE C 371 -1.70 22.16 -33.90
N VAL C 372 -2.79 22.01 -33.15
CA VAL C 372 -4.12 22.39 -33.60
C VAL C 372 -4.53 23.61 -32.82
N LEU C 373 -4.86 24.69 -33.51
CA LEU C 373 -5.11 25.98 -32.89
C LEU C 373 -6.53 26.46 -33.21
N ASP C 374 -7.31 26.68 -32.16
CA ASP C 374 -8.69 27.17 -32.26
C ASP C 374 -8.74 28.60 -31.72
N LYS C 375 -9.41 29.56 -32.38
CA LYS C 375 -9.45 30.97 -31.93
C LYS C 375 -10.84 31.60 -31.98
N PHE C 376 -11.13 32.55 -31.10
CA PHE C 376 -12.30 33.43 -31.19
C PHE C 376 -12.19 34.70 -30.32
N ALA C 377 -12.94 35.75 -30.65
CA ALA C 377 -13.06 36.93 -29.82
C ALA C 377 -13.82 36.62 -28.53
N ILE C 378 -13.44 37.19 -27.40
CA ILE C 378 -14.11 36.92 -26.11
C ILE C 378 -15.19 37.98 -25.90
N PRO C 379 -16.48 37.64 -25.75
CA PRO C 379 -17.49 38.59 -25.31
C PRO C 379 -17.18 38.97 -23.85
N ASN C 380 -16.96 40.25 -23.53
CA ASN C 380 -16.38 40.68 -22.26
C ASN C 380 -17.06 40.08 -21.01
N SER C 381 -18.38 40.14 -20.94
CA SER C 381 -19.16 39.63 -19.79
C SER C 381 -19.05 38.11 -19.60
N ARG C 382 -18.67 37.36 -20.64
CA ARG C 382 -18.50 35.90 -20.57
C ARG C 382 -17.07 35.45 -20.29
N ARG C 383 -16.12 36.36 -20.03
CA ARG C 383 -14.69 36.03 -19.87
C ARG C 383 -14.42 34.87 -18.90
N SER C 384 -15.14 34.80 -17.78
CA SER C 384 -14.98 33.73 -16.80
C SER C 384 -15.42 32.35 -17.28
N ASP C 385 -16.24 32.24 -18.33
CA ASP C 385 -16.65 30.93 -18.88
C ASP C 385 -15.46 30.15 -19.44
N LEU C 386 -14.34 30.80 -19.76
CA LEU C 386 -13.15 30.15 -20.30
C LEU C 386 -12.27 29.48 -19.22
N GLN C 387 -12.68 29.48 -17.95
CA GLN C 387 -12.03 28.68 -16.91
C GLN C 387 -12.22 27.18 -17.16
N LEU C 388 -11.17 26.38 -17.01
CA LEU C 388 -11.25 24.93 -17.26
C LEU C 388 -12.30 24.27 -16.37
N GLY C 389 -13.12 23.40 -16.96
CA GLY C 389 -14.21 22.72 -16.26
C GLY C 389 -15.45 23.58 -15.99
N SER C 390 -15.48 24.84 -16.40
CA SER C 390 -16.68 25.68 -16.28
C SER C 390 -17.84 25.15 -17.13
N SER C 391 -19.07 25.27 -16.63
CA SER C 391 -20.30 24.95 -17.40
C SER C 391 -20.98 26.20 -17.99
N GLY C 392 -20.32 27.36 -18.00
CA GLY C 392 -20.85 28.60 -18.57
C GLY C 392 -21.16 28.54 -20.07
N PHE C 393 -21.94 29.51 -20.57
CA PHE C 393 -22.48 29.48 -21.94
C PHE C 393 -21.43 29.21 -23.02
N LEU C 394 -20.23 29.79 -22.92
CA LEU C 394 -19.21 29.54 -23.94
C LEU C 394 -18.87 28.06 -24.04
N GLN C 395 -18.53 27.38 -22.95
CA GLN C 395 -18.16 25.97 -23.03
C GLN C 395 -19.36 25.01 -23.07
N SER C 396 -20.54 25.45 -22.69
CA SER C 396 -21.76 24.65 -22.83
C SER C 396 -22.28 24.61 -24.26
N SER C 397 -22.19 25.73 -24.98
CA SER C 397 -22.90 25.93 -26.24
C SER C 397 -22.06 26.50 -27.38
N ASN C 398 -20.77 26.73 -27.22
CA ASN C 398 -19.94 27.34 -28.27
C ASN C 398 -18.63 26.60 -28.49
N TYR C 399 -17.81 26.44 -27.45
CA TYR C 399 -16.50 25.83 -27.55
C TYR C 399 -16.09 25.15 -26.24
N LYS C 400 -16.22 23.83 -26.14
CA LYS C 400 -15.74 23.08 -24.97
C LYS C 400 -14.23 22.94 -25.02
N ILE C 401 -13.50 23.48 -24.04
CA ILE C 401 -12.06 23.26 -23.91
C ILE C 401 -11.85 21.83 -23.44
N ASP C 402 -11.07 21.03 -24.17
CA ASP C 402 -10.79 19.66 -23.75
C ASP C 402 -9.79 19.64 -22.58
N THR C 403 -10.28 19.35 -21.37
CA THR C 403 -9.44 19.30 -20.17
C THR C 403 -8.60 18.02 -20.07
N THR C 404 -8.84 17.01 -20.91
CA THR C 404 -8.16 15.71 -20.81
C THR C 404 -6.86 15.65 -21.63
N SER C 405 -6.76 16.41 -22.72
CA SER C 405 -5.58 16.45 -23.57
C SER C 405 -4.54 17.46 -23.10
N SER C 406 -3.31 17.29 -23.57
CA SER C 406 -2.24 18.28 -23.42
C SER C 406 -2.55 19.53 -24.25
N SER C 407 -2.84 20.65 -23.61
CA SER C 407 -3.23 21.89 -24.30
C SER C 407 -2.76 23.14 -23.56
N CYS C 408 -2.70 24.27 -24.26
CA CYS C 408 -2.34 25.56 -23.68
C CYS C 408 -3.30 26.65 -24.13
N GLN C 409 -3.69 27.53 -23.20
CA GLN C 409 -4.65 28.60 -23.47
C GLN C 409 -3.91 29.93 -23.57
N LEU C 410 -4.08 30.63 -24.69
CA LEU C 410 -3.52 31.94 -24.93
C LEU C 410 -4.64 32.97 -24.86
N TYR C 411 -4.47 33.99 -24.03
CA TYR C 411 -5.25 35.21 -24.07
C TYR C 411 -4.38 36.29 -24.67
N TYR C 412 -4.87 36.96 -25.70
CA TYR C 412 -4.11 37.97 -26.41
C TYR C 412 -5.07 39.03 -26.96
N SER C 413 -4.54 40.12 -27.50
CA SER C 413 -5.41 41.23 -27.89
C SER C 413 -4.88 42.01 -29.08
N LEU C 414 -5.79 42.53 -29.88
CA LEU C 414 -5.49 43.29 -31.10
C LEU C 414 -6.10 44.70 -31.02
N PRO C 415 -5.50 45.72 -31.63
CA PRO C 415 -6.01 47.09 -31.58
C PRO C 415 -7.40 47.17 -32.21
N ALA C 416 -8.37 47.69 -31.46
CA ALA C 416 -9.78 47.52 -31.80
C ALA C 416 -10.17 48.19 -33.13
N ILE C 417 -9.52 49.28 -33.52
CA ILE C 417 -9.83 49.99 -34.76
C ILE C 417 -9.59 49.15 -36.02
N ASN C 418 -8.72 48.15 -35.95
CA ASN C 418 -8.42 47.27 -37.10
C ASN C 418 -9.34 46.05 -37.14
N VAL C 419 -9.68 45.48 -35.99
CA VAL C 419 -10.49 44.26 -35.88
C VAL C 419 -11.88 44.44 -36.47
N THR C 420 -12.37 43.42 -37.16
CA THR C 420 -13.78 43.28 -37.56
C THR C 420 -14.27 41.90 -37.15
N ILE C 421 -15.40 41.82 -36.45
CA ILE C 421 -15.91 40.54 -35.96
C ILE C 421 -16.74 39.84 -37.03
N ASN C 422 -16.37 38.61 -37.37
CA ASN C 422 -17.12 37.77 -38.30
C ASN C 422 -18.12 36.88 -37.56
N ASN C 423 -19.31 37.41 -37.23
CA ASN C 423 -20.42 36.62 -36.72
C ASN C 423 -21.07 35.81 -37.83
N TYR C 424 -21.20 34.50 -37.66
CA TYR C 424 -21.80 33.59 -38.63
C TYR C 424 -22.46 32.41 -37.92
N ASN C 425 -23.56 31.87 -38.44
CA ASN C 425 -24.18 30.68 -37.85
C ASN C 425 -23.78 29.44 -38.65
N PRO C 426 -23.08 28.46 -38.06
CA PRO C 426 -22.63 27.27 -38.77
C PRO C 426 -23.70 26.18 -38.89
N SER C 427 -24.83 26.30 -38.19
CA SER C 427 -25.86 25.26 -38.16
C SER C 427 -26.53 25.06 -39.52
N SER C 428 -26.31 23.90 -40.14
CA SER C 428 -26.89 23.59 -41.44
C SER C 428 -28.41 23.54 -41.39
N TRP C 429 -29.02 23.04 -40.30
CA TRP C 429 -30.47 22.97 -40.20
C TRP C 429 -31.10 24.34 -39.99
N ASN C 430 -30.49 25.23 -39.21
CA ASN C 430 -30.96 26.62 -39.15
C ASN C 430 -30.91 27.28 -40.54
N ARG C 431 -29.81 27.10 -41.27
CA ARG C 431 -29.66 27.68 -42.61
C ARG C 431 -30.67 27.10 -43.61
N ARG C 432 -31.06 25.83 -43.47
CA ARG C 432 -32.09 25.22 -44.32
C ARG C 432 -33.43 25.95 -44.20
N TYR C 433 -33.81 26.37 -42.99
CA TYR C 433 -35.10 26.98 -42.70
C TYR C 433 -35.05 28.50 -42.52
N GLY C 434 -34.14 29.19 -43.21
CA GLY C 434 -34.24 30.63 -43.44
C GLY C 434 -33.32 31.53 -42.62
N PHE C 435 -32.47 30.99 -41.72
CA PHE C 435 -31.47 31.83 -41.07
C PHE C 435 -30.41 32.29 -42.07
N ASN C 436 -30.22 33.60 -42.24
CA ASN C 436 -29.26 34.16 -43.21
C ASN C 436 -27.97 34.62 -42.52
N ASN C 437 -28.06 35.70 -41.72
CA ASN C 437 -26.93 36.34 -41.03
C ASN C 437 -27.42 37.28 -39.91
N PHE C 438 -26.50 37.67 -39.04
CA PHE C 438 -26.72 38.67 -38.00
C PHE C 438 -26.66 40.09 -38.55
N ASN C 439 -27.24 41.05 -37.83
CA ASN C 439 -27.17 42.48 -38.14
C ASN C 439 -26.78 43.28 -36.89
N LEU C 440 -25.48 43.39 -36.63
CA LEU C 440 -24.91 43.92 -35.39
C LEU C 440 -23.70 44.83 -35.63
N SER C 441 -23.32 45.60 -34.62
CA SER C 441 -22.14 46.48 -34.63
C SER C 441 -20.83 45.72 -34.89
N SER C 442 -19.85 46.42 -35.45
CA SER C 442 -18.57 45.85 -35.90
C SER C 442 -17.79 45.10 -34.81
N HIS C 443 -17.94 45.51 -33.54
CA HIS C 443 -17.28 44.86 -32.40
C HIS C 443 -18.20 43.96 -31.57
N SER C 444 -19.47 43.81 -31.94
CA SER C 444 -20.38 42.88 -31.26
C SER C 444 -20.02 41.43 -31.58
N VAL C 445 -19.84 40.61 -30.56
CA VAL C 445 -19.52 39.18 -30.67
C VAL C 445 -20.74 38.38 -30.24
N VAL C 446 -21.31 37.53 -31.09
CA VAL C 446 -22.41 36.65 -30.69
C VAL C 446 -21.91 35.41 -29.96
N TYR C 447 -22.72 34.85 -29.08
CA TYR C 447 -22.52 33.53 -28.52
C TYR C 447 -23.88 32.84 -28.33
N SER C 448 -23.92 31.54 -28.55
CA SER C 448 -25.10 30.72 -28.27
C SER C 448 -25.26 30.54 -26.77
N ARG C 449 -26.49 30.62 -26.25
CA ARG C 449 -26.82 30.21 -24.88
C ARG C 449 -27.29 28.76 -24.86
N TYR C 450 -28.17 28.37 -25.79
CA TYR C 450 -28.72 27.01 -25.85
C TYR C 450 -28.63 26.43 -27.26
N CYS C 451 -28.07 25.24 -27.42
CA CYS C 451 -27.99 24.56 -28.71
C CYS C 451 -29.05 23.46 -28.81
N PHE C 452 -29.74 23.39 -29.94
CA PHE C 452 -30.74 22.39 -30.26
C PHE C 452 -30.32 21.60 -31.49
N SER C 453 -30.53 20.29 -31.41
CA SER C 453 -30.26 19.34 -32.49
C SER C 453 -31.58 18.70 -32.92
N VAL C 454 -31.65 18.33 -34.19
CA VAL C 454 -32.85 17.79 -34.85
C VAL C 454 -32.44 16.67 -35.80
N ASN C 455 -33.33 15.71 -36.05
CA ASN C 455 -33.07 14.66 -37.02
C ASN C 455 -33.08 15.22 -38.45
N ASN C 456 -32.56 14.48 -39.42
CA ASN C 456 -32.57 14.89 -40.83
C ASN C 456 -33.99 14.97 -41.43
N THR C 457 -35.00 14.41 -40.77
CA THR C 457 -36.43 14.48 -41.15
C THR C 457 -37.18 15.68 -40.56
N PHE C 458 -36.55 16.56 -39.77
CA PHE C 458 -37.23 17.68 -39.12
C PHE C 458 -37.69 18.77 -40.10
N CYS C 459 -38.91 19.27 -39.92
CA CYS C 459 -39.41 20.49 -40.55
C CYS C 459 -40.23 21.31 -39.54
N PRO C 460 -40.09 22.65 -39.46
CA PRO C 460 -40.79 23.46 -38.48
C PRO C 460 -42.22 23.88 -38.89
N CYS C 461 -42.64 23.71 -40.14
CA CYS C 461 -43.98 24.14 -40.57
C CYS C 461 -45.07 23.09 -40.33
N ALA C 462 -46.29 23.52 -39.98
CA ALA C 462 -47.46 22.64 -39.94
C ALA C 462 -48.00 22.33 -41.34
N LYS C 463 -48.72 21.21 -41.48
CA LYS C 463 -49.26 20.77 -42.76
C LYS C 463 -50.39 21.70 -43.23
N PRO C 464 -50.38 22.21 -44.47
CA PRO C 464 -51.41 23.12 -44.97
C PRO C 464 -52.84 22.63 -44.78
N SER C 465 -53.10 21.33 -44.99
CA SER C 465 -54.44 20.75 -44.77
C SER C 465 -54.87 20.88 -43.31
N PHE C 466 -54.04 20.44 -42.37
CA PHE C 466 -54.35 20.55 -40.94
C PHE C 466 -54.55 22.01 -40.53
N ALA C 467 -53.69 22.94 -40.94
CA ALA C 467 -53.88 24.36 -40.65
C ALA C 467 -55.22 24.88 -41.22
N SER C 468 -55.59 24.50 -42.43
CA SER C 468 -56.90 24.89 -43.00
C SER C 468 -58.10 24.34 -42.22
N SER C 469 -57.95 23.20 -41.53
CA SER C 469 -59.00 22.61 -40.70
C SER C 469 -59.18 23.37 -39.37
N CYS C 470 -58.14 24.03 -38.87
CA CYS C 470 -58.18 24.80 -37.63
C CYS C 470 -58.96 26.10 -37.75
N LYS C 471 -59.57 26.55 -36.65
CA LYS C 471 -60.24 27.86 -36.56
C LYS C 471 -59.99 28.62 -35.26
N SER C 472 -59.20 28.06 -34.34
CA SER C 472 -58.67 28.76 -33.18
C SER C 472 -57.20 28.39 -32.97
N HIS C 473 -56.36 29.40 -32.75
CA HIS C 473 -54.89 29.27 -32.68
C HIS C 473 -54.31 28.49 -33.87
N LYS C 474 -54.80 28.79 -35.08
CA LYS C 474 -54.35 28.14 -36.32
C LYS C 474 -52.82 28.28 -36.46
N PRO C 475 -52.06 27.18 -36.56
CA PRO C 475 -50.63 27.25 -36.75
C PRO C 475 -50.31 27.71 -38.18
N PRO C 476 -49.24 28.49 -38.40
CA PRO C 476 -48.80 28.80 -39.75
C PRO C 476 -48.34 27.52 -40.47
N SER C 477 -48.45 27.50 -41.79
CA SER C 477 -48.16 26.35 -42.62
C SER C 477 -47.40 26.76 -43.88
N ALA C 478 -46.73 25.78 -44.48
CA ALA C 478 -46.08 25.85 -45.78
C ALA C 478 -45.70 24.42 -46.20
N SER C 479 -45.35 24.19 -47.46
CA SER C 479 -44.82 22.89 -47.89
C SER C 479 -43.46 22.60 -47.24
N CYS C 480 -43.32 21.45 -46.58
CA CYS C 480 -42.04 20.98 -46.06
C CYS C 480 -41.20 20.30 -47.14
N PRO C 481 -39.86 20.28 -47.03
CA PRO C 481 -38.99 19.55 -47.96
C PRO C 481 -39.35 18.07 -48.06
N ILE C 482 -39.12 17.45 -49.22
CA ILE C 482 -39.33 16.01 -49.40
C ILE C 482 -38.49 15.19 -48.40
N GLY C 483 -39.07 14.12 -47.87
CA GLY C 483 -38.41 13.27 -46.85
C GLY C 483 -38.35 13.88 -45.46
N THR C 484 -39.26 14.80 -45.12
CA THR C 484 -39.36 15.40 -43.79
C THR C 484 -40.78 15.30 -43.25
N ASN C 485 -40.94 15.39 -41.93
CA ASN C 485 -42.23 15.30 -41.25
C ASN C 485 -42.71 16.70 -40.86
N TYR C 486 -43.97 17.02 -41.17
CA TYR C 486 -44.59 18.28 -40.74
C TYR C 486 -44.63 18.40 -39.21
N ARG C 487 -44.72 19.65 -38.73
CA ARG C 487 -44.87 19.99 -37.32
C ARG C 487 -46.04 19.22 -36.70
N SER C 488 -45.75 18.43 -35.67
CA SER C 488 -46.78 17.61 -35.01
C SER C 488 -47.80 18.48 -34.27
N CYS C 489 -49.08 18.26 -34.58
CA CYS C 489 -50.23 19.02 -34.08
C CYS C 489 -51.47 18.12 -33.90
N GLU C 490 -52.41 18.59 -33.08
CA GLU C 490 -53.66 17.93 -32.73
C GLU C 490 -54.82 18.92 -32.69
N SER C 491 -56.01 18.51 -33.12
CA SER C 491 -57.24 19.28 -32.96
C SER C 491 -58.06 18.69 -31.82
N THR C 492 -58.50 19.53 -30.90
CA THR C 492 -59.24 19.14 -29.69
C THR C 492 -60.50 19.97 -29.55
N THR C 493 -61.52 19.41 -28.91
CA THR C 493 -62.73 20.16 -28.56
C THR C 493 -62.50 20.89 -27.24
N VAL C 494 -62.34 22.22 -27.27
CA VAL C 494 -61.96 23.03 -26.09
C VAL C 494 -62.83 24.28 -26.02
N LEU C 495 -63.34 24.62 -24.82
CA LEU C 495 -64.14 25.82 -24.59
C LEU C 495 -65.27 25.99 -25.63
N ASP C 496 -66.03 24.92 -25.89
CA ASP C 496 -67.09 24.86 -26.89
C ASP C 496 -66.65 25.02 -28.37
N HIS C 497 -65.35 25.19 -28.64
CA HIS C 497 -64.79 25.22 -29.99
C HIS C 497 -64.51 23.79 -30.49
N THR C 498 -64.93 23.47 -31.72
CA THR C 498 -64.79 22.11 -32.29
C THR C 498 -63.43 21.82 -32.94
N ASP C 499 -62.70 22.85 -33.34
CA ASP C 499 -61.42 22.75 -34.07
C ASP C 499 -60.40 23.73 -33.47
N TRP C 500 -60.28 23.64 -32.15
CA TRP C 500 -59.23 24.29 -31.38
C TRP C 500 -57.95 23.49 -31.49
N CYS C 501 -56.89 24.08 -32.04
CA CYS C 501 -55.68 23.35 -32.42
C CYS C 501 -54.51 23.61 -31.46
N ARG C 502 -53.79 22.55 -31.13
CA ARG C 502 -52.58 22.55 -30.29
C ARG C 502 -51.44 21.88 -31.04
N CYS C 503 -50.21 22.29 -30.78
CA CYS C 503 -49.02 21.75 -31.44
C CYS C 503 -47.87 21.58 -30.46
N SER C 504 -46.87 20.81 -30.90
CA SER C 504 -45.61 20.59 -30.17
C SER C 504 -44.78 21.87 -29.93
N CYS C 505 -43.73 21.79 -29.11
CA CYS C 505 -42.76 22.87 -28.86
C CYS C 505 -43.34 24.20 -28.33
N LEU C 506 -44.57 24.24 -27.83
CA LEU C 506 -45.11 25.43 -27.17
C LEU C 506 -44.54 25.59 -25.75
N PRO C 507 -44.34 26.82 -25.28
CA PRO C 507 -44.47 28.07 -26.02
C PRO C 507 -43.36 28.29 -27.06
N ASP C 508 -42.16 27.78 -26.79
CA ASP C 508 -40.98 27.81 -27.67
C ASP C 508 -40.05 26.65 -27.28
N PRO C 509 -39.05 26.25 -28.09
CA PRO C 509 -38.23 25.08 -27.79
C PRO C 509 -37.37 25.19 -26.54
N ILE C 510 -37.06 26.40 -26.07
CA ILE C 510 -36.28 26.62 -24.85
C ILE C 510 -37.17 26.47 -23.63
N THR C 511 -38.39 27.00 -23.68
CA THR C 511 -39.34 27.02 -22.56
C THR C 511 -40.39 25.92 -22.60
N ALA C 512 -40.25 24.94 -23.52
CA ALA C 512 -41.27 23.95 -23.84
C ALA C 512 -41.85 23.22 -22.61
N TYR C 513 -43.16 23.02 -22.59
CA TYR C 513 -43.82 22.31 -21.48
C TYR C 513 -43.40 20.84 -21.36
N ASP C 514 -42.98 20.21 -22.45
CA ASP C 514 -42.41 18.87 -22.44
C ASP C 514 -41.41 18.69 -23.59
N PRO C 515 -40.11 18.52 -23.30
CA PRO C 515 -39.11 18.20 -24.33
C PRO C 515 -39.31 16.84 -25.00
N ARG C 516 -40.20 15.97 -24.50
CA ARG C 516 -40.47 14.67 -25.12
C ARG C 516 -41.12 14.83 -26.50
N SER C 517 -42.21 15.59 -26.59
CA SER C 517 -42.91 15.79 -27.86
C SER C 517 -42.19 16.73 -28.83
N CYS C 518 -41.47 17.73 -28.33
CA CYS C 518 -40.78 18.69 -29.19
C CYS C 518 -39.62 18.04 -29.96
N SER C 519 -39.56 18.24 -31.28
CA SER C 519 -38.54 17.61 -32.13
C SER C 519 -37.15 18.23 -31.95
N GLN C 520 -37.07 19.47 -31.46
CA GLN C 520 -35.80 20.15 -31.18
C GLN C 520 -35.28 19.72 -29.81
N LYS C 521 -34.17 18.98 -29.76
CA LYS C 521 -33.60 18.46 -28.50
C LYS C 521 -32.42 19.30 -28.05
N LYS C 522 -32.41 19.72 -26.78
CA LYS C 522 -31.27 20.41 -26.18
C LYS C 522 -30.03 19.50 -26.21
N SER C 523 -28.87 20.04 -26.54
CA SER C 523 -27.62 19.28 -26.71
C SER C 523 -26.40 20.14 -26.42
N LEU C 524 -25.58 19.75 -25.44
CA LEU C 524 -24.30 20.41 -25.15
C LEU C 524 -23.29 20.17 -26.29
N VAL C 525 -22.40 21.12 -26.55
CA VAL C 525 -21.40 20.93 -27.61
C VAL C 525 -20.33 19.92 -27.22
N GLY C 526 -19.98 19.03 -28.14
CA GLY C 526 -18.88 18.08 -27.99
C GLY C 526 -17.52 18.71 -28.30
N VAL C 527 -16.44 18.13 -27.80
CA VAL C 527 -15.08 18.61 -28.08
C VAL C 527 -14.84 18.60 -29.59
N GLY C 528 -14.39 19.72 -30.13
CA GLY C 528 -14.09 19.87 -31.56
C GLY C 528 -15.27 20.23 -32.45
N GLU C 529 -16.48 20.37 -31.92
CA GLU C 529 -17.71 20.61 -32.70
C GLU C 529 -18.36 21.96 -32.38
N HIS C 530 -19.00 22.58 -33.37
CA HIS C 530 -19.76 23.83 -33.18
C HIS C 530 -21.17 23.57 -32.63
N CYS C 531 -21.90 24.62 -32.30
CA CYS C 531 -23.29 24.54 -31.87
C CYS C 531 -24.16 23.82 -32.92
N ALA C 532 -25.05 22.92 -32.48
CA ALA C 532 -25.95 22.22 -33.39
C ALA C 532 -26.94 23.17 -34.11
N GLY C 533 -27.34 24.25 -33.43
CA GLY C 533 -28.26 25.25 -33.97
C GLY C 533 -29.03 25.98 -32.87
N PHE C 534 -29.49 27.18 -33.17
CA PHE C 534 -30.43 27.90 -32.32
C PHE C 534 -31.79 27.21 -32.35
N GLY C 535 -32.50 27.21 -31.23
CA GLY C 535 -33.90 26.77 -31.21
C GLY C 535 -34.76 27.75 -31.99
N VAL C 536 -35.69 27.25 -32.80
CA VAL C 536 -36.57 28.08 -33.62
C VAL C 536 -38.00 28.07 -33.08
N ASP C 537 -38.62 29.22 -32.96
CA ASP C 537 -40.04 29.37 -32.64
C ASP C 537 -40.89 28.94 -33.83
N GLU C 538 -41.43 27.74 -33.79
CA GLU C 538 -42.17 27.15 -34.90
C GLU C 538 -43.46 27.94 -35.23
N GLU C 539 -44.00 28.73 -34.29
CA GLU C 539 -45.13 29.62 -34.54
C GLU C 539 -44.79 30.84 -35.41
N LYS C 540 -43.52 30.98 -35.82
CA LYS C 540 -43.05 32.01 -36.77
C LYS C 540 -42.57 31.43 -38.11
N CYS C 541 -42.82 30.14 -38.36
CA CYS C 541 -42.37 29.45 -39.58
C CYS C 541 -43.52 29.20 -40.56
N GLY C 542 -43.32 29.52 -41.85
CA GLY C 542 -44.39 29.55 -42.84
C GLY C 542 -45.31 30.77 -42.70
N VAL C 543 -46.54 30.68 -43.20
CA VAL C 543 -47.53 31.78 -43.15
C VAL C 543 -48.91 31.24 -42.77
N LEU C 544 -49.81 32.10 -42.27
CA LEU C 544 -51.05 31.67 -41.60
C LEU C 544 -51.94 30.73 -42.42
N ASP C 545 -51.98 30.88 -43.74
CA ASP C 545 -52.78 30.04 -44.65
C ASP C 545 -51.92 29.50 -45.82
N GLY C 546 -50.63 29.27 -45.59
CA GLY C 546 -49.69 28.87 -46.65
C GLY C 546 -49.97 27.48 -47.21
N SER C 547 -50.31 27.42 -48.49
CA SER C 547 -50.55 26.21 -49.28
C SER C 547 -49.26 25.52 -49.77
N TYR C 548 -49.41 24.40 -50.48
CA TYR C 548 -48.27 23.59 -50.91
C TYR C 548 -47.33 24.22 -51.96
N ASN C 549 -47.70 25.36 -52.53
CA ASN C 549 -46.89 26.14 -53.47
C ASN C 549 -45.82 27.05 -52.80
N VAL C 550 -45.88 27.29 -51.48
CA VAL C 550 -44.87 28.06 -50.73
C VAL C 550 -43.96 27.13 -49.92
N SER C 551 -42.65 27.34 -49.99
CA SER C 551 -41.65 26.56 -49.24
C SER C 551 -41.57 26.99 -47.77
N CYS C 552 -41.35 26.04 -46.87
CA CYS C 552 -41.18 26.32 -45.45
C CYS C 552 -39.88 27.08 -45.16
N LEU C 553 -39.98 28.21 -44.45
CA LEU C 553 -38.87 28.94 -43.85
C LEU C 553 -39.38 29.80 -42.69
N CYS C 554 -38.49 30.30 -41.85
CA CYS C 554 -38.80 31.07 -40.67
C CYS C 554 -38.20 32.47 -40.77
N SER C 555 -38.87 33.47 -40.19
CA SER C 555 -38.32 34.83 -40.08
C SER C 555 -37.12 34.88 -39.14
N THR C 556 -36.25 35.87 -39.27
CA THR C 556 -35.01 35.95 -38.49
C THR C 556 -35.23 36.03 -36.98
N ASP C 557 -36.31 36.66 -36.53
CA ASP C 557 -36.70 36.74 -35.12
C ASP C 557 -37.19 35.39 -34.57
N ALA C 558 -37.48 34.40 -35.40
CA ALA C 558 -37.89 33.07 -34.93
C ALA C 558 -36.75 32.31 -34.24
N PHE C 559 -35.48 32.60 -34.53
CA PHE C 559 -34.36 31.88 -33.94
C PHE C 559 -33.96 32.50 -32.60
N LEU C 560 -34.06 31.72 -31.53
CA LEU C 560 -33.93 32.14 -30.13
C LEU C 560 -32.64 31.62 -29.48
N GLY C 561 -32.37 31.98 -28.23
CA GLY C 561 -31.34 31.31 -27.42
C GLY C 561 -29.91 31.73 -27.73
N TRP C 562 -29.71 32.93 -28.27
CA TRP C 562 -28.40 33.52 -28.54
C TRP C 562 -28.35 34.97 -28.02
N SER C 563 -27.15 35.53 -27.89
CA SER C 563 -26.90 36.84 -27.29
C SER C 563 -25.56 37.39 -27.79
N TYR C 564 -25.23 38.65 -27.49
CA TYR C 564 -23.97 39.26 -27.90
C TYR C 564 -23.42 40.27 -26.90
N ASP C 565 -22.11 40.54 -27.00
CA ASP C 565 -21.40 41.54 -26.19
C ASP C 565 -20.18 42.07 -26.96
N THR C 566 -19.62 43.21 -26.57
CA THR C 566 -18.35 43.68 -27.15
C THR C 566 -17.16 42.85 -26.66
N CYS C 567 -16.08 42.81 -27.45
CA CYS C 567 -14.77 42.28 -27.01
C CYS C 567 -13.79 43.38 -26.53
N VAL C 568 -14.15 44.65 -26.62
CA VAL C 568 -13.18 45.75 -26.48
C VAL C 568 -12.93 46.11 -25.03
N SER C 569 -11.66 46.26 -24.65
CA SER C 569 -11.19 46.85 -23.40
C SER C 569 -9.94 47.69 -23.68
N ASN C 570 -9.80 48.88 -23.10
CA ASN C 570 -8.61 49.73 -23.29
C ASN C 570 -8.20 49.92 -24.77
N ASN C 571 -9.19 50.09 -25.66
CA ASN C 571 -9.02 50.18 -27.12
C ASN C 571 -8.38 48.95 -27.80
N ARG C 572 -8.38 47.78 -27.15
CA ARG C 572 -7.99 46.49 -27.75
C ARG C 572 -9.13 45.49 -27.66
N CYS C 573 -9.37 44.70 -28.69
CA CYS C 573 -10.28 43.56 -28.63
C CYS C 573 -9.57 42.37 -27.96
N ASN C 574 -10.16 41.77 -26.92
CA ASN C 574 -9.61 40.58 -26.28
C ASN C 574 -10.01 39.31 -27.06
N ILE C 575 -9.04 38.42 -27.26
CA ILE C 575 -9.17 37.23 -28.10
C ILE C 575 -8.59 36.04 -27.33
N PHE C 576 -9.22 34.88 -27.49
CA PHE C 576 -8.79 33.62 -26.91
C PHE C 576 -8.34 32.69 -28.01
N SER C 577 -7.33 31.87 -27.74
CA SER C 577 -7.09 30.68 -28.54
C SER C 577 -6.54 29.53 -27.71
N ASN C 578 -6.82 28.32 -28.18
CA ASN C 578 -6.45 27.09 -27.51
C ASN C 578 -5.47 26.30 -28.39
N PHE C 579 -4.25 26.16 -27.92
CA PHE C 579 -3.23 25.30 -28.49
C PHE C 579 -3.48 23.86 -28.05
N ILE C 580 -3.84 22.97 -28.96
CA ILE C 580 -3.96 21.54 -28.69
C ILE C 580 -2.72 20.86 -29.24
N LEU C 581 -2.00 20.12 -28.40
CA LEU C 581 -0.75 19.49 -28.77
C LEU C 581 -1.02 18.00 -29.06
N ASN C 582 -0.88 17.57 -30.31
CA ASN C 582 -1.14 16.18 -30.69
C ASN C 582 0.16 15.42 -30.92
N GLY C 583 0.24 14.18 -30.43
CA GLY C 583 1.44 13.35 -30.54
C GLY C 583 2.67 14.03 -29.95
N ILE C 584 2.55 14.44 -28.70
CA ILE C 584 3.60 15.10 -27.92
C ILE C 584 4.90 14.29 -27.93
N ASN C 585 6.04 14.98 -27.94
CA ASN C 585 7.38 14.40 -27.97
C ASN C 585 7.60 13.44 -29.15
N SER C 586 7.06 13.76 -30.32
CA SER C 586 7.21 12.99 -31.56
C SER C 586 6.84 13.85 -32.77
N GLY C 587 7.06 13.38 -34.00
CA GLY C 587 6.55 14.04 -35.19
C GLY C 587 7.43 15.20 -35.67
N THR C 588 6.82 16.16 -36.39
CA THR C 588 7.56 17.10 -37.24
C THR C 588 7.29 18.58 -36.94
N THR C 589 6.26 18.91 -36.17
CA THR C 589 6.04 20.29 -35.73
C THR C 589 6.93 20.60 -34.56
N CYS C 590 8.11 21.16 -34.78
CA CYS C 590 9.15 21.29 -33.77
C CYS C 590 9.42 22.75 -33.40
N SER C 591 9.61 23.02 -32.11
CA SER C 591 10.06 24.32 -31.63
C SER C 591 11.58 24.51 -31.88
N ASN C 592 11.99 25.65 -32.41
CA ASN C 592 13.40 26.01 -32.62
C ASN C 592 13.97 26.92 -31.51
N ASP C 593 13.27 27.08 -30.38
CA ASP C 593 13.72 27.94 -29.29
C ASP C 593 15.06 27.52 -28.66
N LEU C 594 15.43 26.24 -28.78
CA LEU C 594 16.68 25.67 -28.26
C LEU C 594 17.51 25.02 -29.37
N LEU C 595 17.47 25.59 -30.58
CA LEU C 595 17.97 24.93 -31.79
C LEU C 595 19.43 24.46 -31.66
N GLN C 596 19.63 23.18 -31.93
CA GLN C 596 20.94 22.51 -32.00
C GLN C 596 21.11 21.86 -33.38
N PRO C 597 22.33 21.74 -33.89
CA PRO C 597 22.58 21.15 -35.19
C PRO C 597 22.25 19.65 -35.17
N ASN C 598 21.77 19.12 -36.29
CA ASN C 598 21.64 17.68 -36.45
C ASN C 598 23.01 17.02 -36.38
N THR C 599 23.20 16.10 -35.43
CA THR C 599 24.41 15.28 -35.36
C THR C 599 24.24 14.03 -36.22
N GLU C 600 25.32 13.34 -36.55
CA GLU C 600 25.20 11.95 -37.01
C GLU C 600 24.65 11.06 -35.88
N VAL C 601 24.21 9.85 -36.22
CA VAL C 601 23.81 8.83 -35.23
C VAL C 601 25.06 8.06 -34.80
N PHE C 602 25.68 8.43 -33.69
CA PHE C 602 26.85 7.72 -33.15
C PHE C 602 26.47 6.31 -32.72
N THR C 603 27.18 5.29 -33.20
CA THR C 603 26.88 3.89 -32.88
C THR C 603 27.81 3.29 -31.83
N ASP C 604 27.41 2.17 -31.24
CA ASP C 604 28.20 1.32 -30.34
C ASP C 604 28.59 1.92 -29.00
N VAL C 605 28.36 3.22 -28.79
CA VAL C 605 28.64 3.94 -27.55
C VAL C 605 27.35 4.41 -26.90
N CYS C 606 27.31 4.48 -25.57
CA CYS C 606 26.15 4.99 -24.87
C CYS C 606 25.99 6.48 -25.11
N VAL C 607 24.81 6.94 -25.51
CA VAL C 607 24.52 8.35 -25.79
C VAL C 607 23.15 8.75 -25.27
N ASP C 608 22.98 10.01 -24.93
CA ASP C 608 21.64 10.59 -24.92
C ASP C 608 21.18 10.82 -26.36
N TYR C 609 19.89 10.74 -26.61
CA TYR C 609 19.34 11.03 -27.93
C TYR C 609 18.07 11.84 -27.84
N ASP C 610 17.79 12.57 -28.92
CA ASP C 610 16.52 13.21 -29.21
C ASP C 610 16.22 12.98 -30.69
N LEU C 611 15.51 11.89 -30.96
CA LEU C 611 15.13 11.47 -32.30
C LEU C 611 13.77 12.08 -32.63
N TYR C 612 13.75 13.22 -33.32
CA TYR C 612 12.50 13.82 -33.79
C TYR C 612 11.47 14.01 -32.67
N GLY C 613 11.93 14.44 -31.49
CA GLY C 613 11.11 14.63 -30.29
C GLY C 613 11.20 13.48 -29.29
N ILE C 614 11.56 12.28 -29.72
CA ILE C 614 11.67 11.11 -28.84
C ILE C 614 13.01 11.17 -28.10
N THR C 615 12.97 11.54 -26.83
CA THR C 615 14.17 11.62 -25.99
C THR C 615 14.44 10.32 -25.25
N GLY C 616 15.70 10.07 -24.91
CA GLY C 616 16.10 8.93 -24.09
C GLY C 616 17.62 8.79 -24.01
N GLN C 617 18.07 7.66 -23.47
CA GLN C 617 19.48 7.29 -23.37
C GLN C 617 19.66 5.83 -23.76
N GLY C 618 20.66 5.49 -24.57
CA GLY C 618 20.83 4.14 -25.11
C GLY C 618 22.04 4.03 -26.04
N ILE C 619 22.21 2.86 -26.63
CA ILE C 619 23.28 2.52 -27.57
C ILE C 619 22.62 2.20 -28.92
N PHE C 620 23.02 2.89 -29.98
CA PHE C 620 22.55 2.59 -31.33
C PHE C 620 23.45 1.54 -31.99
N LYS C 621 22.85 0.61 -32.72
CA LYS C 621 23.56 -0.29 -33.63
C LYS C 621 22.85 -0.33 -34.97
N GLU C 622 23.59 -0.12 -36.06
CA GLU C 622 23.00 -0.14 -37.40
C GLU C 622 22.68 -1.56 -37.83
N VAL C 623 21.55 -1.78 -38.49
CA VAL C 623 21.09 -3.08 -39.01
C VAL C 623 20.42 -2.88 -40.37
N SER C 624 20.31 -3.92 -41.19
CA SER C 624 19.67 -3.85 -42.51
C SER C 624 18.17 -4.18 -42.45
N ALA C 625 17.41 -3.49 -41.61
CA ALA C 625 16.00 -3.80 -41.37
C ALA C 625 15.13 -3.69 -42.63
N VAL C 626 14.24 -4.66 -42.84
CA VAL C 626 13.36 -4.76 -44.02
C VAL C 626 11.89 -4.50 -43.73
N TYR C 627 11.50 -4.45 -42.46
CA TYR C 627 10.09 -4.41 -42.05
C TYR C 627 9.44 -3.02 -42.12
N TYR C 628 10.20 -1.93 -42.17
CA TYR C 628 9.62 -0.58 -42.23
C TYR C 628 8.92 -0.32 -43.57
N ASN C 629 7.60 -0.26 -43.60
CA ASN C 629 6.85 0.26 -44.76
C ASN C 629 6.97 1.78 -44.87
N SER C 630 6.48 2.35 -45.97
CA SER C 630 6.61 3.78 -46.29
C SER C 630 6.07 4.71 -45.21
N TRP C 631 5.02 4.33 -44.49
CA TRP C 631 4.43 5.16 -43.43
C TRP C 631 5.00 4.88 -42.03
N GLN C 632 5.95 3.96 -41.89
CA GLN C 632 6.43 3.47 -40.59
C GLN C 632 7.88 3.87 -40.34
N ASN C 633 8.20 4.29 -39.11
CA ASN C 633 9.55 4.74 -38.76
C ASN C 633 10.03 4.30 -37.37
N LEU C 634 9.19 3.70 -36.54
CA LEU C 634 9.56 3.33 -35.17
C LEU C 634 9.25 1.87 -34.89
N LEU C 635 10.17 1.14 -34.27
CA LEU C 635 10.01 -0.25 -33.88
C LEU C 635 9.79 -0.33 -32.38
N TYR C 636 8.69 -0.94 -31.97
CA TYR C 636 8.28 -1.06 -30.58
C TYR C 636 8.30 -2.50 -30.11
N ASP C 637 8.56 -2.71 -28.82
CA ASP C 637 8.36 -4.01 -28.19
C ASP C 637 6.93 -4.16 -27.62
N SER C 638 6.65 -5.33 -27.05
CA SER C 638 5.34 -5.63 -26.45
C SER C 638 4.98 -4.75 -25.26
N ASN C 639 5.96 -4.12 -24.60
CA ASN C 639 5.75 -3.24 -23.45
C ASN C 639 5.63 -1.77 -23.83
N GLY C 640 5.79 -1.42 -25.10
CA GLY C 640 5.72 -0.04 -25.56
C GLY C 640 7.02 0.75 -25.41
N ASN C 641 8.15 0.09 -25.15
CA ASN C 641 9.45 0.74 -25.32
C ASN C 641 9.79 0.82 -26.81
N ILE C 642 10.43 1.89 -27.24
CA ILE C 642 11.05 1.92 -28.56
C ILE C 642 12.33 1.10 -28.51
N ILE C 643 12.51 0.20 -29.47
CA ILE C 643 13.69 -0.66 -29.59
C ILE C 643 14.41 -0.52 -30.92
N GLY C 644 13.88 0.26 -31.86
CA GLY C 644 14.54 0.55 -33.12
C GLY C 644 13.88 1.71 -33.83
N PHE C 645 14.56 2.30 -34.80
CA PHE C 645 13.98 3.36 -35.62
C PHE C 645 14.61 3.41 -37.01
N LYS C 646 13.92 4.04 -37.95
CA LYS C 646 14.45 4.42 -39.26
C LYS C 646 14.60 5.93 -39.32
N ASP C 647 15.78 6.42 -39.66
CA ASP C 647 16.06 7.85 -39.69
C ASP C 647 15.36 8.53 -40.87
N PHE C 648 14.49 9.52 -40.61
CA PHE C 648 13.69 10.18 -41.63
C PHE C 648 14.52 10.82 -42.75
N VAL C 649 15.74 11.27 -42.45
CA VAL C 649 16.60 11.96 -43.43
C VAL C 649 17.40 10.99 -44.29
N THR C 650 18.09 10.03 -43.67
CA THR C 650 19.02 9.12 -44.36
C THR C 650 18.42 7.78 -44.75
N ASN C 651 17.22 7.45 -44.28
CA ASN C 651 16.60 6.12 -44.37
C ASN C 651 17.43 4.97 -43.76
N LYS C 652 18.49 5.27 -42.99
CA LYS C 652 19.26 4.24 -42.28
C LYS C 652 18.46 3.69 -41.10
N THR C 653 18.64 2.41 -40.79
CA THR C 653 17.87 1.69 -39.76
C THR C 653 18.76 1.23 -38.61
N TYR C 654 18.35 1.53 -37.38
CA TYR C 654 19.13 1.21 -36.18
C TYR C 654 18.29 0.47 -35.15
N ASN C 655 18.88 -0.51 -34.47
CA ASN C 655 18.37 -1.01 -33.20
C ASN C 655 18.86 -0.13 -32.07
N ILE C 656 18.05 0.03 -31.04
CA ILE C 656 18.36 0.76 -29.82
C ILE C 656 18.48 -0.24 -28.67
N PHE C 657 19.57 -0.18 -27.91
CA PHE C 657 19.81 -1.01 -26.74
C PHE C 657 20.00 -0.14 -25.49
N PRO C 658 19.62 -0.58 -24.29
CA PRO C 658 19.81 0.21 -23.08
C PRO C 658 21.29 0.31 -22.71
N CYS C 659 21.72 1.44 -22.17
CA CYS C 659 23.07 1.57 -21.61
C CYS C 659 23.22 0.66 -20.39
N TYR C 660 24.41 0.09 -20.18
CA TYR C 660 24.63 -0.80 -19.06
C TYR C 660 24.34 -0.12 -17.72
N ALA C 661 23.66 -0.85 -16.85
CA ALA C 661 23.43 -0.47 -15.46
C ALA C 661 23.73 -1.67 -14.56
N GLY C 662 24.30 -1.43 -13.38
CA GLY C 662 24.68 -2.52 -12.49
C GLY C 662 25.25 -2.05 -11.17
N ARG C 663 25.41 -2.97 -10.23
CA ARG C 663 25.99 -2.72 -8.89
C ARG C 663 27.46 -3.09 -8.87
N VAL C 664 28.16 -2.65 -7.83
CA VAL C 664 29.48 -3.16 -7.46
C VAL C 664 29.34 -3.96 -6.18
N SER C 665 29.82 -5.20 -6.14
CA SER C 665 29.89 -5.97 -4.89
C SER C 665 31.21 -5.64 -4.19
N ALA C 666 31.18 -4.84 -3.15
CA ALA C 666 32.37 -4.46 -2.40
C ALA C 666 32.54 -5.36 -1.18
N ALA C 667 33.67 -6.02 -1.04
CA ALA C 667 34.04 -6.77 0.15
C ALA C 667 34.91 -5.91 1.06
N PHE C 668 34.56 -5.81 2.33
CA PHE C 668 35.27 -5.01 3.31
C PHE C 668 35.60 -5.79 4.57
N HIS C 669 36.80 -5.61 5.12
CA HIS C 669 37.20 -6.16 6.41
C HIS C 669 37.55 -5.02 7.38
N GLN C 670 37.08 -5.09 8.63
CA GLN C 670 37.34 -4.04 9.63
C GLN C 670 38.82 -3.75 9.86
N ASN C 671 39.71 -4.73 9.66
CA ASN C 671 41.15 -4.52 9.81
C ASN C 671 41.80 -3.90 8.57
N ALA C 672 41.05 -3.58 7.52
CA ALA C 672 41.55 -3.04 6.26
C ALA C 672 41.31 -1.54 6.11
N SER C 673 42.06 -0.92 5.19
CA SER C 673 41.95 0.50 4.82
C SER C 673 41.28 0.73 3.45
N SER C 674 40.88 -0.32 2.75
CA SER C 674 40.33 -0.25 1.39
C SER C 674 39.29 -1.34 1.15
N LEU C 675 38.62 -1.29 0.00
CA LEU C 675 37.67 -2.30 -0.45
C LEU C 675 38.28 -3.22 -1.49
N ALA C 676 37.89 -4.48 -1.51
CA ALA C 676 38.01 -5.32 -2.69
C ALA C 676 36.72 -5.22 -3.50
N LEU C 677 36.77 -4.81 -4.76
CA LEU C 677 35.57 -4.60 -5.57
C LEU C 677 35.40 -5.70 -6.59
N LEU C 678 34.19 -6.23 -6.72
CA LEU C 678 33.81 -7.16 -7.79
C LEU C 678 32.75 -6.52 -8.67
N TYR C 679 33.05 -6.36 -9.96
CA TYR C 679 32.07 -5.99 -10.97
C TYR C 679 31.50 -7.25 -11.59
N ARG C 680 30.38 -7.74 -11.05
CA ARG C 680 29.86 -9.05 -11.44
C ARG C 680 29.56 -9.13 -12.92
N ASN C 681 30.01 -10.19 -13.57
CA ASN C 681 29.82 -10.49 -15.00
C ASN C 681 30.44 -9.50 -15.99
N LEU C 682 31.26 -8.55 -15.56
CA LEU C 682 31.97 -7.63 -16.44
C LEU C 682 33.43 -8.03 -16.59
N LYS C 683 33.95 -8.02 -17.81
CA LYS C 683 35.39 -8.18 -18.04
C LYS C 683 36.13 -6.88 -17.77
N CYS C 684 37.36 -6.96 -17.27
CA CYS C 684 38.09 -5.78 -16.83
C CYS C 684 38.33 -4.76 -17.95
N SER C 685 38.53 -5.22 -19.19
CA SER C 685 38.63 -4.34 -20.35
C SER C 685 37.38 -3.46 -20.51
N TYR C 686 36.18 -4.01 -20.31
CA TYR C 686 34.95 -3.24 -20.37
C TYR C 686 34.85 -2.26 -19.21
N VAL C 687 35.21 -2.67 -18.00
CA VAL C 687 35.15 -1.77 -16.83
C VAL C 687 36.06 -0.57 -17.04
N LEU C 688 37.31 -0.81 -17.42
CA LEU C 688 38.29 0.24 -17.63
C LEU C 688 37.94 1.15 -18.82
N ASN C 689 37.49 0.59 -19.94
CA ASN C 689 37.20 1.41 -21.13
C ASN C 689 35.89 2.18 -21.02
N ASN C 690 34.84 1.62 -20.42
CA ASN C 690 33.49 2.18 -20.52
C ASN C 690 32.90 2.66 -19.18
N ILE C 691 33.39 2.21 -18.03
CA ILE C 691 32.87 2.64 -16.73
C ILE C 691 33.82 3.63 -16.05
N SER C 692 35.02 3.19 -15.67
CA SER C 692 35.99 4.04 -14.96
C SER C 692 37.39 3.47 -14.98
N LEU C 693 38.39 4.33 -15.16
CA LEU C 693 39.79 3.99 -14.93
C LEU C 693 40.11 4.05 -13.43
N THR C 694 40.96 3.15 -12.94
CA THR C 694 41.49 3.21 -11.56
C THR C 694 42.95 2.80 -11.51
N THR C 695 43.66 3.23 -10.47
CA THR C 695 45.06 2.83 -10.21
C THR C 695 45.20 1.43 -9.58
N GLN C 696 44.11 0.86 -9.06
CA GLN C 696 44.15 -0.41 -8.35
C GLN C 696 44.51 -1.57 -9.28
N PRO C 697 45.20 -2.61 -8.79
CA PRO C 697 45.42 -3.82 -9.57
C PRO C 697 44.10 -4.55 -9.78
N TYR C 698 43.97 -5.27 -10.89
CA TYR C 698 42.74 -5.94 -11.29
C TYR C 698 43.00 -7.26 -12.00
N PHE C 699 42.03 -8.18 -11.98
CA PHE C 699 42.05 -9.38 -12.83
C PHE C 699 40.65 -9.91 -13.13
N ASP C 700 40.51 -10.66 -14.22
CA ASP C 700 39.25 -11.31 -14.61
C ASP C 700 39.04 -12.64 -13.86
N SER C 701 38.31 -12.62 -12.75
CA SER C 701 37.87 -13.85 -12.08
C SER C 701 36.67 -14.48 -12.78
N TYR C 702 36.30 -15.70 -12.40
CA TYR C 702 35.09 -16.36 -12.91
C TYR C 702 33.83 -15.52 -12.71
N LEU C 703 33.72 -14.83 -11.57
CA LEU C 703 32.54 -14.03 -11.22
C LEU C 703 32.49 -12.67 -11.93
N GLY C 704 33.58 -12.21 -12.54
CA GLY C 704 33.72 -10.86 -13.08
C GLY C 704 35.04 -10.21 -12.69
N CYS C 705 35.22 -8.95 -13.06
CA CYS C 705 36.44 -8.21 -12.78
C CYS C 705 36.59 -7.92 -11.29
N VAL C 706 37.72 -8.30 -10.70
CA VAL C 706 38.04 -8.07 -9.28
C VAL C 706 39.16 -7.04 -9.17
N PHE C 707 38.96 -5.99 -8.38
CA PHE C 707 39.93 -4.92 -8.10
C PHE C 707 40.45 -5.00 -6.67
N ASN C 708 41.72 -4.66 -6.51
CA ASN C 708 42.38 -4.54 -5.22
C ASN C 708 42.47 -5.85 -4.43
N ALA C 709 42.45 -7.00 -5.10
CA ALA C 709 42.68 -8.31 -4.48
C ALA C 709 43.62 -9.17 -5.33
N ASP C 710 44.51 -9.91 -4.69
CA ASP C 710 45.45 -10.80 -5.38
C ASP C 710 44.77 -12.09 -5.84
N ASN C 711 44.92 -12.46 -7.11
CA ASN C 711 44.38 -13.70 -7.65
C ASN C 711 45.11 -14.92 -7.08
N LEU C 712 44.52 -15.60 -6.10
CA LEU C 712 45.08 -16.77 -5.44
C LEU C 712 44.08 -17.92 -5.37
N THR C 713 43.32 -18.19 -6.43
CA THR C 713 42.35 -19.30 -6.45
C THR C 713 42.99 -20.68 -6.28
N ASP C 714 44.29 -20.81 -6.51
CA ASP C 714 45.05 -22.01 -6.16
C ASP C 714 45.08 -22.25 -4.64
N TYR C 715 45.09 -21.20 -3.85
CA TYR C 715 44.97 -21.28 -2.40
C TYR C 715 43.53 -21.55 -1.99
N SER C 716 43.34 -22.15 -0.81
CA SER C 716 42.02 -22.51 -0.31
C SER C 716 41.85 -22.26 1.17
N VAL C 717 40.64 -21.88 1.59
CA VAL C 717 40.29 -21.62 3.00
C VAL C 717 39.05 -22.40 3.41
N SER C 718 39.04 -22.92 4.64
CA SER C 718 37.94 -23.71 5.19
C SER C 718 36.86 -22.89 5.88
N SER C 719 37.11 -21.60 6.12
CA SER C 719 36.13 -20.67 6.66
C SER C 719 36.31 -19.31 5.98
N CYS C 720 35.21 -18.57 5.85
CA CYS C 720 35.19 -17.37 5.02
C CYS C 720 34.08 -16.43 5.49
N ALA C 721 34.43 -15.20 5.83
CA ALA C 721 33.48 -14.15 6.17
C ALA C 721 32.97 -13.37 4.95
N LEU C 722 33.73 -13.34 3.85
CA LEU C 722 33.44 -12.57 2.65
C LEU C 722 33.20 -13.50 1.46
N ARG C 723 32.05 -14.19 1.46
CA ARG C 723 31.69 -15.20 0.46
C ARG C 723 31.14 -14.54 -0.79
N MET C 724 31.79 -14.74 -1.93
CA MET C 724 31.42 -14.05 -3.18
C MET C 724 30.46 -14.85 -4.06
N GLY C 725 30.47 -16.18 -3.94
CA GLY C 725 29.68 -17.11 -4.76
C GLY C 725 30.55 -18.17 -5.45
N SER C 726 29.96 -19.25 -5.93
CA SER C 726 30.61 -20.31 -6.71
C SER C 726 31.90 -20.84 -6.09
N GLY C 727 31.98 -20.91 -4.77
CA GLY C 727 33.17 -21.40 -4.07
C GLY C 727 34.33 -20.42 -4.08
N PHE C 728 34.09 -19.12 -4.26
CA PHE C 728 35.11 -18.08 -4.14
C PHE C 728 34.89 -17.21 -2.91
N CYS C 729 35.99 -16.83 -2.29
CA CYS C 729 36.06 -16.09 -1.04
C CYS C 729 37.07 -14.97 -1.17
N VAL C 730 36.82 -13.84 -0.50
CA VAL C 730 37.84 -12.82 -0.30
C VAL C 730 38.40 -13.00 1.11
N ASP C 731 39.71 -13.05 1.24
CA ASP C 731 40.42 -13.21 2.51
C ASP C 731 41.32 -12.00 2.74
N TYR C 732 41.53 -11.59 3.99
CA TYR C 732 42.33 -10.41 4.32
C TYR C 732 43.44 -10.74 5.31
N ASN C 733 44.69 -10.40 4.97
CA ASN C 733 45.82 -10.53 5.88
C ASN C 733 45.87 -9.37 6.89
N SER C 750 46.93 -7.04 2.58
CA SER C 750 46.06 -6.92 1.39
C SER C 750 44.96 -7.98 1.35
N TYR C 751 43.98 -7.78 0.47
CA TYR C 751 42.99 -8.79 0.12
C TYR C 751 43.53 -9.84 -0.83
N ARG C 752 43.08 -11.08 -0.66
CA ARG C 752 43.32 -12.22 -1.54
C ARG C 752 41.99 -12.74 -2.04
N PHE C 753 41.93 -13.16 -3.30
CA PHE C 753 40.78 -13.85 -3.86
C PHE C 753 41.13 -15.34 -3.91
N VAL C 754 40.43 -16.17 -3.14
CA VAL C 754 40.80 -17.58 -2.88
C VAL C 754 39.58 -18.47 -2.98
N THR C 755 39.79 -19.78 -3.09
CA THR C 755 38.66 -20.72 -3.13
C THR C 755 38.20 -21.11 -1.73
N PHE C 756 36.89 -21.26 -1.58
CA PHE C 756 36.23 -21.64 -0.34
C PHE C 756 35.92 -23.14 -0.38
N GLU C 757 36.53 -23.92 0.50
CA GLU C 757 36.34 -25.39 0.54
C GLU C 757 36.04 -25.80 1.98
N PRO C 758 34.81 -25.61 2.46
CA PRO C 758 34.50 -25.74 3.88
C PRO C 758 34.56 -27.16 4.40
N PHE C 759 34.49 -28.18 3.54
CA PHE C 759 34.46 -29.58 3.94
C PHE C 759 35.50 -30.40 3.21
N ASN C 760 36.11 -31.35 3.91
CA ASN C 760 37.06 -32.31 3.38
C ASN C 760 36.58 -33.73 3.65
N VAL C 761 37.02 -34.62 2.77
CA VAL C 761 37.06 -36.05 3.04
C VAL C 761 38.20 -36.38 4.00
N SER C 762 37.97 -37.28 4.96
CA SER C 762 39.05 -37.89 5.73
C SER C 762 39.78 -38.94 4.89
N PHE C 763 41.10 -38.85 4.75
CA PHE C 763 41.87 -39.79 3.94
C PHE C 763 42.65 -40.78 4.78
N VAL C 764 42.66 -42.05 4.36
CA VAL C 764 43.51 -43.12 4.90
C VAL C 764 44.34 -43.74 3.78
N ASN C 765 45.53 -44.24 4.03
CA ASN C 765 46.39 -44.83 2.99
C ASN C 765 46.27 -46.36 2.87
N ASP C 766 45.19 -46.94 3.35
CA ASP C 766 44.92 -48.39 3.29
C ASP C 766 44.59 -48.88 1.87
N SER C 767 44.87 -50.14 1.56
CA SER C 767 44.55 -50.71 0.25
C SER C 767 43.05 -50.82 0.02
N ILE C 768 42.59 -50.49 -1.19
CA ILE C 768 41.21 -50.71 -1.62
C ILE C 768 40.94 -52.21 -1.89
N GLU C 769 41.92 -52.96 -2.36
CA GLU C 769 41.76 -54.35 -2.83
C GLU C 769 41.81 -55.37 -1.69
N SER C 770 41.06 -56.47 -1.81
CA SER C 770 41.19 -57.60 -0.89
C SER C 770 42.46 -58.41 -1.19
N VAL C 771 43.27 -58.69 -0.16
CA VAL C 771 44.43 -59.59 -0.24
C VAL C 771 43.99 -60.96 0.27
N GLY C 772 44.02 -61.97 -0.59
CA GLY C 772 43.19 -63.15 -0.36
C GLY C 772 41.72 -62.71 -0.19
N GLY C 773 41.05 -63.23 0.83
CA GLY C 773 39.69 -62.82 1.19
C GLY C 773 39.58 -61.64 2.17
N LEU C 774 40.68 -60.96 2.52
CA LEU C 774 40.71 -59.98 3.61
C LEU C 774 40.95 -58.55 3.12
N TYR C 775 40.38 -57.55 3.81
CA TYR C 775 40.54 -56.13 3.49
C TYR C 775 41.26 -55.41 4.62
N GLU C 776 42.01 -54.33 4.31
CA GLU C 776 42.62 -53.48 5.33
C GLU C 776 41.61 -52.48 5.91
N ILE C 777 41.43 -52.48 7.23
CA ILE C 777 40.55 -51.56 7.94
C ILE C 777 41.29 -50.95 9.13
N LYS C 778 41.05 -49.67 9.40
CA LYS C 778 41.47 -49.04 10.66
C LYS C 778 40.37 -49.20 11.70
N ILE C 779 40.63 -49.98 12.74
CA ILE C 779 39.72 -50.19 13.87
C ILE C 779 40.25 -49.40 15.08
N PRO C 780 39.42 -48.64 15.81
CA PRO C 780 39.86 -47.92 16.99
C PRO C 780 40.51 -48.81 18.05
N THR C 781 41.62 -48.40 18.63
CA THR C 781 42.26 -49.06 19.78
C THR C 781 42.08 -48.31 21.09
N ASN C 782 41.66 -47.06 21.03
CA ASN C 782 41.35 -46.26 22.21
C ASN C 782 40.24 -45.27 21.88
N PHE C 783 39.55 -44.72 22.87
CA PHE C 783 38.42 -43.83 22.66
C PHE C 783 38.19 -42.89 23.84
N THR C 784 37.38 -41.87 23.61
CA THR C 784 36.87 -40.96 24.63
C THR C 784 35.43 -40.58 24.32
N ILE C 785 34.76 -39.92 25.26
CA ILE C 785 33.43 -39.37 25.04
C ILE C 785 33.59 -37.88 24.76
N VAL C 786 32.92 -37.38 23.72
CA VAL C 786 32.89 -35.94 23.41
C VAL C 786 31.47 -35.42 23.50
N GLY C 787 31.33 -34.18 23.96
CA GLY C 787 30.06 -33.50 24.06
C GLY C 787 29.89 -32.50 22.92
N GLN C 788 28.66 -32.30 22.46
CA GLN C 788 28.32 -31.29 21.48
C GLN C 788 27.05 -30.57 21.90
N GLU C 789 27.06 -29.24 21.90
CA GLU C 789 25.90 -28.42 22.20
C GLU C 789 25.03 -28.23 20.97
N GLU C 790 23.72 -28.16 21.13
CA GLU C 790 22.80 -27.78 20.07
C GLU C 790 21.65 -26.96 20.66
N PHE C 791 21.64 -25.66 20.43
CA PHE C 791 20.47 -24.84 20.73
C PHE C 791 19.42 -25.02 19.65
N ILE C 792 18.17 -25.29 20.03
CA ILE C 792 17.02 -25.24 19.13
C ILE C 792 16.04 -24.22 19.64
N GLN C 793 15.71 -23.23 18.81
CA GLN C 793 14.71 -22.23 19.14
C GLN C 793 13.32 -22.87 19.19
N THR C 794 12.57 -22.64 20.25
CA THR C 794 11.19 -23.14 20.37
C THR C 794 10.18 -22.03 20.65
N ASN C 795 10.65 -20.80 20.87
CA ASN C 795 9.83 -19.66 21.22
C ASN C 795 10.43 -18.39 20.61
N SER C 796 9.72 -17.28 20.67
CA SER C 796 10.25 -15.96 20.29
C SER C 796 9.57 -14.87 21.11
N PRO C 797 10.12 -13.66 21.19
CA PRO C 797 9.46 -12.56 21.87
C PRO C 797 8.05 -12.31 21.33
N LYS C 798 7.03 -12.34 22.20
CA LYS C 798 5.64 -12.05 21.83
C LYS C 798 5.45 -10.55 21.62
N VAL C 799 5.68 -10.06 20.42
CA VAL C 799 5.45 -8.66 20.09
C VAL C 799 3.96 -8.37 20.01
N THR C 800 3.51 -7.27 20.59
CA THR C 800 2.15 -6.74 20.45
C THR C 800 2.20 -5.28 20.07
N ILE C 801 1.38 -4.87 19.11
CA ILE C 801 1.32 -3.49 18.62
C ILE C 801 -0.06 -2.91 18.96
N ASP C 802 -0.14 -1.74 19.57
CA ASP C 802 -1.38 -0.94 19.48
C ASP C 802 -1.36 -0.15 18.18
N CYS C 803 -2.06 -0.63 17.16
CA CYS C 803 -2.11 0.01 15.86
C CYS C 803 -2.55 1.48 15.95
N SER C 804 -3.53 1.80 16.79
CA SER C 804 -3.99 3.18 16.93
C SER C 804 -2.93 4.08 17.56
N LEU C 805 -2.27 3.63 18.62
CA LEU C 805 -1.23 4.41 19.28
C LEU C 805 0.02 4.54 18.41
N PHE C 806 0.36 3.51 17.65
CA PHE C 806 1.47 3.58 16.70
C PHE C 806 1.16 4.56 15.58
N VAL C 807 0.02 4.45 14.91
CA VAL C 807 -0.29 5.30 13.75
C VAL C 807 -0.49 6.76 14.16
N CYS C 808 -1.25 7.03 15.22
CA CYS C 808 -1.65 8.39 15.59
C CYS C 808 -1.10 8.95 16.90
N SER C 809 -0.61 8.12 17.82
CA SER C 809 -0.29 8.53 19.20
C SER C 809 -1.46 9.30 19.84
N ASN C 810 -1.25 10.51 20.35
CA ASN C 810 -2.23 11.24 21.13
C ASN C 810 -3.19 12.12 20.29
N TYR C 811 -2.94 12.31 18.98
CA TYR C 811 -3.58 13.36 18.18
C TYR C 811 -4.99 13.02 17.71
N ALA C 812 -5.99 13.72 18.23
CA ALA C 812 -7.41 13.48 17.94
C ALA C 812 -7.75 13.61 16.44
N ALA C 813 -7.17 14.59 15.75
CA ALA C 813 -7.38 14.77 14.32
C ALA C 813 -6.93 13.55 13.50
N CYS C 814 -5.84 12.90 13.91
CA CYS C 814 -5.40 11.66 13.29
C CYS C 814 -6.33 10.51 13.65
N HIS C 815 -6.75 10.35 14.92
CA HIS C 815 -7.70 9.30 15.30
C HIS C 815 -9.01 9.39 14.53
N ASP C 816 -9.51 10.61 14.30
CA ASP C 816 -10.68 10.81 13.46
C ASP C 816 -10.45 10.26 12.05
N LEU C 817 -9.37 10.64 11.38
CA LEU C 817 -9.09 10.13 10.03
C LEU C 817 -8.87 8.63 10.01
N LEU C 818 -8.14 8.09 10.99
CA LEU C 818 -7.86 6.66 11.09
C LEU C 818 -9.16 5.86 11.28
N SER C 819 -10.14 6.41 12.00
CA SER C 819 -11.43 5.74 12.15
C SER C 819 -12.14 5.53 10.80
N GLU C 820 -11.90 6.39 9.81
CA GLU C 820 -12.48 6.28 8.47
C GLU C 820 -11.77 5.25 7.58
N TYR C 821 -10.64 4.70 8.00
CA TYR C 821 -10.04 3.53 7.36
C TYR C 821 -10.67 2.21 7.81
N GLY C 822 -11.61 2.21 8.75
CA GLY C 822 -12.36 1.00 9.12
C GLY C 822 -11.49 -0.06 9.80
N THR C 823 -11.66 -1.31 9.40
CA THR C 823 -11.13 -2.49 10.10
C THR C 823 -9.61 -2.65 10.05
N PHE C 824 -8.84 -1.74 9.46
CA PHE C 824 -7.41 -1.98 9.23
C PHE C 824 -6.64 -2.30 10.50
N CYS C 825 -6.83 -1.53 11.58
CA CYS C 825 -6.22 -1.86 12.86
C CYS C 825 -6.78 -3.13 13.50
N ASP C 826 -8.07 -3.42 13.31
CA ASP C 826 -8.66 -4.67 13.79
C ASP C 826 -8.00 -5.89 13.15
N ASN C 827 -7.64 -5.80 11.86
CA ASN C 827 -6.95 -6.86 11.16
C ASN C 827 -5.53 -7.04 11.66
N ILE C 828 -4.78 -5.95 11.87
CA ILE C 828 -3.43 -6.01 12.44
C ILE C 828 -3.47 -6.66 13.82
N ASN C 829 -4.37 -6.23 14.71
CA ASN C 829 -4.47 -6.80 16.04
C ASN C 829 -4.88 -8.27 15.99
N SER C 830 -5.83 -8.64 15.13
CA SER C 830 -6.29 -10.03 15.04
C SER C 830 -5.20 -10.97 14.55
N ILE C 831 -4.39 -10.57 13.57
CA ILE C 831 -3.27 -11.41 13.11
C ILE C 831 -2.23 -11.58 14.22
N LEU C 832 -1.83 -10.50 14.90
CA LEU C 832 -0.83 -10.62 15.96
C LEU C 832 -1.37 -11.44 17.15
N ASP C 833 -2.64 -11.33 17.50
CA ASP C 833 -3.24 -12.17 18.54
C ASP C 833 -3.26 -13.65 18.15
N GLU C 834 -3.50 -13.98 16.89
CA GLU C 834 -3.38 -15.37 16.41
C GLU C 834 -1.94 -15.87 16.49
N VAL C 835 -0.98 -15.08 16.00
CA VAL C 835 0.45 -15.43 16.06
C VAL C 835 0.88 -15.68 17.50
N ASN C 836 0.55 -14.80 18.42
CA ASN C 836 0.91 -14.97 19.81
C ASN C 836 0.20 -16.17 20.46
N GLY C 837 -1.02 -16.49 20.04
CA GLY C 837 -1.70 -17.72 20.49
C GLY C 837 -1.02 -19.00 19.99
N LEU C 838 -0.45 -18.99 18.78
CA LEU C 838 0.36 -20.09 18.26
C LEU C 838 1.65 -20.26 19.06
N LEU C 839 2.34 -19.18 19.40
CA LEU C 839 3.52 -19.26 20.27
C LEU C 839 3.17 -19.83 21.64
N ASP C 840 2.11 -19.35 22.28
CA ASP C 840 1.68 -19.87 23.59
C ASP C 840 1.34 -21.36 23.52
N THR C 841 0.57 -21.78 22.52
CA THR C 841 0.22 -23.19 22.34
C THR C 841 1.46 -24.03 22.11
N THR C 842 2.42 -23.53 21.35
CA THR C 842 3.68 -24.22 21.10
C THR C 842 4.48 -24.37 22.39
N GLN C 843 4.59 -23.33 23.21
CA GLN C 843 5.32 -23.42 24.47
C GLN C 843 4.69 -24.45 25.41
N LEU C 844 3.35 -24.52 25.49
CA LEU C 844 2.67 -25.56 26.26
C LEU C 844 3.00 -26.95 25.74
N HIS C 845 2.99 -27.15 24.43
CA HIS C 845 3.26 -28.46 23.85
C HIS C 845 4.70 -28.92 24.10
N VAL C 846 5.66 -27.99 24.10
CA VAL C 846 7.04 -28.29 24.48
C VAL C 846 7.14 -28.66 25.96
N ALA C 847 6.52 -27.91 26.87
CA ALA C 847 6.53 -28.27 28.28
C ALA C 847 5.85 -29.62 28.54
N ASP C 848 4.73 -29.90 27.88
CA ASP C 848 4.08 -31.21 27.96
C ASP C 848 5.03 -32.31 27.51
N THR C 849 5.74 -32.11 26.39
CA THR C 849 6.71 -33.07 25.90
C THR C 849 7.84 -33.32 26.90
N LEU C 850 8.35 -32.29 27.59
CA LEU C 850 9.36 -32.48 28.61
C LEU C 850 8.83 -33.31 29.78
N MET C 851 7.64 -33.01 30.29
CA MET C 851 7.11 -33.68 31.48
C MET C 851 6.43 -35.01 31.20
N GLN C 852 6.10 -35.32 29.94
CA GLN C 852 5.45 -36.57 29.56
C GLN C 852 6.18 -37.79 30.13
N GLY C 853 5.45 -38.61 30.88
CA GLY C 853 5.94 -39.87 31.45
C GLY C 853 6.90 -39.75 32.64
N VAL C 854 7.30 -38.54 33.06
CA VAL C 854 8.26 -38.39 34.16
C VAL C 854 7.66 -38.82 35.49
N THR C 855 8.36 -39.71 36.20
CA THR C 855 8.00 -40.13 37.56
C THR C 855 9.21 -40.01 38.48
N LEU C 856 9.07 -39.31 39.61
CA LEU C 856 10.16 -39.09 40.55
C LEU C 856 9.81 -39.64 41.93
N SER C 857 10.82 -40.07 42.69
CA SER C 857 10.59 -40.41 44.09
C SER C 857 10.38 -39.15 44.93
N SER C 858 9.39 -39.12 45.82
CA SER C 858 9.21 -38.03 46.77
C SER C 858 10.33 -37.94 47.80
N ASN C 859 11.15 -38.99 47.96
CA ASN C 859 12.33 -38.95 48.80
C ASN C 859 13.49 -38.15 48.17
N LEU C 860 13.40 -37.85 46.87
CA LEU C 860 14.48 -37.20 46.13
C LEU C 860 14.70 -35.77 46.63
N ASN C 861 15.95 -35.42 46.94
CA ASN C 861 16.34 -34.11 47.42
C ASN C 861 17.68 -33.70 46.82
N THR C 862 17.65 -32.87 45.78
CA THR C 862 18.82 -32.56 44.94
C THR C 862 19.93 -31.81 45.69
N ASN C 863 19.64 -31.28 46.88
CA ASN C 863 20.65 -30.73 47.78
C ASN C 863 21.67 -31.78 48.27
N LEU C 864 21.29 -33.07 48.29
CA LEU C 864 22.15 -34.18 48.68
C LEU C 864 22.42 -35.15 47.53
N HIS C 865 21.44 -35.36 46.65
CA HIS C 865 21.51 -36.36 45.57
C HIS C 865 21.87 -35.69 44.24
N PHE C 866 23.13 -35.76 43.83
CA PHE C 866 23.61 -35.07 42.63
C PHE C 866 24.65 -35.84 41.81
N ASP C 867 25.15 -36.96 42.31
CA ASP C 867 26.04 -37.85 41.55
C ASP C 867 25.69 -39.32 41.81
N VAL C 868 25.92 -40.17 40.81
CA VAL C 868 25.68 -41.61 40.91
C VAL C 868 26.63 -42.35 39.97
N ASP C 869 27.13 -43.52 40.36
CA ASP C 869 28.04 -44.33 39.55
C ASP C 869 29.27 -43.55 39.01
N ASN C 870 29.82 -42.65 39.83
CA ASN C 870 30.91 -41.73 39.47
C ASN C 870 30.54 -40.63 38.45
N ILE C 871 29.29 -40.53 38.00
CA ILE C 871 28.84 -39.49 37.06
C ILE C 871 28.13 -38.38 37.85
N ASN C 872 28.50 -37.12 37.61
CA ASN C 872 28.04 -35.97 38.39
C ASN C 872 27.14 -35.05 37.56
N PHE C 873 25.89 -34.86 37.96
CA PHE C 873 24.96 -33.92 37.32
C PHE C 873 24.71 -32.67 38.16
N LYS C 874 25.51 -32.35 39.18
CA LYS C 874 25.25 -31.23 40.08
C LYS C 874 25.01 -29.92 39.33
N SER C 875 25.71 -29.69 38.23
CA SER C 875 25.50 -28.48 37.43
C SER C 875 24.24 -28.52 36.57
N LEU C 876 23.73 -29.70 36.22
CA LEU C 876 22.55 -29.89 35.37
C LEU C 876 21.22 -29.87 36.12
N VAL C 877 21.25 -29.88 37.45
CA VAL C 877 20.06 -30.04 38.29
C VAL C 877 19.82 -28.83 39.18
N GLY C 878 18.65 -28.19 39.05
CA GLY C 878 18.24 -27.12 39.96
C GLY C 878 17.66 -27.61 41.29
N CYS C 879 17.11 -26.70 42.09
CA CYS C 879 16.35 -27.08 43.28
C CYS C 879 15.00 -27.71 42.90
N LEU C 880 14.65 -28.86 43.48
CA LEU C 880 13.50 -29.66 43.07
C LEU C 880 12.31 -29.46 44.04
N GLY C 881 11.14 -29.20 43.46
CA GLY C 881 9.88 -28.95 44.18
C GLY C 881 9.59 -27.45 44.39
N PRO C 882 8.30 -27.04 44.41
CA PRO C 882 7.91 -25.63 44.44
C PRO C 882 8.24 -24.95 45.79
N HIS C 883 8.49 -25.73 46.85
CA HIS C 883 8.93 -25.22 48.16
C HIS C 883 10.28 -24.50 48.13
N CYS C 884 11.14 -24.78 47.13
CA CYS C 884 12.38 -24.05 46.91
C CYS C 884 12.19 -22.64 46.30
N GLY C 885 11.02 -22.32 45.72
CA GLY C 885 10.80 -21.13 44.90
C GLY C 885 11.44 -21.23 43.50
N SER C 886 11.76 -20.09 42.88
CA SER C 886 12.34 -19.99 41.53
C SER C 886 13.78 -20.51 41.37
N SER C 887 14.40 -21.02 42.43
CA SER C 887 15.75 -21.63 42.42
C SER C 887 15.87 -22.94 41.62
N SER C 888 14.83 -23.35 40.89
CA SER C 888 14.82 -24.54 40.03
C SER C 888 15.69 -24.41 38.78
N ARG C 889 16.25 -23.24 38.48
CA ARG C 889 17.24 -23.11 37.41
C ARG C 889 18.56 -23.78 37.80
N SER C 890 19.11 -24.65 36.96
CA SER C 890 20.38 -25.34 37.26
C SER C 890 21.59 -24.40 37.13
N PHE C 891 22.76 -24.80 37.64
CA PHE C 891 23.99 -24.02 37.44
C PHE C 891 24.32 -23.82 35.96
N PHE C 892 24.10 -24.86 35.15
CA PHE C 892 24.31 -24.80 33.71
C PHE C 892 23.35 -23.78 33.07
N GLU C 893 22.07 -23.83 33.40
CA GLU C 893 21.09 -22.90 32.87
C GLU C 893 21.35 -21.47 33.38
N ASP C 894 21.74 -21.27 34.63
CA ASP C 894 22.17 -19.97 35.15
C ASP C 894 23.32 -19.39 34.32
N LEU C 895 24.36 -20.19 34.09
CA LEU C 895 25.51 -19.78 33.29
C LEU C 895 25.11 -19.42 31.85
N LEU C 896 24.10 -20.08 31.28
CA LEU C 896 23.60 -19.78 29.95
C LEU C 896 22.70 -18.54 29.91
N PHE C 897 21.85 -18.34 30.92
CA PHE C 897 20.96 -17.18 31.00
C PHE C 897 21.69 -15.89 31.33
N ASP C 898 22.74 -15.92 32.16
CA ASP C 898 23.50 -14.72 32.52
C ASP C 898 24.16 -14.00 31.32
N LYS C 899 24.36 -14.69 30.20
CA LYS C 899 24.96 -14.13 28.98
C LYS C 899 23.95 -13.55 27.99
N VAL C 900 22.67 -13.47 28.35
CA VAL C 900 21.59 -12.98 27.48
C VAL C 900 20.71 -12.00 28.25
N LYS C 901 20.87 -10.70 28.00
CA LYS C 901 20.19 -9.66 28.77
C LYS C 901 18.67 -9.73 28.65
N LEU C 902 18.14 -9.85 27.43
CA LEU C 902 16.71 -9.78 27.13
C LEU C 902 16.03 -11.16 27.05
N SER C 903 16.15 -11.97 28.07
CA SER C 903 15.21 -13.07 28.33
C SER C 903 13.84 -12.52 28.77
N ASP C 904 12.89 -13.39 29.13
CA ASP C 904 11.59 -12.96 29.65
C ASP C 904 11.73 -12.02 30.85
N VAL C 905 12.51 -12.40 31.87
CA VAL C 905 12.74 -11.55 33.04
C VAL C 905 13.50 -10.29 32.66
N GLY C 906 14.38 -10.35 31.65
CA GLY C 906 15.07 -9.18 31.12
C GLY C 906 14.12 -8.16 30.52
N PHE C 907 13.16 -8.60 29.70
CA PHE C 907 12.14 -7.70 29.18
C PHE C 907 11.28 -7.12 30.28
N VAL C 908 10.81 -7.93 31.24
CA VAL C 908 10.00 -7.44 32.35
C VAL C 908 10.76 -6.39 33.16
N GLU C 909 12.02 -6.60 33.49
CA GLU C 909 12.79 -5.57 34.20
C GLU C 909 13.01 -4.32 33.37
N ALA C 910 13.28 -4.42 32.07
CA ALA C 910 13.48 -3.25 31.24
C ALA C 910 12.22 -2.37 31.18
N TYR C 911 11.05 -2.96 30.97
CA TYR C 911 9.82 -2.19 30.99
C TYR C 911 9.49 -1.66 32.39
N ASN C 912 9.81 -2.37 33.47
CA ASN C 912 9.62 -1.84 34.82
C ASN C 912 10.41 -0.54 35.03
N ASN C 913 11.56 -0.39 34.39
CA ASN C 913 12.39 0.80 34.55
C ASN C 913 11.89 2.03 33.78
N CYS C 914 10.88 1.93 32.91
CA CYS C 914 10.45 3.06 32.09
C CYS C 914 9.83 4.22 32.88
N THR C 915 9.23 3.97 34.04
CA THR C 915 8.72 5.01 34.95
C THR C 915 9.65 5.29 36.13
N GLY C 916 10.87 4.77 36.13
CA GLY C 916 11.86 5.02 37.19
C GLY C 916 12.48 6.42 37.15
N GLY C 917 12.21 7.21 36.12
CA GLY C 917 12.71 8.58 35.97
C GLY C 917 14.19 8.68 35.59
N SER C 918 14.82 7.57 35.21
CA SER C 918 16.25 7.52 34.86
C SER C 918 16.59 8.43 33.67
N GLU C 919 17.76 9.04 33.70
CA GLU C 919 18.30 9.84 32.58
C GLU C 919 18.66 8.98 31.35
N ILE C 920 18.75 7.65 31.51
CA ILE C 920 19.01 6.72 30.41
C ILE C 920 17.76 6.55 29.54
N ARG C 921 17.91 6.77 28.23
CA ARG C 921 16.81 6.69 27.24
C ARG C 921 16.78 5.33 26.55
N ASP C 922 16.24 4.34 27.23
CA ASP C 922 16.16 2.98 26.69
C ASP C 922 15.20 2.90 25.49
N LEU C 923 15.66 2.37 24.36
CA LEU C 923 14.82 2.16 23.18
C LEU C 923 13.58 1.32 23.49
N LEU C 924 13.64 0.35 24.41
CA LEU C 924 12.46 -0.42 24.77
C LEU C 924 11.39 0.48 25.38
N CYS C 925 11.75 1.50 26.16
CA CYS C 925 10.77 2.43 26.68
C CYS C 925 10.16 3.27 25.57
N VAL C 926 10.97 3.82 24.66
CA VAL C 926 10.46 4.59 23.53
C VAL C 926 9.55 3.75 22.63
N GLN C 927 9.91 2.49 22.35
CA GLN C 927 9.04 1.58 21.63
C GLN C 927 7.72 1.39 22.36
N SER C 928 7.74 1.12 23.67
CA SER C 928 6.50 0.90 24.42
C SER C 928 5.61 2.13 24.44
N PHE C 929 6.16 3.33 24.55
CA PHE C 929 5.38 4.57 24.52
C PHE C 929 4.82 4.86 23.13
N ASN C 930 5.39 4.27 22.08
CA ASN C 930 4.83 4.28 20.73
C ASN C 930 3.98 3.04 20.43
N GLY C 931 3.62 2.25 21.45
CA GLY C 931 2.69 1.14 21.31
C GLY C 931 3.30 -0.18 20.86
N ILE C 932 4.63 -0.29 20.78
CA ILE C 932 5.34 -1.52 20.42
C ILE C 932 5.87 -2.13 21.71
N LYS C 933 5.44 -3.32 22.10
CA LYS C 933 5.86 -3.94 23.37
C LYS C 933 6.00 -5.45 23.24
N VAL C 934 6.90 -6.04 24.01
CA VAL C 934 7.06 -7.49 24.10
C VAL C 934 6.42 -7.97 25.39
N LEU C 935 5.43 -8.86 25.29
CA LEU C 935 4.82 -9.46 26.47
C LEU C 935 5.59 -10.69 26.95
N PRO C 936 5.53 -11.04 28.25
CA PRO C 936 6.11 -12.28 28.74
C PRO C 936 5.34 -13.50 28.20
N PRO C 937 6.01 -14.65 28.03
CA PRO C 937 5.36 -15.90 27.61
C PRO C 937 4.44 -16.44 28.70
N ILE C 938 3.48 -17.30 28.38
CA ILE C 938 2.52 -17.80 29.38
C ILE C 938 3.16 -18.65 30.46
N LEU C 939 4.22 -19.39 30.17
CA LEU C 939 5.04 -20.07 31.17
C LEU C 939 6.37 -19.33 31.31
N SER C 940 6.80 -19.05 32.54
CA SER C 940 8.08 -18.37 32.76
C SER C 940 9.24 -19.30 32.44
N GLU C 941 10.39 -18.76 32.07
CA GLU C 941 11.59 -19.58 31.88
C GLU C 941 12.02 -20.29 33.18
N SER C 942 11.60 -19.80 34.34
CA SER C 942 11.78 -20.50 35.60
C SER C 942 10.92 -21.76 35.71
N GLN C 943 9.71 -21.77 35.16
CA GLN C 943 8.93 -23.01 35.08
C GLN C 943 9.57 -23.99 34.11
N ILE C 944 9.96 -23.55 32.93
CA ILE C 944 10.56 -24.45 31.94
C ILE C 944 11.86 -25.06 32.49
N SER C 945 12.71 -24.28 33.13
CA SER C 945 13.92 -24.81 33.79
C SER C 945 13.60 -25.78 34.94
N GLY C 946 12.43 -25.64 35.57
CA GLY C 946 11.92 -26.65 36.47
C GLY C 946 11.57 -27.95 35.76
N TYR C 947 10.93 -27.88 34.60
CA TYR C 947 10.60 -29.05 33.79
C TYR C 947 11.85 -29.74 33.23
N THR C 948 12.83 -29.01 32.71
CA THR C 948 14.10 -29.63 32.27
C THR C 948 14.88 -30.22 33.43
N THR C 949 14.85 -29.63 34.62
CA THR C 949 15.41 -30.26 35.82
C THR C 949 14.70 -31.57 36.14
N ALA C 950 13.36 -31.61 36.19
CA ALA C 950 12.64 -32.85 36.45
C ALA C 950 12.94 -33.93 35.41
N ALA C 951 12.95 -33.59 34.12
CA ALA C 951 13.29 -34.54 33.07
C ALA C 951 14.75 -35.04 33.17
N THR C 952 15.66 -34.25 33.74
CA THR C 952 17.04 -34.68 33.94
C THR C 952 17.17 -35.63 35.12
N VAL C 953 16.62 -35.30 36.29
CA VAL C 953 16.73 -36.20 37.45
C VAL C 953 15.97 -37.51 37.25
N ALA C 954 14.97 -37.55 36.37
CA ALA C 954 14.30 -38.78 35.97
C ALA C 954 15.22 -39.83 35.34
N ALA C 955 16.44 -39.49 34.94
CA ALA C 955 17.42 -40.44 34.45
C ALA C 955 18.33 -41.01 35.55
N MET C 956 18.55 -40.32 36.68
CA MET C 956 19.53 -40.77 37.68
C MET C 956 19.03 -41.90 38.58
N PHE C 957 17.81 -41.76 39.10
CA PHE C 957 17.33 -42.55 40.23
C PHE C 957 16.08 -43.37 39.87
N PRO C 958 15.85 -44.51 40.52
CA PRO C 958 14.66 -45.32 40.26
C PRO C 958 13.40 -44.46 40.44
N PRO C 959 12.38 -44.63 39.59
CA PRO C 959 12.21 -45.68 38.60
C PRO C 959 12.93 -45.46 37.25
N TRP C 960 13.83 -44.50 37.12
CA TRP C 960 14.56 -44.19 35.88
C TRP C 960 13.64 -43.94 34.69
N SER C 961 12.54 -43.21 34.88
CA SER C 961 11.45 -43.15 33.90
C SER C 961 11.85 -42.56 32.55
N ALA C 962 12.92 -41.77 32.49
CA ALA C 962 13.47 -41.23 31.25
C ALA C 962 14.64 -42.04 30.66
N ALA C 963 15.16 -43.04 31.37
CA ALA C 963 16.37 -43.79 30.99
C ALA C 963 16.07 -45.26 30.69
N ALA C 964 14.90 -45.55 30.13
CA ALA C 964 14.45 -46.89 29.81
C ALA C 964 14.38 -47.85 31.02
N GLY C 965 14.19 -47.32 32.23
CA GLY C 965 13.98 -48.15 33.41
C GLY C 965 15.23 -48.87 33.91
N ILE C 966 16.42 -48.36 33.64
CA ILE C 966 17.68 -48.90 34.16
C ILE C 966 18.62 -47.78 34.63
N PRO C 967 19.58 -48.06 35.53
CA PRO C 967 20.57 -47.09 35.96
C PRO C 967 21.27 -46.38 34.81
N PHE C 968 21.55 -45.09 34.97
CA PHE C 968 22.14 -44.28 33.90
C PHE C 968 23.47 -44.82 33.41
N SER C 969 24.35 -45.27 34.30
CA SER C 969 25.64 -45.81 33.87
C SER C 969 25.49 -47.08 33.03
N LEU C 970 24.54 -47.96 33.38
CA LEU C 970 24.27 -49.15 32.58
C LEU C 970 23.68 -48.78 31.22
N ASN C 971 22.81 -47.76 31.17
CA ASN C 971 22.30 -47.28 29.90
C ASN C 971 23.45 -46.77 29.02
N VAL C 972 24.35 -45.94 29.56
CA VAL C 972 25.54 -45.48 28.81
C VAL C 972 26.37 -46.66 28.33
N GLN C 973 26.65 -47.64 29.19
CA GLN C 973 27.42 -48.81 28.79
C GLN C 973 26.73 -49.58 27.66
N TYR C 974 25.43 -49.88 27.76
CA TYR C 974 24.73 -50.60 26.70
C TYR C 974 24.69 -49.80 25.40
N ARG C 975 24.52 -48.48 25.46
CA ARG C 975 24.57 -47.66 24.27
C ARG C 975 25.93 -47.72 23.60
N ILE C 976 27.03 -47.63 24.33
CA ILE C 976 28.36 -47.78 23.73
C ILE C 976 28.53 -49.19 23.17
N ASN C 977 28.11 -50.23 23.88
CA ASN C 977 28.21 -51.60 23.37
C ASN C 977 27.46 -51.76 22.04
N GLY C 978 26.31 -51.13 21.88
CA GLY C 978 25.53 -51.15 20.64
C GLY C 978 26.28 -50.61 19.42
N LEU C 979 27.30 -49.77 19.61
CA LEU C 979 28.15 -49.26 18.54
C LEU C 979 29.14 -50.30 18.01
N GLY C 980 29.23 -51.49 18.59
CA GLY C 980 30.25 -52.47 18.23
C GLY C 980 31.49 -52.39 19.10
N VAL C 981 31.32 -52.18 20.40
CA VAL C 981 32.38 -52.22 21.41
C VAL C 981 32.13 -53.38 22.36
N THR C 982 33.08 -54.29 22.56
CA THR C 982 32.84 -55.45 23.44
C THR C 982 32.53 -55.04 24.87
N MET C 983 31.64 -55.75 25.55
CA MET C 983 31.25 -55.38 26.91
C MET C 983 32.42 -55.48 27.89
N ASP C 984 33.36 -56.39 27.64
CA ASP C 984 34.47 -56.66 28.53
C ASP C 984 35.34 -55.44 28.79
N VAL C 985 35.63 -54.63 27.77
CA VAL C 985 36.37 -53.39 27.98
C VAL C 985 35.52 -52.36 28.71
N LEU C 986 34.22 -52.28 28.40
CA LEU C 986 33.35 -51.29 29.01
C LEU C 986 33.23 -51.50 30.51
N ASN C 987 32.91 -52.71 30.95
CA ASN C 987 32.66 -52.93 32.37
C ASN C 987 33.93 -52.93 33.23
N LYS C 988 35.12 -53.07 32.64
CA LYS C 988 36.38 -52.83 33.38
C LYS C 988 36.85 -51.37 33.33
N ASN C 989 36.53 -50.63 32.28
CA ASN C 989 36.86 -49.21 32.15
C ASN C 989 35.75 -48.27 32.65
N GLN C 990 34.82 -48.73 33.48
CA GLN C 990 33.66 -47.93 33.88
C GLN C 990 34.06 -46.57 34.48
N LYS C 991 35.10 -46.54 35.32
CA LYS C 991 35.66 -45.30 35.89
C LYS C 991 36.16 -44.33 34.80
N LEU C 992 36.87 -44.85 33.80
CA LEU C 992 37.39 -44.04 32.70
C LEU C 992 36.25 -43.51 31.81
N ILE C 993 35.20 -44.30 31.63
CA ILE C 993 34.01 -43.85 30.90
C ILE C 993 33.29 -42.76 31.69
N ALA C 994 33.08 -42.92 33.00
CA ALA C 994 32.41 -41.89 33.81
C ALA C 994 33.20 -40.57 33.82
N THR C 995 34.51 -40.63 34.01
CA THR C 995 35.37 -39.44 33.95
C THR C 995 35.41 -38.83 32.56
N ALA C 996 35.43 -39.61 31.48
CA ALA C 996 35.29 -39.06 30.13
C ALA C 996 33.95 -38.33 29.98
N PHE C 997 32.86 -38.92 30.48
CA PHE C 997 31.55 -38.31 30.40
C PHE C 997 31.50 -36.97 31.14
N ASN C 998 31.90 -36.91 32.41
CA ASN C 998 31.81 -35.64 33.13
C ASN C 998 32.84 -34.61 32.64
N ASN C 999 34.00 -35.02 32.10
CA ASN C 999 34.88 -34.11 31.40
C ASN C 999 34.23 -33.53 30.14
N ALA C 1000 33.48 -34.31 29.37
CA ALA C 1000 32.75 -33.79 28.23
C ALA C 1000 31.73 -32.74 28.67
N LEU C 1001 30.97 -33.00 29.74
CA LEU C 1001 30.02 -32.03 30.29
C LEU C 1001 30.72 -30.73 30.73
N LEU C 1002 31.85 -30.82 31.43
CA LEU C 1002 32.64 -29.64 31.79
C LEU C 1002 33.13 -28.89 30.54
N SER C 1003 33.55 -29.59 29.50
CA SER C 1003 33.98 -28.94 28.26
C SER C 1003 32.84 -28.18 27.58
N ILE C 1004 31.61 -28.70 27.64
CA ILE C 1004 30.44 -27.98 27.16
C ILE C 1004 30.24 -26.71 27.99
N GLN C 1005 30.26 -26.80 29.32
CA GLN C 1005 30.07 -25.61 30.17
C GLN C 1005 31.14 -24.55 29.89
N ASN C 1006 32.41 -24.94 29.81
CA ASN C 1006 33.50 -24.01 29.54
C ASN C 1006 33.42 -23.41 28.13
N GLY C 1007 32.83 -24.14 27.17
CA GLY C 1007 32.70 -23.70 25.79
C GLY C 1007 31.87 -22.43 25.63
N PHE C 1008 31.00 -22.07 26.56
CA PHE C 1008 30.25 -20.81 26.50
C PHE C 1008 31.08 -19.55 26.79
N SER C 1009 32.27 -19.70 27.39
CA SER C 1009 33.18 -18.56 27.62
C SER C 1009 33.92 -18.14 26.34
N ALA C 1010 34.20 -19.09 25.45
CA ALA C 1010 34.68 -18.84 24.09
C ALA C 1010 33.55 -18.31 23.18
N PRO C 1011 33.82 -17.85 21.95
CA PRO C 1011 32.79 -17.49 20.97
C PRO C 1011 32.02 -18.72 20.46
N ASN C 1012 31.13 -19.23 21.29
CA ASN C 1012 30.36 -20.46 21.07
C ASN C 1012 29.27 -20.29 20.01
N SER C 1013 29.16 -21.23 19.08
CA SER C 1013 28.14 -21.21 18.04
C SER C 1013 26.71 -21.29 18.59
N ALA C 1014 26.48 -22.05 19.67
CA ALA C 1014 25.16 -22.10 20.31
C ALA C 1014 24.80 -20.77 20.97
N LEU C 1015 25.72 -20.16 21.73
CA LEU C 1015 25.47 -18.88 22.36
C LEU C 1015 25.24 -17.77 21.32
N ALA C 1016 26.02 -17.78 20.23
CA ALA C 1016 25.79 -16.87 19.12
C ALA C 1016 24.39 -17.06 18.52
N LYS C 1017 23.94 -18.31 18.34
CA LYS C 1017 22.60 -18.60 17.85
C LYS C 1017 21.53 -18.08 18.79
N ILE C 1018 21.69 -18.24 20.10
CA ILE C 1018 20.74 -17.72 21.10
C ILE C 1018 20.67 -16.19 20.99
N GLN C 1019 21.82 -15.51 21.05
CA GLN C 1019 21.84 -14.06 20.97
C GLN C 1019 21.30 -13.55 19.63
N SER C 1020 21.41 -14.30 18.54
CA SER C 1020 20.82 -13.92 17.26
C SER C 1020 19.30 -13.77 17.33
N VAL C 1021 18.60 -14.52 18.19
CA VAL C 1021 17.14 -14.40 18.36
C VAL C 1021 16.77 -13.07 18.99
N VAL C 1022 17.52 -12.66 20.02
CA VAL C 1022 17.33 -11.35 20.64
C VAL C 1022 17.69 -10.23 19.66
N ASN C 1023 18.82 -10.35 18.97
CA ASN C 1023 19.28 -9.32 18.05
C ASN C 1023 18.34 -9.16 16.85
N SER C 1024 17.85 -10.23 16.24
CA SER C 1024 16.91 -10.10 15.11
C SER C 1024 15.59 -9.48 15.55
N ASN C 1025 15.07 -9.84 16.72
CA ASN C 1025 13.90 -9.19 17.27
C ASN C 1025 14.16 -7.69 17.50
N ALA C 1026 15.23 -7.33 18.19
CA ALA C 1026 15.54 -5.94 18.47
C ALA C 1026 15.72 -5.12 17.19
N GLN C 1027 16.34 -5.69 16.15
CA GLN C 1027 16.48 -5.04 14.86
C GLN C 1027 15.13 -4.82 14.17
N ALA C 1028 14.21 -5.78 14.24
CA ALA C 1028 12.89 -5.61 13.66
C ALA C 1028 12.08 -4.55 14.40
N LEU C 1029 12.04 -4.57 15.73
CA LEU C 1029 11.33 -3.54 16.49
C LEU C 1029 11.93 -2.16 16.27
N ASN C 1030 13.25 -2.04 16.24
CA ASN C 1030 13.90 -0.77 15.96
C ASN C 1030 13.55 -0.27 14.57
N SER C 1031 13.50 -1.14 13.56
CA SER C 1031 13.08 -0.74 12.22
C SER C 1031 11.63 -0.30 12.18
N LEU C 1032 10.74 -0.98 12.90
CA LEU C 1032 9.35 -0.56 13.00
C LEU C 1032 9.22 0.80 13.71
N LEU C 1033 9.99 1.07 14.76
CA LEU C 1033 9.99 2.40 15.39
C LEU C 1033 10.51 3.47 14.42
N GLN C 1034 11.59 3.20 13.69
CA GLN C 1034 12.11 4.16 12.71
C GLN C 1034 11.10 4.51 11.63
N GLN C 1035 10.12 3.65 11.34
CA GLN C 1035 9.06 3.97 10.39
C GLN C 1035 8.27 5.22 10.79
N LEU C 1036 8.18 5.54 12.08
CA LEU C 1036 7.45 6.73 12.51
C LEU C 1036 8.11 8.04 12.06
N PHE C 1037 9.42 8.05 11.84
CA PHE C 1037 10.16 9.24 11.41
C PHE C 1037 10.24 9.41 9.90
N ASN C 1038 9.79 8.44 9.09
CA ASN C 1038 9.68 8.61 7.64
C ASN C 1038 8.57 9.62 7.30
N LYS C 1039 8.77 10.46 6.28
CA LYS C 1039 7.77 11.47 5.88
C LYS C 1039 6.74 10.95 4.90
N PHE C 1040 7.03 9.90 4.13
CA PHE C 1040 6.11 9.35 3.12
C PHE C 1040 5.56 10.42 2.15
N GLY C 1041 6.37 11.42 1.81
CA GLY C 1041 5.97 12.53 0.94
C GLY C 1041 5.10 13.60 1.61
N ALA C 1042 4.80 13.51 2.91
CA ALA C 1042 4.20 14.61 3.65
C ALA C 1042 5.21 15.73 3.97
N ILE C 1043 4.74 16.90 4.37
CA ILE C 1043 5.59 18.04 4.76
C ILE C 1043 6.48 17.77 5.98
N SER C 1044 6.08 16.85 6.86
CA SER C 1044 6.84 16.44 8.03
C SER C 1044 6.41 15.05 8.49
N SER C 1045 7.24 14.34 9.22
CA SER C 1045 6.87 13.09 9.88
C SER C 1045 6.20 13.30 11.23
N SER C 1046 6.15 14.52 11.74
CA SER C 1046 5.56 14.80 13.06
C SER C 1046 4.13 15.33 12.93
N LEU C 1047 3.18 14.67 13.59
CA LEU C 1047 1.80 15.15 13.64
C LEU C 1047 1.70 16.47 14.42
N GLN C 1048 2.56 16.71 15.41
CA GLN C 1048 2.62 17.99 16.10
C GLN C 1048 2.96 19.12 15.13
N GLU C 1049 3.91 18.91 14.23
CA GLU C 1049 4.28 19.93 13.25
C GLU C 1049 3.17 20.15 12.23
N ILE C 1050 2.58 19.10 11.66
CA ILE C 1050 1.48 19.29 10.70
C ILE C 1050 0.34 20.05 11.34
N LEU C 1051 -0.14 19.64 12.52
CA LEU C 1051 -1.29 20.26 13.17
C LEU C 1051 -1.01 21.66 13.73
N SER C 1052 0.26 22.03 13.93
CA SER C 1052 0.63 23.41 14.28
C SER C 1052 0.96 24.27 13.06
N ARG C 1053 0.97 23.72 11.85
CA ARG C 1053 1.20 24.46 10.60
C ARG C 1053 -0.05 24.64 9.73
N LEU C 1054 -0.96 23.68 9.69
CA LEU C 1054 -2.08 23.67 8.73
C LEU C 1054 -3.44 23.63 9.42
N ASP C 1055 -4.43 24.25 8.80
CA ASP C 1055 -5.84 24.11 9.17
C ASP C 1055 -6.42 22.78 8.64
N PRO C 1056 -7.54 22.29 9.19
CA PRO C 1056 -8.07 20.97 8.90
C PRO C 1056 -8.09 20.52 7.44
N PRO C 1057 -8.59 21.28 6.46
CA PRO C 1057 -8.74 20.77 5.10
C PRO C 1057 -7.43 20.39 4.42
N GLU C 1058 -6.31 21.04 4.73
CA GLU C 1058 -4.99 20.59 4.26
C GLU C 1058 -4.29 19.66 5.24
N ALA C 1059 -4.50 19.84 6.55
CA ALA C 1059 -3.94 18.92 7.53
C ALA C 1059 -4.41 17.49 7.26
N GLN C 1060 -5.69 17.29 6.92
CA GLN C 1060 -6.21 15.98 6.54
C GLN C 1060 -5.46 15.39 5.34
N VAL C 1061 -5.08 16.21 4.35
CA VAL C 1061 -4.33 15.75 3.19
C VAL C 1061 -2.94 15.26 3.58
N GLN C 1062 -2.24 15.95 4.47
CA GLN C 1062 -0.92 15.51 4.95
C GLN C 1062 -1.04 14.28 5.85
N ILE C 1063 -1.96 14.30 6.82
CA ILE C 1063 -2.11 13.21 7.78
C ILE C 1063 -2.50 11.92 7.07
N ASP C 1064 -3.33 11.98 6.03
CA ASP C 1064 -3.66 10.80 5.25
C ASP C 1064 -2.44 10.13 4.60
N ARG C 1065 -1.42 10.91 4.20
CA ARG C 1065 -0.16 10.33 3.70
C ARG C 1065 0.58 9.60 4.81
N LEU C 1066 0.69 10.19 5.99
CA LEU C 1066 1.31 9.52 7.13
C LEU C 1066 0.55 8.26 7.54
N ILE C 1067 -0.77 8.30 7.60
CA ILE C 1067 -1.58 7.12 7.91
C ILE C 1067 -1.33 6.02 6.89
N ASN C 1068 -1.34 6.30 5.60
CA ASN C 1068 -1.04 5.27 4.60
C ASN C 1068 0.37 4.71 4.74
N GLY C 1069 1.37 5.54 4.99
CA GLY C 1069 2.74 5.07 5.21
C GLY C 1069 2.84 4.13 6.40
N ARG C 1070 2.31 4.56 7.55
CA ARG C 1070 2.38 3.79 8.79
C ARG C 1070 1.55 2.51 8.74
N LEU C 1071 0.35 2.53 8.16
CA LEU C 1071 -0.42 1.30 7.95
C LEU C 1071 0.30 0.34 7.01
N THR C 1072 0.94 0.83 5.95
CA THR C 1072 1.72 -0.03 5.06
C THR C 1072 2.89 -0.66 5.80
N ALA C 1073 3.60 0.09 6.64
CA ALA C 1073 4.67 -0.44 7.45
C ALA C 1073 4.17 -1.52 8.43
N LEU C 1074 3.02 -1.34 9.08
CA LEU C 1074 2.45 -2.38 9.93
C LEU C 1074 2.10 -3.64 9.14
N ASN C 1075 1.50 -3.53 7.95
CA ASN C 1075 1.24 -4.71 7.13
C ASN C 1075 2.51 -5.47 6.76
N ALA C 1076 3.58 -4.75 6.40
CA ALA C 1076 4.85 -5.40 6.09
C ALA C 1076 5.42 -6.11 7.32
N TYR C 1077 5.40 -5.47 8.49
CA TYR C 1077 5.87 -6.09 9.72
C TYR C 1077 5.05 -7.33 10.08
N VAL C 1078 3.72 -7.25 10.01
CA VAL C 1078 2.83 -8.40 10.25
C VAL C 1078 3.14 -9.56 9.32
N SER C 1079 3.32 -9.31 8.03
CA SER C 1079 3.62 -10.39 7.08
C SER C 1079 4.97 -11.05 7.36
N GLN C 1080 5.98 -10.28 7.75
CA GLN C 1080 7.25 -10.84 8.19
C GLN C 1080 7.09 -11.66 9.49
N GLN C 1081 6.32 -11.17 10.46
CA GLN C 1081 6.11 -11.88 11.72
C GLN C 1081 5.44 -13.23 11.50
N LEU C 1082 4.37 -13.32 10.70
CA LEU C 1082 3.75 -14.60 10.35
C LEU C 1082 4.76 -15.56 9.72
N SER C 1083 5.57 -15.07 8.79
CA SER C 1083 6.58 -15.91 8.12
C SER C 1083 7.59 -16.44 9.13
N ASP C 1084 8.09 -15.60 10.03
CA ASP C 1084 9.04 -16.03 11.06
C ASP C 1084 8.43 -17.03 12.03
N ILE C 1085 7.18 -16.84 12.46
CA ILE C 1085 6.59 -17.77 13.42
C ILE C 1085 6.32 -19.15 12.81
N SER C 1086 6.15 -19.26 11.49
CA SER C 1086 6.17 -20.57 10.85
C SER C 1086 7.51 -21.30 11.06
N LEU C 1087 8.64 -20.59 11.02
CA LEU C 1087 9.95 -21.19 11.27
C LEU C 1087 10.12 -21.55 12.74
N VAL C 1088 9.58 -20.75 13.65
CA VAL C 1088 9.58 -21.08 15.09
C VAL C 1088 8.79 -22.34 15.37
N LYS C 1089 7.60 -22.52 14.79
CA LYS C 1089 6.84 -23.76 14.93
C LYS C 1089 7.59 -24.97 14.39
N PHE C 1090 8.21 -24.86 13.22
CA PHE C 1090 9.05 -25.93 12.68
C PHE C 1090 10.21 -26.27 13.63
N GLY C 1091 10.90 -25.27 14.18
CA GLY C 1091 11.97 -25.50 15.14
C GLY C 1091 11.47 -26.16 16.42
N ALA C 1092 10.34 -25.74 16.98
CA ALA C 1092 9.81 -26.36 18.17
C ALA C 1092 9.39 -27.81 17.94
N ALA C 1093 8.80 -28.14 16.79
CA ALA C 1093 8.47 -29.51 16.46
C ALA C 1093 9.71 -30.39 16.40
N LEU C 1094 10.82 -29.90 15.86
CA LEU C 1094 12.09 -30.61 15.88
C LEU C 1094 12.60 -30.79 17.31
N ALA C 1095 12.56 -29.77 18.15
CA ALA C 1095 13.01 -29.89 19.53
C ALA C 1095 12.19 -30.93 20.31
N MET C 1096 10.88 -30.98 20.14
CA MET C 1096 10.06 -32.02 20.76
C MET C 1096 10.45 -33.40 20.25
N GLU C 1097 10.71 -33.56 18.97
CA GLU C 1097 11.18 -34.82 18.42
C GLU C 1097 12.53 -35.24 19.03
N LYS C 1098 13.48 -34.32 19.22
CA LYS C 1098 14.74 -34.65 19.90
C LYS C 1098 14.58 -34.98 21.37
N VAL C 1099 13.71 -34.31 22.11
CA VAL C 1099 13.43 -34.70 23.51
C VAL C 1099 12.92 -36.13 23.55
N ASN C 1100 12.02 -36.50 22.64
CA ASN C 1100 11.46 -37.85 22.60
C ASN C 1100 12.46 -38.91 22.15
N GLU C 1101 13.26 -38.64 21.11
CA GLU C 1101 14.05 -39.67 20.42
C GLU C 1101 15.55 -39.64 20.70
N CYS C 1102 16.05 -38.65 21.47
CA CYS C 1102 17.43 -38.58 21.92
C CYS C 1102 17.58 -38.56 23.44
N VAL C 1103 16.68 -37.88 24.16
CA VAL C 1103 16.82 -37.70 25.61
C VAL C 1103 16.04 -38.79 26.36
N LYS C 1104 14.73 -38.92 26.13
CA LYS C 1104 13.88 -39.92 26.80
C LYS C 1104 14.05 -41.34 26.27
N SER C 1105 14.65 -41.49 25.10
CA SER C 1105 14.89 -42.77 24.44
C SER C 1105 15.97 -42.62 23.39
N GLN C 1106 16.45 -43.71 22.82
CA GLN C 1106 17.54 -43.70 21.85
C GLN C 1106 17.06 -44.34 20.54
N SER C 1107 16.41 -43.56 19.69
CA SER C 1107 15.83 -44.06 18.43
C SER C 1107 16.95 -44.49 17.46
N PRO C 1108 16.78 -45.55 16.65
CA PRO C 1108 17.81 -46.09 15.76
C PRO C 1108 18.05 -45.25 14.49
N ARG C 1109 18.23 -43.94 14.64
CA ARG C 1109 18.39 -42.96 13.55
C ARG C 1109 19.77 -42.32 13.64
N ILE C 1110 20.59 -42.45 12.60
CA ILE C 1110 22.04 -42.29 12.76
C ILE C 1110 22.48 -40.88 13.12
N ASN C 1111 22.30 -39.89 12.26
CA ASN C 1111 22.76 -38.52 12.51
C ASN C 1111 21.68 -37.60 13.08
N PHE C 1112 20.56 -38.15 13.57
CA PHE C 1112 19.46 -37.35 14.08
C PHE C 1112 19.86 -36.59 15.35
N CYS C 1113 20.41 -37.30 16.35
CA CYS C 1113 20.85 -36.73 17.62
C CYS C 1113 22.30 -36.24 17.54
N GLY C 1114 22.57 -35.31 16.64
CA GLY C 1114 23.93 -34.81 16.38
C GLY C 1114 24.79 -35.78 15.57
N ASN C 1115 25.97 -35.33 15.16
CA ASN C 1115 26.86 -36.11 14.32
C ASN C 1115 27.63 -37.20 15.08
N GLY C 1116 28.03 -38.24 14.36
CA GLY C 1116 28.93 -39.28 14.86
C GLY C 1116 28.22 -40.40 15.61
N ASN C 1117 28.99 -41.21 16.34
CA ASN C 1117 28.50 -42.35 17.08
C ASN C 1117 27.75 -41.91 18.35
N HIS C 1118 26.51 -41.47 18.22
CA HIS C 1118 25.74 -40.90 19.32
C HIS C 1118 25.44 -41.92 20.42
N ILE C 1119 25.95 -41.68 21.63
CA ILE C 1119 25.71 -42.51 22.80
C ILE C 1119 24.34 -42.17 23.38
N LEU C 1120 24.18 -40.93 23.82
CA LEU C 1120 23.08 -40.47 24.65
C LEU C 1120 23.02 -38.94 24.61
N SER C 1121 21.87 -38.36 24.91
CA SER C 1121 21.65 -36.92 24.90
C SER C 1121 20.96 -36.45 26.18
N LEU C 1122 21.17 -35.19 26.55
CA LEU C 1122 20.56 -34.52 27.70
C LEU C 1122 20.04 -33.15 27.29
N VAL C 1123 19.10 -32.58 28.03
CA VAL C 1123 18.48 -31.29 27.70
C VAL C 1123 18.52 -30.32 28.86
N GLN C 1124 18.68 -29.04 28.58
CA GLN C 1124 18.63 -27.94 29.54
C GLN C 1124 17.84 -26.78 28.93
N ASN C 1125 17.24 -25.95 29.77
CA ASN C 1125 16.49 -24.79 29.30
C ASN C 1125 17.42 -23.74 28.68
N ALA C 1126 16.96 -22.95 27.73
CA ALA C 1126 17.72 -21.84 27.18
C ALA C 1126 16.79 -20.68 26.82
N PRO C 1127 17.25 -19.42 26.80
CA PRO C 1127 16.42 -18.30 26.40
C PRO C 1127 15.76 -18.54 25.04
N TYR C 1128 14.43 -18.55 24.99
CA TYR C 1128 13.66 -18.79 23.76
C TYR C 1128 13.84 -20.18 23.11
N GLY C 1129 14.36 -21.17 23.82
CA GLY C 1129 14.50 -22.51 23.26
C GLY C 1129 14.92 -23.58 24.26
N LEU C 1130 15.50 -24.67 23.75
CA LEU C 1130 16.13 -25.69 24.55
C LEU C 1130 17.56 -25.85 24.08
N LEU C 1131 18.48 -26.18 24.99
CA LEU C 1131 19.83 -26.56 24.63
C LEU C 1131 20.01 -28.04 24.89
N PHE C 1132 20.33 -28.80 23.84
CA PHE C 1132 20.64 -30.21 23.93
C PHE C 1132 22.15 -30.38 24.06
N MET C 1133 22.57 -31.34 24.87
CA MET C 1133 23.93 -31.84 24.91
C MET C 1133 23.93 -33.24 24.33
N HIS C 1134 24.64 -33.46 23.25
CA HIS C 1134 24.75 -34.78 22.64
C HIS C 1134 26.11 -35.36 22.98
N PHE C 1135 26.18 -36.57 23.50
CA PHE C 1135 27.43 -37.23 23.83
C PHE C 1135 27.72 -38.34 22.83
N SER C 1136 28.93 -38.36 22.29
CA SER C 1136 29.31 -39.27 21.21
C SER C 1136 30.56 -40.05 21.53
N TYR C 1137 30.62 -41.30 21.08
CA TYR C 1137 31.82 -42.12 21.14
C TYR C 1137 32.83 -41.66 20.10
N LYS C 1138 34.00 -41.20 20.54
CA LYS C 1138 35.06 -40.66 19.68
C LYS C 1138 36.31 -41.53 19.77
N PRO C 1139 36.68 -42.23 18.70
CA PRO C 1139 37.97 -42.91 18.59
C PRO C 1139 39.16 -41.95 18.75
N ILE C 1140 40.18 -42.36 19.51
CA ILE C 1140 41.41 -41.61 19.78
C ILE C 1140 42.60 -42.11 18.96
N SER C 1141 42.73 -43.42 18.80
CA SER C 1141 43.82 -44.05 18.04
C SER C 1141 43.31 -45.26 17.30
N PHE C 1142 44.00 -45.67 16.23
CA PHE C 1142 43.56 -46.74 15.35
C PHE C 1142 44.67 -47.75 15.10
N LYS C 1143 44.30 -49.03 14.94
CA LYS C 1143 45.17 -50.08 14.43
C LYS C 1143 44.69 -50.49 13.05
N THR C 1144 45.60 -50.57 12.08
CA THR C 1144 45.28 -51.16 10.78
C THR C 1144 45.31 -52.68 10.91
N VAL C 1145 44.23 -53.36 10.53
CA VAL C 1145 44.11 -54.82 10.63
C VAL C 1145 43.52 -55.40 9.35
N LEU C 1146 43.73 -56.70 9.11
CA LEU C 1146 43.12 -57.41 7.98
C LEU C 1146 41.88 -58.13 8.46
N VAL C 1147 40.73 -57.82 7.84
CA VAL C 1147 39.41 -58.29 8.27
C VAL C 1147 38.73 -59.11 7.19
N SER C 1148 37.90 -60.05 7.58
CA SER C 1148 37.02 -60.81 6.68
C SER C 1148 35.57 -60.46 6.98
N PRO C 1149 34.75 -60.08 5.99
CA PRO C 1149 33.35 -59.74 6.20
C PRO C 1149 32.47 -60.98 6.42
N GLY C 1150 32.99 -62.17 6.18
CA GLY C 1150 32.32 -63.46 6.41
C GLY C 1150 33.31 -64.62 6.35
N LEU C 1151 32.92 -65.81 6.80
CA LEU C 1151 33.69 -67.04 6.68
C LEU C 1151 32.80 -68.16 6.14
N CYS C 1152 33.39 -69.09 5.38
CA CYS C 1152 32.74 -70.34 5.00
C CYS C 1152 33.40 -71.47 5.77
N ILE C 1153 32.62 -72.21 6.57
CA ILE C 1153 33.13 -73.06 7.64
C ILE C 1153 32.49 -74.44 7.62
N SER C 1154 33.15 -75.45 8.19
CA SER C 1154 32.61 -76.81 8.34
C SER C 1154 32.06 -77.35 7.00
N GLY C 1155 30.83 -77.86 6.98
CA GLY C 1155 30.08 -78.26 5.79
C GLY C 1155 29.54 -77.10 4.96
N ASP C 1156 30.40 -76.18 4.52
CA ASP C 1156 30.06 -75.01 3.70
C ASP C 1156 28.97 -74.08 4.28
N VAL C 1157 28.78 -74.14 5.59
CA VAL C 1157 27.95 -73.19 6.34
C VAL C 1157 28.60 -71.82 6.27
N GLY C 1158 27.80 -70.78 6.04
CA GLY C 1158 28.30 -69.41 6.06
C GLY C 1158 28.09 -68.78 7.43
N ILE C 1159 29.05 -67.97 7.86
CA ILE C 1159 28.87 -67.10 9.02
C ILE C 1159 29.29 -65.67 8.68
N ALA C 1160 28.55 -64.71 9.19
CA ALA C 1160 28.85 -63.29 9.11
C ALA C 1160 28.94 -62.69 10.53
N PRO C 1161 29.80 -61.71 10.78
CA PRO C 1161 29.98 -61.14 12.10
C PRO C 1161 28.88 -60.12 12.40
N LYS C 1162 28.41 -60.06 13.66
CA LYS C 1162 27.45 -59.06 14.16
C LYS C 1162 28.18 -57.81 14.66
N GLN C 1163 27.96 -56.63 14.07
CA GLN C 1163 28.61 -55.38 14.48
C GLN C 1163 30.13 -55.51 14.64
N GLY C 1164 30.80 -56.16 13.69
CA GLY C 1164 32.21 -56.50 13.83
C GLY C 1164 32.83 -57.13 12.59
N TYR C 1165 33.96 -57.78 12.78
CA TYR C 1165 34.71 -58.45 11.73
C TYR C 1165 35.32 -59.75 12.22
N PHE C 1166 35.54 -60.70 11.31
CA PHE C 1166 36.47 -61.79 11.58
C PHE C 1166 37.89 -61.35 11.27
N ILE C 1167 38.84 -61.75 12.09
CA ILE C 1167 40.25 -61.41 11.95
C ILE C 1167 41.12 -62.64 12.23
N LYS C 1168 42.29 -62.69 11.60
CA LYS C 1168 43.34 -63.64 11.98
C LYS C 1168 44.11 -63.08 13.17
N HIS C 1169 44.19 -63.85 14.25
CA HIS C 1169 44.99 -63.53 15.44
C HIS C 1169 45.70 -64.79 15.91
N ASN C 1170 47.01 -64.73 16.17
CA ASN C 1170 47.83 -65.90 16.52
C ASN C 1170 47.71 -67.08 15.52
N ASP C 1171 47.51 -66.78 14.24
CA ASP C 1171 47.12 -67.73 13.20
C ASP C 1171 45.85 -68.54 13.49
N HIS C 1172 44.83 -67.86 14.01
CA HIS C 1172 43.54 -68.44 14.35
C HIS C 1172 42.42 -67.44 14.04
N TRP C 1173 41.25 -67.89 13.59
CA TRP C 1173 40.13 -66.98 13.36
C TRP C 1173 39.47 -66.54 14.66
N MET C 1174 39.33 -65.24 14.85
CA MET C 1174 38.68 -64.60 16.01
C MET C 1174 37.77 -63.47 15.55
N PHE C 1175 36.80 -63.08 16.38
CA PHE C 1175 35.93 -61.93 16.15
C PHE C 1175 36.51 -60.67 16.80
N THR C 1176 36.21 -59.49 16.26
CA THR C 1176 36.39 -58.22 16.96
C THR C 1176 35.23 -57.28 16.67
N GLY C 1177 34.83 -56.46 17.65
CA GLY C 1177 33.82 -55.43 17.44
C GLY C 1177 34.31 -54.38 16.44
N SER C 1178 33.41 -53.78 15.67
CA SER C 1178 33.78 -52.85 14.61
C SER C 1178 34.29 -51.49 15.12
N SER C 1179 33.94 -51.12 16.35
CA SER C 1179 34.28 -49.81 16.93
C SER C 1179 35.37 -49.88 17.99
N TYR C 1180 35.89 -51.05 18.33
CA TYR C 1180 37.00 -51.19 19.27
C TYR C 1180 37.72 -52.51 19.06
N TYR C 1181 39.01 -52.49 18.76
CA TYR C 1181 39.80 -53.68 18.50
C TYR C 1181 40.01 -54.48 19.78
N TYR C 1182 39.38 -55.65 19.86
CA TYR C 1182 39.52 -56.57 20.97
C TYR C 1182 39.22 -57.98 20.46
N PRO C 1183 40.22 -58.77 20.07
CA PRO C 1183 39.99 -60.11 19.55
C PRO C 1183 39.38 -60.99 20.64
N GLU C 1184 38.29 -61.67 20.31
CA GLU C 1184 37.56 -62.59 21.17
C GLU C 1184 37.09 -63.81 20.35
N PRO C 1185 36.82 -64.96 20.96
CA PRO C 1185 36.51 -66.17 20.21
C PRO C 1185 35.18 -66.05 19.47
N ILE C 1186 35.10 -66.68 18.30
CA ILE C 1186 33.89 -66.69 17.48
C ILE C 1186 32.83 -67.57 18.17
N SER C 1187 31.58 -67.09 18.24
CA SER C 1187 30.49 -67.84 18.85
C SER C 1187 29.14 -67.40 18.31
N ASP C 1188 28.09 -68.18 18.56
CA ASP C 1188 26.72 -67.79 18.21
C ASP C 1188 26.28 -66.45 18.83
N LYS C 1189 26.98 -65.92 19.83
CA LYS C 1189 26.69 -64.60 20.40
C LYS C 1189 27.07 -63.45 19.47
N ASN C 1190 28.03 -63.62 18.56
CA ASN C 1190 28.55 -62.57 17.68
C ASN C 1190 28.47 -62.92 16.18
N VAL C 1191 27.65 -63.90 15.81
CA VAL C 1191 27.54 -64.44 14.46
C VAL C 1191 26.12 -64.44 13.92
N VAL C 1192 25.95 -64.21 12.62
CA VAL C 1192 24.75 -64.54 11.83
C VAL C 1192 25.05 -65.75 10.96
N PHE C 1193 24.24 -66.80 11.03
CA PHE C 1193 24.41 -68.03 10.25
C PHE C 1193 23.73 -67.98 8.88
N MET C 1194 24.24 -68.76 7.93
CA MET C 1194 23.63 -69.02 6.64
C MET C 1194 23.78 -70.51 6.28
N ASN C 1195 22.76 -71.16 5.71
CA ASN C 1195 22.88 -72.58 5.35
C ASN C 1195 23.86 -72.80 4.19
N THR C 1196 24.07 -71.79 3.35
CA THR C 1196 25.09 -71.75 2.30
C THR C 1196 25.91 -70.49 2.45
N CYS C 1197 27.24 -70.59 2.41
CA CYS C 1197 28.11 -69.42 2.40
C CYS C 1197 28.10 -68.74 1.03
N SER C 1198 28.19 -67.41 0.99
CA SER C 1198 28.33 -66.71 -0.30
C SER C 1198 29.70 -66.96 -0.91
N VAL C 1199 29.84 -66.66 -2.20
CA VAL C 1199 31.17 -66.53 -2.82
C VAL C 1199 32.00 -65.46 -2.12
N ASN C 1200 33.31 -65.55 -2.25
CA ASN C 1200 34.30 -64.64 -1.67
C ASN C 1200 34.26 -64.50 -0.14
N PHE C 1201 33.43 -65.25 0.57
CA PHE C 1201 33.67 -65.54 1.98
C PHE C 1201 34.95 -66.35 2.11
N THR C 1202 35.79 -66.03 3.08
CA THR C 1202 37.07 -66.72 3.24
C THR C 1202 36.83 -68.15 3.69
N LYS C 1203 37.43 -69.13 3.02
CA LYS C 1203 37.34 -70.55 3.39
C LYS C 1203 38.10 -70.81 4.69
N ALA C 1204 37.43 -71.38 5.68
CA ALA C 1204 37.99 -71.71 6.99
C ALA C 1204 37.42 -73.04 7.53
N PRO C 1205 37.69 -74.19 6.88
CA PRO C 1205 37.09 -75.47 7.24
C PRO C 1205 37.27 -75.89 8.70
N LEU C 1206 38.34 -75.42 9.34
CA LEU C 1206 38.70 -75.79 10.71
C LEU C 1206 37.87 -75.08 11.79
N VAL C 1207 37.11 -74.04 11.45
CA VAL C 1207 36.30 -73.29 12.42
C VAL C 1207 35.08 -74.09 12.85
N TYR C 1208 34.77 -74.04 14.16
CA TYR C 1208 33.65 -74.70 14.84
C TYR C 1208 33.59 -76.22 14.60
C1 NAG D . -28.66 24.78 -52.92
C2 NAG D . -28.87 25.29 -54.36
C3 NAG D . -30.35 25.65 -54.54
C4 NAG D . -31.28 24.51 -54.16
C5 NAG D . -30.95 23.93 -52.78
C6 NAG D . -31.76 22.65 -52.51
C7 NAG D . -26.78 26.29 -55.12
C8 NAG D . -26.05 27.56 -55.55
N2 NAG D . -28.02 26.43 -54.68
O3 NAG D . -30.60 26.02 -55.93
O4 NAG D . -32.65 25.07 -54.08
O5 NAG D . -29.52 23.63 -52.73
O6 NAG D . -31.50 22.17 -51.19
O7 NAG D . -26.26 25.17 -55.18
H1 NAG D . -28.92 25.55 -52.18
H2 NAG D . -28.64 24.48 -55.05
H3 NAG D . -30.58 26.51 -53.91
H4 NAG D . -31.24 23.71 -54.90
H5 NAG D . -31.18 24.67 -52.01
H61 NAG D . -32.83 22.85 -52.61
H62 NAG D . -31.49 21.89 -53.23
H81 NAG D . -25.02 27.31 -55.85
H82 NAG D . -26.56 28.02 -56.38
H83 NAG D . -26.02 28.26 -54.71
HN2 NAG D . -28.42 27.36 -54.62
HO3 NAG D . -31.56 25.99 -56.09
HO6 NAG D . -31.93 21.30 -51.14
C1 NAG D . -33.60 24.61 -55.07
C2 NAG D . -34.99 25.18 -54.71
C3 NAG D . -36.01 24.85 -55.81
C4 NAG D . -35.51 25.35 -57.16
C5 NAG D . -34.14 24.74 -57.49
C6 NAG D . -33.56 25.24 -58.82
C7 NAG D . -35.40 25.39 -52.31
C8 NAG D . -35.85 24.69 -51.03
N2 NAG D . -35.42 24.66 -53.42
O3 NAG D . -37.29 25.48 -55.53
O4 NAG D . -36.46 24.92 -58.20
O5 NAG D . -33.20 25.08 -56.41
O6 NAG D . -33.44 26.67 -58.79
O7 NAG D . -35.01 26.55 -52.31
H1 NAG D . -33.63 23.51 -55.07
H2 NAG D . -34.89 26.26 -54.67
H3 NAG D . -36.17 23.77 -55.86
H4 NAG D . -35.44 26.44 -57.15
H5 NAG D . -34.24 23.66 -57.55
H61 NAG D . -34.20 24.95 -59.65
H62 NAG D . -32.57 24.80 -58.99
H81 NAG D . -35.75 25.36 -50.18
H82 NAG D . -36.90 24.38 -51.13
H83 NAG D . -35.24 23.80 -50.86
HN2 NAG D . -35.77 23.71 -53.38
HO3 NAG D . -37.82 25.50 -56.33
HO6 NAG D . -32.93 26.96 -59.55
C1 BMA D . -37.12 26.03 -58.89
C2 BMA D . -37.60 25.50 -60.26
C3 BMA D . -38.36 26.61 -61.00
C4 BMA D . -39.51 27.15 -60.15
C5 BMA D . -39.06 27.58 -58.75
C6 BMA D . -40.23 27.93 -57.82
O2 BMA D . -38.46 24.36 -60.06
O3 BMA D . -38.90 26.10 -62.28
O4 BMA D . -40.05 28.31 -60.83
O5 BMA D . -38.27 26.49 -58.11
O6 BMA D . -41.10 26.75 -57.62
H1 BMA D . -36.42 26.84 -59.05
H2 BMA D . -36.72 25.19 -60.83
H3 BMA D . -37.66 27.43 -61.21
H4 BMA D . -40.30 26.39 -60.08
H5 BMA D . -38.42 28.45 -58.84
H61 BMA D . -39.86 28.26 -56.86
H62 BMA D . -40.81 28.74 -58.26
HO2 BMA D . -38.07 23.80 -59.39
HO4 BMA D . -40.41 28.03 -61.68
C1 MAN D . -37.97 26.14 -63.42
C2 MAN D . -38.76 25.97 -64.73
C3 MAN D . -39.34 24.56 -64.85
C4 MAN D . -38.25 23.48 -64.69
C5 MAN D . -37.43 23.68 -63.40
C6 MAN D . -36.18 22.78 -63.35
O2 MAN D . -37.90 26.22 -65.88
O3 MAN D . -39.97 24.43 -66.14
O4 MAN D . -38.90 22.17 -64.65
O5 MAN D . -36.95 25.08 -63.29
O6 MAN D . -36.56 21.40 -63.15
H1 MAN D . -37.48 27.11 -63.44
H2 MAN D . -39.58 26.70 -64.76
H3 MAN D . -40.09 24.43 -64.07
H4 MAN D . -37.58 23.51 -65.54
H5 MAN D . -38.06 23.47 -62.53
H61 MAN D . -35.62 22.87 -64.28
H62 MAN D . -35.54 23.09 -62.53
HO2 MAN D . -38.41 25.97 -66.65
HO3 MAN D . -40.26 23.51 -66.25
HO4 MAN D . -39.58 22.16 -63.96
HO6 MAN D . -37.24 21.18 -63.79
C1 MAN D . -42.39 27.07 -57.00
C2 MAN D . -43.06 25.78 -56.50
C3 MAN D . -43.43 24.89 -57.70
C4 MAN D . -44.31 25.64 -58.70
C5 MAN D . -43.65 26.94 -59.15
C6 MAN D . -44.58 27.78 -60.04
O2 MAN D . -44.30 26.06 -55.79
O3 MAN D . -44.16 23.73 -57.19
O4 MAN D . -44.51 24.76 -59.84
O5 MAN D . -43.26 27.75 -57.97
O6 MAN D . -43.88 28.94 -60.54
H1 MAN D . -42.21 27.74 -56.15
H2 MAN D . -42.38 25.24 -55.83
H3 MAN D . -42.53 24.54 -58.18
H4 MAN D . -45.28 25.86 -58.25
H5 MAN D . -42.75 26.70 -59.72
H61 MAN D . -44.93 27.19 -60.90
H62 MAN D . -45.45 28.10 -59.47
HO2 MAN D . -44.15 26.65 -55.05
HO3 MAN D . -44.68 24.06 -56.45
HO4 MAN D . -44.75 23.90 -59.49
HO6 MAN D . -44.50 29.49 -61.03
C1 NAG E . -8.93 12.49 -59.96
C2 NAG E . -8.38 13.62 -60.87
C3 NAG E . -9.51 14.17 -61.76
C4 NAG E . -10.22 13.04 -62.51
C5 NAG E . -10.65 11.91 -61.58
C6 NAG E . -11.25 10.71 -62.33
C7 NAG E . -8.28 15.40 -59.15
C8 NAG E . -7.35 16.40 -58.44
N2 NAG E . -7.70 14.65 -60.09
O3 NAG E . -8.96 15.10 -62.73
O4 NAG E . -11.43 13.63 -63.11
O5 NAG E . -9.49 11.44 -60.80
O6 NAG E . -10.30 10.19 -63.26
O7 NAG E . -9.47 15.31 -58.89
H1 NAG E . -9.72 12.88 -59.32
H2 NAG E . -7.63 13.18 -61.52
H3 NAG E . -10.24 14.69 -61.15
H4 NAG E . -9.55 12.66 -63.29
H5 NAG E . -11.40 12.29 -60.88
H61 NAG E . -12.16 11.01 -62.85
H62 NAG E . -11.51 9.92 -61.61
H81 NAG E . -6.91 17.08 -59.17
H82 NAG E . -6.56 15.86 -57.92
H83 NAG E . -7.93 16.98 -57.71
HN2 NAG E . -6.73 14.80 -60.31
HO3 NAG E . -9.55 15.16 -63.47
HO6 NAG E . -10.67 9.43 -63.71
C1 NAG E . -11.44 13.64 -64.57
C2 NAG E . -12.82 14.14 -65.05
C3 NAG E . -12.86 14.27 -66.58
C4 NAG E . -11.72 15.20 -67.05
C5 NAG E . -10.35 14.71 -66.54
C6 NAG E . -9.22 15.68 -66.88
C7 NAG E . -14.07 12.02 -64.77
C8 NAG E . -15.27 11.35 -64.11
N2 NAG E . -13.93 13.32 -64.53
O3 NAG E . -14.13 14.84 -67.02
O4 NAG E . -11.74 15.16 -68.50
O5 NAG E . -10.41 14.55 -65.06
O6 NAG E . -9.38 16.92 -66.16
O7 NAG E . -13.28 11.40 -65.50
H1 NAG E . -11.24 12.63 -64.94
H2 NAG E . -12.96 15.13 -64.62
H3 NAG E . -12.73 13.29 -67.03
H4 NAG E . -11.92 16.21 -66.70
H5 NAG E . -10.12 13.75 -66.98
H61 NAG E . -8.26 15.23 -66.59
H62 NAG E . -9.18 15.88 -67.95
H81 NAG E . -15.25 10.28 -64.28
H82 NAG E . -16.20 11.76 -64.51
H83 NAG E . -15.24 11.54 -63.03
HN2 NAG E . -14.56 13.76 -63.89
HO3 NAG E . -14.84 14.31 -66.66
HO4 NAG E . -12.64 15.31 -68.76
HO6 NAG E . -8.64 17.50 -66.36
C1 NAG F . -40.97 21.09 -14.77
C2 NAG F . -42.10 22.07 -15.14
C3 NAG F . -43.41 21.30 -15.28
C4 NAG F . -43.23 20.25 -16.39
C5 NAG F . -42.07 19.31 -16.10
C6 NAG F . -41.76 18.38 -17.28
C7 NAG F . -41.48 24.27 -14.24
C8 NAG F . -41.83 25.39 -13.24
N2 NAG F . -42.21 23.16 -14.16
O3 NAG F . -44.48 22.22 -15.62
O4 NAG F . -44.45 19.43 -16.49
O5 NAG F . -40.84 20.10 -15.83
O6 NAG F . -40.53 17.68 -17.01
O7 NAG F . -40.56 24.38 -15.05
H1 NAG F . -41.17 20.59 -13.83
H2 NAG F . -41.87 22.53 -16.10
H3 NAG F . -43.66 20.80 -14.34
H4 NAG F . -43.05 20.76 -17.33
H5 NAG F . -42.28 18.71 -15.22
H61 NAG F . -42.56 17.67 -17.43
H62 NAG F . -41.64 18.98 -18.20
H81 NAG F . -41.77 25.01 -12.23
H82 NAG F . -42.83 25.75 -13.44
H83 NAG F . -41.12 26.22 -13.35
HN2 NAG F . -42.94 23.10 -13.46
HO3 NAG F . -45.25 21.73 -15.91
HO6 NAG F . -39.96 18.25 -16.50
C1 NAG F . -45.38 19.85 -17.55
C2 NAG F . -46.09 18.61 -18.15
C3 NAG F . -47.13 19.05 -19.20
C4 NAG F . -48.03 20.20 -18.70
C5 NAG F . -47.25 21.35 -18.06
C6 NAG F . -48.14 22.42 -17.44
C7 NAG F . -45.25 16.42 -18.91
C8 NAG F . -44.06 15.63 -19.45
N2 NAG F . -45.09 17.74 -18.78
O3 NAG F . -47.97 17.93 -19.58
O4 NAG F . -48.75 20.69 -19.85
O5 NAG F . -46.36 20.79 -17.01
O6 NAG F . -47.33 23.52 -16.99
O7 NAG F . -46.32 15.90 -18.62
H1 NAG F . -44.82 20.35 -18.33
H2 NAG F . -46.58 18.08 -17.35
H3 NAG F . -46.59 19.40 -20.08
H4 NAG F . -48.75 19.80 -17.97
H5 NAG F . -46.62 21.82 -18.82
H61 NAG F . -48.87 22.80 -18.18
H62 NAG F . -48.71 22.01 -16.60
H81 NAG F . -43.88 14.77 -18.81
H82 NAG F . -43.16 16.25 -19.48
H83 NAG F . -44.29 15.29 -20.46
HN2 NAG F . -44.27 18.18 -19.18
HO3 NAG F . -47.50 17.12 -19.42
HO4 NAG F . -49.12 19.93 -20.30
HO6 NAG F . -47.89 24.17 -16.57
C1 NAG G . -50.44 4.71 3.91
C2 NAG G . -51.92 5.11 3.70
C3 NAG G . -52.14 6.52 4.25
C4 NAG G . -51.66 6.66 5.69
C5 NAG G . -50.22 6.18 5.86
C6 NAG G . -49.71 6.20 7.30
C7 NAG G . -52.66 3.96 1.67
C8 NAG G . -53.00 4.08 0.18
N2 NAG G . -52.26 5.07 2.28
O3 NAG G . -53.54 6.88 4.19
O4 NAG G . -51.72 8.10 6.02
O5 NAG G . -50.11 4.81 5.33
O6 NAG G . -50.61 5.46 8.15
O7 NAG G . -52.70 2.89 2.27
H1 NAG G . -49.78 5.36 3.34
H2 NAG G . -52.56 4.41 4.25
H3 NAG G . -51.58 7.23 3.63
H4 NAG G . -52.32 6.09 6.34
H5 NAG G . -49.56 6.82 5.27
H61 NAG G . -49.63 7.22 7.66
H62 NAG G . -48.72 5.75 7.35
H81 NAG G . -52.88 3.11 -0.31
H82 NAG G . -52.35 4.81 -0.31
H83 NAG G . -54.04 4.39 0.08
HN2 NAG G . -52.22 5.93 1.75
HO3 NAG G . -53.70 7.63 4.78
HO6 NAG G . -50.24 5.43 9.05
C1 NAG G . -52.40 8.42 7.28
C2 NAG G . -52.23 9.93 7.58
C3 NAG G . -53.01 10.31 8.85
C4 NAG G . -54.48 9.93 8.68
C5 NAG G . -54.65 8.44 8.35
C6 NAG G . -56.11 8.02 8.09
C7 NAG G . -49.91 9.89 8.48
C8 NAG G . -48.48 10.40 8.28
N2 NAG G . -50.82 10.33 7.62
O3 NAG G . -52.91 11.74 9.11
O4 NAG G . -55.14 10.22 9.94
O5 NAG G . -53.84 8.12 7.14
O6 NAG G . -56.63 8.70 6.92
O7 NAG G . -50.21 9.12 9.39
H1 NAG G . -51.98 7.82 8.08
H2 NAG G . -52.68 10.47 6.74
H3 NAG G . -52.60 9.78 9.71
H4 NAG G . -54.93 10.55 7.91
H5 NAG G . -54.28 7.84 9.18
H61 NAG G . -56.15 6.95 7.92
H62 NAG G . -56.73 8.26 8.95
H81 NAG G . -48.11 10.05 7.31
H82 NAG G . -47.82 10.02 9.07
H83 NAG G . -48.46 11.48 8.30
HN2 NAG G . -50.51 10.93 6.86
HO3 NAG G . -51.98 11.98 9.18
HO4 NAG G . -54.87 11.10 10.20
HO6 NAG G . -57.51 8.38 6.75
C1 NAG H . -35.89 -16.38 -14.13
C2 NAG H . -36.61 -15.38 -13.19
C3 NAG H . -38.01 -15.97 -12.93
C4 NAG H . -38.76 -16.08 -14.26
C5 NAG H . -38.03 -17.04 -15.19
C6 NAG H . -38.68 -17.21 -16.56
C7 NAG H . -35.03 -14.19 -11.76
C8 NAG H . -34.34 -14.12 -10.40
N2 NAG H . -35.85 -15.21 -11.96
O3 NAG H . -38.74 -15.12 -12.00
O4 NAG H . -40.12 -16.60 -13.99
O5 NAG H . -36.64 -16.55 -15.36
O6 NAG H . -38.59 -15.99 -17.30
O7 NAG H . -34.79 -13.37 -12.66
H1 NAG H . -35.79 -17.33 -13.62
H2 NAG H . -36.72 -14.43 -13.69
H3 NAG H . -37.92 -16.95 -12.48
H4 NAG H . -38.84 -15.09 -14.73
H5 NAG H . -37.99 -18.02 -14.70
H61 NAG H . -38.16 -18.00 -17.12
H62 NAG H . -39.73 -17.51 -16.46
H81 NAG H . -33.44 -14.74 -10.42
H82 NAG H . -35.01 -14.47 -9.62
H83 NAG H . -34.05 -13.09 -10.18
HN2 NAG H . -36.05 -15.84 -11.19
HO3 NAG H . -39.67 -15.16 -12.22
HO6 NAG H . -38.87 -16.15 -18.21
C1 NAG H . -41.21 -15.63 -14.15
C2 NAG H . -42.57 -16.34 -14.21
C3 NAG H . -43.68 -15.28 -14.33
C4 NAG H . -43.61 -14.28 -13.16
C5 NAG H . -42.22 -13.64 -13.03
C6 NAG H . -42.03 -12.83 -11.75
C7 NAG H . -42.34 -18.57 -15.23
C8 NAG H . -42.39 -19.38 -16.53
N2 NAG H . -42.61 -17.27 -15.35
O3 NAG H . -45.00 -15.90 -14.34
O4 NAG H . -44.60 -13.25 -13.41
O5 NAG H . -41.20 -14.71 -13.01
O6 NAG H . -42.77 -11.60 -11.83
O7 NAG H . -42.06 -19.08 -14.15
H1 NAG H . -41.04 -15.07 -15.07
H2 NAG H . -42.72 -16.90 -13.29
H3 NAG H . -43.55 -14.73 -15.27
H4 NAG H . -43.86 -14.79 -12.23
H5 NAG H . -42.03 -13.01 -13.90
H61 NAG H . -40.98 -12.59 -11.63
H62 NAG H . -42.35 -13.40 -10.88
H81 NAG H . -43.40 -19.36 -16.95
H82 NAG H . -42.10 -20.42 -16.33
H83 NAG H . -41.69 -18.96 -17.25
HN2 NAG H . -42.85 -16.90 -16.25
HO3 NAG H . -45.65 -15.19 -14.28
HO4 NAG H . -44.37 -12.49 -12.85
HO6 NAG H . -42.37 -10.99 -11.19
C1 NAG I . -25.54 -38.35 -15.62
C2 NAG I . -27.04 -38.43 -15.27
C3 NAG I . -27.27 -39.37 -14.08
C4 NAG I . -26.64 -40.74 -14.31
C5 NAG I . -25.16 -40.60 -14.64
C6 NAG I . -24.46 -41.93 -14.94
C7 NAG I . -28.07 -36.30 -15.92
C8 NAG I . -28.67 -34.98 -15.45
N2 NAG I . -27.56 -37.10 -14.98
O3 NAG I . -28.69 -39.54 -13.83
O4 NAG I . -26.78 -41.48 -13.05
O5 NAG I . -25.03 -39.71 -15.82
O6 NAG I . -25.10 -42.60 -16.05
O7 NAG I . -28.03 -36.63 -17.11
H1 NAG I . -24.98 -37.88 -14.81
H2 NAG I . -27.58 -38.83 -16.13
H3 NAG I . -26.83 -38.92 -13.19
H4 NAG I . -27.16 -41.25 -15.11
H5 NAG I . -24.65 -40.13 -13.79
H61 NAG I . -23.42 -41.75 -15.18
H62 NAG I . -24.50 -42.58 -14.06
H81 NAG I . -29.38 -35.17 -14.65
H82 NAG I . -29.18 -34.49 -16.27
H83 NAG I . -27.87 -34.32 -15.08
HN2 NAG I . -27.59 -36.79 -14.02
HO3 NAG I . -28.82 -40.40 -13.42
HO6 NAG I . -24.39 -43.05 -16.51
C1 NAG I . -27.51 -42.74 -13.17
C2 NAG I . -27.51 -43.49 -11.82
C3 NAG I . -28.31 -44.80 -11.96
C4 NAG I . -29.74 -44.49 -12.41
C5 NAG I . -29.77 -43.65 -13.70
C6 NAG I . -31.18 -43.17 -14.06
C7 NAG I . -25.57 -43.13 -10.38
C8 NAG I . -24.07 -43.42 -10.17
N2 NAG I . -26.15 -43.77 -11.38
O3 NAG I . -28.35 -45.52 -10.69
O4 NAG I . -30.38 -45.76 -12.66
O5 NAG I . -28.90 -42.46 -13.55
O6 NAG I . -31.67 -42.26 -13.05
O7 NAG I . -26.17 -42.34 -9.65
H1 NAG I . -27.04 -43.36 -13.94
H2 NAG I . -28.01 -42.86 -11.08
H3 NAG I . -27.82 -45.42 -12.70
H4 NAG I . -30.27 -43.97 -11.61
H5 NAG I . -29.39 -44.25 -14.53
H61 NAG I . -31.15 -42.66 -15.02
H62 NAG I . -31.87 -44.02 -14.15
H81 NAG I . -23.68 -42.81 -9.35
H82 NAG I . -23.52 -43.18 -11.09
H83 NAG I . -23.94 -44.47 -9.93
HN2 NAG I . -25.59 -44.40 -11.94
HO3 NAG I . -27.46 -45.65 -10.37
HO4 NAG I . -30.22 -46.31 -11.89
HO6 NAG I . -32.52 -41.95 -13.32
C1 NAG J . -10.66 -68.50 16.94
C2 NAG J . -11.02 -67.02 16.85
C3 NAG J . -12.45 -66.80 17.38
C4 NAG J . -13.44 -67.67 16.60
C5 NAG J . -12.99 -69.15 16.56
C6 NAG J . -13.87 -70.02 15.67
C7 NAG J . -9.72 -66.25 18.80
C8 NAG J . -8.65 -65.27 19.29
N2 NAG J . -10.03 -66.17 17.51
O3 NAG J . -12.80 -65.40 17.24
O4 NAG J . -14.75 -67.66 17.28
O5 NAG J . -11.59 -69.25 16.11
O6 NAG J . -13.87 -69.49 14.32
O7 NAG J . -10.25 -67.07 19.54
H1 NAG J . -10.74 -68.87 17.97
H2 NAG J . -11.01 -66.73 15.81
H3 NAG J . -12.51 -67.07 18.44
H4 NAG J . -13.54 -67.29 15.59
H5 NAG J . -13.05 -69.55 17.58
H61 NAG J . -13.49 -71.04 15.64
H62 NAG J . -14.90 -70.05 16.04
H81 NAG J . -7.77 -65.34 18.66
H82 NAG J . -9.04 -64.25 19.25
H83 NAG J . -8.37 -65.51 20.33
HN2 NAG J . -9.61 -65.46 16.92
HO3 NAG J . -13.75 -65.31 17.37
HO6 NAG J . -14.29 -70.12 13.74
C1 NAG J . -15.75 -66.73 16.76
C2 NAG J . -17.15 -67.17 17.26
C3 NAG J . -18.21 -66.09 16.98
C4 NAG J . -17.76 -64.76 17.56
C5 NAG J . -16.44 -64.32 16.92
C6 NAG J . -15.95 -62.99 17.51
C7 NAG J . -17.35 -69.62 17.22
C8 NAG J . -17.78 -70.85 16.41
N2 NAG J . -17.51 -68.44 16.63
O3 NAG J . -19.49 -66.47 17.56
O4 NAG J . -18.76 -63.72 17.27
O5 NAG J . -15.45 -65.37 17.23
O6 NAG J . -14.97 -62.42 16.64
O7 NAG J . -16.87 -69.72 18.34
H1 NAG J . -15.73 -66.75 15.67
H2 NAG J . -17.09 -67.31 18.34
H3 NAG J . -18.35 -65.99 15.90
H4 NAG J . -17.61 -64.86 18.63
H5 NAG J . -16.57 -64.24 15.84
H61 NAG J . -16.76 -62.28 17.62
H62 NAG J . -15.51 -63.17 18.48
H81 NAG J . -17.32 -70.82 15.43
H82 NAG J . -18.87 -70.84 16.29
H83 NAG J . -17.49 -71.76 16.92
HN2 NAG J . -17.92 -68.41 15.70
HO3 NAG J . -20.12 -65.75 17.41
HO6 NAG J . -15.44 -61.85 16.03
C1 BMA J . -19.63 -63.38 18.39
C2 BMA J . -19.56 -61.86 18.63
C3 BMA J . -20.56 -61.50 19.74
C4 BMA J . -21.99 -61.93 19.38
C5 BMA J . -22.02 -63.45 19.10
C6 BMA J . -23.38 -63.93 18.59
O2 BMA J . -19.85 -61.17 17.40
O3 BMA J . -20.52 -60.07 20.03
O4 BMA J . -22.82 -61.64 20.53
O5 BMA J . -21.01 -63.78 18.08
O6 BMA J . -23.35 -65.37 18.44
H1 BMA J . -19.31 -63.91 19.29
H2 BMA J . -18.55 -61.60 18.95
H3 BMA J . -20.26 -62.02 20.65
H4 BMA J . -22.34 -61.37 18.52
H5 BMA J . -21.77 -63.98 20.02
H61 BMA J . -24.17 -63.66 19.29
H62 BMA J . -23.61 -63.48 17.63
HO2 BMA J . -19.33 -61.55 16.70
HO3 BMA J . -21.24 -59.88 20.61
HO4 BMA J . -23.74 -61.63 20.27
HO6 BMA J . -24.20 -65.66 18.09
C1 NAG K . -40.43 44.72 24.76
C2 NAG K . -41.73 45.44 25.15
C3 NAG K . -41.38 46.66 26.00
C4 NAG K . -40.50 46.28 27.20
C5 NAG K . -39.29 45.46 26.80
C6 NAG K . -38.54 44.94 28.04
C7 NAG K . -43.37 45.03 23.39
C8 NAG K . -44.22 45.61 22.26
N2 NAG K . -42.51 45.84 23.98
O3 NAG K . -42.58 47.31 26.49
O4 NAG K . -40.01 47.52 27.79
O5 NAG K . -39.75 44.32 25.98
O6 NAG K . -37.35 44.25 27.64
O7 NAG K . -43.47 43.85 23.74
H1 NAG K . -39.78 45.35 24.16
H2 NAG K . -42.34 44.76 25.75
H3 NAG K . -40.82 47.38 25.39
H4 NAG K . -41.09 45.73 27.93
H5 NAG K . -38.62 46.07 26.21
H61 NAG K . -39.18 44.25 28.60
H62 NAG K . -38.27 45.77 28.70
H81 NAG K . -43.56 46.00 21.48
H82 NAG K . -44.86 44.84 21.84
H83 NAG K . -44.84 46.42 22.64
HN2 NAG K . -42.43 46.79 23.65
HO3 NAG K . -42.37 47.88 27.23
HO6 NAG K . -37.02 43.82 28.44
C1 NAG K . -40.47 47.85 29.13
C2 NAG K . -39.70 49.10 29.62
C3 NAG K . -40.27 49.61 30.95
C4 NAG K . -41.77 49.85 30.82
C5 NAG K . -42.48 48.56 30.38
C6 NAG K . -44.01 48.73 30.23
C7 NAG K . -37.38 49.17 28.84
C8 NAG K . -35.93 48.73 29.11
N2 NAG K . -38.27 48.78 29.75
O3 NAG K . -39.63 50.85 31.33
O4 NAG K . -42.29 50.22 32.14
O5 NAG K . -41.91 48.14 29.09
O6 NAG K . -44.28 49.73 29.24
O7 NAG K . -37.69 49.84 27.86
H1 NAG K . -40.28 47.01 29.80
H2 NAG K . -39.84 49.88 28.87
H3 NAG K . -40.09 48.86 31.73
H4 NAG K . -41.96 50.64 30.09
H5 NAG K . -42.30 47.79 31.12
H61 NAG K . -44.45 49.03 31.18
H62 NAG K . -44.45 47.79 29.92
H81 NAG K . -35.29 49.08 28.30
H82 NAG K . -35.88 47.65 29.17
H83 NAG K . -35.59 49.16 30.05
HN2 NAG K . -37.96 48.26 30.55
HO3 NAG K . -40.19 51.30 31.98
HO6 NAG K . -45.21 49.72 29.03
C1 BMA K . -42.90 51.55 32.18
C2 BMA K . -43.72 51.70 33.46
C3 BMA K . -44.31 53.11 33.54
C4 BMA K . -43.19 54.16 33.48
C5 BMA K . -42.39 53.97 32.17
C6 BMA K . -41.24 54.95 31.99
O2 BMA K . -42.88 51.48 34.62
O3 BMA K . -45.10 53.27 34.78
O4 BMA K . -43.76 55.48 33.50
O5 BMA K . -41.87 52.59 32.11
O6 BMA K . -40.24 54.78 33.07
H1 BMA K . -43.57 51.65 31.31
H2 BMA K . -44.53 50.96 33.46
H3 BMA K . -44.96 53.27 32.67
H4 BMA K . -42.52 54.04 34.33
H5 BMA K . -43.07 54.12 31.33
H61 BMA K . -40.74 54.78 31.04
H62 BMA K . -41.62 55.97 31.99
HO2 BMA K . -43.39 51.58 35.43
HO4 BMA K . -43.55 55.87 34.36
C1 MAN K . -46.52 52.98 34.58
C2 MAN K . -47.35 53.57 35.73
C3 MAN K . -47.12 52.81 37.05
C4 MAN K . -47.33 51.30 36.88
C5 MAN K . -46.47 50.76 35.73
C6 MAN K . -46.73 49.27 35.42
O2 MAN K . -48.77 53.51 35.41
O3 MAN K . -48.04 53.33 38.05
O4 MAN K . -46.93 50.64 38.11
O5 MAN K . -46.73 51.52 34.48
O6 MAN K . -46.36 48.47 36.56
H1 MAN K . -46.85 53.44 33.65
H2 MAN K . -47.08 54.62 35.88
H3 MAN K . -46.10 52.99 37.39
H4 MAN K . -48.39 51.08 36.68
H5 MAN K . -45.42 50.87 35.99
H61 MAN K . -47.78 49.10 35.19
H62 MAN K . -46.13 48.97 34.56
HO2 MAN K . -49.24 53.76 36.21
HO3 MAN K . -47.92 52.80 38.84
HO4 MAN K . -46.72 49.74 37.89
HO6 MAN K . -46.36 47.55 36.30
C1 MAN K . -39.72 56.08 33.53
C2 MAN K . -38.30 55.91 34.12
C3 MAN K . -38.31 55.25 35.50
C4 MAN K . -39.31 55.93 36.46
C5 MAN K . -40.71 55.93 35.82
C6 MAN K . -41.79 56.61 36.69
O2 MAN K . -37.68 57.22 34.27
O3 MAN K . -36.98 55.33 36.05
O4 MAN K . -39.34 55.16 37.68
O5 MAN K . -40.64 56.65 34.52
O6 MAN K . -43.07 56.50 36.03
H1 MAN K . -39.65 56.74 32.68
H2 MAN K . -37.69 55.32 33.44
H3 MAN K . -38.58 54.19 35.39
H4 MAN K . -38.99 56.94 36.68
H5 MAN K . -41.01 54.91 35.64
H61 MAN K . -41.84 56.12 37.66
H62 MAN K . -41.54 57.66 36.83
HO2 MAN K . -37.50 57.59 33.41
HO3 MAN K . -36.52 56.02 35.57
HO4 MAN K . -38.43 54.99 37.93
HO6 MAN K . -43.71 56.97 36.57
C1 NAG L . -52.79 24.23 21.39
C2 NAG L . -53.99 24.88 20.67
C3 NAG L . -54.47 26.13 21.44
C4 NAG L . -54.68 25.81 22.93
C5 NAG L . -53.46 25.11 23.54
C6 NAG L . -53.66 24.70 25.00
C7 NAG L . -52.72 25.96 18.84
C8 NAG L . -52.54 26.06 17.32
N2 NAG L . -53.69 25.16 19.27
O3 NAG L . -55.72 26.60 20.88
O4 NAG L . -54.86 27.09 23.61
O5 NAG L . -53.16 23.90 22.76
O6 NAG L . -54.77 23.80 25.10
O7 NAG L . -52.00 26.58 19.62
H1 NAG L . -51.95 24.92 21.41
H2 NAG L . -54.80 24.16 20.67
H3 NAG L . -53.72 26.92 21.37
H4 NAG L . -55.56 25.17 23.04
H5 NAG L . -52.60 25.78 23.48
H61 NAG L . -52.77 24.21 25.37
H62 NAG L . -53.86 25.58 25.62
H81 NAG L . -51.73 26.75 17.09
H82 NAG L . -53.46 26.44 16.87
H83 NAG L . -52.31 25.08 16.92
HN2 NAG L . -54.27 24.71 18.58
HO3 NAG L . -56.19 27.10 21.56
HO6 NAG L . -54.88 23.52 26.00
C1 NAG L . -56.19 27.27 24.22
C2 NAG L . -56.19 28.62 24.98
C3 NAG L . -57.59 28.90 25.56
C4 NAG L . -58.62 28.90 24.44
C5 NAG L . -58.59 27.59 23.62
C6 NAG L . -59.50 27.63 22.39
C7 NAG L . -55.02 27.85 27.02
C8 NAG L . -53.81 28.05 27.93
N2 NAG L . -55.14 28.69 26.00
O3 NAG L . -57.62 30.20 26.23
O4 NAG L . -59.92 29.04 25.05
O5 NAG L . -57.20 27.33 23.16
O6 NAG L . -58.98 28.57 21.42
O7 NAG L . -55.85 26.95 27.23
H1 NAG L . -56.39 26.43 24.88
H2 NAG L . -55.97 29.40 24.26
H3 NAG L . -57.86 28.13 26.28
H4 NAG L . -58.44 29.75 23.78
H5 NAG L . -58.90 26.77 24.26
H61 NAG L . -59.53 26.63 21.93
H62 NAG L . -60.52 27.91 22.66
H81 NAG L . -53.80 27.32 28.73
H82 NAG L . -52.89 27.95 27.34
H83 NAG L . -53.84 29.06 28.35
HN2 NAG L . -54.41 29.36 25.85
HO3 NAG L . -56.92 30.22 26.88
HO4 NAG L . -59.86 29.78 25.67
HO6 NAG L . -59.56 28.55 20.64
C1 NAG M . -0.29 43.65 20.75
C2 NAG M . -0.23 45.17 21.02
C3 NAG M . 0.26 45.41 22.45
C4 NAG M . -0.73 44.73 23.41
C5 NAG M . -0.89 43.23 23.12
C6 NAG M . -2.01 42.62 23.96
C7 NAG M . 0.10 46.29 18.87
C8 NAG M . 1.03 47.18 18.02
N2 NAG M . 0.60 45.86 20.02
O3 NAG M . 0.32 46.83 22.71
O4 NAG M . -0.25 44.86 24.80
O5 NAG M . -1.22 43.03 21.69
O6 NAG M . -2.27 41.29 23.48
O7 NAG M . -1.03 45.98 18.49
H1 NAG M . 0.69 43.19 20.85
H2 NAG M . -1.24 45.57 20.94
H3 NAG M . 1.26 44.98 22.58
H4 NAG M . -1.71 45.20 23.31
H5 NAG M . 0.05 42.71 23.33
H61 NAG M . -1.73 42.58 25.01
H62 NAG M . -2.92 43.21 23.86
H81 NAG M . 1.94 46.62 17.77
H82 NAG M . 0.52 47.45 17.09
H83 NAG M . 1.29 48.08 18.57
HN2 NAG M . 1.54 46.12 20.29
HO3 NAG M . 0.42 46.99 23.65
HO6 NAG M . -2.11 41.28 22.54
C1 NAG M . -0.87 45.96 25.55
C2 NAG M . -1.02 45.58 27.04
C3 NAG M . -1.59 46.76 27.84
C4 NAG M . -0.87 48.09 27.55
C5 NAG M . -0.71 48.35 26.05
C6 NAG M . 0.11 49.61 25.74
C7 NAG M . -1.80 43.52 28.13
C8 NAG M . -2.66 42.26 28.02
N2 NAG M . -1.91 44.42 27.15
O3 NAG M . -1.47 46.48 29.27
O4 NAG M . -1.66 49.14 28.14
O5 NAG M . -0.07 47.18 25.42
O6 NAG M . 0.12 49.83 24.32
O7 NAG M . -1.03 43.70 29.07
H1 NAG M . -1.86 46.17 25.12
H2 NAG M . -0.03 45.32 27.42
H3 NAG M . -2.64 46.86 27.60
H4 NAG M . 0.12 48.07 28.02
H5 NAG M . -1.71 48.48 25.60
H61 NAG M . -0.32 50.49 26.23
H62 NAG M . 1.13 49.48 26.10
H81 NAG M . -2.02 41.37 28.03
H82 NAG M . -3.35 42.21 28.86
H83 NAG M . -3.24 42.25 27.09
HN2 NAG M . -2.67 44.35 26.49
HO3 NAG M . -1.45 45.53 29.41
HO4 NAG M . -1.83 48.90 29.05
HO6 NAG M . 0.67 50.59 24.13
C1 NAG N . 22.74 33.95 30.10
C2 NAG N . 23.06 35.24 30.88
C3 NAG N . 23.46 36.33 29.88
C4 NAG N . 24.59 35.87 28.95
C5 NAG N . 24.31 34.52 28.30
C6 NAG N . 25.48 33.95 27.50
C7 NAG N . 21.63 35.22 32.87
C8 NAG N . 20.40 35.81 33.58
N2 NAG N . 21.90 35.68 31.66
O3 NAG N . 23.88 37.54 30.56
O4 NAG N . 24.67 36.88 27.88
O5 NAG N . 23.92 33.55 29.35
O6 NAG N . 26.66 33.84 28.34
O7 NAG N . 22.34 34.35 33.39
H1 NAG N . 21.91 34.11 29.41
H2 NAG N . 23.89 35.06 31.56
H3 NAG N . 22.59 36.57 29.26
H4 NAG N . 25.52 35.84 29.52
H5 NAG N . 23.46 34.62 27.62
H61 NAG N . 25.23 32.96 27.12
H62 NAG N . 25.71 34.60 26.65
H81 NAG N . 20.69 36.70 34.13
H82 NAG N . 19.64 36.07 32.85
H83 NAG N . 19.99 35.07 34.27
HN2 NAG N . 21.29 36.37 31.25
HO3 NAG N . 24.36 38.09 29.93
HO6 NAG N . 27.35 33.42 27.84
C1 NAG N . 26.02 37.42 27.62
C2 NAG N . 25.96 38.33 26.38
C3 NAG N . 27.32 39.01 26.14
C4 NAG N . 27.76 39.76 27.40
C5 NAG N . 27.80 38.82 28.61
C6 NAG N . 28.21 39.47 29.94
C7 NAG N . 26.06 36.59 24.59
C8 NAG N . 25.34 36.02 23.36
N2 NAG N . 25.45 37.62 25.18
O3 NAG N . 27.24 39.96 25.04
O4 NAG N . 29.08 40.30 27.15
O5 NAG N . 26.46 38.20 28.78
O6 NAG N . 27.34 40.58 30.23
O7 NAG N . 27.11 36.12 25.01
H1 NAG N . 26.70 36.59 27.47
H2 NAG N . 25.24 39.11 26.58
H3 NAG N . 28.08 38.27 25.90
H4 NAG N . 27.07 40.58 27.60
H5 NAG N . 28.51 38.01 28.42
H61 NAG N . 28.15 38.74 30.75
H62 NAG N . 29.24 39.83 29.88
H81 NAG N . 24.38 35.61 23.65
H82 NAG N . 25.94 35.24 22.91
H83 NAG N . 25.19 36.82 22.62
HN2 NAG N . 24.60 37.97 24.80
HO3 NAG N . 28.07 40.45 25.02
HO4 NAG N . 29.27 40.98 27.81
HO6 NAG N . 27.52 40.89 31.12
C1 NAG O . 3.21 11.43 40.25
C2 NAG O . 4.25 12.48 39.86
C3 NAG O . 5.05 12.86 41.11
C4 NAG O . 4.11 13.37 42.21
C5 NAG O . 3.05 12.32 42.54
C6 NAG O . 2.03 12.75 43.61
C7 NAG O . 4.94 12.23 37.52
C8 NAG O . 5.97 11.67 36.54
N2 NAG O . 5.12 11.94 38.80
O3 NAG O . 6.03 13.87 40.78
O4 NAG O . 4.91 13.59 43.43
O5 NAG O . 2.34 11.95 41.30
O6 NAG O . 1.12 13.72 43.04
O7 NAG O . 3.97 12.88 37.13
H1 NAG O . 3.72 10.54 40.63
H2 NAG O . 3.74 13.37 39.49
H3 NAG O . 5.58 11.98 41.48
H4 NAG O . 3.64 14.30 41.91
H5 NAG O . 3.56 11.44 42.92
H61 NAG O . 1.47 11.89 43.95
H62 NAG O . 2.54 13.19 44.47
H81 NAG O . 5.98 12.25 35.63
H82 NAG O . 5.71 10.63 36.30
H83 NAG O . 6.97 11.69 36.99
HN2 NAG O . 5.92 11.39 39.08
HO3 NAG O . 6.31 14.31 41.58
HO6 NAG O . 0.42 13.88 43.68
C1 NAG O . 5.23 14.98 43.77
C2 NAG O . 5.67 15.07 45.24
C3 NAG O . 6.07 16.52 45.59
C4 NAG O . 7.15 17.03 44.62
C5 NAG O . 6.75 16.84 43.15
C6 NAG O . 7.89 17.12 42.15
C7 NAG O . 4.54 13.38 46.63
C8 NAG O . 3.31 13.04 47.47
N2 NAG O . 4.59 14.61 46.13
O3 NAG O . 6.55 16.56 46.96
O4 NAG O . 7.33 18.45 44.85
O5 NAG O . 6.33 15.45 42.93
O6 NAG O . 8.33 18.49 42.27
O7 NAG O . 5.44 12.56 46.42
H1 NAG O . 4.35 15.59 43.61
H2 NAG O . 6.55 14.43 45.38
H3 NAG O . 5.19 17.15 45.50
H4 NAG O . 8.09 16.51 44.81
H5 NAG O . 5.91 17.49 42.91
H61 NAG O . 8.73 16.45 42.33
H62 NAG O . 7.53 16.95 41.14
H81 NAG O . 2.40 13.35 46.94
H82 NAG O . 3.26 11.97 47.65
H83 NAG O . 3.36 13.56 48.43
HN2 NAG O . 3.82 15.24 46.29
HO3 NAG O . 5.86 16.25 47.55
HO4 NAG O . 7.83 18.79 44.11
HO6 NAG O . 8.94 18.68 41.55
C1 NAG P . 0.89 -11.71 47.24
C2 NAG P . 1.85 -10.90 48.13
C3 NAG P . 3.15 -11.68 48.36
C4 NAG P . 2.86 -13.07 48.92
C5 NAG P . 1.90 -13.82 47.98
C6 NAG P . 1.56 -15.23 48.45
C7 NAG P . 1.38 -8.53 47.76
C8 NAG P . 1.88 -7.20 47.17
N2 NAG P . 2.14 -9.59 47.53
O3 NAG P . 4.02 -10.99 49.31
O4 NAG P . 4.12 -13.81 48.97
O5 NAG P . 0.68 -13.03 47.84
O6 NAG P . 1.04 -15.22 49.79
O7 NAG P . 0.34 -8.61 48.40
H1 NAG P . 1.33 -11.85 46.24
H2 NAG P . 1.37 -10.74 49.10
H3 NAG P . 3.68 -11.77 47.42
H4 NAG P . 2.42 -12.99 49.91
H5 NAG P . 2.38 -13.90 47.00
H61 NAG P . 2.44 -15.87 48.41
H62 NAG P . 0.82 -15.66 47.78
H81 NAG P . 1.30 -6.37 47.59
H82 NAG P . 1.76 -7.21 46.09
H83 NAG P . 2.93 -7.06 47.42
HN2 NAG P . 2.98 -9.50 46.98
HO3 NAG P . 4.59 -11.63 49.73
HO6 NAG P . 0.37 -15.91 49.81
C1 NAG P . 4.52 -14.23 50.31
C2 NAG P . 5.67 -15.24 50.22
C3 NAG P . 6.08 -15.66 51.64
C4 NAG P . 6.49 -14.44 52.46
C5 NAG P . 5.40 -13.35 52.46
C6 NAG P . 5.88 -12.05 53.11
C7 NAG P . 5.64 -16.62 48.19
C8 NAG P . 4.96 -17.78 47.47
N2 NAG P . 5.25 -16.41 49.44
O3 NAG P . 7.20 -16.59 51.60
O4 NAG P . 6.70 -14.90 53.81
O5 NAG P . 4.96 -13.05 51.07
O6 NAG P . 6.95 -11.46 52.34
O7 NAG P . 6.50 -15.93 47.64
H1 NAG P . 3.67 -14.69 50.80
H2 NAG P . 6.52 -14.77 49.74
H3 NAG P . 5.23 -16.16 52.11
H4 NAG P . 7.42 -14.03 52.06
H5 NAG P . 4.54 -13.72 53.02
H61 NAG P . 5.05 -11.33 53.15
H62 NAG P . 6.22 -12.23 54.13
H81 NAG P . 5.38 -17.91 46.47
H82 NAG P . 5.11 -18.71 48.02
H83 NAG P . 3.90 -17.59 47.37
HN2 NAG P . 4.55 -17.02 49.84
HO3 NAG P . 6.97 -17.33 51.02
HO4 NAG P . 7.28 -15.66 53.75
HO6 NAG P . 7.20 -10.63 52.73
C1 NAG Q . 28.76 -49.14 43.08
C2 NAG Q . 28.65 -47.75 42.45
C3 NAG Q . 29.64 -46.80 43.13
C4 NAG Q . 29.40 -46.76 44.64
C5 NAG Q . 29.35 -48.18 45.25
C6 NAG Q . 28.93 -48.18 46.72
C7 NAG Q . 29.83 -48.25 40.36
C8 NAG Q . 29.77 -48.22 38.83
N2 NAG Q . 28.77 -47.79 40.99
O3 NAG Q . 29.48 -45.47 42.57
O4 NAG Q . 30.53 -46.08 45.28
O5 NAG Q . 28.41 -49.04 44.49
O6 NAG Q . 27.63 -47.58 46.87
O7 NAG Q . 30.81 -48.71 40.96
H1 NAG Q . 29.76 -49.54 42.99
H2 NAG Q . 27.64 -47.38 42.66
H3 NAG Q . 30.66 -47.14 42.94
H4 NAG Q . 28.47 -46.25 44.85
H5 NAG Q . 30.35 -48.62 45.18
H61 NAG Q . 28.90 -49.20 47.10
H62 NAG Q . 29.65 -47.62 47.32
H81 NAG Q . 28.88 -48.76 38.49
H82 NAG Q . 29.71 -47.18 38.50
H83 NAG Q . 30.65 -48.69 38.40
HN2 NAG Q . 28.00 -47.39 40.49
HO3 NAG Q . 29.98 -44.85 43.11
HO6 NAG Q . 27.32 -47.72 47.76
C1 NAG Q . 30.35 -44.67 45.60
C2 NAG Q . 31.40 -44.26 46.66
C3 NAG Q . 31.38 -42.74 46.90
C4 NAG Q . 31.57 -42.01 45.56
C5 NAG Q . 30.47 -42.40 44.58
C6 NAG Q . 30.65 -41.73 43.21
C7 NAG Q . 31.82 -46.09 48.24
C8 NAG Q . 31.43 -46.73 49.59
N2 NAG Q . 31.15 -44.98 47.91
O3 NAG Q . 32.43 -42.36 47.83
O4 NAG Q . 31.47 -40.55 45.72
O5 NAG Q . 30.53 -43.86 44.39
O6 NAG Q . 29.39 -41.61 42.55
O7 NAG Q . 32.68 -46.59 47.52
H1 NAG Q . 29.34 -44.51 46.00
H2 NAG Q . 32.39 -44.53 46.28
H3 NAG Q . 30.42 -42.45 47.33
H4 NAG Q . 32.54 -42.26 45.13
H5 NAG Q . 29.50 -42.13 45.00
H61 NAG Q . 31.09 -40.74 43.30
H62 NAG Q . 31.32 -42.34 42.59
H81 NAG Q . 30.34 -46.82 49.65
H82 NAG Q . 31.78 -46.10 50.40
H83 NAG Q . 31.89 -47.71 49.67
HN2 NAG Q . 30.47 -44.62 48.56
HO3 NAG Q . 32.38 -41.41 48.00
HO6 NAG Q . 29.06 -40.73 42.77
C1 BMA Q . 32.69 -39.84 46.10
C2 BMA Q . 32.81 -38.57 45.24
C3 BMA Q . 33.89 -37.62 45.79
C4 BMA Q . 33.72 -37.35 47.29
C5 BMA Q . 33.72 -38.67 48.07
C6 BMA Q . 33.50 -38.48 49.57
O2 BMA Q . 31.54 -37.85 45.22
O3 BMA Q . 33.79 -36.37 45.06
O4 BMA Q . 34.82 -36.53 47.73
O5 BMA Q . 32.63 -39.53 47.53
O6 BMA Q . 33.48 -39.78 50.21
H1 BMA Q . 33.56 -40.48 45.91
H2 BMA Q . 33.06 -38.84 44.22
H3 BMA Q . 34.87 -38.06 45.61
H4 BMA Q . 32.78 -36.82 47.48
H5 BMA Q . 34.67 -39.18 47.91
H61 BMA Q . 34.29 -37.88 50.00
H62 BMA Q . 32.55 -37.98 49.75
HO2 BMA Q . 30.85 -38.49 45.08
HO3 BMA Q . 32.86 -36.23 44.88
HO4 BMA Q . 34.89 -35.80 47.12
HO6 BMA Q . 33.29 -39.65 51.15
C1 NAG R . 32.35 55.75 -9.44
C2 NAG R . 33.09 57.07 -9.11
C3 NAG R . 33.55 57.71 -10.42
C4 NAG R . 34.37 56.74 -11.27
C5 NAG R . 33.66 55.41 -11.48
C6 NAG R . 34.59 54.39 -12.17
C7 NAG R . 32.17 57.96 -7.03
C8 NAG R . 31.35 59.06 -6.36
N2 NAG R . 32.26 58.00 -8.36
O3 NAG R . 34.37 58.89 -10.13
O4 NAG R . 34.52 57.37 -12.58
O5 NAG R . 33.27 54.89 -10.16
O6 NAG R . 33.88 53.18 -12.45
O7 NAG R . 32.69 57.05 -6.39
H1 NAG R . 31.47 55.94 -10.05
H2 NAG R . 33.97 56.83 -8.51
H3 NAG R . 32.68 58.04 -10.99
H4 NAG R . 35.35 56.57 -10.81
H5 NAG R . 32.77 55.55 -12.09
H61 NAG R . 34.97 54.81 -13.10
H62 NAG R . 35.44 54.16 -11.52
H81 NAG R . 31.33 58.90 -5.28
H82 NAG R . 31.80 60.03 -6.57
H83 NAG R . 30.33 59.05 -6.74
HN2 NAG R . 31.78 58.74 -8.85
HO3 NAG R . 34.89 59.10 -10.92
HO6 NAG R . 34.53 52.53 -12.71
C1 NAG R . 35.89 57.69 -12.98
C2 NAG R . 35.88 58.14 -14.45
C3 NAG R . 37.27 58.62 -14.88
C4 NAG R . 37.77 59.71 -13.92
C5 NAG R . 37.76 59.22 -12.47
C6 NAG R . 38.20 60.29 -11.47
C7 NAG R . 34.23 56.92 -15.79
C8 NAG R . 33.93 55.67 -16.64
N2 NAG R . 35.46 57.02 -15.31
O3 NAG R . 37.25 59.17 -16.22
O4 NAG R . 39.16 60.01 -14.29
O5 NAG R . 36.40 58.78 -12.13
O6 NAG R . 37.34 61.43 -11.56
O7 NAG R . 33.38 57.78 -15.58
H1 NAG R . 36.51 56.82 -12.86
H2 NAG R . 35.18 58.96 -14.56
H3 NAG R . 37.97 57.79 -14.86
H4 NAG R . 37.15 60.60 -14.02
H5 NAG R . 38.43 58.37 -12.38
H61 NAG R . 38.17 59.90 -10.45
H62 NAG R . 39.24 60.61 -11.67
H81 NAG R . 34.10 54.78 -16.04
H82 NAG R . 34.58 55.66 -17.51
H83 NAG R . 32.89 55.69 -16.98
HN2 NAG R . 36.13 56.30 -15.54
HO3 NAG R . 38.04 59.71 -16.35
HO6 NAG R . 37.52 62.02 -10.83
C1 BMA R . 39.39 61.40 -14.67
C2 BMA R . 40.91 61.64 -14.74
C3 BMA R . 41.17 63.07 -15.23
C4 BMA R . 40.50 63.32 -16.59
C5 BMA R . 38.99 63.06 -16.46
C6 BMA R . 38.21 63.26 -17.75
O2 BMA R . 41.51 60.70 -15.68
O3 BMA R . 42.63 63.30 -15.31
O4 BMA R . 40.73 64.69 -16.98
O5 BMA R . 38.77 61.68 -15.97
O6 BMA R . 38.69 62.35 -18.81
H1 BMA R . 38.96 62.05 -13.91
H2 BMA R . 41.35 61.50 -13.77
H3 BMA R . 40.73 63.75 -14.51
H4 BMA R . 40.93 62.65 -17.34
H5 BMA R . 38.59 63.75 -15.72
H61 BMA R . 37.15 63.07 -17.58
H62 BMA R . 38.30 64.30 -18.08
HO2 BMA R . 42.48 60.79 -15.65
HO4 BMA R . 41.33 64.68 -17.73
C1 MAN R . 43.08 64.32 -14.36
C2 MAN R . 44.50 64.80 -14.71
C3 MAN R . 45.55 63.73 -14.37
C4 MAN R . 45.43 63.23 -12.91
C5 MAN R . 43.99 62.74 -12.65
C6 MAN R . 43.75 62.35 -11.19
O2 MAN R . 44.82 65.99 -13.95
O3 MAN R . 46.86 64.34 -14.60
O4 MAN R . 46.36 62.14 -12.69
O5 MAN R . 43.02 63.79 -12.99
O6 MAN R . 44.58 61.22 -10.83
H1 MAN R . 42.41 65.17 -14.45
H2 MAN R . 44.55 65.03 -15.78
H3 MAN R . 45.43 62.88 -15.05
H4 MAN R . 45.67 64.05 -12.23
H5 MAN R . 43.80 61.87 -13.28
H61 MAN R . 42.70 62.08 -11.06
H62 MAN R . 43.96 63.18 -10.53
HO2 MAN R . 44.25 66.72 -14.23
HO3 MAN R . 46.80 65.22 -14.26
HO4 MAN R . 46.02 61.66 -11.92
HO6 MAN R . 44.29 60.90 -9.98
C1 MAN R . 38.76 63.02 -20.11
C2 MAN R . 38.59 61.99 -21.26
C3 MAN R . 39.86 61.15 -21.46
C4 MAN R . 41.12 62.02 -21.59
C5 MAN R . 41.25 62.91 -20.34
C6 MAN R . 42.48 63.83 -20.36
O2 MAN R . 38.33 62.69 -22.50
O3 MAN R . 39.70 60.36 -22.67
O4 MAN R . 42.26 61.14 -21.69
O5 MAN R . 40.02 63.76 -20.22
O6 MAN R . 42.55 64.56 -19.10
H1 MAN R . 37.94 63.72 -20.18
H2 MAN R . 37.76 61.34 -21.04
H3 MAN R . 39.98 60.47 -20.61
H4 MAN R . 41.06 62.64 -22.48
H5 MAN R . 41.31 62.27 -19.47
H61 MAN R . 43.39 63.25 -20.47
H62 MAN R . 42.41 64.53 -21.18
HO2 MAN R . 37.48 63.14 -22.45
HO3 MAN R . 38.99 60.75 -23.16
HO4 MAN R . 42.02 60.46 -22.32
HO6 MAN R . 43.31 65.15 -19.16
C1 NAG S . 36.91 47.91 13.08
C2 NAG S . 36.60 49.27 13.75
C3 NAG S . 37.31 50.40 12.99
C4 NAG S . 38.80 50.08 12.80
C5 NAG S . 39.02 48.69 12.20
C6 NAG S . 40.49 48.30 12.07
C7 NAG S . 34.29 49.56 12.89
C8 NAG S . 32.83 49.76 13.28
N2 NAG S . 35.16 49.48 13.90
O3 NAG S . 37.18 51.64 13.73
O4 NAG S . 39.34 51.06 11.86
O5 NAG S . 38.34 47.69 13.06
O6 NAG S . 41.13 48.38 13.36
O7 NAG S . 34.65 49.47 11.72
H1 NAG S . 36.53 47.90 12.06
H2 NAG S . 37.01 49.24 14.76
H3 NAG S . 36.87 50.53 12.01
H4 NAG S . 39.31 50.15 13.77
H5 NAG S . 38.57 48.65 11.21
H61 NAG S . 41.00 48.96 11.37
H62 NAG S . 40.57 47.28 11.71
H81 NAG S . 32.50 48.92 13.88
H82 NAG S . 32.21 49.82 12.38
H83 NAG S . 32.72 50.68 13.86
HN2 NAG S . 34.82 49.61 14.84
HO3 NAG S . 37.90 52.24 13.45
HO6 NAG S . 42.05 48.12 13.28
C1 NAG S . 40.34 51.97 12.43
C2 NAG S . 40.98 52.80 11.29
C3 NAG S . 41.95 53.85 11.87
C4 NAG S . 41.22 54.74 12.88
C5 NAG S . 40.56 53.91 13.98
C6 NAG S . 39.73 54.76 14.96
C7 NAG S . 42.62 51.11 10.52
C8 NAG S . 43.11 50.31 9.31
N2 NAG S . 41.62 51.95 10.28
O3 NAG S . 42.48 54.69 10.79
O4 NAG S . 42.23 55.61 13.46
O5 NAG S . 39.68 52.89 13.37
O6 NAG S . 38.61 55.35 14.27
O7 NAG S . 43.12 51.00 11.63
H1 NAG S . 41.09 51.40 12.96
H2 NAG S . 40.17 53.33 10.79
H3 NAG S . 42.79 53.35 12.36
H4 NAG S . 40.48 55.36 12.36
H5 NAG S . 41.34 53.39 14.55
H61 NAG S . 39.35 54.13 15.76
H62 NAG S . 40.34 55.55 15.40
H81 NAG S . 43.83 49.56 9.64
H82 NAG S . 43.59 50.97 8.60
H83 NAG S . 42.27 49.81 8.84
HN2 NAG S . 41.20 51.97 9.36
HO3 NAG S . 42.87 54.13 10.12
HO4 NAG S . 42.72 55.98 12.73
HO6 NAG S . 38.09 55.85 14.91
C1 NAG T . 13.96 30.68 -34.20
C2 NAG T . 14.19 31.53 -35.46
C3 NAG T . 15.42 30.97 -36.19
C4 NAG T . 16.63 30.99 -35.23
C5 NAG T . 16.35 30.22 -33.94
C6 NAG T . 17.53 30.34 -32.96
C7 NAG T . 12.00 32.37 -36.15
C8 NAG T . 10.90 32.34 -37.23
N2 NAG T . 13.02 31.52 -36.32
O3 NAG T . 15.69 31.75 -37.36
O4 NAG T . 17.80 30.34 -35.87
O5 NAG T . 15.12 30.76 -33.32
O6 NAG T . 17.17 29.85 -31.67
O7 NAG T . 11.94 33.11 -35.18
H1 NAG T . 13.79 29.63 -34.48
H2 NAG T . 14.40 32.55 -35.15
H3 NAG T . 15.23 29.93 -36.49
H4 NAG T . 16.87 32.02 -34.98
H5 NAG T . 16.19 29.17 -34.16
H61 NAG T . 18.38 29.76 -33.35
H62 NAG T . 17.85 31.38 -32.88
H81 NAG T . 10.10 33.02 -36.94
H82 NAG T . 10.50 31.33 -37.31
H83 NAG T . 11.32 32.66 -38.18
HN2 NAG T . 13.02 30.93 -37.14
HO3 NAG T . 16.63 31.70 -37.59
HO6 NAG T . 16.43 29.24 -31.75
C1 NAG T . 18.81 31.26 -36.39
C2 NAG T . 20.16 30.51 -36.52
C3 NAG T . 21.20 31.36 -37.27
C4 NAG T . 20.64 31.87 -38.60
C5 NAG T . 19.34 32.65 -38.38
C6 NAG T . 18.72 33.16 -39.69
C7 NAG T . 21.01 28.93 -34.84
C8 NAG T . 21.38 28.72 -33.36
N2 NAG T . 20.67 30.17 -35.19
O3 NAG T . 22.39 30.57 -37.54
O4 NAG T . 21.64 32.73 -39.19
O5 NAG T . 18.38 31.76 -37.70
O6 NAG T . 17.55 33.92 -39.39
O7 NAG T . 21.01 28.01 -35.64
H1 NAG T . 18.94 32.10 -35.71
H2 NAG T . 19.98 29.60 -37.09
H3 NAG T . 21.47 32.21 -36.65
H4 NAG T . 20.44 31.03 -39.27
H5 NAG T . 19.54 33.51 -37.73
H61 NAG T . 19.43 33.78 -40.23
H62 NAG T . 18.45 32.31 -40.32
H81 NAG T . 20.50 28.90 -32.74
H82 NAG T . 22.16 29.43 -33.08
H83 NAG T . 21.73 27.71 -33.21
HN2 NAG T . 20.87 30.91 -34.54
HO3 NAG T . 22.72 30.21 -36.72
HO4 NAG T . 22.46 32.25 -39.17
HO6 NAG T . 17.13 34.18 -40.22
C1 NAG U . 14.22 8.03 -48.19
C2 NAG U . 14.73 8.62 -49.53
C3 NAG U . 13.62 9.42 -50.21
C4 NAG U . 12.33 8.61 -50.35
C5 NAG U . 11.89 8.03 -49.00
C6 NAG U . 10.65 7.14 -49.09
C7 NAG U . 17.14 8.99 -49.22
C8 NAG U . 18.26 10.02 -49.03
N2 NAG U . 15.90 9.47 -49.31
O3 NAG U . 14.03 9.86 -51.54
O4 NAG U . 11.30 9.55 -50.83
O5 NAG U . 13.00 7.26 -48.45
O6 NAG U . 10.89 6.06 -50.02
O7 NAG U . 17.35 7.78 -49.27
H1 NAG U . 13.99 8.83 -47.49
H2 NAG U . 15.02 7.80 -50.19
H3 NAG U . 13.41 10.31 -49.61
H4 NAG U . 12.48 7.81 -51.07
H5 NAG U . 11.67 8.86 -48.32
H61 NAG U . 10.42 6.73 -48.11
H62 NAG U . 9.79 7.72 -49.42
H81 NAG U . 17.94 10.78 -48.32
H82 NAG U . 19.15 9.53 -48.64
H83 NAG U . 18.49 10.48 -49.99
HN2 NAG U . 15.76 10.47 -49.24
HO3 NAG U . 13.24 10.00 -52.07
HO6 NAG U . 10.13 5.48 -50.01
C1 NAG U . 10.61 9.12 -52.05
C2 NAG U . 9.50 10.12 -52.41
C3 NAG U . 8.80 9.69 -53.71
C4 NAG U . 9.84 9.59 -54.84
C5 NAG U . 11.00 8.65 -54.47
C6 NAG U . 12.12 8.62 -55.52
C7 NAG U . 7.83 9.44 -50.71
C8 NAG U . 7.03 9.89 -49.48
N2 NAG U . 8.57 10.38 -51.31
O3 NAG U . 7.77 10.65 -54.10
O4 NAG U . 9.15 9.06 -55.99
O5 NAG U . 11.57 9.07 -53.16
O6 NAG U . 12.76 9.92 -55.59
O7 NAG U . 7.81 8.28 -51.12
H1 NAG U . 10.19 8.12 -51.89
H2 NAG U . 9.99 11.09 -52.60
H3 NAG U . 8.33 8.72 -53.56
H4 NAG U . 10.21 10.58 -55.08
H5 NAG U . 10.61 7.64 -54.36
H61 NAG U . 12.86 7.88 -55.23
H62 NAG U . 11.72 8.37 -56.49
H81 NAG U . 6.45 9.06 -49.09
H82 NAG U . 7.71 10.24 -48.71
H83 NAG U . 6.35 10.70 -49.77
HN2 NAG U . 8.58 11.30 -50.91
HO3 NAG U . 7.15 10.75 -53.37
HO4 NAG U . 8.35 9.59 -56.11
HO6 NAG U . 13.49 9.86 -56.21
C1 NAG V . 33.55 0.87 -24.83
C2 NAG V . 32.58 1.21 -25.97
C3 NAG V . 33.22 0.79 -27.29
C4 NAG V . 34.56 1.50 -27.49
C5 NAG V . 35.50 1.18 -26.32
C6 NAG V . 36.86 1.89 -26.41
C7 NAG V . 30.28 1.12 -25.13
C8 NAG V . 29.01 0.26 -24.97
N2 NAG V . 31.30 0.53 -25.75
O3 NAG V . 32.34 1.09 -28.41
O4 NAG V . 35.16 0.98 -28.73
O5 NAG V . 34.84 1.54 -25.05
O6 NAG V . 36.68 3.31 -26.27
O7 NAG V . 30.36 2.25 -24.68
H1 NAG V . 33.71 -0.20 -24.80
H2 NAG V . 32.41 2.29 -25.99
H3 NAG V . 33.39 -0.30 -27.28
H4 NAG V . 34.41 2.57 -27.57
H5 NAG V . 35.69 0.10 -26.32
H61 NAG V . 37.50 1.54 -25.60
H62 NAG V . 37.34 1.68 -27.36
H81 NAG V . 28.14 0.91 -25.04
H82 NAG V . 28.96 -0.50 -25.73
H83 NAG V . 29.03 -0.21 -23.98
HN2 NAG V . 31.18 -0.39 -26.15
HO3 NAG V . 32.88 1.19 -29.20
HO6 NAG V . 37.53 3.73 -26.18
C1 NAG V . 35.22 1.90 -29.87
C2 NAG V . 36.18 1.33 -30.93
C3 NAG V . 36.19 2.21 -32.19
C4 NAG V . 34.76 2.43 -32.72
C5 NAG V . 33.82 2.96 -31.63
C6 NAG V . 32.34 3.01 -32.07
C7 NAG V . 38.01 0.08 -29.89
C8 NAG V . 39.41 0.17 -29.26
N2 NAG V . 37.53 1.22 -30.38
O3 NAG V . 37.02 1.59 -33.21
O4 NAG V . 34.80 3.41 -33.78
O5 NAG V . 33.89 2.06 -30.45
O6 NAG V . 32.17 4.01 -33.10
O7 NAG V . 37.37 -0.98 -29.92
H1 NAG V . 35.58 2.87 -29.51
H2 NAG V . 35.81 0.35 -31.21
H3 NAG V . 36.62 3.19 -31.93
H4 NAG V . 34.37 1.49 -33.12
H5 NAG V . 34.12 3.95 -31.32
H61 NAG V . 32.03 2.04 -32.45
H62 NAG V . 31.72 3.27 -31.22
H81 NAG V . 39.64 -0.77 -28.76
H82 NAG V . 40.15 0.35 -30.03
H83 NAG V . 39.44 0.97 -28.53
HN2 NAG V . 38.08 2.06 -30.29
HO3 NAG V . 37.91 1.46 -32.86
HO4 NAG V . 33.90 3.75 -33.90
HO6 NAG V . 31.23 4.14 -33.22
C1 NAG W . 44.25 -16.68 -11.52
C2 NAG W . 44.60 -16.75 -13.01
C3 NAG W . 44.44 -18.20 -13.51
C4 NAG W . 45.25 -19.18 -12.66
C5 NAG W . 44.90 -19.03 -11.18
C6 NAG W . 45.74 -19.92 -10.25
C7 NAG W . 44.14 -14.58 -14.02
C8 NAG W . 43.25 -13.77 -14.96
N2 NAG W . 43.78 -15.83 -13.80
O3 NAG W . 44.85 -18.33 -14.89
O4 NAG W . 44.88 -20.54 -13.09
O5 NAG W . 45.08 -17.62 -10.77
O6 NAG W . 47.12 -19.58 -10.39
O7 NAG W . 45.13 -14.10 -13.49
H1 NAG W . 43.19 -16.91 -11.35
H2 NAG W . 45.65 -16.48 -13.14
H3 NAG W . 43.39 -18.48 -13.44
H4 NAG W . 46.32 -19.01 -12.81
H5 NAG W . 43.85 -19.30 -11.05
H61 NAG W . 45.60 -20.97 -10.51
H62 NAG W . 45.43 -19.77 -9.22
H81 NAG W . 42.29 -13.57 -14.47
H82 NAG W . 43.07 -14.33 -15.88
H83 NAG W . 43.73 -12.82 -15.21
HN2 NAG W . 42.95 -16.20 -14.24
HO3 NAG W . 45.10 -19.24 -15.05
HO6 NAG W . 47.63 -20.04 -9.71
C1 NAG W . 45.95 -21.33 -13.69
C2 NAG W . 45.49 -22.79 -13.87
C3 NAG W . 46.61 -23.60 -14.50
C4 NAG W . 47.02 -23.00 -15.85
C5 NAG W . 47.37 -21.50 -15.73
C6 NAG W . 47.58 -20.83 -17.09
C7 NAG W . 43.83 -23.52 -12.21
C8 NAG W . 43.61 -23.95 -10.75
N2 NAG W . 45.10 -23.37 -12.58
O3 NAG W . 46.21 -24.98 -14.71
O4 NAG W . 48.17 -23.72 -16.32
O5 NAG W . 46.30 -20.77 -15.01
O6 NAG W . 46.37 -20.85 -17.86
O7 NAG W . 42.90 -23.33 -12.99
H1 NAG W . 46.82 -21.30 -13.04
H2 NAG W . 44.63 -22.79 -14.54
H3 NAG W . 47.47 -23.59 -13.83
H4 NAG W . 46.20 -23.13 -16.57
H5 NAG W . 48.29 -21.40 -15.15
H61 NAG W . 47.89 -19.79 -16.95
H62 NAG W . 48.37 -21.34 -17.65
H81 NAG W . 42.55 -24.03 -10.54
H82 NAG W . 44.10 -24.91 -10.57
H83 NAG W . 44.04 -23.20 -10.09
HN2 NAG W . 45.83 -23.54 -11.90
HO3 NAG W . 45.87 -25.35 -13.89
HO4 NAG W . 47.96 -24.65 -16.24
HO6 NAG W . 46.51 -20.41 -18.69
C1 NAG X . 34.51 -62.16 -5.96
C2 NAG X . 33.84 -60.89 -6.49
C3 NAG X . 33.95 -60.85 -8.02
C4 NAG X . 35.43 -60.92 -8.45
C5 NAG X . 36.17 -62.09 -7.79
C6 NAG X . 37.68 -62.02 -7.99
C7 NAG X . 31.51 -61.64 -6.22
C8 NAG X . 30.16 -61.33 -5.58
N2 NAG X . 32.48 -60.76 -5.99
O3 NAG X . 33.35 -59.63 -8.52
O4 NAG X . 35.48 -61.16 -9.90
O5 NAG X . 35.91 -62.13 -6.33
O6 NAG X . 38.21 -60.94 -7.20
O7 NAG X . 31.70 -62.64 -6.90
H1 NAG X . 34.05 -63.07 -6.37
H2 NAG X . 34.39 -60.03 -6.10
H3 NAG X . 33.43 -61.71 -8.46
H4 NAG X . 35.93 -59.98 -8.21
H5 NAG X . 35.80 -63.02 -8.23
H61 NAG X . 38.15 -62.95 -7.66
H62 NAG X . 37.93 -61.87 -9.04
H81 NAG X . 30.29 -61.09 -4.53
H82 NAG X . 29.51 -62.20 -5.66
H83 NAG X . 29.71 -60.48 -6.09
HN2 NAG X . 32.29 -59.91 -5.47
HO3 NAG X . 33.57 -59.54 -9.45
HO6 NAG X . 39.16 -60.96 -7.23
C1 NAG X . 35.68 -60.02 -10.80
C2 NAG X . 36.18 -60.56 -12.15
C3 NAG X . 36.18 -59.47 -13.23
C4 NAG X . 34.78 -58.84 -13.31
C5 NAG X . 34.40 -58.22 -11.98
C6 NAG X . 33.01 -57.56 -12.04
C7 NAG X . 37.74 -62.43 -11.85
C8 NAG X . 39.21 -62.85 -11.68
N2 NAG X . 37.52 -61.13 -12.00
O3 NAG X . 36.52 -60.02 -14.53
O4 NAG X . 34.76 -57.78 -14.33
O5 NAG X . 34.41 -59.29 -10.96
O6 NAG X . 32.81 -56.68 -10.92
O7 NAG X . 36.83 -63.25 -11.82
H1 NAG X . 36.43 -59.35 -10.36
H2 NAG X . 35.49 -61.34 -12.47
H3 NAG X . 36.90 -58.70 -12.98
H4 NAG X . 34.04 -59.61 -13.55
H5 NAG X . 35.15 -57.46 -11.71
H61 NAG X . 32.89 -56.98 -12.95
H62 NAG X . 32.25 -58.34 -12.04
H81 NAG X . 39.27 -63.90 -11.41
H82 NAG X . 39.74 -62.69 -12.62
H83 NAG X . 39.68 -62.25 -10.90
HN2 NAG X . 38.31 -60.50 -12.02
HO3 NAG X . 36.44 -59.35 -15.20
HO6 NAG X . 33.11 -55.81 -11.20
C1 BMA X . 34.23 -58.18 -15.63
C2 BMA X . 33.19 -57.15 -16.07
C3 BMA X . 32.74 -57.42 -17.51
C4 BMA X . 33.94 -57.53 -18.47
C5 BMA X . 34.95 -58.58 -17.98
C6 BMA X . 36.21 -58.64 -18.84
O2 BMA X . 33.74 -55.82 -15.98
O3 BMA X . 31.87 -56.33 -17.93
O4 BMA X . 33.43 -57.92 -19.77
O5 BMA X . 35.33 -58.26 -16.59
O6 BMA X . 37.09 -59.66 -18.31
H1 BMA X . 33.76 -59.17 -15.55
H2 BMA X . 32.32 -57.20 -15.41
H3 BMA X . 32.18 -58.35 -17.53
H4 BMA X . 34.44 -56.56 -18.55
H5 BMA X . 34.46 -59.56 -17.98
H61 BMA X . 35.96 -58.89 -19.86
H62 BMA X . 36.72 -57.69 -18.82
HO2 BMA X . 34.26 -55.76 -15.17
HO3 BMA X . 32.21 -55.53 -17.53
HO4 BMA X . 32.70 -57.33 -19.97
HO6 BMA X . 37.89 -59.67 -18.84
C1 NAG Y . -39.42 16.64 -61.04
C2 NAG Y . -40.91 16.70 -60.66
C3 NAG Y . -41.74 16.11 -61.81
C4 NAG Y . -41.47 16.86 -63.11
C5 NAG Y . -39.96 16.88 -63.44
C6 NAG Y . -39.62 17.75 -64.67
C7 NAG Y . -41.43 16.53 -58.27
C8 NAG Y . -41.66 15.58 -57.08
N2 NAG Y . -41.15 15.93 -59.43
O3 NAG Y . -43.16 16.18 -61.51
O4 NAG Y . -42.17 16.15 -64.17
O5 NAG Y . -39.20 17.37 -62.28
O6 NAG Y . -39.83 19.13 -64.33
O7 NAG Y . -41.50 17.74 -58.16
H1 NAG Y . -39.11 15.61 -61.17
H2 NAG Y . -41.21 17.74 -60.52
H3 NAG Y . -41.47 15.06 -61.93
H4 NAG Y . -41.85 17.88 -63.04
H5 NAG Y . -39.64 15.85 -63.66
H61 NAG Y . -40.24 17.48 -65.53
H62 NAG Y . -38.57 17.61 -64.93
H81 NAG Y . -40.83 14.88 -56.99
H82 NAG Y . -41.75 16.16 -56.16
H83 NAG Y . -42.59 15.02 -57.24
HN2 NAG Y . -41.02 14.94 -59.45
HO3 NAG Y . -43.33 15.77 -60.66
HO4 NAG Y . -43.07 16.03 -63.85
HO6 NAG Y . -39.53 19.68 -65.07
C1 NAG Z . 9.32 -15.60 -32.74
C2 NAG Z . 10.74 -16.13 -32.92
C3 NAG Z . 10.80 -17.60 -32.44
C4 NAG Z . 10.29 -17.74 -31.00
C5 NAG Z . 8.88 -17.14 -30.86
C6 NAG Z . 8.35 -17.14 -29.42
C7 NAG Z . 11.67 -14.95 -34.86
C8 NAG Z . 12.02 -15.01 -36.35
N2 NAG Z . 11.15 -16.04 -34.33
O3 NAG Z . 12.16 -18.12 -32.50
O4 NAG Z . 10.23 -19.15 -30.69
O5 NAG Z . 8.89 -15.74 -31.36
O6 NAG Z . 9.17 -16.30 -28.59
O7 NAG Z . 11.83 -13.93 -34.19
H1 NAG Z . 8.62 -16.13 -33.39
H2 NAG Z . 11.43 -15.55 -32.32
H3 NAG Z . 10.17 -18.20 -33.09
H4 NAG Z . 10.97 -17.25 -30.31
H5 NAG Z . 8.19 -17.71 -31.48
H61 NAG Z . 8.34 -18.15 -29.02
H62 NAG Z . 7.33 -16.76 -29.40
H81 NAG Z . 12.30 -14.03 -36.70
H82 NAG Z . 11.15 -15.36 -36.91
H83 NAG Z . 12.84 -15.71 -36.50
HN2 NAG Z . 11.00 -16.85 -34.91
HO3 NAG Z . 12.78 -17.54 -32.06
HO4 NAG Z . 11.06 -19.54 -31.01
HO6 NAG Z . 8.77 -16.25 -27.72
C1 NAG AA . -28.60 11.32 -71.23
C2 NAG AA . -30.10 11.48 -71.54
C3 NAG AA . -30.29 11.69 -73.06
C4 NAG AA . -29.45 12.88 -73.56
C5 NAG AA . -27.97 12.74 -73.17
C6 NAG AA . -27.11 13.95 -73.53
C7 NAG AA . -31.34 10.17 -69.85
C8 NAG AA . -32.26 8.97 -69.60
N2 NAG AA . -30.87 10.31 -71.09
O3 NAG AA . -31.69 11.93 -73.39
O4 NAG AA . -29.56 12.90 -75.00
O5 NAG AA . -27.88 12.49 -71.71
O6 NAG AA . -27.56 15.12 -72.80
O7 NAG AA . -31.02 10.96 -68.96
H1 NAG AA . -28.19 10.43 -71.70
H2 NAG AA . -30.48 12.36 -71.01
H3 NAG AA . -29.96 10.80 -73.57
H4 NAG AA . -29.86 13.82 -73.16
H5 NAG AA . -27.56 11.87 -73.69
H61 NAG AA . -26.08 13.76 -73.29
H62 NAG AA . -27.19 14.17 -74.60
H81 NAG AA . -33.26 9.20 -69.95
H82 NAG AA . -32.31 8.76 -68.52
H83 NAG AA . -31.89 8.09 -70.11
HN2 NAG AA . -31.13 9.62 -71.79
HO3 NAG AA . -32.05 12.65 -72.87
HO4 NAG AA . -30.48 12.78 -75.22
HO6 NAG AA . -26.98 15.85 -73.01
C1 NAG BA . -2.00 -6.54 -57.70
C2 NAG BA . -0.54 -6.85 -57.29
C3 NAG BA . -0.12 -8.24 -57.77
C4 NAG BA . -1.12 -9.29 -57.29
C5 NAG BA . -2.53 -8.96 -57.79
C6 NAG BA . -3.61 -9.96 -57.36
C7 NAG BA . 0.60 -4.68 -57.23
C8 NAG BA . 1.51 -3.70 -57.99
N2 NAG BA . 0.33 -5.83 -57.86
O3 NAG BA . 1.20 -8.58 -57.24
O4 NAG BA . -0.70 -10.56 -57.85
O5 NAG BA . -2.90 -7.61 -57.30
O6 NAG BA . -3.83 -9.87 -55.95
O7 NAG BA . 0.13 -4.43 -56.13
H1 NAG BA . -2.07 -6.41 -58.78
H2 NAG BA . -0.47 -6.81 -56.21
H3 NAG BA . -0.07 -8.24 -58.85
H4 NAG BA . -1.12 -9.36 -56.21
H5 NAG BA . -2.52 -8.92 -58.88
H61 NAG BA . -4.55 -9.73 -57.88
H62 NAG BA . -3.32 -10.97 -57.63
H81 NAG BA . 1.65 -2.79 -57.39
H82 NAG BA . 2.47 -4.15 -58.17
H83 NAG BA . 1.05 -3.42 -58.93
HN2 NAG BA . 0.67 -5.95 -58.81
HO3 NAG BA . 1.83 -7.88 -57.50
HO4 NAG BA . 0.23 -10.65 -57.65
HO6 NAG BA . -4.41 -10.59 -55.68
C1 NAG CA . -24.18 -18.19 -64.93
C2 NAG CA . -24.39 -18.50 -66.43
C3 NAG CA . -25.59 -19.45 -66.56
C4 NAG CA . -25.34 -20.75 -65.75
C5 NAG CA . -24.98 -20.46 -64.28
C6 NAG CA . -24.51 -21.71 -63.52
C7 NAG CA . -23.69 -16.70 -67.93
C8 NAG CA . -24.09 -15.36 -68.59
N2 NAG CA . -24.63 -17.27 -67.19
O3 NAG CA . -25.84 -19.81 -67.95
O4 NAG CA . -26.57 -21.51 -65.79
O5 NAG CA . -23.91 -19.43 -64.20
O6 NAG CA . -23.26 -22.19 -64.06
O7 NAG CA . -22.57 -17.20 -68.09
H1 NAG CA . -25.09 -17.73 -64.53
H2 NAG CA . -23.50 -19.01 -66.82
H3 NAG CA . -26.48 -18.96 -66.17
H4 NAG CA . -24.54 -21.31 -66.23
H5 NAG CA . -25.86 -20.05 -63.78
H61 NAG CA . -24.37 -21.45 -62.46
H62 NAG CA . -25.26 -22.49 -63.57
H81 NAG CA . -23.28 -15.02 -69.23
H82 NAG CA . -24.26 -14.62 -67.82
H83 NAG CA . -24.98 -15.49 -69.19
HN2 NAG CA . -25.48 -16.76 -67.02
HO3 NAG CA . -25.92 -19.00 -68.46
HO4 NAG CA . -26.84 -21.53 -66.72
HO6 NAG CA . -22.96 -22.91 -63.52
C1 NAG DA . -39.54 47.85 -12.41
C2 NAG DA . -40.88 47.20 -12.81
C3 NAG DA . -41.54 48.01 -13.93
C4 NAG DA . -41.73 49.47 -13.48
C5 NAG DA . -40.37 50.10 -13.11
C6 NAG DA . -40.47 51.54 -12.58
C7 NAG DA . -41.14 44.76 -12.64
C8 NAG DA . -40.70 43.41 -13.19
N2 NAG DA . -40.63 45.83 -13.24
O3 NAG DA . -42.83 47.44 -14.27
O4 NAG DA . -42.31 50.19 -14.60
O5 NAG DA . -39.70 49.27 -12.08
O6 NAG DA . -41.12 51.54 -11.29
O7 NAG DA . -41.92 44.87 -11.69
H1 NAG DA . -38.82 47.76 -13.23
H2 NAG DA . -41.54 47.21 -11.94
H3 NAG DA . -40.91 47.98 -14.81
H4 NAG DA . -42.40 49.52 -12.63
H5 NAG DA . -39.74 50.11 -14.00
H61 NAG DA . -41.03 52.17 -13.27
H62 NAG DA . -39.47 51.95 -12.48
H81 NAG DA . -41.10 43.28 -14.20
H82 NAG DA . -41.08 42.61 -12.55
H83 NAG DA . -39.61 43.36 -13.22
HN2 NAG DA . -39.98 45.69 -13.99
HO3 NAG DA . -42.73 46.52 -14.50
HO4 NAG DA . -43.04 49.65 -14.92
HO6 NAG DA . -41.09 52.43 -10.95
C1 NAG EA . -30.43 60.21 6.86
C2 NAG EA . -30.85 61.35 7.82
C3 NAG EA . -31.12 62.62 6.99
C4 NAG EA . -29.89 62.98 6.15
C5 NAG EA . -29.43 61.81 5.26
C6 NAG EA . -28.13 62.08 4.49
C7 NAG EA . -31.97 60.44 9.80
C8 NAG EA . -33.31 60.06 10.44
N2 NAG EA . -32.04 60.98 8.59
O3 NAG EA . -31.45 63.73 7.86
O4 NAG EA . -30.27 64.09 5.30
O5 NAG EA . -29.25 60.59 6.09
O6 NAG EA . -27.04 62.29 5.42
O7 NAG EA . -30.89 60.28 10.38
H1 NAG EA . -31.25 59.98 6.19
H2 NAG EA . -30.02 61.56 8.50
H3 NAG EA . -31.97 62.43 6.33
H4 NAG EA . -29.08 63.29 6.80
H5 NAG EA . -30.22 61.60 4.52
H61 NAG EA . -27.90 61.23 3.85
H62 NAG EA . -28.24 62.96 3.87
H81 NAG EA . -33.14 59.66 11.45
H82 NAG EA . -33.80 59.30 9.83
H83 NAG EA . -33.95 60.94 10.52
HN2 NAG EA . -32.93 61.02 8.12
HO3 NAG EA . -32.17 63.49 8.44
HO4 NAG EA . -30.69 64.74 5.88
HO6 NAG EA . -26.23 62.38 4.92
C1 NAG FA . -19.14 34.72 30.16
C2 NAG FA . -18.24 34.86 31.41
C3 NAG FA . -17.19 33.74 31.39
C4 NAG FA . -17.86 32.36 31.34
C5 NAG FA . -18.82 32.26 30.14
C6 NAG FA . -19.63 30.95 30.10
C7 NAG FA . -18.18 37.25 31.98
C8 NAG FA . -17.33 38.54 31.99
N2 NAG FA . -17.60 36.18 31.44
O3 NAG FA . -16.32 33.81 32.57
O4 NAG FA . -16.82 31.38 31.18
O5 NAG FA . -19.77 33.40 30.18
O6 NAG FA . -20.52 30.86 31.23
O7 NAG FA . -19.32 37.20 32.42
H1 NAG FA . -18.56 34.83 29.25
H2 NAG FA . -18.85 34.75 32.31
H3 NAG FA . -16.57 33.86 30.51
H4 NAG FA . -18.40 32.18 32.27
H5 NAG FA . -18.25 32.33 29.23
H61 NAG FA . -20.22 30.92 29.18
H62 NAG FA . -18.96 30.09 30.09
H81 NAG FA . -17.90 39.35 32.47
H82 NAG FA . -17.09 38.83 30.97
H83 NAG FA . -16.41 38.37 32.54
HN2 NAG FA . -16.67 36.27 31.05
HO3 NAG FA . -16.84 33.84 33.37
HO4 NAG FA . -16.13 31.59 31.82
HO6 NAG FA . -21.17 30.18 31.02
C1 NAG GA . -33.38 61.99 36.81
C2 NAG GA . -34.26 63.00 36.05
C3 NAG GA . -33.57 64.37 36.00
C4 NAG GA . -33.20 64.85 37.41
C5 NAG GA . -32.32 63.81 38.14
C6 NAG GA . -32.00 64.18 39.59
C7 NAG GA . -35.62 61.86 34.35
C8 NAG GA . -35.68 61.35 32.90
N2 NAG GA . -34.52 62.52 34.68
O3 NAG GA . -34.45 65.36 35.39
O4 NAG GA . -32.45 66.08 37.27
O5 NAG GA . -33.03 62.50 38.13
O6 NAG GA . -33.21 64.21 40.38
O7 NAG GA . -36.53 61.66 35.15
H1 NAG GA . -32.46 61.80 36.25
H2 NAG GA . -35.20 63.11 36.58
H3 NAG GA . -32.67 64.29 35.39
H4 NAG GA . -34.10 65.04 37.98
H5 NAG GA . -31.39 63.69 37.59
H61 NAG GA . -31.32 63.44 40.02
H62 NAG GA . -31.51 65.15 39.63
H81 NAG GA . -36.63 60.85 32.72
H82 NAG GA . -35.59 62.18 32.21
H83 NAG GA . -34.87 60.64 32.73
HN2 NAG GA . -33.77 62.60 34.01
HO3 NAG GA . -34.73 65.05 34.53
HO4 NAG GA . -32.96 66.63 36.68
HO6 NAG GA . -32.96 64.40 41.29
C1 NAG HA . -8.59 -48.89 -11.38
C2 NAG HA . -7.73 -48.89 -12.66
C3 NAG HA . -8.64 -48.67 -13.89
C4 NAG HA . -9.76 -49.73 -13.92
C5 NAG HA . -10.56 -49.77 -12.60
C6 NAG HA . -11.60 -50.90 -12.55
C7 NAG HA . -5.53 -48.04 -12.00
C8 NAG HA . -4.59 -46.83 -11.92
N2 NAG HA . -6.71 -47.84 -12.60
O3 NAG HA . -7.87 -48.77 -15.12
O4 NAG HA . -10.65 -49.37 -15.00
O5 NAG HA . -9.62 -49.92 -11.46
O6 NAG HA . -10.95 -52.19 -12.65
O7 NAG HA . -5.22 -49.14 -11.55
H1 NAG HA . -9.07 -47.92 -11.23
H2 NAG HA . -7.24 -49.86 -12.76
H3 NAG HA . -9.08 -47.68 -13.83
H4 NAG HA . -9.32 -50.71 -14.12
H5 NAG HA . -11.08 -48.82 -12.48
H61 NAG HA . -12.14 -50.85 -11.61
H62 NAG HA . -12.31 -50.79 -13.36
H81 NAG HA . -3.65 -47.13 -11.46
H82 NAG HA . -4.40 -46.44 -12.92
H83 NAG HA . -5.06 -46.06 -11.31
HN2 NAG HA . -6.97 -46.90 -12.86
HO3 NAG HA . -7.11 -48.18 -15.07
HO4 NAG HA . -10.09 -49.21 -15.78
HO6 NAG HA . -11.62 -52.86 -12.54
C1 NAG IA . -8.59 -66.95 -8.89
C2 NAG IA . -9.44 -68.21 -9.17
C3 NAG IA . -8.56 -69.24 -9.89
C4 NAG IA . -8.02 -68.64 -11.20
C5 NAG IA . -7.28 -67.32 -10.98
C6 NAG IA . -6.89 -66.61 -12.29
C7 NAG IA . -11.19 -68.40 -7.47
C8 NAG IA . -11.61 -69.03 -6.13
N2 NAG IA . -9.98 -68.75 -7.92
O3 NAG IA . -9.30 -70.45 -10.19
O4 NAG IA . -7.11 -69.61 -11.75
O5 NAG IA . -8.11 -66.39 -10.17
O6 NAG IA . -8.08 -66.24 -13.02
O7 NAG IA . -11.91 -67.63 -8.08
H1 NAG IA . -7.73 -67.21 -8.27
H2 NAG IA . -10.26 -67.94 -9.83
H3 NAG IA . -7.72 -69.50 -9.24
H4 NAG IA . -8.86 -68.49 -11.89
H5 NAG IA . -6.36 -67.52 -10.43
H61 NAG IA . -6.33 -65.70 -12.07
H62 NAG IA . -6.28 -67.25 -12.90
H81 NAG IA . -11.61 -70.12 -6.21
H82 NAG IA . -10.93 -68.73 -5.34
H83 NAG IA . -12.62 -68.70 -5.87
HN2 NAG IA . -9.38 -69.30 -7.32
HO3 NAG IA . -9.71 -70.77 -9.38
HO4 NAG IA . -7.56 -70.45 -11.74
HO6 NAG IA . -7.82 -65.75 -13.81
C1 NAG JA . 12.39 -64.86 -12.74
C2 NAG JA . 12.69 -66.19 -13.48
C3 NAG JA . 13.79 -65.93 -14.51
C4 NAG JA . 13.33 -64.84 -15.50
C5 NAG JA . 12.96 -63.54 -14.76
C6 NAG JA . 12.33 -62.48 -15.69
C7 NAG JA . 12.26 -68.08 -11.99
C8 NAG JA . 12.84 -69.05 -10.95
N2 NAG JA . 13.12 -67.21 -12.51
O3 NAG JA . 14.07 -67.15 -15.26
O4 NAG JA . 14.44 -64.59 -16.38
O5 NAG JA . 11.99 -63.82 -13.68
O6 NAG JA . 11.03 -62.93 -16.14
O7 NAG JA . 11.07 -68.12 -12.32
H1 NAG JA . 13.28 -64.54 -12.19
H2 NAG JA . 11.79 -66.52 -13.99
H3 NAG JA . 14.70 -65.61 -14.01
H4 NAG JA . 12.49 -65.20 -16.08
H5 NAG JA . 13.86 -63.11 -14.32
H61 NAG JA . 12.22 -61.55 -15.15
H62 NAG JA . 12.96 -62.31 -16.56
H81 NAG JA . 13.25 -68.49 -10.11
H82 NAG JA . 12.06 -69.71 -10.57
H83 NAG JA . 13.63 -69.65 -11.39
HN2 NAG JA . 14.06 -67.17 -12.15
HO3 NAG JA . 14.28 -67.86 -14.65
HO4 NAG JA . 14.75 -65.44 -16.70
HO6 NAG JA . 10.64 -62.23 -16.67
C1 NAG KA . 26.83 -16.36 -24.76
C2 NAG KA . 25.99 -17.58 -25.15
C3 NAG KA . 26.86 -18.57 -25.93
C4 NAG KA . 27.45 -17.88 -27.17
C5 NAG KA . 28.24 -16.62 -26.79
C6 NAG KA . 28.71 -15.80 -28.01
C7 NAG KA . 24.25 -17.84 -23.45
C8 NAG KA . 23.78 -18.57 -22.18
N2 NAG KA . 25.42 -18.23 -23.96
O3 NAG KA . 26.08 -19.73 -26.36
O4 NAG KA . 28.34 -18.83 -27.81
O5 NAG KA . 27.40 -15.74 -25.95
O6 NAG KA . 27.57 -15.16 -28.65
O7 NAG KA . 23.60 -16.93 -23.97
H1 NAG KA . 27.64 -16.65 -24.07
H2 NAG KA . 25.17 -17.26 -25.80
H3 NAG KA . 27.68 -18.92 -25.29
H4 NAG KA . 26.65 -17.63 -27.87
H5 NAG KA . 29.11 -16.92 -26.22
H61 NAG KA . 29.21 -16.44 -28.74
H62 NAG KA . 29.40 -15.04 -27.68
H81 NAG KA . 22.71 -18.39 -22.02
H82 NAG KA . 24.33 -18.19 -21.32
H83 NAG KA . 23.94 -19.63 -22.28
HN2 NAG KA . 25.98 -18.90 -23.45
HO3 NAG KA . 25.70 -20.14 -25.59
HO4 NAG KA . 27.86 -19.66 -27.86
HO6 NAG KA . 27.90 -14.60 -29.35
C1 NAG LA . -42.33 46.16 40.21
C2 NAG LA . -41.37 47.04 41.03
C3 NAG LA . -41.98 47.26 42.43
C4 NAG LA . -43.36 47.90 42.31
C5 NAG LA . -44.30 47.08 41.42
C6 NAG LA . -45.63 47.78 41.13
C7 NAG LA . -38.95 46.93 40.65
C8 NAG LA . -37.66 46.11 40.87
N2 NAG LA . -40.07 46.39 41.14
O3 NAG LA . -41.12 48.11 43.24
O4 NAG LA . -43.92 47.95 43.64
O5 NAG LA . -43.64 46.79 40.12
O6 NAG LA . -45.38 48.92 40.28
O7 NAG LA . -38.94 48.00 40.08
H1 NAG LA . -42.43 45.19 40.69
H2 NAG LA . -41.28 48.01 40.54
H3 NAG LA . -42.06 46.28 42.92
H4 NAG LA . -43.26 48.92 41.93
H5 NAG LA . -44.51 46.13 41.90
H61 NAG LA . -46.31 47.09 40.63
H62 NAG LA . -46.10 48.12 42.06
H81 NAG LA . -37.80 45.10 40.51
H82 NAG LA . -36.83 46.57 40.33
H83 NAG LA . -37.42 46.09 41.94
HN2 NAG LA . -40.02 45.48 41.56
HO3 NAG LA . -40.23 47.73 43.28
HO4 NAG LA . -43.25 48.33 44.21
HO6 NAG LA . -46.20 49.41 40.17
C1 NAG MA . -31.44 -12.92 15.89
C2 NAG MA . -32.08 -14.17 15.27
C3 NAG MA . -31.50 -15.44 15.94
C4 NAG MA . -29.97 -15.44 15.88
C5 NAG MA . -29.40 -14.16 16.50
C6 NAG MA . -27.86 -14.06 16.42
C7 NAG MA . -34.33 -13.52 14.59
C8 NAG MA . -35.83 -13.55 14.92
N2 NAG MA . -33.53 -14.13 15.45
O3 NAG MA . -31.98 -16.63 15.27
O4 NAG MA . -29.50 -16.59 16.64
O5 NAG MA . -29.99 -13.00 15.82
O6 NAG MA . -27.44 -14.01 15.03
O7 NAG MA . -33.89 -12.96 13.59
H1 NAG MA . -31.73 -12.82 16.94
H2 NAG MA . -31.84 -14.21 14.21
H3 NAG MA . -31.82 -15.47 16.98
H4 NAG MA . -29.63 -15.54 14.84
H5 NAG MA . -29.67 -14.12 17.55
H61 NAG MA . -27.40 -14.91 16.91
H62 NAG MA . -27.54 -13.15 16.93
H81 NAG MA . -36.37 -12.88 14.25
H82 NAG MA . -35.99 -13.22 15.94
H83 NAG MA . -36.22 -14.56 14.79
HN2 NAG MA . -33.92 -14.52 16.30
HO3 NAG MA . -32.95 -16.62 15.25
HO4 NAG MA . -30.00 -17.34 16.32
HO6 NAG MA . -26.50 -13.86 15.02
C1 NAG NA . -55.41 37.01 39.85
C2 NAG NA . -55.19 38.14 40.88
C3 NAG NA . -56.55 38.63 41.41
C4 NAG NA . -57.44 39.09 40.25
C5 NAG NA . -57.59 37.99 39.18
C6 NAG NA . -58.37 38.46 37.94
C7 NAG NA . -53.02 37.72 41.96
C8 NAG NA . -52.29 37.26 43.23
N2 NAG NA . -54.36 37.67 42.00
O3 NAG NA . -56.36 39.76 42.33
O4 NAG NA . -58.74 39.37 40.81
O5 NAG NA . -56.25 37.52 38.75
O6 NAG NA . -57.70 39.55 37.28
O7 NAG NA . -52.42 38.09 40.96
H1 NAG NA . -55.90 36.16 40.31
H2 NAG NA . -54.68 38.97 40.40
H3 NAG NA . -57.03 37.82 41.95
H4 NAG NA . -57.03 39.99 39.80
H5 NAG NA . -58.12 37.14 39.61
H61 NAG NA . -58.47 37.63 37.24
H62 NAG NA . -59.38 38.78 38.22
H81 NAG NA . -51.22 37.12 43.02
H82 NAG NA . -52.39 38.02 44.00
H83 NAG NA . -52.70 36.32 43.58
HN2 NAG NA . -54.81 37.24 42.78
HO3 NAG NA . -55.77 39.50 43.03
HO4 NAG NA . -58.59 39.95 41.57
HO6 NAG NA . -58.20 39.80 36.50
C1 NAG OA . -50.89 4.86 27.63
C2 NAG OA . -51.00 3.68 26.65
C3 NAG OA . -51.45 2.41 27.38
C4 NAG OA . -50.53 2.12 28.58
C5 NAG OA . -50.49 3.32 29.53
C6 NAG OA . -49.56 3.14 30.74
C7 NAG OA . -51.58 4.65 24.49
C8 NAG OA . -52.70 4.97 23.49
N2 NAG OA . -51.95 4.00 25.59
O3 NAG OA . -51.42 1.26 26.49
O4 NAG OA . -51.08 0.98 29.27
O5 NAG OA . -50.06 4.52 28.78
O6 NAG OA . -48.19 3.19 30.32
O7 NAG OA . -50.40 4.98 24.30
H1 NAG OA . -51.87 5.15 27.97
H2 NAG OA . -50.02 3.49 26.22
H3 NAG OA . -52.47 2.55 27.74
H4 NAG OA . -49.52 1.88 28.23
H5 NAG OA . -51.50 3.50 29.91
H61 NAG OA . -49.74 3.93 31.46
H62 NAG OA . -49.76 2.19 31.23
H81 NAG OA . -53.44 5.61 23.96
H82 NAG OA . -52.28 5.48 22.61
H83 NAG OA . -53.17 4.04 23.16
HN2 NAG OA . -52.93 3.84 25.76
HO3 NAG OA . -51.95 1.46 25.71
HO4 NAG OA . -51.25 0.31 28.60
HO6 NAG OA . -47.63 2.93 31.06
C1 NAG PA . -47.31 10.71 52.93
C2 NAG PA . -48.56 10.79 53.85
C3 NAG PA . -48.09 10.82 55.31
C4 NAG PA . -47.26 9.57 55.63
C5 NAG PA . -46.06 9.41 54.66
C6 NAG PA . -45.33 8.07 54.82
C7 NAG PA . -50.42 11.96 52.77
C8 NAG PA . -51.06 13.31 52.45
N2 NAG PA . -49.33 11.99 53.53
O3 NAG PA . -49.23 10.87 56.21
O4 NAG PA . -46.75 9.73 56.97
O5 NAG PA . -46.53 9.51 53.26
O6 NAG PA . -46.18 6.99 54.40
O7 NAG PA . -50.89 10.90 52.34
H1 NAG PA . -46.68 11.58 53.07
H2 NAG PA . -49.17 9.90 53.69
H3 NAG PA . -47.48 11.71 55.46
H4 NAG PA . -47.89 8.69 55.59
H5 NAG PA . -45.36 10.21 54.84
H61 NAG PA . -44.43 8.07 54.20
H62 NAG PA . -45.02 7.92 55.85
H81 NAG PA . -52.02 13.16 51.95
H82 NAG PA . -51.22 13.88 53.38
H83 NAG PA . -50.39 13.88 51.80
HN2 NAG PA . -48.93 12.88 53.74
HO3 NAG PA . -49.79 11.61 55.97
HO4 NAG PA . -47.50 9.99 57.51
HO6 NAG PA . -45.68 6.17 54.43
C1 NAG QA . -2.25 63.24 2.35
C2 NAG QA . -2.04 63.58 3.83
C3 NAG QA . -2.91 64.79 4.20
C4 NAG QA . -2.57 65.98 3.29
C5 NAG QA . -2.80 65.61 1.81
C6 NAG QA . -2.41 66.73 0.83
C7 NAG QA . -1.55 61.84 5.48
C8 NAG QA . -2.08 60.58 6.20
N2 NAG QA . -2.40 62.42 4.65
O3 NAG QA . -2.69 65.17 5.58
O4 NAG QA . -3.46 67.07 3.67
O5 NAG QA . -2.01 64.39 1.49
O6 NAG QA . -0.98 66.93 0.85
O7 NAG QA . -0.43 62.28 5.68
H1 NAG QA . -3.28 62.89 2.18
H2 NAG QA . -1.00 63.85 3.98
H3 NAG QA . -3.96 64.52 4.07
H4 NAG QA . -1.54 66.29 3.46
H5 NAG QA . -3.85 65.39 1.67
H61 NAG QA . -2.92 67.66 1.08
H62 NAG QA . -2.71 66.43 -0.18
H81 NAG QA . -2.87 60.86 6.88
H82 NAG QA . -1.27 60.11 6.76
H83 NAG QA . -2.46 59.88 5.46
HN2 NAG QA . -3.30 62.00 4.50
HO3 NAG QA . -2.85 64.41 6.15
HO4 NAG QA . -3.41 67.13 4.63
HO6 NAG QA . -0.76 67.57 0.17
C1 NAG RA . 10.10 64.14 -19.20
C2 NAG RA . 11.03 65.36 -18.98
C3 NAG RA . 10.38 66.63 -19.54
C4 NAG RA . 10.03 66.44 -21.02
C5 NAG RA . 9.09 65.23 -21.21
C6 NAG RA . 8.78 64.93 -22.69
C7 NAG RA . 12.40 65.05 -16.97
C8 NAG RA . 12.46 65.20 -15.43
N2 NAG RA . 11.31 65.55 -17.56
O3 NAG RA . 11.28 67.78 -19.42
O4 NAG RA . 9.35 67.64 -21.46
O5 NAG RA . 9.72 64.02 -20.60
O6 NAG RA . 9.98 64.60 -23.40
O7 NAG RA . 13.30 64.52 -17.60
H1 NAG RA . 9.20 64.27 -18.59
H2 NAG RA . 11.97 65.19 -19.52
H3 NAG RA . 9.47 66.85 -18.98
H4 NAG RA . 10.94 66.31 -21.61
H5 NAG RA . 8.16 65.42 -20.69
H61 NAG RA . 8.08 64.09 -22.74
H62 NAG RA . 8.30 65.79 -23.15
H81 NAG RA . 13.41 64.79 -15.07
H82 NAG RA . 12.38 66.24 -15.16
H83 NAG RA . 11.64 64.64 -14.98
HN2 NAG RA . 10.58 65.91 -16.97
HO3 NAG RA . 11.57 67.85 -18.50
HO4 NAG RA . 9.88 68.38 -21.16
HO6 NAG RA . 9.74 64.39 -24.31
C1 NAG SA . 30.21 34.06 -19.39
C2 NAG SA . 30.91 33.49 -20.65
C3 NAG SA . 30.62 31.99 -20.73
C4 NAG SA . 31.11 31.28 -19.47
C5 NAG SA . 30.47 31.88 -18.21
C6 NAG SA . 31.03 31.30 -16.90
C7 NAG SA . 31.17 35.07 -22.52
C8 NAG SA . 30.49 35.72 -23.73
N2 NAG SA . 30.44 34.17 -21.86
O3 NAG SA . 31.29 31.41 -21.90
O4 NAG SA . 30.73 29.89 -19.58
O5 NAG SA . 30.66 33.36 -18.20
O6 NAG SA . 32.44 31.56 -16.77
O7 NAG SA . 32.31 35.34 -22.19
H1 NAG SA . 29.13 33.97 -19.49
H2 NAG SA . 31.98 33.64 -20.54
H3 NAG SA . 29.54 31.84 -20.85
H4 NAG SA . 32.20 31.35 -19.41
H5 NAG SA . 29.40 31.68 -18.23
H61 NAG SA . 30.51 31.73 -16.05
H62 NAG SA . 30.87 30.22 -16.87
H81 NAG SA . 29.61 36.28 -23.40
H82 NAG SA . 31.19 36.41 -24.22
H83 NAG SA . 30.19 34.96 -24.44
HN2 NAG SA . 29.47 34.05 -22.12
HO3 NAG SA . 31.03 31.90 -22.68
HO4 NAG SA . 31.00 29.60 -20.46
HO6 NAG SA . 32.68 31.40 -15.86
C1 NAG TA . 38.40 62.99 -29.56
C2 NAG TA . 38.00 64.48 -29.38
C3 NAG TA . 37.57 65.07 -30.73
C4 NAG TA . 38.66 64.86 -31.80
C5 NAG TA . 39.02 63.38 -31.94
C6 NAG TA . 40.18 63.12 -32.92
C7 NAG TA . 37.13 64.85 -27.12
C8 NAG TA . 35.87 64.86 -26.22
N2 NAG TA . 36.92 64.60 -28.40
O3 NAG TA . 37.31 66.50 -30.59
O4 NAG TA . 38.11 65.34 -33.05
O5 NAG TA . 39.41 62.85 -30.60
O6 NAG TA . 41.39 63.73 -32.45
O7 NAG TA . 38.25 65.06 -26.67
H1 NAG TA . 37.52 62.41 -29.83
H2 NAG TA . 38.88 65.03 -29.03
H3 NAG TA . 36.65 64.58 -31.05
H4 NAG TA . 39.54 65.45 -31.54
H5 NAG TA . 38.15 62.82 -32.28
H61 NAG TA . 40.34 62.05 -33.02
H62 NAG TA . 39.92 63.51 -33.91
H81 NAG TA . 36.16 65.13 -25.20
H82 NAG TA . 35.15 65.58 -26.60
H83 NAG TA . 35.42 63.87 -26.22
HN2 NAG TA . 35.98 64.37 -28.70
HO3 NAG TA . 36.67 66.64 -29.90
HO4 NAG TA . 37.76 66.22 -32.88
HO6 NAG TA . 42.09 63.53 -33.06
C1 NAG UA . -0.55 -30.97 40.46
C2 NAG UA . -2.05 -31.35 40.37
C3 NAG UA . -2.87 -30.51 41.36
C4 NAG UA . -2.31 -30.63 42.78
C5 NAG UA . -0.80 -30.30 42.83
C6 NAG UA . -0.17 -30.54 44.22
C7 NAG UA . -2.41 -32.13 38.08
C8 NAG UA . -2.85 -31.75 36.66
N2 NAG UA . -2.54 -31.17 39.00
O3 NAG UA . -4.26 -30.92 41.36
O4 NAG UA . -3.04 -29.70 43.61
O5 NAG UA . -0.07 -31.11 41.84
O6 NAG UA . -0.26 -31.94 44.57
O7 NAG UA . -1.95 -33.23 38.35
H1 NAG UA . -0.40 -29.94 40.13
H2 NAG UA . -2.17 -32.40 40.66
H3 NAG UA . -2.82 -29.46 41.04
H4 NAG UA . -2.47 -31.64 43.14
H5 NAG UA . -0.66 -29.24 42.58
H61 NAG UA . 0.87 -30.24 44.20
H62 NAG UA . -0.68 -29.95 44.97
H81 NAG UA . -2.76 -32.63 36.00
H82 NAG UA . -3.89 -31.42 36.67
H83 NAG UA . -2.22 -30.96 36.28
HN2 NAG UA . -2.84 -30.25 38.72
HO3 NAG UA . -4.60 -30.91 40.47
HO4 NAG UA . -3.97 -29.85 43.43
HO6 NAG UA . 0.21 -32.07 45.40
C1 NAG VA . 4.23 -45.23 50.80
C2 NAG VA . 4.35 -45.42 52.31
C3 NAG VA . 3.57 -46.68 52.70
C4 NAG VA . 2.10 -46.51 52.32
C5 NAG VA . 1.92 -46.17 50.82
C6 NAG VA . 0.48 -45.80 50.46
C7 NAG VA . 6.47 -44.44 53.06
C8 NAG VA . 7.91 -44.70 53.53
N2 NAG VA . 5.76 -45.52 52.73
O3 NAG VA . 3.65 -46.92 54.14
O4 NAG VA . 1.45 -47.77 52.58
O5 NAG VA . 2.81 -45.04 50.44
O6 NAG VA . 0.07 -44.61 51.18
O7 NAG VA . 5.99 -43.31 53.00
H1 NAG VA . 4.63 -46.09 50.26
H2 NAG VA . 3.90 -44.56 52.82
H3 NAG VA . 4.00 -47.54 52.19
H4 NAG VA . 1.65 -45.74 52.94
H5 NAG VA . 2.22 -47.04 50.23
H61 NAG VA . 0.41 -45.61 49.39
H62 NAG VA . -0.20 -46.62 50.71
H81 NAG VA . 8.48 -45.18 52.73
H82 NAG VA . 8.39 -43.75 53.78
H83 NAG VA . 7.90 -45.33 54.42
HN2 NAG VA . 6.23 -46.41 52.66
HO3 NAG VA . 4.57 -46.93 54.42
HO4 NAG VA . 1.70 -48.03 53.48
HO6 NAG VA . -0.81 -44.37 50.88
C1 NAG WA . -7.81 -55.97 36.41
C2 NAG WA . -8.43 -57.06 37.31
C3 NAG WA . -9.85 -57.36 36.83
C4 NAG WA . -10.69 -56.07 36.84
C5 NAG WA . -10.05 -54.97 35.99
C6 NAG WA . -10.77 -53.61 36.11
C7 NAG WA . -6.65 -58.52 38.15
C8 NAG WA . -5.81 -59.79 37.91
N2 NAG WA . -7.59 -58.27 37.24
O3 NAG WA . -10.48 -58.35 37.68
O4 NAG WA . -11.98 -56.41 36.30
O5 NAG WA . -8.64 -54.78 36.39
O6 NAG WA . -10.51 -53.04 37.41
O7 NAG WA . -6.45 -57.78 39.11
H1 NAG WA . -7.70 -56.34 35.39
H2 NAG WA . -8.47 -56.70 38.33
H3 NAG WA . -9.81 -57.75 35.81
H4 NAG WA . -10.81 -55.73 37.88
H5 NAG WA . -10.07 -55.28 34.94
H61 NAG WA . -10.39 -52.93 35.35
H62 NAG WA . -11.85 -53.73 35.96
H81 NAG WA . -6.47 -60.67 37.91
H82 NAG WA . -5.08 -59.90 38.70
H83 NAG WA . -5.30 -59.71 36.95
HN2 NAG WA . -7.66 -58.86 36.42
HO3 NAG WA . -9.92 -59.13 37.74
HO4 NAG WA . -12.28 -57.20 36.76
HO6 NAG WA . -10.94 -52.18 37.45
C1 NAG XA . -30.70 -25.48 1.28
C2 NAG XA . -30.49 -25.87 2.77
C3 NAG XA . -31.34 -27.13 3.07
C4 NAG XA . -32.82 -26.82 2.80
C5 NAG XA . -33.04 -26.34 1.36
C6 NAG XA . -34.48 -25.86 1.10
C7 NAG XA . -28.24 -25.17 3.43
C8 NAG XA . -26.78 -25.57 3.66
N2 NAG XA . -29.06 -26.14 3.03
O3 NAG XA . -31.18 -27.52 4.47
O4 NAG XA . -33.55 -28.05 3.02
O5 NAG XA . -32.12 -25.22 1.07
O6 NAG XA . -34.75 -24.66 1.84
O7 NAG XA . -28.64 -24.02 3.57
H1 NAG XA . -30.38 -26.29 0.63
H2 NAG XA . -30.83 -25.07 3.40
H3 NAG XA . -31.01 -27.94 2.44
H4 NAG XA . -33.18 -26.07 3.51
H5 NAG XA . -32.82 -27.15 0.68
H61 NAG XA . -34.60 -25.66 0.04
H62 NAG XA . -35.20 -26.63 1.38
H81 NAG XA . -26.36 -25.96 2.74
H82 NAG XA . -26.20 -24.70 3.97
H83 NAG XA . -26.73 -26.33 4.44
HN2 NAG XA . -28.69 -27.04 2.82
HO3 NAG XA . -30.26 -27.68 4.65
HO4 NAG XA . -33.25 -28.41 3.86
HO6 NAG XA . -35.62 -24.33 1.61
C1 NAG YA . 47.00 55.84 -14.84
C2 NAG YA . 47.21 56.04 -16.36
C3 NAG YA . 48.65 56.52 -16.60
C4 NAG YA . 48.86 57.85 -15.87
C5 NAG YA . 48.63 57.70 -14.36
C6 NAG YA . 48.63 59.04 -13.62
C7 NAG YA . 45.85 54.57 -17.77
C8 NAG YA . 45.76 53.22 -18.48
N2 NAG YA . 46.96 54.78 -17.05
O3 NAG YA . 48.90 56.72 -18.02
O4 NAG YA . 50.23 58.26 -16.09
O5 NAG YA . 47.33 57.04 -14.10
O6 NAG YA . 47.37 59.71 -13.87
O7 NAG YA . 44.98 55.43 -17.87
H1 NAG YA . 47.63 55.01 -14.48
H2 NAG YA . 46.54 56.81 -16.71
H3 NAG YA . 49.35 55.77 -16.22
H4 NAG YA . 48.20 58.61 -16.29
H5 NAG YA . 49.42 57.07 -13.95
H61 NAG YA . 48.72 58.88 -12.55
H62 NAG YA . 49.46 59.68 -13.94
H81 NAG YA . 44.76 53.10 -18.91
H82 NAG YA . 46.50 53.16 -19.26
H83 NAG YA . 45.92 52.41 -17.76
HN2 NAG YA . 47.61 54.02 -16.93
HO3 NAG YA . 48.69 55.90 -18.49
HO4 NAG YA . 50.39 58.15 -17.04
HO6 NAG YA . 47.35 60.56 -13.43
C1 NAG ZA . 28.45 6.94 23.47
C2 NAG ZA . 28.28 6.41 24.92
C3 NAG ZA . 28.80 4.97 25.03
C4 NAG ZA . 28.15 4.07 23.97
C5 NAG ZA . 28.35 4.64 22.56
C6 NAG ZA . 27.67 3.83 21.46
C7 NAG ZA . 28.50 8.39 26.35
C8 NAG ZA . 29.42 9.23 27.25
N2 NAG ZA . 29.02 7.28 25.84
O3 NAG ZA . 28.51 4.43 26.34
O4 NAG ZA . 28.77 2.77 24.07
O5 NAG ZA . 27.84 6.02 22.52
O6 NAG ZA . 26.23 3.89 21.62
O7 NAG ZA . 27.35 8.74 26.08
H1 NAG ZA . 29.51 7.05 23.23
H2 NAG ZA . 27.23 6.43 25.18
H3 NAG ZA . 29.88 4.97 24.88
H4 NAG ZA . 27.08 3.96 24.18
H5 NAG ZA . 29.42 4.66 22.35
H61 NAG ZA . 27.93 4.25 20.48
H62 NAG ZA . 28.00 2.79 21.48
H81 NAG ZA . 28.93 10.17 27.51
H82 NAG ZA . 30.34 9.45 26.73
H83 NAG ZA . 29.64 8.67 28.15
HN2 NAG ZA . 30.00 7.09 26.02
HO3 NAG ZA . 28.87 5.02 27.02
HO4 NAG ZA . 28.75 2.52 24.99
HO6 NAG ZA . 25.83 3.43 20.88
C1 NAG AB . 53.09 56.66 -0.34
C2 NAG AB . 53.69 57.19 -1.66
C3 NAG AB . 54.71 58.30 -1.35
C4 NAG AB . 54.08 59.42 -0.52
C5 NAG AB . 53.41 58.87 0.76
C6 NAG AB . 52.65 59.94 1.56
C7 NAG AB . 53.63 55.35 -3.29
C8 NAG AB . 54.45 54.31 -4.07
N2 NAG AB . 54.31 56.11 -2.42
O3 NAG AB . 55.22 58.88 -2.59
O4 NAG AB . 55.13 60.32 -0.15
O5 NAG AB . 52.48 57.77 0.40
O6 NAG AB . 51.58 60.50 0.77
O7 NAG AB . 52.43 55.48 -3.43
H1 NAG AB . 53.87 56.21 0.28
H2 NAG AB . 52.88 57.62 -2.26
H3 NAG AB . 55.53 57.86 -0.80
H4 NAG AB . 53.34 59.95 -1.12
H5 NAG AB . 54.19 58.46 1.41
H61 NAG AB . 52.23 59.50 2.46
H62 NAG AB . 53.33 60.74 1.86
H81 NAG AB . 53.78 53.58 -4.53
H82 NAG AB . 55.02 54.80 -4.85
H83 NAG AB . 55.14 53.78 -3.40
HN2 NAG AB . 55.29 55.89 -2.24
HO3 NAG AB . 55.59 58.18 -3.14
HO4 NAG AB . 55.61 60.53 -0.95
HO6 NAG AB . 51.11 61.14 1.32
C1 NAG BB . 44.43 30.75 21.26
C2 NAG BB . 43.79 30.14 22.51
C3 NAG BB . 44.81 29.29 23.29
C4 NAG BB . 45.43 28.24 22.37
C5 NAG BB . 46.10 28.90 21.16
C6 NAG BB . 46.71 27.91 20.15
C7 NAG BB . 42.05 31.71 23.23
C8 NAG BB . 41.68 32.87 24.16
N2 NAG BB . 43.29 31.23 23.35
O3 NAG BB . 44.15 28.62 24.40
O4 NAG BB . 46.44 27.54 23.14
O5 NAG BB . 45.09 29.72 20.45
O6 NAG BB . 45.68 27.10 19.56
O7 NAG BB . 41.27 31.24 22.41
H1 NAG BB . 45.17 31.50 21.54
H2 NAG BB . 42.97 29.50 22.21
H3 NAG BB . 45.58 29.94 23.69
H4 NAG BB . 44.68 27.54 22.04
H5 NAG BB . 46.89 29.56 21.51
H61 NAG BB . 47.24 28.46 19.38
H62 NAG BB . 47.43 27.26 20.66
H81 NAG BB . 41.79 32.55 25.19
H82 NAG BB . 40.64 33.16 23.99
H83 NAG BB . 42.34 33.72 23.97
HN2 NAG BB . 43.93 31.70 23.97
HO3 NAG BB . 43.72 29.25 24.95
HO4 NAG BB . 46.02 27.29 23.97
HO6 NAG BB . 46.10 26.44 19.00
C1 NAG CB . 65.22 29.16 5.63
C2 NAG CB . 66.48 29.97 5.97
C3 NAG CB . 67.65 29.42 5.14
C4 NAG CB . 67.85 27.93 5.45
C5 NAG CB . 66.57 27.12 5.19
C6 NAG CB . 66.68 25.65 5.63
C7 NAG CB . 66.04 32.29 6.65
C8 NAG CB . 65.84 33.74 6.19
N2 NAG CB . 66.27 31.40 5.69
O3 NAG CB . 68.89 30.14 5.45
O4 NAG CB . 68.91 27.46 4.59
O5 NAG CB . 65.43 27.73 5.91
O6 NAG CB . 66.84 25.55 7.05
O7 NAG CB . 65.99 31.97 7.83
H1 NAG CB . 64.97 29.28 4.57
H2 NAG CB . 66.71 29.84 7.03
H3 NAG CB . 67.44 29.54 4.09
H4 NAG CB . 68.17 27.81 6.49
H5 NAG CB . 66.35 27.14 4.13
H61 NAG CB . 67.53 25.17 5.14
H62 NAG CB . 65.77 25.11 5.34
H81 NAG CB . 65.83 34.40 7.06
H82 NAG CB . 66.64 34.04 5.52
H83 NAG CB . 64.88 33.82 5.67
HN2 NAG CB . 66.18 31.70 4.73
HO3 NAG CB . 68.74 31.08 5.33
HO4 NAG CB . 69.63 28.09 4.65
HO6 NAG CB . 66.83 24.63 7.31
C1 NAG DB . -5.27 49.94 -38.40
C2 NAG DB . -4.17 49.84 -39.47
C3 NAG DB . -3.61 51.25 -39.75
C4 NAG DB . -4.76 52.17 -40.21
C5 NAG DB . -5.86 52.25 -39.15
C6 NAG DB . -7.09 53.08 -39.57
C7 NAG DB . -2.68 47.90 -39.66
C8 NAG DB . -1.59 47.06 -38.97
N2 NAG DB . -3.11 48.96 -38.98
O3 NAG DB . -2.60 51.20 -40.78
O4 NAG DB . -4.19 53.49 -40.42
O5 NAG DB . -6.31 50.88 -38.80
O6 NAG DB . -7.80 52.42 -40.64
O7 NAG DB . -3.12 47.61 -40.77
H1 NAG DB . -4.85 50.27 -37.45
H2 NAG DB . -4.60 49.45 -40.39
H3 NAG DB . -3.17 51.65 -38.84
H4 NAG DB . -5.16 51.80 -41.15
H5 NAG DB . -5.44 52.70 -38.25
H61 NAG DB . -7.75 53.19 -38.72
H62 NAG DB . -6.78 54.07 -39.90
H81 NAG DB . -0.62 47.57 -39.09
H82 NAG DB . -1.81 46.96 -37.91
H83 NAG DB . -1.53 46.07 -39.43
HN2 NAG DB . -2.72 49.14 -38.07
HO3 NAG DB . -1.91 50.58 -40.53
HO4 NAG DB . -3.39 53.35 -40.95
HO6 NAG DB . -8.60 52.91 -40.82
C1 NAG EB . -29.81 46.45 -39.31
C2 NAG EB . -30.88 46.74 -40.38
C3 NAG EB . -31.04 48.26 -40.52
C4 NAG EB . -31.40 48.88 -39.17
C5 NAG EB . -30.38 48.53 -38.07
C6 NAG EB . -30.77 49.02 -36.67
C7 NAG EB . -31.00 44.99 -42.09
C8 NAG EB . -30.46 44.47 -43.44
N2 NAG EB . -30.50 46.14 -41.66
O3 NAG EB . -32.08 48.58 -41.49
O4 NAG EB . -31.42 50.32 -39.35
O5 NAG EB . -30.18 47.06 -38.03
O6 NAG EB . -32.00 48.38 -36.25
O7 NAG EB . -31.84 44.37 -41.45
H1 NAG EB . -28.85 46.86 -39.63
H2 NAG EB . -31.84 46.32 -40.05
H3 NAG EB . -30.10 48.69 -40.87
H4 NAG EB . -32.40 48.55 -38.87
H5 NAG EB . -29.42 48.99 -38.34
H61 NAG EB . -29.98 48.77 -35.97
H62 NAG EB . -30.90 50.10 -36.67
H81 NAG EB . -30.93 43.53 -43.69
H82 NAG EB . -29.38 44.32 -43.36
H83 NAG EB . -30.66 45.21 -44.22
HN2 NAG EB . -29.75 46.59 -42.18
HO3 NAG EB . -31.90 48.13 -42.31
HO4 NAG EB . -31.96 50.48 -40.13
HO6 NAG EB . -32.18 48.66 -35.35
C1 NAG FB . -34.26 10.71 -34.29
C2 NAG FB . -35.54 9.92 -33.92
C3 NAG FB . -35.21 8.94 -32.78
C4 NAG FB . -34.06 8.01 -33.19
C5 NAG FB . -32.82 8.80 -33.64
C6 NAG FB . -31.66 7.92 -34.14
C7 NAG FB . -37.46 11.37 -34.42
C8 NAG FB . -38.56 12.27 -33.84
N2 NAG FB . -36.61 10.84 -33.54
O3 NAG FB . -36.38 8.14 -32.41
O4 NAG FB . -33.71 7.22 -32.01
O5 NAG FB . -33.21 9.77 -34.69
O6 NAG FB . -32.05 7.17 -35.31
O7 NAG FB . -37.35 11.15 -35.62
H1 NAG FB . -33.92 11.28 -33.43
H2 NAG FB . -35.86 9.35 -34.79
H3 NAG FB . -34.91 9.52 -31.91
H4 NAG FB . -34.39 7.34 -33.98
H5 NAG FB . -32.45 9.37 -32.78
H61 NAG FB . -30.81 8.56 -34.41
H62 NAG FB . -31.33 7.23 -33.37
H81 NAG FB . -39.16 11.71 -33.12
H82 NAG FB . -39.20 12.62 -34.64
H83 NAG FB . -38.10 13.12 -33.33
HN2 NAG FB . -36.71 11.06 -32.56
HO3 NAG FB . -36.77 7.73 -33.19
HO4 NAG FB . -34.54 6.91 -31.63
HO6 NAG FB . -31.26 6.78 -35.68
C1 NAG GB . -50.44 29.65 -53.95
C2 NAG GB . -50.35 31.04 -54.61
C3 NAG GB . -51.51 31.92 -54.12
C4 NAG GB . -52.87 31.24 -54.35
C5 NAG GB . -52.91 29.83 -53.73
C6 NAG GB . -54.20 29.05 -54.05
C7 NAG GB . -48.00 31.58 -55.06
C8 NAG GB . -46.72 32.26 -54.54
N2 NAG GB . -49.06 31.67 -54.28
O3 NAG GB . -51.51 33.22 -54.78
O4 NAG GB . -53.87 32.05 -53.70
O5 NAG GB . -51.75 29.04 -54.23
O6 NAG GB . -54.35 28.88 -55.47
O7 NAG GB . -48.02 30.97 -56.12
H1 NAG GB . -50.33 29.74 -52.88
H2 NAG GB . -50.43 30.93 -55.69
H3 NAG GB . -51.39 32.09 -53.05
H4 NAG GB . -53.08 31.19 -55.42
H5 NAG GB . -52.82 29.91 -52.65
H61 NAG GB . -54.17 28.08 -53.56
H62 NAG GB . -55.06 29.60 -53.66
H81 NAG GB . -46.43 31.83 -53.58
H82 NAG GB . -46.90 33.33 -54.41
H83 NAG GB . -45.90 32.12 -55.25
HN2 NAG GB . -48.99 32.18 -53.41
HO3 NAG GB . -51.47 33.12 -55.73
HO4 NAG GB . -53.70 32.96 -53.94
HO6 NAG GB . -55.14 28.36 -55.62
C1 NAG HB . 41.14 -29.55 3.91
C2 NAG HB . 41.71 -28.93 5.21
C3 NAG HB . 42.76 -27.87 4.86
C4 NAG HB . 43.86 -28.46 3.96
C5 NAG HB . 43.27 -29.14 2.70
C6 NAG HB . 44.32 -29.86 1.86
C7 NAG HB . 39.89 -29.05 6.85
C8 NAG HB . 38.73 -28.33 7.53
N2 NAG HB . 40.62 -28.33 6.00
O3 NAG HB . 43.39 -27.35 6.07
O4 NAG HB . 44.71 -27.36 3.56
O5 NAG HB . 42.23 -30.11 3.10
O6 NAG HB . 44.90 -30.95 2.61
O7 NAG HB . 40.14 -30.24 7.06
H1 NAG HB . 40.60 -28.81 3.32
H2 NAG HB . 42.19 -29.71 5.79
H3 NAG HB . 42.28 -27.04 4.34
H4 NAG HB . 44.44 -29.18 4.53
H5 NAG HB . 42.80 -28.37 2.08
H61 NAG HB . 43.85 -30.27 0.96
H62 NAG HB . 45.11 -29.18 1.56
H81 NAG HB . 38.26 -29.00 8.26
H82 NAG HB . 39.09 -27.44 8.05
H83 NAG HB . 37.99 -28.04 6.79
HN2 NAG HB . 40.33 -27.39 5.77
HO3 NAG HB . 42.70 -27.05 6.68
HO4 NAG HB . 44.94 -26.88 4.36
HO6 NAG HB . 45.50 -31.44 2.03
C1 NAG IB . 50.56 -45.14 5.67
C2 NAG IB . 51.91 -45.75 5.24
C3 NAG IB . 52.68 -46.17 6.50
C4 NAG IB . 52.92 -44.93 7.38
C5 NAG IB . 51.61 -44.20 7.73
C6 NAG IB . 51.84 -42.86 8.44
C7 NAG IB . 51.69 -46.77 3.02
C8 NAG IB . 51.44 -48.05 2.21
N2 NAG IB . 51.70 -46.90 4.34
O3 NAG IB . 53.97 -46.76 6.16
O4 NAG IB . 53.54 -45.40 8.59
O5 NAG IB . 50.81 -43.96 6.50
O6 NAG IB . 52.54 -41.95 7.58
O7 NAG IB . 51.87 -45.67 2.48
H1 NAG IB . 49.99 -45.86 6.24
H2 NAG IB . 52.50 -44.99 4.71
H3 NAG IB . 52.09 -46.90 7.05
H4 NAG IB . 53.60 -44.25 6.87
H5 NAG IB . 51.03 -44.85 8.39
H61 NAG IB . 50.87 -42.42 8.71
H62 NAG IB . 52.41 -43.00 9.36
H81 NAG IB . 51.44 -47.82 1.15
H82 NAG IB . 50.48 -48.47 2.49
H83 NAG IB . 52.24 -48.77 2.41
HN2 NAG IB . 51.45 -47.78 4.74
HO3 NAG IB . 53.83 -47.47 5.53
HO4 NAG IB . 54.26 -45.97 8.33
HO6 NAG IB . 52.61 -41.10 8.02
C1 NAG JB . 43.70 -43.93 25.91
C2 NAG JB . 44.90 -44.54 26.65
C3 NAG JB . 45.03 -43.86 28.02
C4 NAG JB . 45.18 -42.34 27.85
C5 NAG JB . 44.01 -41.74 27.04
C6 NAG JB . 44.20 -40.26 26.71
C7 NAG JB . 45.23 -46.86 25.96
C8 NAG JB . 44.90 -48.33 26.22
N2 NAG JB . 44.72 -45.98 26.82
O3 NAG JB . 46.19 -44.36 28.74
O4 NAG JB . 45.19 -41.75 29.17
O5 NAG JB . 43.84 -42.49 25.78
O6 NAG JB . 45.30 -40.09 25.80
O7 NAG JB . 45.94 -46.51 25.02
H1 NAG JB . 42.78 -44.15 26.45
H2 NAG JB . 45.81 -44.34 26.08
H3 NAG JB . 44.14 -44.07 28.61
H4 NAG JB . 46.12 -42.12 27.35
H5 NAG JB . 43.10 -41.85 27.63
H61 NAG JB . 43.29 -39.87 26.25
H62 NAG JB . 44.39 -39.68 27.62
H81 NAG JB . 43.81 -48.47 26.20
H82 NAG JB . 45.35 -48.96 25.47
H83 NAG JB . 45.28 -48.63 27.20
HN2 NAG JB . 44.08 -46.30 27.53
HO3 NAG JB . 46.14 -45.32 28.80
HO4 NAG JB . 45.83 -42.26 29.68
HO6 NAG JB . 45.37 -39.16 25.58
C1 NAG KB . 16.60 -1.00 36.39
C2 NAG KB . 17.89 -1.71 35.93
C3 NAG KB . 18.66 -2.20 37.16
C4 NAG KB . 18.99 -1.02 38.08
C5 NAG KB . 17.74 -0.22 38.47
C6 NAG KB . 18.04 1.07 39.24
C7 NAG KB . 17.49 -2.65 33.71
C8 NAG KB . 17.15 -3.90 32.88
N2 NAG KB . 17.58 -2.83 35.03
O3 NAG KB . 19.90 -2.86 36.77
O4 NAG KB . 19.61 -1.55 39.27
O5 NAG KB . 16.97 0.13 37.24
O6 NAG KB . 18.77 1.99 38.41
O7 NAG KB . 17.67 -1.55 33.20
H1 NAG KB . 15.98 -1.69 36.95
H2 NAG KB . 18.52 -1.00 35.39
H3 NAG KB . 18.04 -2.92 37.70
H4 NAG KB . 19.70 -0.36 37.57
H5 NAG KB . 17.10 -0.86 39.09
H61 NAG KB . 17.11 1.53 39.55
H62 NAG KB . 18.63 0.85 40.14
H81 NAG KB . 17.25 -3.67 31.81
H82 NAG KB . 16.13 -4.21 33.08
H83 NAG KB . 17.83 -4.71 33.13
HN2 NAG KB . 17.32 -3.72 35.42
HO3 NAG KB . 19.70 -3.60 36.19
HO4 NAG KB . 20.29 -2.17 38.98
HO6 NAG KB . 18.90 2.81 38.89
#